data_8Y1V
#
_entry.id   8Y1V
#
_cell.length_a   1.00
_cell.length_b   1.00
_cell.length_c   1.00
_cell.angle_alpha   90.00
_cell.angle_beta   90.00
_cell.angle_gamma   90.00
#
_symmetry.space_group_name_H-M   'P 1'
#
loop_
_entity.id
_entity.type
_entity.pdbx_description
1 polymer 'Isoform 6 of Glutamate receptor ionotropic, NMDA 1'
2 polymer 'Glutamate receptor ionotropic, NMDA 2D'
3 non-polymer 2-acetamido-2-deoxy-beta-D-glucopyranose
4 non-polymer (2~{R},3~{S},4~{S},5~{R},6~{R})-2-(hydroxymethyl)-6-[(2~{S})-2-methyl-4-[(1~{R},2~{R},4~{S},6~{S},7~{S},8~{R},9~{S},12~{S},13~{R},16~{S},18~{R})-7,9,13,18-tetramethyl-16-oxidanyl-5-oxapentacyclo[10.8.0.0^{2,9}.0^{4,8}.0^{13,18}]icosan-6-yl]butoxy]oxane-3,4,5-triol
#
loop_
_entity_poly.entity_id
_entity_poly.type
_entity_poly.pdbx_seq_one_letter_code
_entity_poly.pdbx_strand_id
1 'polypeptide(L)'
;MSTMRLLTLALLFSCSVARAACDPKIVNIGAVLSTRKHEQMFREAVNQANKRHGSWKIQLNATSVTHKPNAIQMALSVCE
DLISSQVYAILVSHPPTPNDHFTPTPVSYTAGFYRIPVLGLTTRMSIYSDKSIHLSFLRTVPPYSHQSSVWFEMMRVYSW
NHIILLVSDDHEGRAAQKRLETLLEERESKSKKRNYENLDQLSYDNKRGPKAEKVLQFDPGTKNVTALLMEAKELEARVI
ILSASEDDAATVYRAAAMLNMTGSGYVWLVGEREISGNALRYAPDGILGLQLINGKNESAHISDAVGVVAQAVHELLEKE
NITDPPRGCVGNTNIWKTGPLFKRVLMSSKYADGVTGRVEFNEDGDRKFANYSIMNLQNRKLVQVGIYNGTHVIPNDRKI
IWPGGETEKPRGYQMSTRLKIVTIHQEPFVYVKPTLSDGTCKEEFTVNGDPVKKVICTGPNDTSPGSPRHTVPQCCYGFC
IDLLIKLARTMNFTYEVHLVADGKFGTQERVNNSNKKEWNGMMGELLSGQADMIVAPLTINNERAQYIEFSKPFKYQGLT
ILVKKEIPRSTLDSFMQPFQSTLWLLVGLSVHVVAVMLYLLDRFSPFGRFKVNSEEEEEDALTLSSAMWFSWGVLLNSGI
GEGAPRSFSARILGMVWAGFAMIIVASYTANLAAFLVLDRPEERITGINDPRLRNPSDKFIYATVKQSSVDIYFRRQVEL
STMYRHMEKHNYESAAEAIQAVRDNKLHAFIWDSAVLEFEASQKCDLVTTGELFFRSGFGIGMRKDSPWKQNVSLSILKS
HENGFMEDLDKTWVRYQECDSRSNAPATLTFENMAGVFMLVAGGIVAGIFLIFIEIAYKRHKDARRKQ
;
A,C
2 'polypeptide(L)'
;MRGAGGPRGPRGPAKMLLLLALACASPFPEEAPGPGGAGGPGGGLGGARPLNVALVFSGPAYAAEAARLGPAVAAAVRSP
GLDVRPVALVLNGSDPRSLVLQLCDLLSGLRVHGVVFEDDSRAPAVAPILDFLSAQTSLPIVAVHGGAALVLTPKEKGST
FLQLGSSTEQQLQVIFEVLEEYDWTSFVAVTTRAPGHRAFLSYIEVLTDGSLVGWEHRGALTLDPGAGEAVLSAQLRSVS
AQIRLLFCAREEAEPVFRAAEEAGLTGSGYVWFMVGPQLAGGGGSGAPGEPPLLPGGAPLPAGLFAVRSAGWRDDLARRV
AAGVAVVARGAQALLRDYGFLPELGHDCRAQNRTHRGESLHRYFMNITWDNRDYSFNEDGFLVNPSLVVISLTRDRTWEV
VGSWEQQTLRLKYPLWSRYGRFLQPVDDTQHLTVATLEERPFVIVEPADPISGTCIRDSVPCRSQLNRTHSPPPDAPRPE
KRCCKGFCIDILKRLAHTIGFSYDLYLVTNGKHGKKIDGVWNGMIGEVFYQRADMAIGSLTINEERSEIVDFSVPFVETG
ISVMVARSNGTVSPSAFLEPYSPAVWVMMFVMCLTVVAVTVFIFEYLSPVGYNRSLATGKRPGGSTFTIGKSIWLLWALV
FNNSVPVENPRGTTSKIMVLVWAFFAVIFLASYTANLAAFMIQEEYVDTVSGLSDRKFQRPQEQYPPLKFGTVPNGSTEK
NIRSNYPDMHSYMVRYNQPRVEEALTQLKAGKLDAFIYDAAVLNYMARKDEGCKLVTIGSGKVFATTGYGIALHKGSRWK
RPIDLALLQFLGDDEIEMLERLWLSGICHNDKIEVMSSKLDIDNMAGVFYMLLVAMGLSLLVFAWEHLVYWRLRHCLGPA
ASAWSHPQFEKGGGSGGGSGGSAWSHPQFEK
;
B,D
#
loop_
_chem_comp.id
_chem_comp.type
_chem_comp.name
_chem_comp.formula
A1LW8 non-polymer (2~{R},3~{S},4~{S},5~{R},6~{R})-2-(hydroxymethyl)-6-[(2~{S})-2-methyl-4-[(1~{R},2~{R},4~{S},6~{S},7~{S},8~{R},9~{S},12~{S},13~{R},16~{S},18~{R})-7,9,13,18-tetramethyl-16-oxidanyl-5-oxapentacyclo[10.8.0.0^{2,9}.0^{4,8}.0^{13,18}]icosan-6-yl]butoxy]oxane-3,4,5-triol 'C34 H56 O8'
NAG D-saccharide, beta linking 2-acetamido-2-deoxy-beta-D-glucopyranose 'C8 H15 N O6'
#
# COMPACT_ATOMS: atom_id res chain seq x y z
N HIS A 38 -39.94 36.58 54.76
CA HIS A 38 -40.12 35.15 54.52
C HIS A 38 -39.25 34.33 55.47
N GLU A 39 -39.81 33.95 56.61
CA GLU A 39 -39.09 33.19 57.62
C GLU A 39 -39.85 31.99 58.15
N GLN A 40 -41.19 31.97 58.04
CA GLN A 40 -41.96 30.85 58.58
C GLN A 40 -41.54 29.53 57.96
N MET A 41 -41.30 29.52 56.64
CA MET A 41 -40.91 28.28 55.98
C MET A 41 -39.61 27.75 56.54
N PHE A 42 -38.62 28.62 56.75
CA PHE A 42 -37.35 28.19 57.30
C PHE A 42 -37.51 27.70 58.73
N ARG A 43 -38.34 28.38 59.53
CA ARG A 43 -38.55 27.94 60.90
C ARG A 43 -39.19 26.56 60.93
N GLU A 44 -40.18 26.32 60.07
CA GLU A 44 -40.77 24.99 59.99
C GLU A 44 -39.73 23.96 59.53
N ALA A 45 -38.90 24.32 58.55
CA ALA A 45 -37.90 23.38 58.06
C ALA A 45 -36.94 22.98 59.17
N VAL A 46 -36.46 23.94 59.94
CA VAL A 46 -35.58 23.62 61.05
C VAL A 46 -36.32 22.80 62.10
N ASN A 47 -37.61 23.09 62.30
CA ASN A 47 -38.41 22.26 63.20
C ASN A 47 -38.50 20.83 62.69
N GLN A 48 -38.70 20.67 61.38
CA GLN A 48 -38.78 19.34 60.76
C GLN A 48 -37.41 18.76 60.45
N ALA A 49 -36.34 19.48 60.75
CA ALA A 49 -35.00 19.02 60.37
C ALA A 49 -34.66 17.69 61.03
N ASN A 50 -35.00 17.53 62.31
CA ASN A 50 -34.61 16.36 63.08
C ASN A 50 -35.58 15.19 62.89
N LYS A 51 -36.33 15.16 61.80
CA LYS A 51 -37.33 14.12 61.62
C LYS A 51 -36.69 12.74 61.63
N ARG A 52 -35.66 12.52 60.79
CA ARG A 52 -35.05 11.21 60.72
C ARG A 52 -34.15 10.93 61.91
N HIS A 53 -33.44 11.95 62.40
CA HIS A 53 -32.55 11.79 63.55
C HIS A 53 -32.62 13.02 64.45
N LEU A 60 -23.75 19.72 65.84
CA LEU A 60 -24.82 18.97 66.48
C LEU A 60 -26.03 19.87 66.72
N ASN A 61 -26.15 20.93 65.93
CA ASN A 61 -27.21 21.92 66.04
C ASN A 61 -28.06 21.89 64.77
N ALA A 62 -29.04 22.79 64.73
CA ALA A 62 -29.85 23.02 63.53
C ALA A 62 -29.68 24.47 63.11
N THR A 63 -29.33 24.69 61.86
CA THR A 63 -28.89 26.00 61.40
C THR A 63 -30.06 26.97 61.29
N SER A 64 -29.70 28.24 61.12
CA SER A 64 -30.67 29.32 60.92
C SER A 64 -29.96 30.44 60.19
N VAL A 65 -30.74 31.36 59.63
CA VAL A 65 -30.21 32.50 58.88
C VAL A 65 -31.17 33.67 58.99
N THR A 66 -30.65 34.86 58.74
CA THR A 66 -31.43 36.08 58.68
C THR A 66 -31.37 36.64 57.27
N HIS A 67 -32.53 36.83 56.66
CA HIS A 67 -32.62 37.21 55.25
C HIS A 67 -32.31 38.69 55.10
N LYS A 68 -31.11 38.99 54.58
CA LYS A 68 -30.71 40.37 54.32
C LYS A 68 -30.99 40.70 52.86
N PRO A 69 -31.78 41.74 52.55
CA PRO A 69 -32.05 42.03 51.14
C PRO A 69 -30.79 42.29 50.33
N ASN A 70 -29.98 43.27 50.75
CA ASN A 70 -28.74 43.54 50.04
C ASN A 70 -27.70 42.48 50.38
N ALA A 71 -26.56 42.55 49.69
CA ALA A 71 -25.56 41.49 49.73
C ALA A 71 -24.28 41.86 50.48
N ILE A 72 -23.89 43.14 50.50
CA ILE A 72 -22.65 43.51 51.18
C ILE A 72 -22.74 43.15 52.65
N GLN A 73 -23.82 43.58 53.32
CA GLN A 73 -24.02 43.22 54.71
C GLN A 73 -24.31 41.74 54.86
N MET A 74 -25.09 41.17 53.94
CA MET A 74 -25.28 39.73 53.94
C MET A 74 -23.95 39.00 53.76
N ALA A 75 -23.11 39.51 52.87
CA ALA A 75 -21.79 38.91 52.68
C ALA A 75 -20.99 38.93 53.97
N LEU A 76 -20.89 40.09 54.62
CA LEU A 76 -20.09 40.17 55.83
C LEU A 76 -20.68 39.34 56.96
N SER A 77 -21.99 39.19 57.00
CA SER A 77 -22.65 38.40 58.05
C SER A 77 -22.69 36.92 57.74
N VAL A 78 -22.33 36.51 56.54
CA VAL A 78 -22.47 35.10 56.16
C VAL A 78 -21.74 34.19 57.15
N CYS A 79 -20.48 34.52 57.46
CA CYS A 79 -19.69 33.64 58.31
C CYS A 79 -19.82 34.01 59.79
N GLU A 80 -19.60 35.29 60.11
CA GLU A 80 -19.65 35.71 61.50
C GLU A 80 -20.99 35.44 62.14
N ASP A 81 -22.05 35.30 61.34
CA ASP A 81 -23.33 34.87 61.89
C ASP A 81 -23.24 33.47 62.50
N LEU A 82 -22.54 32.56 61.81
CA LEU A 82 -22.38 31.20 62.31
C LEU A 82 -21.03 31.02 63.00
N ALA A 89 -22.38 21.16 54.88
CA ALA A 89 -21.60 22.36 55.12
C ALA A 89 -22.51 23.58 55.25
N ILE A 90 -23.11 23.98 54.15
CA ILE A 90 -24.00 25.14 54.14
C ILE A 90 -25.37 24.68 54.57
N LEU A 91 -25.61 24.68 55.89
CA LEU A 91 -26.88 24.21 56.41
C LEU A 91 -28.02 25.09 55.94
N VAL A 92 -27.82 26.40 55.90
CA VAL A 92 -28.79 27.35 55.38
C VAL A 92 -28.28 27.85 54.03
N SER A 93 -29.10 27.69 53.01
CA SER A 93 -28.80 28.13 51.65
C SER A 93 -29.99 28.88 51.08
N HIS A 94 -30.58 29.77 51.86
CA HIS A 94 -31.85 30.37 51.51
C HIS A 94 -31.62 31.68 50.77
N PRO A 95 -31.95 31.78 49.50
CA PRO A 95 -32.16 33.10 48.88
C PRO A 95 -33.55 33.61 49.22
N PRO A 96 -33.66 34.64 50.07
CA PRO A 96 -34.98 34.98 50.62
C PRO A 96 -36.02 35.24 49.52
N THR A 97 -35.81 36.27 48.71
CA THR A 97 -36.69 36.57 47.61
C THR A 97 -35.95 37.46 46.62
N PRO A 98 -34.90 36.95 45.97
CA PRO A 98 -34.06 37.81 45.12
C PRO A 98 -34.86 38.58 44.08
N ASN A 99 -34.90 39.90 44.23
CA ASN A 99 -35.45 40.77 43.21
C ASN A 99 -34.38 41.21 42.21
N ASP A 100 -33.12 40.87 42.44
CA ASP A 100 -32.03 41.06 41.50
C ASP A 100 -31.64 39.71 40.90
N HIS A 101 -30.62 39.72 40.06
CA HIS A 101 -30.20 38.53 39.33
C HIS A 101 -28.99 37.86 39.97
N PHE A 102 -27.90 38.59 40.14
CA PHE A 102 -26.70 38.07 40.77
C PHE A 102 -26.71 38.22 42.29
N THR A 103 -27.79 38.75 42.85
CA THR A 103 -27.88 38.95 44.30
C THR A 103 -27.56 37.70 45.11
N PRO A 104 -28.03 36.50 44.74
CA PRO A 104 -27.78 35.32 45.57
C PRO A 104 -26.37 34.74 45.45
N THR A 105 -25.56 35.22 44.52
CA THR A 105 -24.29 34.59 44.22
C THR A 105 -23.19 34.89 45.24
N PRO A 106 -23.02 36.14 45.70
CA PRO A 106 -21.80 36.46 46.45
C PRO A 106 -21.64 35.66 47.73
N VAL A 107 -22.66 35.64 48.58
CA VAL A 107 -22.55 34.92 49.84
C VAL A 107 -22.22 33.46 49.60
N SER A 108 -22.85 32.84 48.59
CA SER A 108 -22.52 31.47 48.24
C SER A 108 -21.04 31.34 47.95
N TYR A 109 -20.49 32.26 47.16
CA TYR A 109 -19.06 32.27 46.91
C TYR A 109 -18.28 32.32 48.23
N THR A 110 -18.72 33.17 49.16
CA THR A 110 -18.08 33.20 50.47
C THR A 110 -18.15 31.82 51.13
N ALA A 111 -19.30 31.16 51.04
CA ALA A 111 -19.39 29.79 51.54
C ALA A 111 -18.40 28.90 50.81
N GLY A 112 -18.28 29.07 49.50
CA GLY A 112 -17.24 28.36 48.77
C GLY A 112 -15.86 28.71 49.26
N PHE A 113 -15.65 29.98 49.63
CA PHE A 113 -14.37 30.36 50.23
C PHE A 113 -14.09 29.59 51.50
N TYR A 114 -15.12 29.07 52.16
CA TYR A 114 -14.98 28.16 53.29
C TYR A 114 -15.37 26.74 52.93
N ARG A 115 -15.56 26.44 51.64
CA ARG A 115 -15.94 25.11 51.17
C ARG A 115 -17.28 24.68 51.77
N ILE A 116 -18.30 25.46 51.46
CA ILE A 116 -19.67 25.16 51.88
C ILE A 116 -20.59 25.27 50.68
N PRO A 117 -20.73 24.22 49.86
CA PRO A 117 -21.56 24.33 48.66
C PRO A 117 -23.05 24.38 48.97
N VAL A 118 -23.53 25.57 49.33
CA VAL A 118 -24.95 25.73 49.59
C VAL A 118 -25.76 25.36 48.34
N LEU A 119 -27.02 25.00 48.57
CA LEU A 119 -27.93 24.58 47.51
C LEU A 119 -28.82 25.75 47.14
N GLY A 120 -28.82 26.11 45.86
CA GLY A 120 -29.68 27.19 45.40
C GLY A 120 -31.14 26.77 45.36
N LEU A 121 -32.01 27.67 45.82
CA LEU A 121 -33.43 27.37 45.97
C LEU A 121 -34.29 28.20 45.03
N THR A 122 -34.20 29.52 45.11
CA THR A 122 -34.94 30.41 44.21
C THR A 122 -34.14 30.66 42.94
N THR A 123 -33.69 29.58 42.31
CA THR A 123 -32.81 29.64 41.17
C THR A 123 -33.42 28.88 40.01
N ARG A 124 -33.45 29.52 38.84
CA ARG A 124 -33.93 28.91 37.61
C ARG A 124 -32.85 28.88 36.53
N MET A 125 -32.12 29.98 36.36
CA MET A 125 -31.04 30.09 35.39
C MET A 125 -29.75 30.30 36.18
N SER A 126 -29.11 29.20 36.55
CA SER A 126 -27.93 29.22 37.39
C SER A 126 -26.69 29.14 36.49
N ILE A 127 -26.02 30.28 36.31
CA ILE A 127 -24.81 30.30 35.49
C ILE A 127 -23.66 29.97 36.44
N TYR A 128 -23.53 28.67 36.74
CA TYR A 128 -22.44 28.17 37.54
C TYR A 128 -21.87 26.85 37.05
N SER A 129 -22.61 26.07 36.27
CA SER A 129 -22.14 24.78 35.76
C SER A 129 -21.76 23.86 36.92
N SER A 132 -14.57 26.51 38.22
CA SER A 132 -15.78 27.33 38.30
C SER A 132 -15.51 28.60 39.11
N ILE A 133 -16.25 29.66 38.79
CA ILE A 133 -16.11 30.91 39.55
C ILE A 133 -16.46 30.66 41.01
N HIS A 134 -17.55 29.96 41.26
CA HIS A 134 -17.85 29.45 42.59
C HIS A 134 -17.09 28.13 42.78
N LEU A 135 -17.30 27.46 43.91
CA LEU A 135 -16.60 26.23 44.24
C LEU A 135 -17.62 25.10 44.36
N SER A 136 -18.00 24.51 43.23
CA SER A 136 -18.86 23.33 43.19
C SER A 136 -20.05 23.49 44.13
N PHE A 137 -20.70 24.64 44.07
CA PHE A 137 -21.87 24.88 44.89
C PHE A 137 -22.98 23.90 44.55
N LEU A 138 -23.67 23.43 45.58
CA LEU A 138 -24.77 22.51 45.36
C LEU A 138 -25.94 23.21 44.70
N ARG A 139 -26.79 22.43 44.04
CA ARG A 139 -28.00 22.96 43.42
C ARG A 139 -28.95 21.81 43.07
N THR A 140 -30.19 21.90 43.53
CA THR A 140 -31.18 20.85 43.25
C THR A 140 -31.99 21.17 42.00
N VAL A 141 -32.61 22.35 41.96
CA VAL A 141 -33.42 22.75 40.81
C VAL A 141 -32.54 22.76 39.57
N PRO A 142 -32.90 22.04 38.51
CA PRO A 142 -32.10 22.07 37.28
C PRO A 142 -32.06 23.47 36.70
N PRO A 143 -30.92 23.87 36.09
CA PRO A 143 -30.85 25.22 35.52
C PRO A 143 -31.43 25.29 34.12
N TYR A 144 -31.28 26.45 33.47
CA TYR A 144 -31.71 26.59 32.08
C TYR A 144 -30.95 25.66 31.15
N SER A 145 -29.82 25.11 31.60
CA SER A 145 -28.96 24.31 30.73
C SER A 145 -29.76 23.32 29.88
N HIS A 146 -30.46 22.39 30.53
CA HIS A 146 -31.23 21.38 29.82
C HIS A 146 -32.70 21.73 29.71
N GLN A 147 -33.12 22.88 30.25
CA GLN A 147 -34.52 23.26 30.15
C GLN A 147 -34.99 23.31 28.70
N SER A 148 -34.10 23.66 27.78
CA SER A 148 -34.41 23.60 26.36
C SER A 148 -34.05 22.27 25.72
N SER A 149 -33.15 21.51 26.35
CA SER A 149 -32.77 20.21 25.80
C SER A 149 -33.99 19.34 25.58
N VAL A 150 -34.84 19.20 26.59
CA VAL A 150 -36.02 18.36 26.49
C VAL A 150 -36.77 18.63 25.19
N TRP A 151 -36.66 19.85 24.67
CA TRP A 151 -37.41 20.20 23.47
C TRP A 151 -37.03 19.29 22.31
N PHE A 152 -35.73 19.17 21.99
CA PHE A 152 -35.36 18.50 20.75
C PHE A 152 -35.83 17.06 20.76
N GLU A 153 -35.63 16.36 21.87
CA GLU A 153 -36.12 15.00 21.99
C GLU A 153 -37.62 14.96 21.72
N MET A 154 -38.37 15.85 22.38
CA MET A 154 -39.79 15.98 22.06
C MET A 154 -39.96 16.29 20.58
N MET A 155 -39.25 17.31 20.10
CA MET A 155 -39.32 17.62 18.67
C MET A 155 -38.81 16.44 17.84
N ARG A 156 -37.90 15.65 18.38
CA ARG A 156 -37.39 14.50 17.65
C ARG A 156 -38.49 13.47 17.40
N VAL A 157 -39.58 13.52 18.16
CA VAL A 157 -40.67 12.56 18.00
C VAL A 157 -42.03 13.22 17.88
N TYR A 158 -42.21 14.49 18.23
CA TYR A 158 -43.55 15.06 18.27
C TYR A 158 -44.00 15.52 16.89
N SER A 159 -43.40 16.61 16.37
CA SER A 159 -43.93 17.24 15.17
C SER A 159 -42.91 17.56 14.08
N TRP A 160 -41.64 17.80 14.40
CA TRP A 160 -40.72 18.40 13.44
C TRP A 160 -39.39 17.68 13.47
N ASN A 161 -38.53 18.06 12.52
CA ASN A 161 -37.15 17.56 12.44
C ASN A 161 -36.12 18.67 12.34
N HIS A 162 -36.42 19.75 11.62
CA HIS A 162 -35.46 20.82 11.36
C HIS A 162 -36.17 22.15 11.62
N ILE A 163 -36.07 22.63 12.86
CA ILE A 163 -36.68 23.90 13.27
C ILE A 163 -35.58 24.76 13.89
N ILE A 164 -35.48 26.01 13.42
CA ILE A 164 -34.45 26.89 13.94
C ILE A 164 -34.68 27.17 15.42
N LEU A 165 -33.61 27.59 16.09
CA LEU A 165 -33.67 27.99 17.49
C LEU A 165 -32.85 29.27 17.64
N LEU A 166 -33.11 30.01 18.71
CA LEU A 166 -32.59 31.35 18.87
C LEU A 166 -31.87 31.47 20.20
N VAL A 167 -30.97 32.45 20.26
CA VAL A 167 -30.23 32.73 21.49
C VAL A 167 -31.21 33.01 22.63
N ASP A 170 -26.60 36.77 28.26
CA ASP A 170 -26.30 36.16 26.97
C ASP A 170 -25.54 34.86 27.18
N HIS A 171 -24.77 34.78 28.27
CA HIS A 171 -24.01 33.58 28.56
C HIS A 171 -24.93 32.37 28.75
N GLU A 172 -26.05 32.57 29.43
CA GLU A 172 -27.02 31.49 29.56
C GLU A 172 -27.44 30.96 28.19
N GLY A 173 -27.67 31.87 27.24
CA GLY A 173 -28.04 31.44 25.90
C GLY A 173 -26.95 30.63 25.24
N ARG A 174 -25.69 31.06 25.38
CA ARG A 174 -24.58 30.32 24.80
C ARG A 174 -24.51 28.91 25.39
N ALA A 175 -24.62 28.81 26.72
CA ALA A 175 -24.60 27.50 27.35
C ALA A 175 -25.74 26.63 26.85
N ALA A 176 -26.94 27.20 26.76
CA ALA A 176 -28.10 26.44 26.33
C ALA A 176 -27.92 25.93 24.90
N GLN A 177 -27.47 26.81 24.01
CA GLN A 177 -27.33 26.40 22.61
C GLN A 177 -26.25 25.34 22.46
N LYS A 178 -25.13 25.49 23.16
CA LYS A 178 -24.08 24.48 23.05
C LYS A 178 -24.55 23.14 23.61
N ARG A 179 -25.26 23.17 24.75
CA ARG A 179 -25.79 21.93 25.30
C ARG A 179 -26.76 21.28 24.34
N LEU A 180 -27.63 22.07 23.71
CA LEU A 180 -28.60 21.52 22.77
C LEU A 180 -27.90 20.87 21.59
N GLU A 181 -26.99 21.60 20.94
CA GLU A 181 -26.31 21.04 19.77
C GLU A 181 -25.49 19.81 20.13
N THR A 182 -24.91 19.78 21.34
CA THR A 182 -24.23 18.58 21.79
C THR A 182 -25.21 17.42 21.96
N LEU A 183 -26.39 17.70 22.50
CA LEU A 183 -27.36 16.64 22.78
C LEU A 183 -27.74 15.89 21.51
N LEU A 184 -27.83 16.60 20.39
CA LEU A 184 -28.11 15.97 19.11
C LEU A 184 -26.86 15.39 18.44
N GLU A 185 -25.80 15.19 19.21
CA GLU A 185 -24.54 14.62 18.71
C GLU A 185 -24.17 15.17 17.33
N ASP A 205 -32.31 7.98 9.67
CA ASP A 205 -32.28 9.31 9.08
C ASP A 205 -31.91 10.35 10.13
N ASN A 206 -31.33 11.46 9.67
CA ASN A 206 -30.82 12.50 10.56
C ASN A 206 -31.72 13.73 10.48
N LYS A 207 -31.32 14.77 11.21
CA LYS A 207 -32.08 16.03 11.25
C LYS A 207 -31.25 17.05 12.02
N ARG A 208 -31.67 18.32 11.90
CA ARG A 208 -31.02 19.41 12.60
C ARG A 208 -31.88 20.66 12.45
N GLY A 209 -31.91 21.48 13.50
CA GLY A 209 -32.72 22.68 13.51
C GLY A 209 -31.92 23.89 13.08
N PRO A 210 -31.60 24.79 14.02
CA PRO A 210 -30.70 25.89 13.67
C PRO A 210 -29.36 25.41 13.13
N LYS A 211 -28.85 24.29 13.66
CA LYS A 211 -27.64 23.72 13.10
C LYS A 211 -27.79 23.45 11.62
N ALA A 212 -29.01 23.14 11.17
CA ALA A 212 -29.26 23.03 9.75
C ALA A 212 -29.06 24.38 9.05
N GLU A 213 -29.55 25.46 9.66
CA GLU A 213 -29.48 26.78 9.05
C GLU A 213 -28.59 27.75 9.81
N LYS A 214 -28.91 28.07 11.06
CA LYS A 214 -28.14 29.08 11.78
C LYS A 214 -28.75 29.26 13.17
N VAL A 215 -27.96 29.81 14.08
CA VAL A 215 -28.42 30.22 15.40
C VAL A 215 -27.89 31.62 15.67
N LEU A 216 -28.74 32.46 16.27
CA LEU A 216 -28.39 33.84 16.56
C LEU A 216 -27.48 33.94 17.77
N GLN A 217 -26.66 34.99 17.78
CA GLN A 217 -25.88 35.39 18.96
C GLN A 217 -25.90 36.92 18.98
N PHE A 218 -26.86 37.48 19.69
CA PHE A 218 -27.12 38.92 19.68
C PHE A 218 -26.86 39.52 21.06
N ASP A 219 -27.16 40.82 21.16
CA ASP A 219 -26.99 41.60 22.39
C ASP A 219 -28.33 41.84 23.05
N PRO A 220 -28.51 41.49 24.32
CA PRO A 220 -29.79 41.79 24.98
C PRO A 220 -30.07 43.28 25.01
N GLY A 221 -31.35 43.62 24.91
CA GLY A 221 -31.78 45.00 24.94
C GLY A 221 -31.73 45.71 23.60
N THR A 222 -31.41 45.00 22.52
CA THR A 222 -31.28 45.62 21.20
C THR A 222 -32.66 45.78 20.60
N LYS A 223 -33.24 46.97 20.78
CA LYS A 223 -34.54 47.26 20.21
C LYS A 223 -34.45 47.36 18.69
N ASN A 224 -35.61 47.29 18.04
CA ASN A 224 -35.69 47.40 16.59
C ASN A 224 -34.77 46.40 15.90
N VAL A 225 -34.72 45.18 16.43
CA VAL A 225 -33.92 44.11 15.83
C VAL A 225 -34.80 43.47 14.77
N THR A 226 -34.79 44.09 13.59
CA THR A 226 -35.66 43.69 12.48
C THR A 226 -34.95 42.77 11.48
N ALA A 227 -33.68 43.04 11.19
CA ALA A 227 -32.93 42.15 10.32
C ALA A 227 -32.95 40.72 10.83
N LEU A 228 -33.01 40.55 12.16
CA LEU A 228 -33.04 39.21 12.73
C LEU A 228 -34.28 38.46 12.28
N LEU A 229 -35.46 39.05 12.47
CA LEU A 229 -36.69 38.41 12.04
C LEU A 229 -36.71 38.26 10.53
N MET A 230 -36.21 39.27 9.80
CA MET A 230 -36.20 39.19 8.34
C MET A 230 -35.42 37.98 7.86
N GLU A 231 -34.17 37.84 8.34
CA GLU A 231 -33.36 36.70 7.94
C GLU A 231 -33.96 35.40 8.43
N ALA A 232 -34.62 35.40 9.59
CA ALA A 232 -35.29 34.19 10.04
C ALA A 232 -36.39 33.77 9.07
N LYS A 233 -37.16 34.73 8.57
CA LYS A 233 -38.32 34.40 7.73
C LYS A 233 -37.88 33.71 6.44
N GLU A 234 -36.81 34.20 5.81
CA GLU A 234 -36.45 33.71 4.49
C GLU A 234 -35.94 32.27 4.50
N LEU A 235 -35.68 31.69 5.66
CA LEU A 235 -35.23 30.31 5.70
C LEU A 235 -36.33 29.38 5.19
N GLU A 236 -35.96 28.10 5.04
CA GLU A 236 -36.86 27.13 4.44
C GLU A 236 -38.13 26.94 5.28
N ALA A 237 -37.99 26.86 6.60
CA ALA A 237 -39.11 26.59 7.49
C ALA A 237 -39.40 27.81 8.36
N ARG A 238 -40.52 27.74 9.07
CA ARG A 238 -40.93 28.79 9.99
C ARG A 238 -40.84 28.37 11.45
N VAL A 239 -40.44 27.13 11.73
CA VAL A 239 -40.37 26.66 13.11
C VAL A 239 -39.15 27.26 13.78
N ILE A 240 -39.36 27.92 14.93
CA ILE A 240 -38.32 28.66 15.62
C ILE A 240 -38.28 28.23 17.08
N ILE A 241 -37.17 28.57 17.73
CA ILE A 241 -36.99 28.33 19.15
C ILE A 241 -36.15 29.47 19.72
N LEU A 242 -36.43 29.84 20.97
CA LEU A 242 -35.73 30.96 21.57
C LEU A 242 -35.71 30.81 23.08
N SER A 243 -34.76 31.51 23.70
CA SER A 243 -34.66 31.57 25.16
C SER A 243 -33.81 32.78 25.50
N ALA A 244 -34.40 33.77 26.15
CA ALA A 244 -33.70 35.01 26.47
C ALA A 244 -34.41 35.69 27.63
N SER A 245 -34.05 36.95 27.87
CA SER A 245 -34.65 37.72 28.94
C SER A 245 -36.08 38.11 28.58
N GLU A 246 -36.82 38.56 29.60
CA GLU A 246 -38.22 38.93 29.39
C GLU A 246 -38.35 40.01 28.33
N ASP A 247 -37.54 41.07 28.44
CA ASP A 247 -37.61 42.15 27.47
C ASP A 247 -37.26 41.66 26.08
N ASP A 248 -36.23 40.83 25.97
CA ASP A 248 -35.84 40.30 24.67
C ASP A 248 -36.96 39.44 24.07
N ALA A 249 -37.58 38.59 24.89
CA ALA A 249 -38.67 37.77 24.41
C ALA A 249 -39.83 38.63 23.92
N ALA A 250 -40.16 39.67 24.68
CA ALA A 250 -41.24 40.56 24.28
C ALA A 250 -40.92 41.26 22.97
N THR A 251 -39.68 41.72 22.82
CA THR A 251 -39.29 42.40 21.59
C THR A 251 -39.36 41.47 20.38
N VAL A 252 -38.88 40.24 20.53
CA VAL A 252 -38.94 39.31 19.41
C VAL A 252 -40.38 38.95 19.08
N TYR A 253 -41.21 38.78 20.11
CA TYR A 253 -42.62 38.49 19.87
C TYR A 253 -43.29 39.64 19.12
N ARG A 254 -43.01 40.88 19.53
CA ARG A 254 -43.58 42.04 18.85
C ARG A 254 -43.11 42.11 17.41
N ALA A 255 -41.82 41.84 17.17
CA ALA A 255 -41.32 41.82 15.81
C ALA A 255 -41.98 40.73 14.98
N ALA A 256 -42.35 39.62 15.62
CA ALA A 256 -42.98 38.52 14.91
C ALA A 256 -44.17 39.01 14.08
N ALA A 257 -44.97 39.90 14.64
CA ALA A 257 -46.05 40.50 13.87
C ALA A 257 -45.49 41.29 12.69
N MET A 258 -44.38 41.98 12.89
CA MET A 258 -43.65 42.59 11.79
C MET A 258 -42.86 41.53 11.05
N LEU A 259 -42.12 41.94 10.03
CA LEU A 259 -41.21 41.07 9.30
C LEU A 259 -41.92 39.77 8.90
N ASN A 260 -42.94 39.92 8.05
CA ASN A 260 -43.70 38.82 7.49
C ASN A 260 -44.70 38.22 8.46
N MET A 261 -45.03 38.92 9.54
CA MET A 261 -46.06 38.48 10.49
C MET A 261 -45.91 36.99 10.81
N THR A 262 -44.79 36.68 11.46
CA THR A 262 -44.43 35.30 11.74
C THR A 262 -45.60 34.56 12.39
N GLY A 263 -45.89 33.39 11.86
CA GLY A 263 -47.01 32.59 12.31
C GLY A 263 -47.52 31.72 11.19
N SER A 264 -48.58 30.99 11.48
CA SER A 264 -49.21 30.09 10.52
C SER A 264 -48.16 29.23 9.82
N GLY A 265 -47.46 28.43 10.62
CA GLY A 265 -46.38 27.62 10.13
C GLY A 265 -45.13 27.75 10.98
N TYR A 266 -45.21 28.56 12.03
CA TYR A 266 -44.12 28.76 12.96
C TYR A 266 -44.50 28.21 14.32
N VAL A 267 -43.49 28.01 15.17
CA VAL A 267 -43.67 27.46 16.50
C VAL A 267 -42.91 28.34 17.48
N TRP A 268 -43.08 28.07 18.77
CA TRP A 268 -42.35 28.78 19.80
C TRP A 268 -42.08 27.84 20.97
N LEU A 269 -40.99 28.11 21.68
CA LEU A 269 -40.62 27.31 22.85
C LEU A 269 -39.64 28.12 23.68
N VAL A 270 -39.98 28.36 24.95
CA VAL A 270 -39.14 29.13 25.85
C VAL A 270 -39.33 28.59 27.26
N GLY A 271 -38.52 29.09 28.18
CA GLY A 271 -38.70 28.75 29.57
C GLY A 271 -40.06 29.22 30.08
N GLU A 272 -40.59 28.48 31.07
CA GLU A 272 -41.90 28.82 31.60
C GLU A 272 -41.97 30.27 32.04
N ARG A 273 -40.88 30.79 32.58
CA ARG A 273 -40.86 32.20 32.97
C ARG A 273 -41.04 33.11 31.76
N GLU A 274 -40.42 32.77 30.64
CA GLU A 274 -40.56 33.59 29.44
C GLU A 274 -42.02 33.70 29.03
N ILE A 275 -42.75 32.58 29.07
CA ILE A 275 -44.18 32.63 28.80
C ILE A 275 -44.88 33.48 29.87
N SER A 276 -44.51 33.27 31.14
CA SER A 276 -45.14 34.03 32.23
C SER A 276 -44.95 35.52 32.04
N GLY A 277 -43.70 35.96 31.81
CA GLY A 277 -43.45 37.36 31.54
C GLY A 277 -43.93 37.81 30.18
N ASN A 278 -44.38 36.90 29.33
CA ASN A 278 -44.85 37.22 27.98
C ASN A 278 -46.23 37.82 28.08
N ALA A 279 -46.30 39.15 28.10
CA ALA A 279 -47.60 39.82 28.08
C ALA A 279 -48.25 39.77 26.70
N LEU A 280 -47.44 39.86 25.64
CA LEU A 280 -47.95 39.91 24.27
C LEU A 280 -47.20 38.87 23.43
N ARG A 281 -47.63 37.61 23.55
CA ARG A 281 -47.16 36.55 22.65
C ARG A 281 -48.26 35.49 22.62
N TYR A 282 -49.06 35.50 21.56
CA TYR A 282 -50.25 34.66 21.49
C TYR A 282 -49.93 33.28 20.92
N ALA A 283 -49.44 33.25 19.68
CA ALA A 283 -49.17 32.00 18.98
C ALA A 283 -48.17 31.15 19.74
N PRO A 284 -47.33 31.75 20.59
CA PRO A 284 -46.24 30.99 21.19
C PRO A 284 -46.73 29.78 21.98
N ASP A 285 -45.92 28.73 21.97
CA ASP A 285 -46.25 27.51 22.69
C ASP A 285 -45.01 26.91 23.33
N GLN A 291 -43.02 23.22 32.34
CA GLN A 291 -42.87 24.64 32.66
C GLN A 291 -42.18 24.81 34.01
N LEU A 292 -42.67 24.07 35.02
CA LEU A 292 -42.11 24.14 36.36
C LEU A 292 -42.49 22.88 37.11
N ILE A 293 -41.79 22.64 38.21
CA ILE A 293 -42.09 21.56 39.13
C ILE A 293 -42.43 22.09 40.52
N ASN A 294 -41.58 22.97 41.04
CA ASN A 294 -41.87 23.66 42.30
C ASN A 294 -41.47 25.14 42.25
N GLY A 295 -41.12 25.66 41.08
CA GLY A 295 -40.68 27.05 41.01
C GLY A 295 -41.78 28.00 41.41
N LYS A 296 -41.40 29.10 42.05
CA LYS A 296 -42.27 30.17 42.53
C LYS A 296 -43.10 29.75 43.74
N ASN A 297 -43.02 28.49 44.15
CA ASN A 297 -43.75 27.99 45.32
C ASN A 297 -42.82 27.50 46.42
N GLU A 298 -41.75 26.78 46.05
CA GLU A 298 -40.73 26.32 46.98
C GLU A 298 -41.33 25.78 48.28
N SER A 299 -42.45 25.07 48.18
CA SER A 299 -43.16 24.61 49.36
C SER A 299 -42.78 23.18 49.74
N ALA A 300 -43.03 22.22 48.85
CA ALA A 300 -42.91 20.82 49.21
C ALA A 300 -41.49 20.29 49.11
N HIS A 301 -40.58 21.00 48.43
CA HIS A 301 -39.22 20.51 48.26
C HIS A 301 -38.27 21.00 49.34
N ILE A 302 -38.70 21.92 50.21
CA ILE A 302 -37.84 22.34 51.30
C ILE A 302 -37.54 21.16 52.22
N SER A 303 -38.57 20.36 52.53
CA SER A 303 -38.38 19.24 53.44
C SER A 303 -37.37 18.24 52.89
N ASP A 304 -37.57 17.79 51.64
CA ASP A 304 -36.63 16.81 51.08
C ASP A 304 -35.26 17.43 50.86
N ALA A 305 -35.21 18.71 50.52
CA ALA A 305 -33.92 19.38 50.36
C ALA A 305 -33.13 19.34 51.66
N VAL A 306 -33.74 19.76 52.76
CA VAL A 306 -33.04 19.75 54.04
C VAL A 306 -32.74 18.32 54.48
N GLY A 307 -33.64 17.38 54.20
CA GLY A 307 -33.41 16.00 54.57
C GLY A 307 -32.20 15.41 53.86
N VAL A 308 -32.06 15.70 52.57
CA VAL A 308 -30.90 15.20 51.83
C VAL A 308 -29.61 15.64 52.50
N VAL A 309 -29.65 16.78 53.21
CA VAL A 309 -28.48 17.22 53.96
C VAL A 309 -28.21 16.29 55.13
N ALA A 310 -29.26 15.70 55.71
CA ALA A 310 -29.11 14.93 56.94
C ALA A 310 -28.11 13.79 56.77
N GLN A 311 -28.24 13.04 55.67
CA GLN A 311 -27.31 11.93 55.45
C GLN A 311 -25.88 12.40 55.32
N ALA A 312 -25.66 13.69 55.05
CA ALA A 312 -24.31 14.24 55.03
C ALA A 312 -23.78 14.24 56.46
N VAL A 313 -22.89 13.29 56.76
CA VAL A 313 -22.35 13.12 58.10
C VAL A 313 -20.92 12.61 57.98
N HIS A 314 -20.09 12.97 58.94
CA HIS A 314 -18.73 12.47 58.98
C HIS A 314 -18.72 10.96 59.14
N GLU A 315 -17.81 10.30 58.43
CA GLU A 315 -17.69 8.84 58.43
C GLU A 315 -16.24 8.45 58.68
N LEU A 316 -15.61 9.09 59.66
CA LEU A 316 -14.22 8.81 60.00
C LEU A 316 -13.30 9.14 58.82
N THR A 323 -12.77 16.08 60.25
CA THR A 323 -12.73 17.08 61.31
C THR A 323 -14.04 17.87 61.45
N ASP A 324 -15.14 17.41 60.85
CA ASP A 324 -16.42 18.10 60.98
C ASP A 324 -16.36 19.46 60.30
N PRO A 325 -17.48 20.15 60.15
CA PRO A 325 -17.46 21.47 59.50
C PRO A 325 -17.05 22.55 60.48
N PRO A 326 -15.88 23.17 60.28
CA PRO A 326 -15.48 24.25 61.19
C PRO A 326 -16.38 25.46 61.06
N ARG A 327 -16.54 26.17 62.18
CA ARG A 327 -17.42 27.34 62.24
C ARG A 327 -16.68 28.62 62.57
N GLY A 328 -15.35 28.64 62.47
CA GLY A 328 -14.58 29.82 62.77
C GLY A 328 -14.25 30.64 61.53
N CYS A 329 -14.68 31.90 61.51
CA CYS A 329 -14.43 32.77 60.37
C CYS A 329 -13.15 33.58 60.54
N VAL A 330 -13.07 34.37 61.61
CA VAL A 330 -11.91 35.20 61.87
C VAL A 330 -10.80 34.34 62.45
N GLY A 331 -9.57 34.57 62.00
CA GLY A 331 -8.42 33.85 62.51
C GLY A 331 -8.20 32.48 61.91
N ASN A 332 -8.97 32.11 60.89
CA ASN A 332 -8.84 30.81 60.22
C ASN A 332 -8.72 31.07 58.72
N THR A 333 -7.50 31.30 58.26
CA THR A 333 -7.24 31.64 56.87
C THR A 333 -7.09 30.41 55.98
N ASN A 334 -6.95 29.22 56.55
CA ASN A 334 -6.80 28.00 55.77
C ASN A 334 -8.17 27.55 55.28
N ILE A 335 -8.25 26.35 54.71
CA ILE A 335 -9.48 25.81 54.16
C ILE A 335 -9.74 24.45 54.79
N TRP A 336 -11.00 24.20 55.14
CA TRP A 336 -11.39 22.92 55.73
C TRP A 336 -11.21 21.82 54.70
N LYS A 337 -10.21 20.96 54.91
CA LYS A 337 -9.95 19.87 53.97
C LYS A 337 -11.14 18.92 53.87
N THR A 338 -12.04 18.93 54.86
CA THR A 338 -13.21 18.07 54.80
C THR A 338 -14.16 18.50 53.69
N GLY A 339 -14.15 19.79 53.34
CA GLY A 339 -15.16 20.36 52.49
C GLY A 339 -15.43 19.66 51.18
N PRO A 340 -14.41 19.49 50.34
CA PRO A 340 -14.62 18.77 49.08
C PRO A 340 -14.74 17.29 49.38
N LEU A 341 -14.06 16.83 50.44
CA LEU A 341 -14.10 15.42 50.79
C LEU A 341 -15.54 14.91 50.89
N PHE A 342 -16.40 15.67 51.56
CA PHE A 342 -17.80 15.24 51.67
C PHE A 342 -18.71 15.91 50.64
N LYS A 343 -18.27 16.98 49.98
CA LYS A 343 -19.02 17.48 48.83
C LYS A 343 -19.10 16.40 47.75
N ARG A 344 -18.03 15.64 47.58
CA ARG A 344 -18.02 14.56 46.60
C ARG A 344 -19.15 13.57 46.89
N VAL A 345 -19.24 13.10 48.14
CA VAL A 345 -20.27 12.12 48.47
C VAL A 345 -21.66 12.76 48.40
N LEU A 346 -21.77 14.02 48.80
CA LEU A 346 -23.02 14.74 48.62
C LEU A 346 -23.49 14.64 47.18
N MET A 347 -22.55 14.83 46.24
CA MET A 347 -22.86 14.61 44.84
C MET A 347 -23.27 13.17 44.58
N SER A 348 -22.54 12.22 45.16
CA SER A 348 -22.87 10.81 44.96
C SER A 348 -24.22 10.45 45.58
N SER A 349 -24.57 11.11 46.70
CA SER A 349 -25.82 10.80 47.36
C SER A 349 -26.99 10.97 46.41
N LYS A 350 -27.89 9.98 46.41
CA LYS A 350 -29.04 10.00 45.52
C LYS A 350 -30.21 9.31 46.20
N TYR A 351 -31.40 9.60 45.72
CA TYR A 351 -32.64 9.02 46.27
C TYR A 351 -32.73 9.45 47.74
N ALA A 352 -33.08 8.55 48.64
CA ALA A 352 -33.20 8.88 50.06
C ALA A 352 -34.21 10.00 50.29
N ASP A 353 -35.28 10.00 49.50
CA ASP A 353 -36.32 11.01 49.62
C ASP A 353 -37.49 10.69 48.69
N GLY A 354 -38.53 11.52 48.72
CA GLY A 354 -39.68 11.34 47.87
C GLY A 354 -40.19 12.67 47.34
N VAL A 355 -41.20 12.58 46.48
CA VAL A 355 -41.82 13.77 45.90
C VAL A 355 -40.74 14.47 45.09
N THR A 356 -40.55 15.77 45.33
CA THR A 356 -39.56 16.53 44.58
C THR A 356 -38.19 15.86 44.51
N GLY A 357 -37.86 15.04 45.50
CA GLY A 357 -36.57 14.38 45.50
C GLY A 357 -36.45 13.34 44.40
N ARG A 358 -35.24 12.84 44.24
CA ARG A 358 -34.95 11.85 43.21
C ARG A 358 -35.19 12.42 41.82
N ASN A 362 -27.22 14.76 41.32
CA ASN A 362 -26.51 14.27 40.15
C ASN A 362 -25.34 15.17 39.81
N GLU A 363 -24.45 14.65 38.95
CA GLU A 363 -23.28 15.41 38.50
C GLU A 363 -22.74 16.41 39.51
N ASP A 364 -22.78 17.69 39.19
CA ASP A 364 -22.20 18.70 40.07
C ASP A 364 -23.22 19.79 40.32
N GLY A 365 -23.75 19.86 41.52
CA GLY A 365 -24.70 20.90 41.87
C GLY A 365 -25.90 20.94 40.95
N ASP A 366 -26.48 19.79 40.66
CA ASP A 366 -27.63 19.72 39.76
C ASP A 366 -28.35 18.40 39.99
N ARG A 367 -29.60 18.35 39.54
CA ARG A 367 -30.44 17.17 39.66
C ARG A 367 -30.71 16.61 38.26
N LYS A 368 -30.46 15.32 38.09
CA LYS A 368 -30.53 14.68 36.78
C LYS A 368 -31.95 14.27 36.39
N PHE A 369 -32.94 14.50 37.26
CA PHE A 369 -34.30 14.05 37.02
C PHE A 369 -35.27 15.19 37.26
N ALA A 370 -36.30 15.28 36.42
CA ALA A 370 -37.36 16.26 36.56
C ALA A 370 -38.40 15.98 35.48
N ASN A 371 -39.59 16.56 35.67
CA ASN A 371 -40.67 16.42 34.71
C ASN A 371 -41.35 17.77 34.54
N TYR A 372 -41.78 18.06 33.32
CA TYR A 372 -42.30 19.38 32.99
C TYR A 372 -43.44 19.26 31.99
N SER A 373 -44.29 20.29 31.96
CA SER A 373 -45.42 20.39 31.05
C SER A 373 -45.19 21.52 30.06
N ILE A 374 -46.12 21.68 29.13
CA ILE A 374 -46.04 22.67 28.07
C ILE A 374 -47.34 23.45 28.02
N MET A 375 -47.44 24.36 27.05
CA MET A 375 -48.63 25.15 26.87
C MET A 375 -48.67 25.65 25.43
N ASN A 376 -49.87 26.06 25.00
CA ASN A 376 -50.07 26.55 23.64
C ASN A 376 -50.41 28.03 23.58
N LEU A 377 -50.80 28.64 24.69
CA LEU A 377 -51.15 30.06 24.73
C LEU A 377 -52.46 30.35 24.00
N GLN A 378 -53.39 29.41 24.04
CA GLN A 378 -54.70 29.65 23.43
C GLN A 378 -55.34 30.89 24.05
N ASN A 379 -55.83 31.78 23.19
CA ASN A 379 -56.40 33.03 23.66
C ASN A 379 -55.42 33.73 24.59
N ARG A 380 -55.92 34.34 25.66
CA ARG A 380 -55.07 34.99 26.65
C ARG A 380 -54.65 34.04 27.76
N LYS A 381 -55.01 32.76 27.68
CA LYS A 381 -54.70 31.77 28.70
C LYS A 381 -53.54 30.91 28.25
N LEU A 382 -52.51 30.82 29.09
CA LEU A 382 -51.36 29.96 28.82
C LEU A 382 -51.58 28.65 29.59
N VAL A 383 -52.34 27.75 28.96
CA VAL A 383 -52.73 26.51 29.62
C VAL A 383 -51.48 25.63 29.72
N GLN A 384 -50.91 25.53 30.92
CA GLN A 384 -49.71 24.75 31.16
C GLN A 384 -50.08 23.26 31.15
N VAL A 385 -50.39 22.77 29.97
CA VAL A 385 -50.85 21.39 29.76
C VAL A 385 -49.75 20.64 29.03
N GLY A 386 -49.37 19.48 29.58
CA GLY A 386 -48.35 18.67 28.96
C GLY A 386 -47.77 17.63 29.91
N ILE A 387 -47.42 16.46 29.36
CA ILE A 387 -46.82 15.40 30.15
C ILE A 387 -45.41 15.15 29.63
N TYR A 388 -44.76 16.23 29.15
CA TYR A 388 -43.40 16.13 28.62
C TYR A 388 -42.54 15.20 29.45
N ASN A 389 -42.51 15.43 30.76
CA ASN A 389 -41.91 14.51 31.73
C ASN A 389 -40.62 13.89 31.19
N GLY A 390 -39.75 14.74 30.66
CA GLY A 390 -38.50 14.25 30.10
C GLY A 390 -38.76 13.33 28.92
N THR A 391 -38.16 12.14 28.96
CA THR A 391 -38.20 11.23 27.82
C THR A 391 -39.61 10.75 27.51
N HIS A 392 -40.53 10.80 28.47
CA HIS A 392 -41.88 10.25 28.30
C HIS A 392 -42.87 11.39 28.19
N VAL A 393 -43.57 11.46 27.06
CA VAL A 393 -44.49 12.56 26.76
C VAL A 393 -45.90 11.98 26.63
N ILE A 394 -46.86 12.60 27.31
CA ILE A 394 -48.25 12.16 27.28
C ILE A 394 -49.16 13.37 27.07
N PRO A 395 -49.30 13.88 25.85
CA PRO A 395 -50.16 15.05 25.62
C PRO A 395 -51.63 14.69 25.67
N ASN A 396 -52.46 15.69 25.97
CA ASN A 396 -53.92 15.54 26.01
C ASN A 396 -54.52 16.92 26.23
N ASP A 397 -55.85 16.95 26.44
CA ASP A 397 -56.58 18.15 26.83
C ASP A 397 -56.41 19.26 25.79
N ARG A 398 -56.99 19.03 24.62
CA ARG A 398 -56.90 19.96 23.49
C ARG A 398 -55.45 20.09 23.04
N LYS A 399 -54.95 19.00 22.46
CA LYS A 399 -53.52 18.78 22.27
C LYS A 399 -52.74 20.04 21.92
N ILE A 400 -53.08 20.69 20.82
CA ILE A 400 -52.34 21.88 20.41
C ILE A 400 -53.14 22.62 19.34
N ILE A 401 -53.12 23.95 19.45
CA ILE A 401 -53.46 24.85 18.35
C ILE A 401 -52.27 25.79 18.24
N TRP A 402 -51.26 25.37 17.48
CA TRP A 402 -49.93 25.95 17.61
C TRP A 402 -49.88 27.40 17.13
N PRO A 403 -50.10 27.67 15.84
CA PRO A 403 -49.84 28.99 15.29
C PRO A 403 -51.02 29.94 15.46
N GLY A 404 -50.69 31.24 15.50
CA GLY A 404 -51.71 32.26 15.63
C GLY A 404 -52.50 32.52 14.37
N GLY A 405 -51.96 32.14 13.21
CA GLY A 405 -52.65 32.36 11.96
C GLY A 405 -53.45 31.16 11.51
N GLU A 406 -52.93 29.96 11.74
CA GLU A 406 -53.60 28.75 11.31
C GLU A 406 -54.46 28.16 12.42
N THR A 407 -53.85 27.83 13.56
CA THR A 407 -54.49 27.18 14.70
C THR A 407 -54.84 25.72 14.42
N GLU A 408 -54.55 25.21 13.22
CA GLU A 408 -54.85 23.84 12.86
C GLU A 408 -53.63 22.96 13.12
N LYS A 409 -53.67 21.74 12.63
CA LYS A 409 -52.57 20.80 12.82
C LYS A 409 -51.29 21.38 12.21
N PRO A 410 -50.20 21.54 12.99
CA PRO A 410 -48.95 22.06 12.42
C PRO A 410 -48.24 20.98 11.60
N ARG A 411 -48.15 21.20 10.29
CA ARG A 411 -47.47 20.24 9.43
C ARG A 411 -45.99 20.13 9.80
N GLY A 412 -45.34 21.26 10.07
CA GLY A 412 -43.94 21.26 10.46
C GLY A 412 -43.01 21.81 9.40
N TYR A 413 -42.07 20.99 8.94
CA TYR A 413 -41.09 21.43 7.97
C TYR A 413 -41.77 21.96 6.72
N GLN A 414 -41.25 23.09 6.21
CA GLN A 414 -41.77 23.72 5.01
C GLN A 414 -40.67 23.78 3.95
N MET A 415 -41.00 23.38 2.73
CA MET A 415 -40.03 23.36 1.65
C MET A 415 -39.89 24.77 1.06
N SER A 416 -39.20 24.87 -0.07
CA SER A 416 -38.97 26.14 -0.75
C SER A 416 -39.20 25.97 -2.23
N THR A 417 -39.48 27.09 -2.91
CA THR A 417 -39.72 27.11 -4.34
C THR A 417 -38.62 27.84 -5.09
N ARG A 418 -38.35 29.09 -4.73
CA ARG A 418 -37.32 29.86 -5.42
C ARG A 418 -35.94 29.31 -5.07
N LEU A 419 -35.03 29.35 -6.05
CA LEU A 419 -33.69 28.82 -5.87
C LEU A 419 -32.69 29.70 -6.60
N LYS A 420 -31.51 29.86 -5.99
CA LYS A 420 -30.41 30.61 -6.58
C LYS A 420 -29.38 29.62 -7.12
N ILE A 421 -28.91 29.85 -8.35
CA ILE A 421 -28.13 28.88 -9.09
C ILE A 421 -26.81 29.50 -9.51
N VAL A 422 -25.74 28.72 -9.40
CA VAL A 422 -24.40 29.17 -9.75
C VAL A 422 -24.30 29.34 -11.25
N THR A 423 -23.21 29.93 -11.72
CA THR A 423 -22.99 30.11 -13.15
C THR A 423 -21.50 30.33 -13.40
N ILE A 424 -20.96 29.63 -14.39
CA ILE A 424 -19.57 29.76 -14.79
C ILE A 424 -19.53 29.83 -16.31
N HIS A 425 -18.53 30.55 -16.83
CA HIS A 425 -18.41 30.77 -18.27
C HIS A 425 -17.52 29.69 -18.88
N GLN A 426 -18.05 29.00 -19.89
CA GLN A 426 -17.34 27.91 -20.53
C GLN A 426 -18.08 27.44 -21.78
N GLU A 427 -17.34 27.24 -22.87
CA GLU A 427 -17.98 26.97 -24.15
C GLU A 427 -18.93 25.78 -24.15
N PRO A 428 -18.59 24.64 -23.53
CA PRO A 428 -19.50 23.48 -23.58
C PRO A 428 -20.96 23.81 -23.35
N PHE A 429 -21.28 24.51 -22.27
CA PHE A 429 -22.68 24.80 -21.95
C PHE A 429 -22.90 26.20 -21.41
N VAL A 430 -21.88 27.07 -21.44
CA VAL A 430 -21.99 28.43 -20.92
C VAL A 430 -21.51 29.37 -22.03
N TYR A 431 -22.45 29.84 -22.85
CA TYR A 431 -22.17 30.88 -23.84
C TYR A 431 -22.91 32.14 -23.43
N VAL A 432 -22.16 33.23 -23.25
CA VAL A 432 -22.69 34.48 -22.71
C VAL A 432 -22.43 35.58 -23.72
N LYS A 433 -23.46 36.38 -23.99
CA LYS A 433 -23.36 37.47 -24.95
C LYS A 433 -24.12 38.69 -24.44
N PRO A 434 -23.75 39.89 -24.89
CA PRO A 434 -24.49 41.08 -24.47
C PRO A 434 -25.85 41.16 -25.13
N THR A 435 -26.73 41.92 -24.50
CA THR A 435 -28.09 42.15 -24.97
C THR A 435 -28.26 43.61 -25.37
N LEU A 436 -29.48 43.96 -25.75
CA LEU A 436 -29.79 45.33 -26.15
C LEU A 436 -30.10 46.19 -24.93
N THR A 440 -35.10 41.53 -23.94
CA THR A 440 -34.04 42.23 -24.67
C THR A 440 -33.08 41.22 -25.31
N CYS A 441 -33.11 39.98 -24.83
CA CYS A 441 -32.20 38.97 -25.35
C CYS A 441 -32.52 38.66 -26.81
N LYS A 442 -31.47 38.50 -27.62
CA LYS A 442 -31.66 38.20 -29.02
C LYS A 442 -32.40 36.88 -29.19
N GLU A 443 -33.36 36.87 -30.10
CA GLU A 443 -34.14 35.68 -30.43
C GLU A 443 -33.72 35.17 -31.80
N GLU A 444 -33.37 33.89 -31.88
CA GLU A 444 -32.94 33.30 -33.14
C GLU A 444 -33.35 31.83 -33.16
N PHE A 445 -33.92 31.40 -34.29
CA PHE A 445 -34.28 30.01 -34.45
C PHE A 445 -33.03 29.14 -34.48
N THR A 446 -33.14 27.96 -33.87
CA THR A 446 -32.01 27.03 -33.83
C THR A 446 -31.83 26.40 -35.21
N VAL A 447 -30.81 25.53 -35.31
CA VAL A 447 -30.55 24.85 -36.58
C VAL A 447 -31.77 24.04 -37.01
N ASN A 448 -32.37 23.31 -36.07
CA ASN A 448 -33.60 22.57 -36.36
C ASN A 448 -34.78 23.49 -36.62
N GLY A 449 -34.68 24.78 -36.29
CA GLY A 449 -35.73 25.75 -36.50
C GLY A 449 -36.34 26.28 -35.22
N ASP A 450 -36.45 25.43 -34.20
CA ASP A 450 -37.02 25.88 -32.94
C ASP A 450 -36.11 26.93 -32.28
N PRO A 451 -36.69 27.87 -31.54
CA PRO A 451 -35.87 28.90 -30.90
C PRO A 451 -34.86 28.29 -29.94
N VAL A 452 -33.66 28.88 -29.91
CA VAL A 452 -32.59 28.47 -29.02
C VAL A 452 -32.67 29.37 -27.78
N LYS A 453 -33.12 28.79 -26.66
CA LYS A 453 -33.33 29.58 -25.47
C LYS A 453 -32.01 30.20 -25.00
N LYS A 454 -32.11 31.42 -24.48
CA LYS A 454 -30.95 32.12 -23.92
C LYS A 454 -31.48 33.08 -22.87
N VAL A 455 -31.35 32.70 -21.60
CA VAL A 455 -32.01 33.41 -20.53
C VAL A 455 -31.09 34.50 -20.00
N ILE A 456 -31.69 35.55 -19.44
CA ILE A 456 -30.93 36.63 -18.84
C ILE A 456 -30.09 36.08 -17.70
N CYS A 457 -28.79 36.31 -17.75
CA CYS A 457 -27.85 35.75 -16.79
C CYS A 457 -26.91 36.87 -16.37
N THR A 458 -26.80 37.11 -15.08
CA THR A 458 -26.09 38.27 -14.56
C THR A 458 -24.91 37.85 -13.71
N GLY A 459 -23.81 38.61 -13.83
CA GLY A 459 -22.63 38.38 -13.05
C GLY A 459 -21.48 39.25 -13.50
N PRO A 460 -20.31 39.09 -12.88
CA PRO A 460 -19.15 39.89 -13.27
C PRO A 460 -18.70 39.55 -14.70
N ASN A 461 -18.08 40.54 -15.33
CA ASN A 461 -17.58 40.37 -16.69
C ASN A 461 -16.30 39.53 -16.69
N PRO A 468 -11.81 46.75 -10.59
CA PRO A 468 -13.11 47.26 -11.03
C PRO A 468 -14.27 46.45 -10.46
N ARG A 469 -15.49 47.00 -10.52
CA ARG A 469 -16.67 46.32 -10.02
C ARG A 469 -17.89 46.86 -10.78
N HIS A 470 -18.35 46.09 -11.77
CA HIS A 470 -19.55 46.44 -12.50
C HIS A 470 -20.30 45.15 -12.82
N THR A 471 -21.60 45.12 -12.50
CA THR A 471 -22.41 43.94 -12.73
C THR A 471 -22.86 43.90 -14.18
N VAL A 472 -22.62 42.78 -14.85
CA VAL A 472 -22.95 42.59 -16.25
C VAL A 472 -24.18 41.68 -16.32
N PRO A 473 -25.36 42.20 -16.66
CA PRO A 473 -26.54 41.32 -16.93
C PRO A 473 -26.61 40.89 -18.39
N GLN A 474 -25.78 39.91 -18.74
CA GLN A 474 -25.69 39.43 -20.11
C GLN A 474 -26.82 38.43 -20.35
N CYS A 475 -26.76 37.70 -21.46
CA CYS A 475 -27.67 36.60 -21.74
C CYS A 475 -26.84 35.34 -21.94
N CYS A 476 -27.20 34.28 -21.23
CA CYS A 476 -26.43 33.03 -21.26
C CYS A 476 -27.31 31.90 -21.78
N TYR A 477 -26.66 30.96 -22.45
CA TYR A 477 -27.35 29.82 -23.04
C TYR A 477 -26.39 28.64 -23.13
N GLY A 478 -26.98 27.46 -23.26
CA GLY A 478 -26.22 26.23 -23.39
C GLY A 478 -27.07 25.03 -23.06
N PHE A 479 -26.54 23.85 -23.41
CA PHE A 479 -27.28 22.62 -23.15
C PHE A 479 -27.58 22.47 -21.67
N CYS A 480 -26.67 22.91 -20.80
CA CYS A 480 -26.92 22.86 -19.36
C CYS A 480 -28.11 23.72 -19.00
N ILE A 481 -28.24 24.88 -19.62
CA ILE A 481 -29.39 25.73 -19.38
C ILE A 481 -30.67 25.00 -19.76
N ASP A 482 -30.67 24.33 -20.91
CA ASP A 482 -31.84 23.57 -21.33
C ASP A 482 -32.15 22.46 -20.35
N LEU A 483 -31.13 21.80 -19.83
CA LEU A 483 -31.34 20.76 -18.84
C LEU A 483 -31.98 21.33 -17.59
N LEU A 484 -31.53 22.51 -17.16
CA LEU A 484 -32.14 23.18 -16.01
C LEU A 484 -33.60 23.50 -16.29
N ILE A 485 -33.90 23.96 -17.52
CA ILE A 485 -35.28 24.23 -17.89
C ILE A 485 -36.12 22.96 -17.80
N LYS A 486 -35.58 21.84 -18.30
CA LYS A 486 -36.30 20.59 -18.22
C LYS A 486 -36.58 20.20 -16.78
N LEU A 487 -35.57 20.34 -15.91
CA LEU A 487 -35.74 20.01 -14.51
C LEU A 487 -36.83 20.86 -13.88
N ALA A 488 -36.78 22.18 -14.11
CA ALA A 488 -37.76 23.07 -13.52
C ALA A 488 -39.17 22.75 -14.02
N ARG A 489 -39.32 22.51 -15.32
CA ARG A 489 -40.61 22.09 -15.84
C ARG A 489 -41.05 20.78 -15.20
N THR A 490 -40.09 19.95 -14.79
CA THR A 490 -40.43 18.68 -14.16
C THR A 490 -40.94 18.86 -12.73
N MET A 491 -40.41 19.85 -11.99
CA MET A 491 -40.86 20.08 -10.62
C MET A 491 -41.31 21.51 -10.36
N ASN A 492 -41.65 22.27 -11.40
CA ASN A 492 -42.10 23.66 -11.34
C ASN A 492 -41.24 24.47 -10.36
N PHE A 493 -39.96 24.61 -10.70
CA PHE A 493 -39.07 25.45 -9.93
C PHE A 493 -39.30 26.92 -10.27
N THR A 494 -38.74 27.78 -9.41
CA THR A 494 -38.69 29.23 -9.63
C THR A 494 -37.21 29.59 -9.57
N TYR A 495 -36.54 29.48 -10.72
CA TYR A 495 -35.09 29.50 -10.77
C TYR A 495 -34.53 30.91 -10.93
N GLU A 496 -33.22 31.00 -10.79
CA GLU A 496 -32.45 32.21 -11.05
C GLU A 496 -31.08 31.78 -11.55
N VAL A 497 -30.12 32.69 -11.58
CA VAL A 497 -28.77 32.39 -12.02
C VAL A 497 -27.83 33.47 -11.52
N HIS A 498 -26.56 33.14 -11.41
CA HIS A 498 -25.55 34.10 -10.97
C HIS A 498 -24.18 33.61 -11.41
N LEU A 499 -23.48 34.42 -12.21
CA LEU A 499 -22.13 34.05 -12.63
C LEU A 499 -21.18 34.09 -11.45
N VAL A 500 -20.08 33.37 -11.57
CA VAL A 500 -19.11 33.22 -10.49
C VAL A 500 -17.97 34.20 -10.70
N ALA A 501 -17.28 34.53 -9.60
CA ALA A 501 -16.13 35.42 -9.69
C ALA A 501 -15.01 34.80 -10.50
N ASP A 502 -14.77 33.50 -10.32
CA ASP A 502 -13.69 32.81 -11.02
C ASP A 502 -14.04 31.34 -11.11
N GLY A 503 -13.23 30.60 -11.87
CA GLY A 503 -13.46 29.18 -12.07
C GLY A 503 -13.13 28.35 -10.84
N VAL A 511 -4.24 25.78 8.96
CA VAL A 511 -5.00 26.94 8.51
C VAL A 511 -4.39 28.21 9.11
N ASN A 512 -3.15 28.50 8.73
CA ASN A 512 -2.48 29.69 9.26
C ASN A 512 -3.27 30.95 8.94
N ASN A 513 -3.35 31.31 7.66
CA ASN A 513 -4.09 32.49 7.22
C ASN A 513 -5.30 32.09 6.37
N SER A 514 -5.10 31.31 5.31
CA SER A 514 -6.21 30.88 4.46
C SER A 514 -5.68 29.80 3.53
N ASN A 515 -6.14 28.57 3.73
CA ASN A 515 -5.67 27.45 2.90
C ASN A 515 -6.81 26.59 2.40
N LYS A 516 -7.92 26.54 3.14
CA LYS A 516 -9.00 25.59 2.85
C LYS A 516 -10.17 26.24 2.10
N LYS A 517 -10.76 27.29 2.68
CA LYS A 517 -11.96 27.92 2.12
C LYS A 517 -11.54 28.94 1.06
N GLU A 518 -11.13 28.42 -0.09
CA GLU A 518 -10.68 29.26 -1.19
C GLU A 518 -11.24 28.83 -2.55
N TRP A 519 -11.97 27.73 -2.63
CA TRP A 519 -12.48 27.27 -3.92
C TRP A 519 -13.55 28.21 -4.43
N ASN A 520 -13.60 28.36 -5.76
CA ASN A 520 -14.56 29.28 -6.37
C ASN A 520 -15.93 28.62 -6.53
N GLY A 521 -16.00 27.54 -7.30
CA GLY A 521 -17.27 26.93 -7.62
C GLY A 521 -18.01 26.40 -6.42
N MET A 522 -17.49 25.32 -5.82
CA MET A 522 -18.18 24.69 -4.70
C MET A 522 -18.24 25.61 -3.49
N MET A 523 -17.08 26.16 -3.09
CA MET A 523 -17.04 27.04 -1.93
C MET A 523 -17.86 28.30 -2.18
N GLY A 524 -17.74 28.88 -3.36
CA GLY A 524 -18.53 30.07 -3.67
C GLY A 524 -20.02 29.79 -3.61
N GLU A 525 -20.45 28.65 -4.15
CA GLU A 525 -21.85 28.29 -4.09
C GLU A 525 -22.30 28.10 -2.65
N LEU A 526 -21.49 27.42 -1.84
CA LEU A 526 -21.89 27.17 -0.45
C LEU A 526 -21.99 28.47 0.33
N LEU A 527 -21.01 29.36 0.17
CA LEU A 527 -20.99 30.59 0.96
C LEU A 527 -22.02 31.59 0.48
N SER A 528 -22.17 31.75 -0.84
CA SER A 528 -23.06 32.77 -1.39
C SER A 528 -24.54 32.45 -1.15
N GLY A 529 -24.86 31.26 -0.67
CA GLY A 529 -26.23 30.90 -0.41
C GLY A 529 -27.01 30.45 -1.63
N GLN A 530 -26.35 30.30 -2.78
CA GLN A 530 -27.05 29.83 -3.96
C GLN A 530 -27.56 28.41 -3.74
N ALA A 531 -28.73 28.12 -4.31
CA ALA A 531 -29.33 26.80 -4.17
C ALA A 531 -28.39 25.72 -4.67
N ASP A 532 -28.76 24.47 -4.41
CA ASP A 532 -27.89 23.33 -4.69
C ASP A 532 -27.64 23.14 -6.17
N MET A 533 -28.27 23.95 -7.02
CA MET A 533 -28.06 23.84 -8.45
C MET A 533 -26.70 24.42 -8.82
N ILE A 534 -25.95 23.68 -9.63
CA ILE A 534 -24.69 24.13 -10.20
C ILE A 534 -24.71 23.83 -11.68
N VAL A 535 -23.86 24.53 -12.43
CA VAL A 535 -23.96 24.53 -13.89
C VAL A 535 -23.05 23.46 -14.50
N ALA A 536 -21.74 23.56 -14.29
CA ALA A 536 -20.83 22.72 -15.06
C ALA A 536 -20.32 21.55 -14.24
N PRO A 537 -20.03 20.41 -14.86
CA PRO A 537 -19.49 19.28 -14.09
C PRO A 537 -18.18 19.64 -13.39
N LEU A 538 -17.29 20.35 -14.08
CA LEU A 538 -16.01 20.77 -13.51
C LEU A 538 -15.41 19.62 -12.70
N THR A 539 -15.09 19.86 -11.43
CA THR A 539 -14.54 18.80 -10.60
C THR A 539 -15.60 17.78 -10.24
N ILE A 540 -15.24 16.50 -10.32
CA ILE A 540 -16.04 15.39 -9.80
C ILE A 540 -15.07 14.50 -9.04
N ASN A 541 -15.00 14.67 -7.72
CA ASN A 541 -13.98 14.03 -6.92
C ASN A 541 -14.55 13.75 -5.53
N ASN A 542 -13.71 13.19 -4.66
CA ASN A 542 -14.13 12.88 -3.30
C ASN A 542 -14.23 14.13 -2.45
N GLU A 543 -13.32 15.09 -2.63
CA GLU A 543 -13.30 16.27 -1.79
C GLU A 543 -14.54 17.12 -2.01
N ARG A 544 -14.84 17.45 -3.26
CA ARG A 544 -16.07 18.18 -3.54
C ARG A 544 -17.30 17.37 -3.13
N ALA A 545 -17.20 16.04 -3.21
CA ALA A 545 -18.32 15.20 -2.79
C ALA A 545 -18.61 15.39 -1.30
N GLN A 546 -17.63 15.10 -0.45
CA GLN A 546 -17.82 15.29 0.98
C GLN A 546 -18.19 16.74 1.29
N TYR A 547 -17.76 17.68 0.46
CA TYR A 547 -18.07 19.08 0.68
C TYR A 547 -19.57 19.29 0.74
N ILE A 548 -20.27 19.08 -0.38
CA ILE A 548 -21.73 19.22 -0.38
C ILE A 548 -22.40 17.94 -0.85
N GLU A 549 -22.23 17.60 -2.13
CA GLU A 549 -22.88 16.44 -2.71
C GLU A 549 -22.51 16.36 -4.19
N PHE A 550 -22.74 15.19 -4.77
CA PHE A 550 -22.62 15.00 -6.22
C PHE A 550 -23.81 14.17 -6.67
N SER A 551 -24.59 14.71 -7.61
CA SER A 551 -25.75 13.99 -8.13
C SER A 551 -25.29 12.92 -9.12
N LYS A 552 -26.25 12.16 -9.63
CA LYS A 552 -25.92 11.16 -10.63
C LYS A 552 -25.31 11.82 -11.85
N PRO A 553 -24.29 11.22 -12.47
CA PRO A 553 -23.58 11.90 -13.56
C PRO A 553 -24.47 12.06 -14.78
N PHE A 554 -24.74 13.31 -15.15
CA PHE A 554 -25.51 13.57 -16.36
C PHE A 554 -24.80 13.03 -17.59
N LYS A 555 -23.47 13.01 -17.56
CA LYS A 555 -22.69 12.46 -18.66
C LYS A 555 -21.43 11.83 -18.09
N TYR A 556 -20.85 10.90 -18.85
CA TYR A 556 -19.60 10.24 -18.49
C TYR A 556 -18.50 10.75 -19.40
N GLN A 557 -17.48 11.37 -18.81
CA GLN A 557 -16.41 12.02 -19.56
C GLN A 557 -15.07 11.63 -18.96
N GLY A 558 -14.00 12.07 -19.62
CA GLY A 558 -12.65 11.80 -19.16
C GLY A 558 -11.75 13.01 -19.33
N LEU A 559 -10.51 12.79 -19.76
CA LEU A 559 -9.55 13.87 -19.96
C LEU A 559 -8.69 13.55 -21.16
N THR A 560 -8.29 14.59 -21.89
CA THR A 560 -7.52 14.46 -23.12
C THR A 560 -6.74 15.75 -23.35
N ILE A 561 -6.20 15.89 -24.57
CA ILE A 561 -5.31 16.98 -24.90
C ILE A 561 -5.61 17.49 -26.31
N LEU A 562 -5.42 18.79 -26.49
CA LEU A 562 -5.53 19.44 -27.79
C LEU A 562 -4.20 20.10 -28.13
N VAL A 563 -3.77 19.97 -29.39
CA VAL A 563 -2.52 20.54 -29.87
C VAL A 563 -2.72 21.01 -31.30
N LYS A 564 -1.66 21.55 -31.88
CA LYS A 564 -1.67 22.02 -33.27
C LYS A 564 -1.04 20.95 -34.16
N LYS A 565 -1.81 20.48 -35.14
CA LYS A 565 -1.31 19.43 -36.02
C LYS A 565 -0.12 19.92 -36.83
N GLU A 566 0.87 19.04 -36.99
CA GLU A 566 2.06 19.39 -37.74
C GLU A 566 1.76 19.46 -39.24
N ILE A 567 2.49 20.34 -39.92
CA ILE A 567 2.34 20.57 -41.35
C ILE A 567 0.88 20.56 -41.76
N ARG A 569 5.93 19.10 -44.96
CA ARG A 569 6.61 19.93 -45.97
C ARG A 569 7.92 19.30 -46.40
N SER A 570 7.88 18.54 -47.49
CA SER A 570 9.07 17.85 -47.98
C SER A 570 10.05 18.84 -48.58
N THR A 571 11.34 18.54 -48.42
CA THR A 571 12.41 19.35 -48.97
C THR A 571 13.60 18.43 -49.25
N LEU A 572 14.77 19.02 -49.46
CA LEU A 572 16.01 18.27 -49.63
C LEU A 572 15.92 17.31 -50.82
N ASP A 573 15.79 17.91 -52.00
CA ASP A 573 15.75 17.13 -53.23
C ASP A 573 16.93 16.16 -53.29
N SER A 574 18.14 16.67 -53.04
CA SER A 574 19.35 15.85 -53.08
C SER A 574 19.44 15.08 -54.39
N PHE A 575 19.04 15.75 -55.48
CA PHE A 575 19.06 15.13 -56.80
C PHE A 575 20.49 15.00 -57.31
N GLN A 577 22.30 16.78 -55.21
CA GLN A 577 23.20 17.40 -54.25
C GLN A 577 24.24 18.25 -54.98
N PRO A 578 24.96 19.09 -54.25
CA PRO A 578 25.99 19.93 -54.88
C PRO A 578 27.14 19.14 -55.48
N PHE A 579 27.29 17.86 -55.13
CA PHE A 579 28.47 17.11 -55.54
C PHE A 579 28.64 17.12 -57.06
N GLN A 580 27.73 16.46 -57.78
CA GLN A 580 27.76 16.38 -59.23
C GLN A 580 29.06 15.79 -59.77
N SER A 581 29.92 15.26 -58.88
CA SER A 581 31.25 14.83 -59.33
C SER A 581 31.16 13.54 -60.13
N THR A 582 30.36 12.58 -59.67
CA THR A 582 30.36 11.26 -60.29
C THR A 582 29.93 11.35 -61.76
N LEU A 583 28.87 12.09 -62.04
CA LEU A 583 28.38 12.19 -63.41
C LEU A 583 29.46 12.74 -64.34
N TRP A 584 30.05 13.88 -63.97
CA TRP A 584 31.02 14.53 -64.83
C TRP A 584 32.27 13.68 -65.01
N LEU A 585 32.80 13.12 -63.92
CA LEU A 585 34.01 12.31 -64.04
C LEU A 585 33.75 11.06 -64.88
N LEU A 586 32.59 10.41 -64.68
CA LEU A 586 32.30 9.20 -65.43
C LEU A 586 32.08 9.50 -66.90
N VAL A 587 31.40 10.60 -67.22
CA VAL A 587 31.21 10.94 -68.63
C VAL A 587 32.55 11.29 -69.28
N GLY A 588 33.43 11.97 -68.55
CA GLY A 588 34.76 12.22 -69.08
C GLY A 588 35.52 10.94 -69.37
N LEU A 589 35.48 10.01 -68.42
CA LEU A 589 36.18 8.74 -68.60
C LEU A 589 35.62 7.98 -69.79
N SER A 590 34.29 7.93 -69.92
CA SER A 590 33.68 7.24 -71.05
C SER A 590 34.04 7.91 -72.36
N VAL A 591 34.05 9.25 -72.40
CA VAL A 591 34.46 9.95 -73.60
C VAL A 591 35.88 9.56 -73.98
N HIS A 592 36.78 9.54 -72.99
CA HIS A 592 38.17 9.20 -73.28
C HIS A 592 38.30 7.75 -73.79
N VAL A 593 37.60 6.81 -73.15
CA VAL A 593 37.76 5.41 -73.54
C VAL A 593 37.19 5.19 -74.94
N VAL A 594 36.03 5.77 -75.24
CA VAL A 594 35.46 5.62 -76.58
C VAL A 594 36.34 6.33 -77.60
N ALA A 595 36.94 7.46 -77.22
CA ALA A 595 37.83 8.16 -78.14
C ALA A 595 39.05 7.32 -78.49
N VAL A 596 39.64 6.65 -77.50
CA VAL A 596 40.78 5.78 -77.79
C VAL A 596 40.34 4.57 -78.60
N MET A 597 39.14 4.06 -78.33
CA MET A 597 38.64 2.93 -79.12
C MET A 597 38.50 3.32 -80.59
N LEU A 598 37.96 4.52 -80.85
CA LEU A 598 37.74 4.94 -82.24
C LEU A 598 39.04 5.34 -82.91
N TYR A 599 39.89 6.10 -82.21
CA TYR A 599 41.06 6.69 -82.84
C TYR A 599 42.00 5.61 -83.38
N LEU A 600 42.38 4.65 -82.54
CA LEU A 600 43.29 3.59 -82.96
C LEU A 600 42.62 2.61 -83.91
N LEU A 601 41.31 2.67 -84.05
CA LEU A 601 40.57 1.85 -85.02
C LEU A 601 40.04 2.67 -86.19
N ASP A 602 40.50 3.91 -86.35
CA ASP A 602 40.08 4.76 -87.47
C ASP A 602 41.27 5.31 -88.23
N ARG A 603 42.43 4.65 -88.16
CA ARG A 603 43.62 5.10 -88.87
C ARG A 603 44.54 3.92 -89.18
N THR A 623 33.80 11.42 -84.76
CA THR A 623 35.16 11.70 -84.29
C THR A 623 35.19 11.82 -82.77
N LEU A 624 36.23 12.46 -82.25
CA LEU A 624 36.34 12.66 -80.81
C LEU A 624 35.14 13.45 -80.28
N SER A 625 34.81 14.57 -80.93
CA SER A 625 33.67 15.36 -80.51
C SER A 625 32.36 14.61 -80.79
N SER A 626 32.24 13.97 -81.96
CA SER A 626 31.05 13.21 -82.26
C SER A 626 30.88 12.04 -81.29
N ALA A 627 31.98 11.34 -81.00
CA ALA A 627 31.91 10.25 -80.03
C ALA A 627 31.52 10.77 -78.66
N MET A 628 32.07 11.92 -78.26
CA MET A 628 31.72 12.51 -76.97
C MET A 628 30.24 12.85 -76.91
N TRP A 629 29.69 13.43 -77.99
CA TRP A 629 28.28 13.76 -78.01
C TRP A 629 27.42 12.49 -77.94
N PHE A 630 27.80 11.45 -78.69
CA PHE A 630 27.04 10.22 -78.66
C PHE A 630 27.05 9.60 -77.27
N SER A 631 28.22 9.58 -76.61
CA SER A 631 28.31 9.04 -75.26
C SER A 631 27.50 9.87 -74.27
N TRP A 632 27.56 11.21 -74.41
CA TRP A 632 26.79 12.06 -73.52
C TRP A 632 25.30 11.78 -73.66
N GLY A 633 24.83 11.62 -74.90
CA GLY A 633 23.44 11.25 -75.09
C GLY A 633 23.12 9.89 -74.51
N VAL A 634 24.02 8.92 -74.70
CA VAL A 634 23.78 7.56 -74.22
C VAL A 634 23.65 7.55 -72.70
N LEU A 635 24.45 8.36 -72.02
CA LEU A 635 24.48 8.35 -70.56
C LEU A 635 23.21 8.93 -69.92
N LEU A 636 22.30 9.50 -70.71
CA LEU A 636 21.19 10.28 -70.18
C LEU A 636 19.83 9.83 -70.69
N ASN A 637 19.72 8.57 -71.14
CA ASN A 637 18.43 7.93 -71.43
C ASN A 637 17.64 8.71 -72.49
N SER A 638 18.22 8.74 -73.70
CA SER A 638 17.51 9.26 -74.86
C SER A 638 18.02 8.54 -76.10
N GLY A 639 17.20 8.59 -77.15
CA GLY A 639 17.52 7.92 -78.40
C GLY A 639 18.02 8.87 -79.47
N ILE A 640 18.40 10.09 -79.08
CA ILE A 640 18.79 11.10 -80.04
C ILE A 640 20.10 10.81 -80.73
N GLY A 641 20.86 9.81 -80.26
CA GLY A 641 22.13 9.47 -80.86
C GLY A 641 22.04 9.14 -82.34
N ARG A 651 32.60 -2.83 -83.44
CA ARG A 651 31.79 -2.84 -82.23
C ARG A 651 31.82 -4.23 -81.59
N ILE A 652 33.00 -4.62 -81.12
CA ILE A 652 33.16 -5.93 -80.50
C ILE A 652 33.00 -5.88 -78.98
N LEU A 653 33.16 -4.70 -78.37
CA LEU A 653 33.12 -4.60 -76.91
C LEU A 653 32.39 -3.36 -76.41
N GLY A 654 31.81 -2.54 -77.29
CA GLY A 654 31.13 -1.34 -76.83
C GLY A 654 29.99 -1.66 -75.87
N MET A 655 29.27 -2.75 -76.12
CA MET A 655 28.16 -3.13 -75.25
C MET A 655 28.58 -3.19 -73.79
N VAL A 656 29.83 -3.59 -73.53
CA VAL A 656 30.29 -3.68 -72.15
C VAL A 656 30.08 -2.35 -71.45
N TRP A 657 30.51 -1.26 -72.09
CA TRP A 657 30.26 0.06 -71.53
C TRP A 657 28.78 0.24 -71.22
N ALA A 658 27.93 -0.02 -72.21
CA ALA A 658 26.49 0.14 -72.03
C ALA A 658 26.07 -0.42 -70.69
N GLY A 659 26.65 -1.57 -70.31
CA GLY A 659 26.32 -2.20 -69.06
C GLY A 659 26.21 -1.20 -67.92
N PHE A 660 27.32 -0.55 -67.58
CA PHE A 660 27.31 0.30 -66.39
C PHE A 660 26.14 1.26 -66.43
N ALA A 661 25.86 1.84 -67.61
CA ALA A 661 24.79 2.80 -67.74
C ALA A 661 23.56 2.31 -66.99
N MET A 662 23.03 1.17 -67.40
CA MET A 662 21.82 0.66 -66.77
C MET A 662 21.93 0.76 -65.26
N ILE A 663 22.91 0.06 -64.69
CA ILE A 663 22.94 -0.05 -63.23
C ILE A 663 23.07 1.34 -62.61
N ILE A 664 23.93 2.20 -63.17
CA ILE A 664 24.12 3.48 -62.53
C ILE A 664 22.80 4.23 -62.46
N VAL A 665 22.02 4.18 -63.55
CA VAL A 665 20.72 4.84 -63.54
C VAL A 665 19.90 4.30 -62.38
N ALA A 666 19.81 2.97 -62.29
CA ALA A 666 19.10 2.35 -61.17
C ALA A 666 19.61 2.92 -59.86
N SER A 667 20.94 2.93 -59.68
CA SER A 667 21.50 3.44 -58.45
C SER A 667 20.96 4.82 -58.15
N TYR A 668 21.03 5.72 -59.14
CA TYR A 668 20.51 7.08 -58.92
C TYR A 668 19.07 7.00 -58.46
N THR A 669 18.23 6.31 -59.22
CA THR A 669 16.83 6.19 -58.85
C THR A 669 16.70 5.60 -57.46
N ALA A 670 17.52 4.57 -57.16
CA ALA A 670 17.49 3.97 -55.83
C ALA A 670 17.66 5.04 -54.76
N ASN A 671 18.68 5.88 -54.92
CA ASN A 671 18.90 6.91 -53.91
C ASN A 671 17.69 7.83 -53.82
N LEU A 672 17.11 8.18 -54.98
CA LEU A 672 15.87 8.95 -54.97
C LEU A 672 14.83 8.25 -54.10
N ALA A 673 14.63 6.95 -54.33
CA ALA A 673 13.71 6.20 -53.48
C ALA A 673 14.16 6.25 -52.03
N ALA A 674 15.47 6.10 -51.79
CA ALA A 674 15.98 6.28 -50.43
C ALA A 674 15.65 7.68 -49.93
N PHE A 675 15.83 8.69 -50.77
CA PHE A 675 15.35 10.03 -50.42
C PHE A 675 13.83 10.05 -50.31
N LEU A 676 13.14 9.33 -51.21
CA LEU A 676 11.69 9.32 -51.17
C LEU A 676 11.18 8.73 -49.86
N VAL A 677 11.79 7.62 -49.41
CA VAL A 677 11.38 7.00 -48.17
C VAL A 677 11.86 7.86 -47.00
N LEU A 678 10.93 8.23 -46.13
CA LEU A 678 11.26 9.03 -44.96
C LEU A 678 10.01 9.10 -44.08
N ASP A 679 10.17 9.66 -42.89
CA ASP A 679 9.08 9.80 -41.94
C ASP A 679 8.53 8.43 -41.56
N ARG A 684 3.16 13.61 -31.97
CA ARG A 684 3.00 14.24 -30.67
C ARG A 684 3.13 13.20 -29.55
N ILE A 685 2.82 13.61 -28.32
CA ILE A 685 2.93 12.70 -27.18
C ILE A 685 2.01 11.50 -27.37
N THR A 686 0.77 11.75 -27.78
CA THR A 686 -0.19 10.68 -28.04
C THR A 686 -0.40 9.81 -26.80
N GLY A 687 -0.43 10.44 -25.64
CA GLY A 687 -0.64 9.74 -24.38
C GLY A 687 0.26 10.28 -23.29
N ILE A 688 -0.20 10.13 -22.04
CA ILE A 688 0.57 10.59 -20.89
C ILE A 688 1.90 9.85 -20.79
N ASN A 689 1.98 8.64 -21.33
CA ASN A 689 3.21 7.86 -21.26
C ASN A 689 4.36 8.50 -22.02
N ASP A 690 4.09 9.48 -22.87
CA ASP A 690 5.16 10.14 -23.61
C ASP A 690 6.16 10.76 -22.62
N PRO A 691 7.46 10.46 -22.76
CA PRO A 691 8.42 10.99 -21.78
C PRO A 691 8.46 12.50 -21.71
N ARG A 692 8.23 13.19 -22.82
CA ARG A 692 8.22 14.65 -22.81
C ARG A 692 7.21 15.16 -21.79
N LEU A 693 6.00 14.60 -21.80
CA LEU A 693 5.02 14.96 -20.78
C LEU A 693 5.49 14.54 -19.40
N ARG A 694 6.08 13.35 -19.28
CA ARG A 694 6.54 12.86 -17.98
C ARG A 694 7.82 13.57 -17.56
N ASN A 695 8.89 13.41 -18.34
CA ASN A 695 10.14 14.07 -18.04
C ASN A 695 10.02 15.58 -18.25
N PRO A 696 10.75 16.39 -17.49
CA PRO A 696 10.70 17.84 -17.71
C PRO A 696 11.19 18.20 -19.11
N SER A 697 10.59 19.25 -19.67
CA SER A 697 10.95 19.72 -21.00
C SER A 697 10.86 21.24 -21.04
N ASP A 698 11.94 21.89 -21.48
CA ASP A 698 11.93 23.34 -21.61
C ASP A 698 10.98 23.78 -22.72
N LYS A 699 10.97 23.06 -23.84
CA LYS A 699 10.15 23.47 -24.99
C LYS A 699 8.70 23.02 -24.83
N PHE A 700 8.48 21.71 -24.73
CA PHE A 700 7.12 21.19 -24.62
C PHE A 700 6.44 21.75 -23.38
N ILE A 701 5.21 22.21 -23.55
CA ILE A 701 4.44 22.86 -22.49
C ILE A 701 3.25 21.97 -22.17
N TYR A 702 3.23 21.43 -20.95
CA TYR A 702 2.08 20.67 -20.46
C TYR A 702 1.16 21.64 -19.72
N ALA A 703 0.35 22.35 -20.50
CA ALA A 703 -0.48 23.41 -19.94
C ALA A 703 -1.50 22.83 -18.97
N THR A 704 -1.93 23.67 -18.02
CA THR A 704 -2.84 23.23 -16.96
C THR A 704 -3.96 24.24 -16.77
N VAL A 705 -4.77 24.04 -15.71
CA VAL A 705 -5.89 24.92 -15.40
C VAL A 705 -5.61 25.63 -14.09
N LYS A 706 -6.52 26.53 -13.69
CA LYS A 706 -6.35 27.32 -12.48
C LYS A 706 -6.88 26.53 -11.30
N GLN A 707 -6.10 25.52 -10.89
CA GLN A 707 -6.38 24.69 -9.72
C GLN A 707 -7.86 24.36 -9.59
N SER A 708 -8.53 24.05 -10.71
CA SER A 708 -9.95 23.71 -10.63
C SER A 708 -10.15 22.26 -10.21
N SER A 709 -9.82 21.33 -11.08
CA SER A 709 -9.90 19.90 -10.76
C SER A 709 -8.61 19.16 -11.03
N VAL A 710 -7.87 19.53 -12.08
CA VAL A 710 -6.68 18.78 -12.45
C VAL A 710 -5.64 18.82 -11.35
N ASP A 711 -5.53 19.95 -10.64
CA ASP A 711 -4.57 20.04 -9.55
C ASP A 711 -4.80 18.93 -8.53
N ILE A 712 -6.05 18.72 -8.13
CA ILE A 712 -6.36 17.66 -7.19
C ILE A 712 -6.02 16.30 -7.78
N TYR A 713 -6.38 16.08 -9.04
CA TYR A 713 -6.15 14.78 -9.66
C TYR A 713 -4.66 14.45 -9.73
N PHE A 714 -3.82 15.47 -9.89
CA PHE A 714 -2.38 15.24 -10.01
C PHE A 714 -1.69 15.21 -8.66
N ARG A 715 -2.21 15.90 -7.65
CA ARG A 715 -1.61 15.84 -6.33
C ARG A 715 -1.69 14.44 -5.74
N ARG A 716 -2.61 13.60 -6.22
CA ARG A 716 -2.66 12.22 -5.75
C ARG A 716 -1.38 11.47 -6.11
N GLN A 717 -0.88 11.66 -7.33
CA GLN A 717 0.34 11.01 -7.77
C GLN A 717 1.53 11.91 -7.42
N VAL A 718 2.41 11.40 -6.56
CA VAL A 718 3.56 12.21 -6.12
C VAL A 718 4.49 12.49 -7.29
N GLU A 719 4.66 11.51 -8.19
CA GLU A 719 5.63 11.65 -9.27
C GLU A 719 5.34 12.85 -10.16
N LEU A 720 4.11 13.34 -10.17
CA LEU A 720 3.73 14.49 -10.99
C LEU A 720 4.17 15.82 -10.39
N SER A 721 4.92 15.80 -9.28
CA SER A 721 5.33 17.04 -8.64
C SER A 721 5.98 17.99 -9.64
N THR A 722 6.95 17.49 -10.41
CA THR A 722 7.59 18.33 -11.42
C THR A 722 6.54 18.90 -12.38
N MET A 723 5.64 18.04 -12.86
CA MET A 723 4.53 18.54 -13.68
C MET A 723 3.70 19.54 -12.90
N TYR A 724 3.38 19.21 -11.64
CA TYR A 724 2.71 20.19 -10.79
C TYR A 724 3.54 21.46 -10.67
N ARG A 725 4.86 21.31 -10.63
CA ARG A 725 5.73 22.49 -10.67
C ARG A 725 5.43 23.33 -11.91
N HIS A 726 5.39 22.70 -13.08
CA HIS A 726 4.98 23.41 -14.28
C HIS A 726 3.56 23.93 -14.14
N MET A 727 2.70 23.19 -13.43
CA MET A 727 1.35 23.67 -13.17
C MET A 727 1.38 25.02 -12.47
N GLU A 728 2.40 25.29 -11.67
CA GLU A 728 2.50 26.57 -11.00
C GLU A 728 2.59 27.72 -12.00
N LYS A 729 3.14 27.46 -13.18
CA LYS A 729 3.28 28.48 -14.22
C LYS A 729 2.31 28.26 -15.37
N HIS A 730 1.33 27.37 -15.22
CA HIS A 730 0.40 27.04 -16.30
C HIS A 730 -1.03 26.99 -15.77
N ASN A 731 -1.37 27.91 -14.87
CA ASN A 731 -2.72 28.03 -14.32
C ASN A 731 -3.32 29.34 -14.80
N TYR A 732 -4.35 29.24 -15.64
CA TYR A 732 -4.97 30.41 -16.26
C TYR A 732 -6.43 30.49 -15.87
N GLU A 733 -7.00 31.68 -16.05
CA GLU A 733 -8.35 31.94 -15.55
C GLU A 733 -9.39 31.04 -16.21
N SER A 734 -9.30 30.84 -17.52
CA SER A 734 -10.31 30.09 -18.25
C SER A 734 -9.66 29.22 -19.30
N ALA A 735 -10.36 28.14 -19.66
CA ALA A 735 -9.88 27.26 -20.72
C ALA A 735 -9.84 27.97 -22.06
N ALA A 736 -10.77 28.90 -22.29
CA ALA A 736 -10.72 29.68 -23.52
C ALA A 736 -9.43 30.47 -23.62
N GLU A 737 -8.96 31.02 -22.49
CA GLU A 737 -7.69 31.74 -22.51
C GLU A 737 -6.55 30.83 -22.92
N ALA A 738 -6.50 29.61 -22.36
CA ALA A 738 -5.47 28.67 -22.74
C ALA A 738 -5.55 28.29 -24.21
N ILE A 739 -6.77 28.09 -24.71
CA ILE A 739 -6.95 27.74 -26.12
C ILE A 739 -6.42 28.86 -27.00
N GLN A 740 -6.80 30.10 -26.69
CA GLN A 740 -6.34 31.24 -27.48
C GLN A 740 -4.82 31.36 -27.42
N ALA A 741 -4.24 31.16 -26.23
CA ALA A 741 -2.80 31.25 -26.09
C ALA A 741 -2.09 30.19 -26.95
N VAL A 742 -2.60 28.95 -26.92
CA VAL A 742 -1.93 27.88 -27.65
C VAL A 742 -2.24 27.92 -29.14
N ARG A 743 -3.24 28.70 -29.57
CA ARG A 743 -3.50 28.82 -30.99
C ARG A 743 -2.26 29.31 -31.74
N ASP A 744 -1.40 30.09 -31.08
CA ASP A 744 -0.17 30.57 -31.70
C ASP A 744 0.96 29.55 -31.64
N ASN A 745 0.76 28.41 -30.99
CA ASN A 745 1.76 27.37 -30.81
C ASN A 745 2.77 27.71 -29.73
N LYS A 746 2.51 28.72 -28.90
CA LYS A 746 3.43 29.03 -27.80
C LYS A 746 3.47 27.90 -26.78
N LEU A 747 2.30 27.34 -26.45
CA LEU A 747 2.21 26.20 -25.54
C LEU A 747 1.96 24.93 -26.36
N HIS A 748 2.83 23.94 -26.17
CA HIS A 748 2.76 22.75 -27.01
C HIS A 748 1.43 22.03 -26.87
N ALA A 749 0.93 21.90 -25.64
CA ALA A 749 -0.26 21.10 -25.42
C ALA A 749 -0.95 21.54 -24.14
N PHE A 750 -2.20 21.12 -23.99
CA PHE A 750 -3.00 21.42 -22.81
C PHE A 750 -3.87 20.21 -22.48
N ILE A 751 -3.97 19.90 -21.19
CA ILE A 751 -4.78 18.80 -20.69
C ILE A 751 -6.09 19.35 -20.16
N TRP A 752 -7.20 18.79 -20.61
CA TRP A 752 -8.52 19.27 -20.21
C TRP A 752 -9.51 18.13 -20.31
N ASP A 753 -10.79 18.45 -20.11
CA ASP A 753 -11.84 17.46 -20.27
C ASP A 753 -11.90 16.95 -21.70
N SER A 754 -12.29 15.68 -21.84
CA SER A 754 -12.34 15.07 -23.17
C SER A 754 -13.33 15.80 -24.06
N ALA A 755 -14.55 16.00 -23.58
CA ALA A 755 -15.58 16.59 -24.43
C ALA A 755 -15.22 18.00 -24.85
N VAL A 756 -14.68 18.80 -23.93
CA VAL A 756 -14.39 20.20 -24.22
C VAL A 756 -13.42 20.30 -25.38
N LEU A 757 -12.25 19.64 -25.24
CA LEU A 757 -11.27 19.63 -26.33
C LEU A 757 -11.86 19.00 -27.59
N GLU A 758 -12.68 17.96 -27.43
CA GLU A 758 -13.27 17.29 -28.57
C GLU A 758 -14.01 18.28 -29.46
N PHE A 759 -15.10 18.85 -28.95
CA PHE A 759 -15.88 19.71 -29.83
C PHE A 759 -15.22 21.06 -30.06
N GLU A 760 -14.25 21.48 -29.23
CA GLU A 760 -13.52 22.70 -29.58
C GLU A 760 -12.62 22.49 -30.79
N ALA A 761 -11.97 21.33 -30.88
CA ALA A 761 -11.27 20.98 -32.11
C ALA A 761 -12.25 20.86 -33.26
N SER A 762 -13.45 20.30 -32.99
CA SER A 762 -14.47 20.23 -34.03
C SER A 762 -14.82 21.62 -34.55
N GLN A 763 -14.95 22.58 -33.64
CA GLN A 763 -15.30 23.95 -34.03
C GLN A 763 -14.08 24.73 -34.49
N LYS A 764 -13.06 24.84 -33.64
CA LYS A 764 -11.92 25.68 -33.94
C LYS A 764 -11.30 25.27 -35.26
N CYS A 765 -10.67 26.24 -35.93
CA CYS A 765 -9.95 25.95 -37.17
C CYS A 765 -9.08 24.73 -36.95
N ASP A 766 -9.28 23.70 -37.77
CA ASP A 766 -8.80 22.36 -37.49
C ASP A 766 -7.39 22.37 -36.89
N LEU A 767 -7.23 21.59 -35.82
CA LEU A 767 -5.94 21.39 -35.17
C LEU A 767 -5.82 19.92 -34.82
N VAL A 768 -4.86 19.58 -33.96
CA VAL A 768 -4.56 18.19 -33.62
C VAL A 768 -5.03 17.90 -32.20
N THR A 769 -5.82 16.84 -32.05
CA THR A 769 -6.27 16.36 -30.75
C THR A 769 -5.81 14.92 -30.59
N THR A 770 -5.47 14.55 -29.35
CA THR A 770 -4.97 13.22 -29.06
C THR A 770 -6.04 12.23 -28.61
N GLY A 771 -7.15 12.71 -28.07
CA GLY A 771 -8.14 11.80 -27.53
C GLY A 771 -7.54 10.94 -26.42
N GLU A 772 -7.82 9.64 -26.48
CA GLU A 772 -7.25 8.67 -25.55
C GLU A 772 -7.55 9.06 -24.09
N LEU A 773 -8.84 9.01 -23.76
CA LEU A 773 -9.28 9.34 -22.42
C LEU A 773 -8.57 8.47 -21.40
N PHE A 774 -8.17 9.07 -20.28
CA PHE A 774 -7.38 8.39 -19.27
C PHE A 774 -7.90 8.51 -17.86
N PHE A 775 -8.80 9.44 -17.57
CA PHE A 775 -9.30 9.69 -16.21
C PHE A 775 -10.82 9.80 -16.21
N ARG A 776 -11.47 8.81 -16.82
CA ARG A 776 -12.93 8.78 -16.87
C ARG A 776 -13.54 9.14 -15.53
N SER A 777 -14.34 10.20 -15.52
CA SER A 777 -14.92 10.70 -14.29
C SER A 777 -16.19 11.51 -14.57
N ILE A 781 -24.23 17.32 -11.77
CA ILE A 781 -24.59 18.52 -11.02
C ILE A 781 -24.49 18.24 -9.53
N GLY A 782 -23.83 19.14 -8.81
CA GLY A 782 -23.67 19.01 -7.38
C GLY A 782 -24.88 19.54 -6.63
N MET A 783 -24.74 19.58 -5.31
CA MET A 783 -25.79 20.11 -4.46
C MET A 783 -25.37 20.14 -2.99
N ARG A 784 -25.96 21.04 -2.22
CA ARG A 784 -25.76 21.04 -0.79
C ARG A 784 -26.41 19.82 -0.16
N LYS A 785 -25.82 19.35 0.94
CA LYS A 785 -26.34 18.15 1.59
C LYS A 785 -27.51 18.50 2.50
N ASP A 786 -28.47 19.28 1.99
CA ASP A 786 -29.70 19.55 2.70
C ASP A 786 -30.92 19.58 1.80
N SER A 787 -30.77 19.32 0.50
CA SER A 787 -31.87 19.41 -0.44
C SER A 787 -32.27 18.01 -0.91
N PRO A 788 -33.42 17.48 -0.50
CA PRO A 788 -33.84 16.19 -1.03
C PRO A 788 -34.03 16.20 -2.53
N TRP A 789 -34.25 17.38 -3.13
CA TRP A 789 -34.38 17.47 -4.59
C TRP A 789 -33.28 16.69 -5.29
N LYS A 790 -32.11 16.58 -4.67
CA LYS A 790 -31.01 15.80 -5.25
C LYS A 790 -31.52 14.51 -5.86
N GLN A 791 -32.26 13.72 -5.07
CA GLN A 791 -32.75 12.44 -5.57
C GLN A 791 -33.50 12.63 -6.89
N ASN A 792 -34.47 13.54 -6.90
CA ASN A 792 -35.22 13.81 -8.13
C ASN A 792 -34.27 14.07 -9.29
N VAL A 793 -33.26 14.90 -9.07
CA VAL A 793 -32.35 15.23 -10.16
C VAL A 793 -31.76 13.97 -10.75
N SER A 794 -31.27 13.08 -9.89
CA SER A 794 -30.79 11.80 -10.38
C SER A 794 -31.90 11.07 -11.12
N LEU A 795 -33.06 10.92 -10.48
CA LEU A 795 -34.20 10.32 -11.15
C LEU A 795 -34.53 11.05 -12.44
N SER A 796 -34.30 12.37 -12.47
CA SER A 796 -34.58 13.13 -13.68
C SER A 796 -33.74 12.63 -14.85
N ILE A 797 -32.47 12.34 -14.61
CA ILE A 797 -31.58 11.99 -15.71
C ILE A 797 -31.69 10.52 -16.10
N LEU A 798 -32.16 9.66 -15.20
CA LEU A 798 -32.16 8.23 -15.46
C LEU A 798 -33.03 7.85 -16.65
N LYS A 799 -33.97 8.70 -17.04
CA LYS A 799 -34.91 8.32 -18.09
C LYS A 799 -34.18 8.11 -19.41
N SER A 800 -34.62 7.10 -20.16
CA SER A 800 -34.21 6.99 -21.56
C SER A 800 -34.72 8.18 -22.34
N HIS A 801 -35.91 8.67 -22.00
CA HIS A 801 -36.41 9.96 -22.47
C HIS A 801 -35.81 11.02 -21.57
N GLU A 802 -34.57 11.41 -21.88
CA GLU A 802 -33.72 12.21 -21.02
C GLU A 802 -32.28 11.99 -21.48
N ASN A 803 -31.86 10.73 -21.49
CA ASN A 803 -30.71 10.38 -22.33
C ASN A 803 -30.97 10.78 -23.78
N GLY A 804 -32.23 10.68 -24.22
CA GLY A 804 -32.57 11.17 -25.55
C GLY A 804 -32.38 12.67 -25.68
N PHE A 805 -32.78 13.43 -24.66
CA PHE A 805 -32.53 14.87 -24.68
C PHE A 805 -31.04 15.17 -24.69
N MET A 806 -30.27 14.41 -23.93
CA MET A 806 -28.82 14.59 -23.93
C MET A 806 -28.23 14.32 -25.31
N GLU A 807 -28.69 13.25 -25.97
CA GLU A 807 -28.23 12.96 -27.32
C GLU A 807 -28.64 14.07 -28.29
N ASP A 808 -29.85 14.58 -28.13
CA ASP A 808 -30.30 15.69 -28.97
C ASP A 808 -29.41 16.91 -28.79
N LEU A 809 -29.06 17.23 -27.54
CA LEU A 809 -28.15 18.33 -27.30
C LEU A 809 -26.78 18.06 -27.94
N ASP A 810 -26.28 16.83 -27.80
CA ASP A 810 -25.02 16.46 -28.43
C ASP A 810 -25.08 16.76 -29.92
N LYS A 811 -26.11 16.27 -30.60
CA LYS A 811 -26.29 16.57 -32.01
C LYS A 811 -26.41 18.07 -32.25
N THR A 812 -26.99 18.80 -31.31
CA THR A 812 -27.12 20.24 -31.44
C THR A 812 -25.75 20.91 -31.49
N TRP A 813 -24.81 20.44 -30.67
CA TRP A 813 -23.53 21.10 -30.52
C TRP A 813 -22.38 20.39 -31.23
N VAL A 814 -22.43 19.06 -31.34
CA VAL A 814 -21.36 18.34 -32.03
C VAL A 814 -21.40 18.52 -33.54
N ARG A 815 -22.48 19.10 -34.07
CA ARG A 815 -22.59 19.27 -35.52
C ARG A 815 -21.47 20.15 -36.06
N TYR A 816 -21.19 21.26 -35.37
CA TYR A 816 -20.14 22.18 -35.81
C TYR A 816 -18.75 21.57 -35.61
N ALA A 825 -1.41 13.31 -47.93
CA ALA A 825 -0.17 14.03 -47.62
C ALA A 825 0.81 13.97 -48.78
N PRO A 826 0.41 14.54 -49.93
CA PRO A 826 1.28 14.50 -51.11
C PRO A 826 2.63 15.15 -50.85
N ALA A 827 2.62 16.42 -50.49
CA ALA A 827 3.83 17.16 -50.16
C ALA A 827 4.90 16.97 -51.25
N THR A 828 4.47 17.08 -52.50
CA THR A 828 5.39 16.94 -53.61
C THR A 828 6.50 18.00 -53.51
N LEU A 829 7.71 17.60 -53.87
CA LEU A 829 8.85 18.51 -53.77
C LEU A 829 8.61 19.77 -54.61
N THR A 830 8.16 19.57 -55.85
CA THR A 830 7.63 20.63 -56.71
C THR A 830 8.41 21.94 -56.64
N PHE A 831 8.24 22.71 -55.58
CA PHE A 831 8.72 24.09 -55.56
C PHE A 831 10.21 24.17 -55.85
N GLU A 832 11.03 23.57 -54.98
CA GLU A 832 12.46 23.50 -55.23
C GLU A 832 12.77 22.78 -56.53
N ASN A 833 11.97 21.78 -56.88
CA ASN A 833 12.10 21.17 -58.20
C ASN A 833 11.83 22.20 -59.30
N MET A 834 10.83 23.06 -59.07
CA MET A 834 10.57 24.15 -60.00
C MET A 834 11.81 25.03 -60.16
N ALA A 835 12.42 25.42 -59.04
CA ALA A 835 13.61 26.25 -59.09
C ALA A 835 14.73 25.55 -59.85
N GLY A 836 14.87 24.24 -59.65
CA GLY A 836 15.86 23.49 -60.39
C GLY A 836 15.63 23.58 -61.89
N VAL A 837 14.38 23.40 -62.33
CA VAL A 837 14.13 23.47 -63.76
C VAL A 837 14.33 24.90 -64.28
N PHE A 838 13.99 25.92 -63.49
CA PHE A 838 14.21 27.29 -63.95
C PHE A 838 15.69 27.59 -64.12
N MET A 839 16.52 27.21 -63.13
CA MET A 839 17.95 27.45 -63.29
C MET A 839 18.52 26.61 -64.43
N LEU A 840 17.95 25.43 -64.68
CA LEU A 840 18.41 24.63 -65.82
C LEU A 840 18.09 25.33 -67.13
N VAL A 841 16.90 25.91 -67.27
CA VAL A 841 16.57 26.61 -68.51
C VAL A 841 17.42 27.87 -68.64
N ALA A 842 17.76 28.52 -67.53
CA ALA A 842 18.68 29.65 -67.59
C ALA A 842 20.05 29.21 -68.11
N GLY A 843 20.55 28.09 -67.59
CA GLY A 843 21.79 27.52 -68.11
C GLY A 843 21.69 27.23 -69.59
N GLY A 844 20.55 26.71 -70.02
CA GLY A 844 20.34 26.45 -71.44
C GLY A 844 20.35 27.72 -72.27
N ILE A 845 19.75 28.80 -71.76
CA ILE A 845 19.73 30.05 -72.49
C ILE A 845 21.15 30.60 -72.64
N VAL A 846 21.94 30.55 -71.58
CA VAL A 846 23.32 31.04 -71.68
C VAL A 846 24.13 30.15 -72.62
N ALA A 847 23.89 28.84 -72.58
CA ALA A 847 24.57 27.93 -73.50
C ALA A 847 24.19 28.26 -74.95
N GLY A 848 22.94 28.60 -75.18
CA GLY A 848 22.53 28.99 -76.53
C GLY A 848 23.15 30.29 -76.98
N ILE A 849 23.30 31.24 -76.04
CA ILE A 849 24.02 32.47 -76.36
C ILE A 849 25.46 32.15 -76.76
N PHE A 850 26.09 31.23 -76.03
CA PHE A 850 27.44 30.80 -76.39
C PHE A 850 27.46 30.12 -77.76
N LEU A 851 26.43 29.32 -78.05
CA LEU A 851 26.37 28.62 -79.34
C LEU A 851 26.24 29.60 -80.49
N ILE A 852 25.41 30.64 -80.33
CA ILE A 852 25.32 31.66 -81.36
C ILE A 852 26.62 32.45 -81.46
N PHE A 853 27.30 32.68 -80.33
CA PHE A 853 28.57 33.37 -80.37
C PHE A 853 29.59 32.59 -81.21
N ILE A 854 29.68 31.28 -80.99
CA ILE A 854 30.58 30.45 -81.78
C ILE A 854 30.06 30.29 -83.21
N GLU A 855 28.76 30.50 -83.43
CA GLU A 855 28.21 30.36 -84.78
C GLU A 855 28.81 31.39 -85.72
N ILE A 856 28.94 32.63 -85.26
CA ILE A 856 29.52 33.70 -86.08
C ILE A 856 30.46 34.54 -85.23
N PRO B 60 5.66 41.35 53.49
CA PRO B 60 6.20 42.70 53.23
C PRO B 60 6.24 43.56 54.49
N ALA B 61 5.07 43.97 54.98
CA ALA B 61 4.95 44.79 56.19
C ALA B 61 5.76 46.05 55.90
N TYR B 62 6.72 46.42 56.74
CA TYR B 62 7.43 47.68 56.54
C TYR B 62 7.94 47.94 55.13
N ALA B 63 8.10 46.89 54.32
CA ALA B 63 8.50 47.09 52.93
C ALA B 63 7.55 48.05 52.21
N ALA B 64 6.27 48.02 52.57
CA ALA B 64 5.32 48.95 51.98
C ALA B 64 5.78 50.38 52.14
N GLU B 65 6.30 50.72 53.33
CA GLU B 65 6.83 52.06 53.55
C GLU B 65 7.87 52.40 52.48
N ALA B 66 8.81 51.47 52.23
CA ALA B 66 9.74 51.66 51.13
C ALA B 66 8.99 51.76 49.82
N ALA B 67 8.07 50.83 49.57
CA ALA B 67 7.21 50.92 48.40
C ALA B 67 6.39 52.20 48.40
N ARG B 68 6.22 52.82 49.57
CA ARG B 68 5.54 54.10 49.63
C ARG B 68 6.27 55.17 48.85
N LEU B 69 7.61 55.14 48.85
CA LEU B 69 8.39 56.21 48.25
C LEU B 69 8.78 55.90 46.80
N GLY B 70 9.51 54.81 46.58
CA GLY B 70 10.04 54.48 45.29
C GLY B 70 8.96 54.37 44.23
N PRO B 71 8.09 53.38 44.38
CA PRO B 71 6.98 53.22 43.41
C PRO B 71 6.15 54.49 43.26
N ALA B 72 5.89 55.20 44.35
CA ALA B 72 5.23 56.49 44.21
C ALA B 72 6.04 57.41 43.32
N VAL B 73 7.35 57.47 43.54
CA VAL B 73 8.23 58.23 42.65
C VAL B 73 8.14 57.68 41.24
N ALA B 74 8.01 56.35 41.11
CA ALA B 74 7.88 55.77 39.79
C ALA B 74 6.67 56.31 39.04
N ALA B 75 5.64 56.75 39.77
CA ALA B 75 4.51 57.40 39.12
C ALA B 75 4.97 58.63 38.36
N ALA B 76 5.79 59.46 38.99
CA ALA B 76 6.34 60.63 38.31
C ALA B 76 7.16 60.24 37.09
N VAL B 77 7.61 58.99 37.01
CA VAL B 77 8.28 58.52 35.80
C VAL B 77 7.38 58.73 34.60
N ARG B 78 6.11 58.36 34.73
CA ARG B 78 5.10 58.59 33.69
C ARG B 78 3.85 59.11 34.39
N SER B 79 3.78 60.43 34.57
CA SER B 79 2.65 61.10 35.22
C SER B 79 2.23 62.30 34.39
N PRO B 80 1.53 62.08 33.29
CA PRO B 80 1.00 63.22 32.53
C PRO B 80 -0.11 63.93 33.28
N GLY B 81 0.27 64.72 34.29
CA GLY B 81 -0.70 65.45 35.09
C GLY B 81 -1.56 64.59 35.98
N LEU B 82 -0.98 63.57 36.61
CA LEU B 82 -1.73 62.72 37.52
C LEU B 82 -2.19 63.54 38.74
N ASP B 83 -3.45 63.37 39.13
CA ASP B 83 -3.99 64.14 40.24
C ASP B 83 -3.32 63.74 41.55
N VAL B 84 -3.29 62.44 41.86
CA VAL B 84 -2.71 61.96 43.11
C VAL B 84 -2.52 60.45 43.05
N ARG B 85 -1.56 59.95 43.83
CA ARG B 85 -1.32 58.52 43.97
C ARG B 85 -0.62 58.27 45.29
N PRO B 86 -1.23 58.62 46.42
CA PRO B 86 -0.51 58.63 47.70
C PRO B 86 0.06 57.28 48.12
N VAL B 87 -0.79 56.27 48.29
CA VAL B 87 -0.36 55.01 48.90
C VAL B 87 -1.43 53.95 48.65
N ALA B 88 -1.02 52.69 48.73
CA ALA B 88 -1.91 51.54 48.81
C ALA B 88 -1.56 50.81 50.11
N LEU B 89 -2.14 51.26 51.22
CA LEU B 89 -1.84 50.68 52.52
C LEU B 89 -2.50 49.32 52.66
N VAL B 90 -1.69 48.29 52.91
CA VAL B 90 -2.22 46.93 52.99
C VAL B 90 -3.18 46.81 54.17
N LEU B 91 -2.74 47.21 55.36
CA LEU B 91 -3.55 47.11 56.57
C LEU B 91 -4.25 45.75 56.63
N ASN B 92 -3.54 44.69 56.24
CA ASN B 92 -4.17 43.38 56.10
C ASN B 92 -4.77 42.92 57.42
N GLY B 93 -4.03 43.03 58.51
CA GLY B 93 -4.52 42.62 59.80
C GLY B 93 -4.81 41.13 59.88
N SER B 94 -4.32 40.37 58.90
CA SER B 94 -4.47 38.92 58.88
C SER B 94 -5.94 38.50 59.01
N ASP B 95 -6.74 38.92 58.03
CA ASP B 95 -8.14 38.47 57.99
C ASP B 95 -8.76 38.76 56.62
N PRO B 96 -9.46 37.78 56.03
CA PRO B 96 -10.14 38.02 54.75
C PRO B 96 -11.55 38.53 54.90
N ARG B 97 -12.18 38.26 56.05
CA ARG B 97 -13.58 38.60 56.23
C ARG B 97 -13.78 40.11 56.26
N SER B 98 -13.17 40.79 57.23
CA SER B 98 -13.30 42.23 57.37
C SER B 98 -12.28 42.99 56.55
N LEU B 99 -11.38 42.30 55.84
CA LEU B 99 -10.47 42.99 54.94
C LEU B 99 -11.25 43.87 53.96
N VAL B 100 -12.29 43.31 53.36
CA VAL B 100 -13.16 44.10 52.49
C VAL B 100 -13.89 45.16 53.29
N LEU B 101 -14.25 44.86 54.55
CA LEU B 101 -14.90 45.85 55.39
C LEU B 101 -14.06 47.11 55.50
N GLN B 102 -12.79 46.95 55.90
CA GLN B 102 -11.90 48.10 55.98
C GLN B 102 -11.63 48.70 54.61
N LEU B 103 -11.57 47.86 53.57
CA LEU B 103 -11.33 48.35 52.23
C LEU B 103 -12.41 49.35 51.83
N CYS B 104 -13.67 49.02 52.09
CA CYS B 104 -14.75 49.94 51.75
C CYS B 104 -14.80 51.12 52.72
N ASP B 105 -14.50 50.88 54.00
CA ASP B 105 -14.50 51.97 54.97
C ASP B 105 -13.52 53.07 54.54
N LEU B 106 -12.29 52.69 54.24
CA LEU B 106 -11.31 53.65 53.73
C LEU B 106 -11.68 54.12 52.32
N LEU B 107 -12.39 53.31 51.56
CA LEU B 107 -12.78 53.67 50.20
C LEU B 107 -13.72 54.86 50.22
N GLY B 109 -12.94 59.25 51.37
CA GLY B 109 -13.68 60.28 50.66
C GLY B 109 -12.98 60.72 49.38
N LEU B 110 -13.65 61.57 48.61
CA LEU B 110 -13.12 62.06 47.34
C LEU B 110 -12.76 60.90 46.42
N ARG B 111 -13.57 59.85 46.46
CA ARG B 111 -13.28 58.64 45.69
C ARG B 111 -11.89 58.15 46.03
N VAL B 112 -11.21 57.54 45.06
CA VAL B 112 -9.83 57.12 45.24
C VAL B 112 -9.17 56.96 43.88
N HIS B 113 -7.98 57.54 43.71
CA HIS B 113 -7.25 57.38 42.46
C HIS B 113 -7.00 55.91 42.15
N GLY B 114 -6.86 55.09 43.19
CA GLY B 114 -6.65 53.66 43.01
C GLY B 114 -5.45 53.15 43.78
N VAL B 115 -5.66 52.13 44.61
CA VAL B 115 -4.60 51.49 45.36
C VAL B 115 -4.75 49.97 45.18
N VAL B 116 -3.62 49.29 45.00
CA VAL B 116 -3.61 47.85 44.77
C VAL B 116 -2.69 47.21 45.80
N PHE B 117 -3.19 46.15 46.44
CA PHE B 117 -2.37 45.37 47.37
C PHE B 117 -3.04 44.03 47.59
N GLU B 118 -2.33 42.94 47.24
CA GLU B 118 -2.81 41.60 47.53
C GLU B 118 -1.71 40.58 47.31
N ASP B 119 -1.50 39.69 48.28
CA ASP B 119 -0.52 38.62 48.14
C ASP B 119 -0.86 37.53 49.14
N ASP B 120 -1.28 36.38 48.66
CA ASP B 120 -1.59 35.22 49.51
C ASP B 120 -0.98 33.98 48.89
N SER B 121 -0.13 33.31 49.65
CA SER B 121 0.54 32.11 49.16
C SER B 121 -0.48 31.02 48.85
N ARG B 122 -0.27 30.32 47.74
CA ARG B 122 -1.15 29.24 47.34
C ARG B 122 -2.59 29.73 47.20
N PRO B 124 -5.27 31.55 45.18
CA PRO B 124 -5.80 32.74 44.48
C PRO B 124 -7.31 32.81 44.50
N ALA B 125 -7.94 32.13 45.46
CA ALA B 125 -9.40 32.09 45.57
C ALA B 125 -9.92 33.30 46.36
N VAL B 126 -9.62 34.49 45.83
CA VAL B 126 -10.08 35.73 46.43
C VAL B 126 -10.71 36.63 45.37
N ALA B 127 -10.57 36.25 44.11
CA ALA B 127 -11.08 37.08 43.03
C ALA B 127 -12.58 37.35 43.14
N PRO B 128 -13.44 36.37 43.43
CA PRO B 128 -14.88 36.66 43.49
C PRO B 128 -15.24 37.74 44.51
N ILE B 129 -14.58 37.75 45.66
CA ILE B 129 -14.83 38.79 46.65
C ILE B 129 -14.46 40.15 46.07
N LEU B 130 -13.33 40.21 45.35
CA LEU B 130 -12.93 41.46 44.72
C LEU B 130 -13.95 41.90 43.69
N ASP B 131 -14.47 40.96 42.90
CA ASP B 131 -15.48 41.29 41.90
C ASP B 131 -16.73 41.85 42.56
N PHE B 132 -17.19 41.21 43.64
CA PHE B 132 -18.35 41.73 44.36
C PHE B 132 -18.09 43.12 44.93
N LEU B 133 -16.90 43.34 45.47
CA LEU B 133 -16.57 44.66 46.01
C LEU B 133 -16.64 45.70 44.91
N SER B 134 -16.04 45.40 43.76
CA SER B 134 -16.08 46.31 42.62
C SER B 134 -17.53 46.60 42.22
N ALA B 135 -18.35 45.56 42.11
CA ALA B 135 -19.74 45.76 41.73
C ALA B 135 -20.46 46.65 42.73
N GLN B 136 -20.32 46.33 44.03
CA GLN B 136 -20.99 47.08 45.07
C GLN B 136 -20.48 48.50 45.18
N THR B 137 -19.31 48.80 44.61
CA THR B 137 -18.78 50.16 44.63
C THR B 137 -18.22 50.56 43.28
N SER B 138 -18.61 49.89 42.20
CA SER B 138 -18.16 50.23 40.85
C SER B 138 -16.65 50.40 40.80
N LEU B 139 -15.94 49.71 41.69
CA LEU B 139 -14.51 49.91 41.83
C LEU B 139 -13.77 49.28 40.65
N PRO B 140 -13.01 50.04 39.86
CA PRO B 140 -12.18 49.44 38.81
C PRO B 140 -10.76 49.13 39.23
N ILE B 141 -10.40 49.40 40.49
CA ILE B 141 -9.03 49.22 40.93
C ILE B 141 -8.69 47.73 40.98
N VAL B 142 -7.40 47.43 40.93
CA VAL B 142 -6.90 46.07 41.11
C VAL B 142 -6.16 46.01 42.44
N ALA B 143 -5.81 44.79 42.85
CA ALA B 143 -5.17 44.57 44.14
C ALA B 143 -3.78 43.95 44.01
N VAL B 144 -3.64 42.88 43.23
CA VAL B 144 -2.41 42.11 43.19
C VAL B 144 -2.02 41.81 41.75
N HIS B 145 -0.74 41.50 41.57
CA HIS B 145 -0.23 40.98 40.31
C HIS B 145 0.59 39.73 40.56
N GLY B 146 1.21 39.63 41.75
CA GLY B 146 2.01 38.45 42.07
C GLY B 146 1.21 37.16 42.01
N GLY B 147 -0.01 37.19 42.54
CA GLY B 147 -0.92 36.06 42.47
C GLY B 147 -2.06 36.39 41.51
N ALA B 148 -2.48 35.39 40.74
CA ALA B 148 -3.51 35.61 39.73
C ALA B 148 -4.17 34.28 39.37
N ALA B 149 -5.32 34.39 38.70
CA ALA B 149 -6.05 33.23 38.23
C ALA B 149 -7.20 33.72 37.35
N LEU B 150 -7.72 32.82 36.54
CA LEU B 150 -8.77 33.17 35.59
C LEU B 150 -10.15 33.13 36.25
N VAL B 151 -11.00 34.08 35.87
CA VAL B 151 -12.37 34.12 36.37
C VAL B 151 -13.19 34.99 35.43
N LEU B 152 -14.41 34.57 35.15
CA LEU B 152 -15.33 35.27 34.26
C LEU B 152 -16.57 35.65 35.07
N THR B 153 -16.60 36.87 35.57
CA THR B 153 -17.67 37.35 36.44
C THR B 153 -18.09 38.73 36.00
N PRO B 154 -19.32 39.16 36.37
CA PRO B 154 -19.80 40.49 36.01
C PRO B 154 -19.26 41.57 36.94
N PHE B 161 -10.22 46.75 37.36
CA PHE B 161 -10.93 45.84 38.26
C PHE B 161 -10.15 44.54 38.43
N LEU B 162 -10.49 43.53 37.64
CA LEU B 162 -9.81 42.23 37.68
C LEU B 162 -8.80 42.22 36.54
N GLN B 163 -7.53 42.45 36.87
CA GLN B 163 -6.48 42.51 35.86
C GLN B 163 -5.20 41.99 36.50
N LEU B 164 -4.78 40.78 36.09
CA LEU B 164 -3.55 40.19 36.60
C LEU B 164 -2.97 39.28 35.53
N GLY B 165 -1.65 39.08 35.60
CA GLY B 165 -0.97 38.28 34.60
C GLY B 165 -1.34 36.82 34.64
N SER B 166 -2.07 36.36 33.62
CA SER B 166 -2.44 34.95 33.50
C SER B 166 -3.04 34.72 32.12
N SER B 167 -2.62 33.63 31.47
CA SER B 167 -3.21 33.28 30.17
C SER B 167 -2.99 31.78 29.96
N THR B 168 -4.05 30.99 30.18
CA THR B 168 -3.97 29.55 29.94
C THR B 168 -3.81 29.24 28.46
N GLU B 169 -4.58 29.92 27.60
CA GLU B 169 -4.47 29.69 26.17
C GLU B 169 -3.10 30.12 25.65
N GLN B 170 -2.56 31.21 26.20
CA GLN B 170 -1.20 31.60 25.85
C GLN B 170 -0.21 30.51 26.21
N GLN B 171 -0.37 29.90 27.39
CA GLN B 171 0.50 28.81 27.78
C GLN B 171 0.37 27.64 26.81
N LEU B 172 -0.86 27.28 26.44
CA LEU B 172 -1.06 26.15 25.55
C LEU B 172 -0.42 26.40 24.19
N GLN B 173 -0.66 27.58 23.61
CA GLN B 173 -0.07 27.88 22.31
C GLN B 173 1.45 27.93 22.40
N VAL B 174 1.99 28.45 23.51
CA VAL B 174 3.44 28.53 23.65
C VAL B 174 4.04 27.13 23.71
N ILE B 175 3.42 26.23 24.48
CA ILE B 175 3.97 24.88 24.59
C ILE B 175 3.85 24.15 23.25
N PHE B 176 2.74 24.36 22.54
CA PHE B 176 2.61 23.72 21.23
C PHE B 176 3.64 24.26 20.26
N GLU B 177 3.90 25.57 20.29
CA GLU B 177 4.98 26.13 19.51
C GLU B 177 6.30 25.45 19.84
N VAL B 178 6.63 25.37 21.13
CA VAL B 178 7.88 24.74 21.54
C VAL B 178 7.96 23.33 20.98
N LEU B 179 6.84 22.61 21.00
CA LEU B 179 6.79 21.29 20.38
C LEU B 179 7.07 21.39 18.88
N GLU B 180 6.63 22.48 18.25
CA GLU B 180 6.81 22.61 16.80
C GLU B 180 8.28 22.56 16.42
N GLU B 181 9.07 23.51 16.90
CA GLU B 181 10.49 23.58 16.56
C GLU B 181 11.35 22.65 17.44
N TYR B 182 10.74 21.81 18.28
CA TYR B 182 11.47 20.85 19.07
C TYR B 182 11.14 19.41 18.68
N ASP B 183 10.34 19.21 17.64
CA ASP B 183 10.18 17.90 17.00
C ASP B 183 9.67 16.84 17.98
N TRP B 184 8.44 17.04 18.45
CA TRP B 184 7.73 16.01 19.19
C TRP B 184 6.31 15.88 18.64
N THR B 185 5.74 14.69 18.84
CA THR B 185 4.39 14.39 18.37
C THR B 185 3.39 15.47 18.80
N VAL B 188 -1.43 15.79 24.04
CA VAL B 188 -0.43 14.76 24.24
C VAL B 188 -1.01 13.61 25.05
N ALA B 189 -2.34 13.48 25.01
CA ALA B 189 -3.05 12.37 25.63
C ALA B 189 -2.80 12.33 27.14
N VAL B 190 -3.26 13.38 27.81
CA VAL B 190 -3.18 13.49 29.26
C VAL B 190 -4.44 14.15 29.80
N THR B 191 -4.66 13.99 31.10
CA THR B 191 -5.79 14.59 31.80
C THR B 191 -5.58 14.40 33.29
N THR B 192 -5.86 15.45 34.08
CA THR B 192 -5.51 15.47 35.50
C THR B 192 -6.64 16.08 36.33
N ARG B 193 -7.53 15.22 36.82
CA ARG B 193 -8.47 15.56 37.90
C ARG B 193 -9.60 16.47 37.45
N ALA B 194 -9.52 17.00 36.24
CA ALA B 194 -10.57 17.81 35.64
C ALA B 194 -11.12 18.92 36.54
N PRO B 195 -10.27 19.83 37.04
CA PRO B 195 -10.77 21.12 37.52
C PRO B 195 -10.90 22.09 36.35
N GLY B 196 -12.14 22.37 35.94
CA GLY B 196 -12.32 23.14 34.73
C GLY B 196 -11.66 22.51 33.53
N HIS B 197 -11.80 21.18 33.39
CA HIS B 197 -11.12 20.46 32.32
C HIS B 197 -11.54 20.98 30.95
N ARG B 198 -12.77 21.48 30.82
CA ARG B 198 -13.30 21.80 29.51
C ARG B 198 -12.41 22.79 28.78
N ALA B 199 -11.97 23.85 29.47
CA ALA B 199 -11.18 24.89 28.83
C ALA B 199 -9.92 24.30 28.19
N PHE B 200 -9.07 23.68 29.00
CA PHE B 200 -7.79 23.18 28.49
C PHE B 200 -8.00 22.08 27.46
N LEU B 201 -8.94 21.16 27.73
CA LEU B 201 -9.15 20.05 26.79
C LEU B 201 -9.63 20.56 25.44
N SER B 202 -10.57 21.51 25.44
CA SER B 202 -11.07 22.05 24.19
C SER B 202 -9.99 22.85 23.46
N TYR B 203 -9.16 23.58 24.21
CA TYR B 203 -8.06 24.30 23.58
C TYR B 203 -7.12 23.34 22.88
N ILE B 204 -6.76 22.25 23.56
CA ILE B 204 -5.90 21.24 22.95
C ILE B 204 -6.58 20.65 21.71
N GLU B 205 -7.86 20.32 21.82
CA GLU B 205 -8.57 19.71 20.70
C GLU B 205 -8.59 20.63 19.49
N VAL B 206 -8.88 21.91 19.69
CA VAL B 206 -8.91 22.84 18.57
C VAL B 206 -7.53 22.99 17.97
N LEU B 207 -6.50 23.10 18.81
CA LEU B 207 -5.15 23.19 18.28
C LEU B 207 -4.72 21.91 17.59
N THR B 208 -5.41 20.79 17.83
CA THR B 208 -5.10 19.56 17.12
C THR B 208 -5.45 19.63 15.64
N ASP B 209 -6.35 20.53 15.25
CA ASP B 209 -6.79 20.65 13.86
C ASP B 209 -5.73 21.41 13.05
N GLY B 210 -4.53 20.84 13.00
CA GLY B 210 -3.42 21.42 12.26
C GLY B 210 -2.96 20.53 11.14
N SER B 211 -1.64 20.50 10.91
CA SER B 211 -1.06 19.65 9.87
C SER B 211 0.19 18.91 10.31
N LEU B 212 0.72 19.16 11.51
CA LEU B 212 1.96 18.54 11.96
C LEU B 212 1.73 17.61 13.15
N VAL B 213 1.12 18.11 14.23
CA VAL B 213 0.97 17.35 15.45
C VAL B 213 -0.44 16.79 15.53
N GLY B 214 -0.64 15.84 16.43
CA GLY B 214 -1.96 15.27 16.64
C GLY B 214 -1.97 13.78 16.89
N TRP B 215 -0.79 13.15 16.86
CA TRP B 215 -0.73 11.70 17.06
C TRP B 215 -1.22 11.31 18.46
N GLU B 216 -0.82 12.06 19.48
CA GLU B 216 -1.14 11.73 20.87
C GLU B 216 -2.42 12.44 21.26
N HIS B 217 -3.54 11.70 21.27
CA HIS B 217 -4.83 12.25 21.70
C HIS B 217 -5.64 11.09 22.28
N ARG B 218 -5.50 10.88 23.59
CA ARG B 218 -6.18 9.79 24.28
C ARG B 218 -6.93 10.25 25.52
N GLY B 219 -6.41 11.23 26.25
CA GLY B 219 -7.01 11.66 27.50
C GLY B 219 -6.56 10.78 28.66
N ALA B 220 -7.07 11.12 29.84
CA ALA B 220 -6.74 10.39 31.06
C ALA B 220 -7.72 10.84 32.15
N LEU B 221 -7.48 10.35 33.37
CA LEU B 221 -8.30 10.70 34.52
C LEU B 221 -7.44 10.61 35.77
N THR B 222 -7.92 11.26 36.83
CA THR B 222 -7.23 11.30 38.11
C THR B 222 -8.01 10.52 39.16
N LEU B 223 -7.46 10.47 40.37
CA LEU B 223 -8.08 9.76 41.47
C LEU B 223 -9.25 10.55 42.04
N GLU B 229 -5.00 4.00 43.62
CA GLU B 229 -3.66 4.16 43.07
C GLU B 229 -3.41 3.16 41.94
N ALA B 230 -3.94 1.95 42.11
CA ALA B 230 -3.78 0.93 41.07
C ALA B 230 -4.45 1.36 39.78
N VAL B 231 -5.65 1.92 39.87
CA VAL B 231 -6.34 2.40 38.67
C VAL B 231 -5.55 3.50 38.00
N LEU B 232 -5.02 4.44 38.79
CA LEU B 232 -4.22 5.52 38.22
C LEU B 232 -2.96 4.98 37.56
N SER B 233 -2.31 4.00 38.20
CA SER B 233 -1.12 3.40 37.61
C SER B 233 -1.45 2.74 36.28
N ALA B 234 -2.54 1.97 36.23
CA ALA B 234 -2.94 1.33 34.98
C ALA B 234 -3.25 2.36 33.91
N GLN B 235 -3.95 3.44 34.29
CA GLN B 235 -4.29 4.48 33.31
C GLN B 235 -3.04 5.12 32.74
N LEU B 236 -2.12 5.55 33.61
CA LEU B 236 -0.92 6.23 33.12
C LEU B 236 -0.02 5.27 32.35
N ARG B 237 -0.07 3.97 32.65
CA ARG B 237 0.68 3.00 31.88
C ARG B 237 -0.01 2.62 30.58
N SER B 238 -1.29 2.94 30.42
CA SER B 238 -2.01 2.63 29.19
C SER B 238 -1.72 3.62 28.07
N VAL B 239 -0.96 4.68 28.33
CA VAL B 239 -0.69 5.69 27.32
C VAL B 239 0.79 5.71 26.99
N SER B 240 1.63 6.01 27.97
CA SER B 240 3.07 6.11 27.73
C SER B 240 3.25 7.13 26.62
N ALA B 241 3.76 6.70 25.47
CA ALA B 241 3.89 7.54 24.29
C ALA B 241 4.98 8.58 24.53
N GLN B 242 6.03 8.19 25.24
CA GLN B 242 7.18 9.06 25.44
C GLN B 242 6.65 10.35 26.04
N ILE B 243 7.02 11.49 25.45
CA ILE B 243 6.64 12.78 26.03
C ILE B 243 5.16 12.90 26.35
N ARG B 244 4.86 13.39 27.56
CA ARG B 244 3.49 13.60 27.99
C ARG B 244 3.45 14.80 28.92
N LEU B 245 2.27 15.38 29.06
CA LEU B 245 2.10 16.59 29.85
C LEU B 245 0.64 16.70 30.29
N LEU B 246 0.44 17.05 31.57
CA LEU B 246 -0.90 17.20 32.12
C LEU B 246 -0.90 18.35 33.12
N PHE B 247 -2.09 18.86 33.40
CA PHE B 247 -2.27 19.98 34.30
C PHE B 247 -3.38 19.68 35.30
N CYS B 248 -3.14 20.03 36.56
CA CYS B 248 -4.12 19.85 37.63
C CYS B 248 -3.59 20.54 38.88
N ALA B 249 -4.36 20.46 39.96
CA ALA B 249 -3.96 21.05 41.23
C ALA B 249 -2.76 20.28 41.80
N ARG B 250 -1.99 20.98 42.63
CA ARG B 250 -0.79 20.38 43.21
C ARG B 250 -1.13 19.16 44.05
N GLU B 251 -2.18 19.25 44.87
CA GLU B 251 -2.59 18.12 45.69
C GLU B 251 -2.86 16.90 44.82
N GLU B 252 -3.60 17.09 43.73
CA GLU B 252 -3.81 16.02 42.76
C GLU B 252 -2.57 15.77 41.92
N ALA B 253 -1.70 16.77 41.77
CA ALA B 253 -0.49 16.58 40.97
C ALA B 253 0.42 15.53 41.60
N GLU B 254 0.60 15.59 42.92
CA GLU B 254 1.51 14.66 43.58
C GLU B 254 1.20 13.19 43.29
N PRO B 255 -0.05 12.75 43.26
CA PRO B 255 -0.32 11.37 42.81
C PRO B 255 0.42 10.97 41.55
N VAL B 256 0.83 11.93 40.71
CA VAL B 256 1.61 11.59 39.52
C VAL B 256 2.91 10.92 39.94
N PHE B 257 3.65 11.56 40.86
CA PHE B 257 4.85 10.93 41.40
C PHE B 257 4.51 9.72 42.27
N ARG B 258 3.36 9.76 42.95
CA ARG B 258 2.95 8.62 43.76
C ARG B 258 2.73 7.39 42.90
N ALA B 259 2.11 7.56 41.74
CA ALA B 259 1.87 6.45 40.81
C ALA B 259 2.77 6.60 39.59
N ALA B 263 2.10 3.71 37.90
CA ALA B 263 2.96 2.58 37.56
C ALA B 263 4.43 2.95 37.71
N GLY B 264 4.69 4.08 38.35
CA GLY B 264 6.05 4.53 38.53
C GLY B 264 6.81 4.75 37.24
N LEU B 265 6.10 4.98 36.13
CA LEU B 265 6.74 5.17 34.85
C LEU B 265 7.22 6.60 34.68
N THR B 266 8.00 7.09 35.63
CA THR B 266 8.56 8.43 35.57
C THR B 266 9.90 8.44 34.86
N GLY B 267 9.93 7.86 33.66
CA GLY B 267 11.17 7.78 32.91
C GLY B 267 11.65 9.15 32.46
N SER B 268 12.98 9.28 32.34
CA SER B 268 13.56 10.54 31.90
C SER B 268 13.17 10.90 30.48
N GLY B 269 12.64 9.94 29.72
CA GLY B 269 12.21 10.21 28.36
C GLY B 269 10.80 10.77 28.29
N TYR B 270 10.49 11.71 29.18
CA TYR B 270 9.17 12.33 29.19
C TYR B 270 9.26 13.64 29.95
N VAL B 271 9.00 14.75 29.27
CA VAL B 271 8.99 16.08 29.88
C VAL B 271 7.54 16.55 29.97
N TRP B 272 7.16 17.10 31.11
CA TRP B 272 5.76 17.39 31.41
C TRP B 272 5.58 18.88 31.68
N PHE B 273 4.44 19.41 31.25
CA PHE B 273 4.09 20.81 31.41
C PHE B 273 2.66 20.91 31.92
N MET B 274 2.46 21.69 32.97
CA MET B 274 1.13 21.91 33.56
C MET B 274 0.86 23.39 33.64
N VAL B 275 -0.32 23.81 33.16
CA VAL B 275 -0.72 25.21 33.18
C VAL B 275 -1.69 25.50 34.32
N GLY B 276 -2.66 24.60 34.53
CA GLY B 276 -3.65 24.77 35.57
C GLY B 276 -3.07 25.22 36.90
N PRO B 277 -2.17 24.44 37.47
CA PRO B 277 -1.66 24.78 38.81
C PRO B 277 -1.00 26.15 38.86
N GLN B 278 -0.34 26.56 37.78
CA GLN B 278 0.34 27.86 37.74
C GLN B 278 1.35 27.88 38.88
N LEU B 279 1.42 28.93 39.69
CA LEU B 279 2.38 28.99 40.80
C LEU B 279 3.79 28.73 40.29
N ALA B 280 4.46 27.72 40.83
CA ALA B 280 5.81 27.38 40.41
C ALA B 280 6.08 25.92 40.81
N GLY B 281 7.34 25.52 40.73
CA GLY B 281 7.69 24.15 41.09
C GLY B 281 7.46 23.89 42.56
N GLY B 282 7.12 22.64 42.88
CA GLY B 282 6.87 22.26 44.25
C GLY B 282 5.93 21.08 44.36
N LEU B 304 11.56 20.98 36.41
CA LEU B 304 11.40 20.51 35.04
C LEU B 304 11.24 21.72 34.11
N PHE B 305 10.30 21.65 33.16
CA PHE B 305 10.05 22.74 32.23
C PHE B 305 8.57 23.10 32.28
N ALA B 306 8.29 24.40 32.40
CA ALA B 306 6.91 24.88 32.45
C ALA B 306 6.93 26.38 32.19
N VAL B 307 5.76 26.93 31.93
CA VAL B 307 5.61 28.32 31.55
C VAL B 307 5.23 29.16 32.76
N ARG B 308 5.72 30.39 32.78
CA ARG B 308 5.45 31.33 33.85
C ARG B 308 5.42 32.74 33.27
N SER B 309 4.93 33.68 34.08
CA SER B 309 4.81 35.06 33.64
C SER B 309 6.19 35.70 33.49
N ALA B 310 6.23 36.80 32.74
CA ALA B 310 7.49 37.51 32.55
C ALA B 310 8.07 37.99 33.87
N GLY B 311 7.22 38.56 34.72
CA GLY B 311 7.65 39.04 36.02
C GLY B 311 7.74 37.99 37.10
N TRP B 312 7.47 36.73 36.77
CA TRP B 312 7.56 35.66 37.77
C TRP B 312 8.91 35.69 38.47
N ARG B 313 9.99 35.84 37.68
CA ARG B 313 11.30 36.01 38.28
C ARG B 313 11.43 37.36 38.97
N ASP B 314 10.74 38.37 38.47
CA ASP B 314 10.80 39.70 39.06
C ASP B 314 10.03 39.73 40.37
N ASP B 315 10.33 40.73 41.20
CA ASP B 315 9.79 40.86 42.54
C ASP B 315 8.56 41.77 42.55
N LEU B 316 8.10 42.10 43.75
CA LEU B 316 6.92 42.94 43.91
C LEU B 316 7.13 44.37 43.40
N ALA B 317 8.38 44.80 43.25
CA ALA B 317 8.62 46.16 42.76
C ALA B 317 8.05 46.36 41.37
N ARG B 318 8.37 45.44 40.45
CA ARG B 318 7.81 45.52 39.12
C ARG B 318 6.29 45.35 39.16
N ARG B 319 5.78 44.56 40.10
CA ARG B 319 4.33 44.39 40.22
C ARG B 319 3.66 45.72 40.54
N VAL B 320 4.18 46.43 41.54
CA VAL B 320 3.58 47.72 41.90
C VAL B 320 3.78 48.72 40.78
N ALA B 321 4.92 48.67 40.09
CA ALA B 321 5.13 49.55 38.94
C ALA B 321 4.08 49.31 37.87
N ALA B 322 3.82 48.05 37.55
CA ALA B 322 2.80 47.73 36.55
C ALA B 322 1.42 48.17 37.01
N GLY B 323 1.11 47.96 38.30
CA GLY B 323 -0.18 48.38 38.81
C GLY B 323 -0.38 49.89 38.70
N VAL B 324 0.63 50.66 39.10
CA VAL B 324 0.52 52.11 39.04
C VAL B 324 0.46 52.57 37.58
N ALA B 325 1.19 51.90 36.69
CA ALA B 325 1.12 52.25 35.27
C ALA B 325 -0.28 52.00 34.73
N VAL B 326 -0.90 50.87 35.09
CA VAL B 326 -2.25 50.59 34.64
C VAL B 326 -3.22 51.63 35.20
N VAL B 327 -3.05 52.01 36.46
CA VAL B 327 -3.90 53.04 37.05
C VAL B 327 -3.75 54.35 36.30
N ALA B 328 -2.51 54.72 35.97
CA ALA B 328 -2.28 55.96 35.25
C ALA B 328 -2.92 55.91 33.86
N ARG B 329 -2.80 54.77 33.18
CA ARG B 329 -3.42 54.63 31.88
C ARG B 329 -4.94 54.79 31.98
N GLY B 330 -5.54 54.16 32.99
CA GLY B 330 -6.97 54.30 33.19
C GLY B 330 -7.38 55.73 33.48
N ALA B 331 -6.60 56.43 34.30
CA ALA B 331 -6.89 57.83 34.60
C ALA B 331 -6.78 58.69 33.34
N GLN B 332 -5.75 58.45 32.52
CA GLN B 332 -5.61 59.20 31.28
C GLN B 332 -6.78 58.94 30.35
N ALA B 333 -7.23 57.69 30.26
CA ALA B 333 -8.41 57.38 29.47
C ALA B 333 -9.64 58.10 30.00
N LEU B 334 -9.80 58.13 31.33
CA LEU B 334 -10.93 58.83 31.92
C LEU B 334 -10.90 60.32 31.57
N LEU B 335 -9.71 60.94 31.63
CA LEU B 335 -9.60 62.33 31.24
C LEU B 335 -10.00 62.52 29.77
N ARG B 336 -9.83 61.49 28.95
CA ARG B 336 -10.21 61.56 27.55
C ARG B 336 -9.46 62.66 26.82
N PRO B 342 -16.30 57.80 39.02
CA PRO B 342 -17.23 57.61 40.13
C PRO B 342 -17.40 56.14 40.50
N GLU B 343 -17.00 55.77 41.72
CA GLU B 343 -17.07 54.38 42.17
C GLU B 343 -18.38 54.12 42.93
N LEU B 344 -19.49 54.38 42.24
CA LEU B 344 -20.82 54.10 42.79
C LEU B 344 -21.00 54.71 44.17
N GLY B 345 -20.25 55.77 44.46
CA GLY B 345 -20.28 56.38 45.77
C GLY B 345 -19.49 55.64 46.82
N HIS B 346 -18.93 54.48 46.51
CA HIS B 346 -18.12 53.72 47.45
C HIS B 346 -18.87 53.48 48.75
N ASP B 347 -20.15 53.16 48.63
CA ASP B 347 -21.03 52.98 49.78
C ASP B 347 -21.12 51.51 50.15
N CYS B 348 -20.90 51.20 51.42
CA CYS B 348 -21.08 49.85 51.94
C CYS B 348 -21.92 49.77 53.19
N ARG B 349 -22.12 50.88 53.92
CA ARG B 349 -22.94 50.87 55.12
C ARG B 349 -22.36 49.91 56.16
N THR B 354 -27.66 53.86 41.87
CA THR B 354 -28.35 52.82 41.10
C THR B 354 -28.47 51.55 41.93
N HIS B 355 -29.53 50.77 41.66
CA HIS B 355 -29.71 49.51 42.37
C HIS B 355 -28.58 48.54 42.09
N ARG B 356 -27.96 48.64 40.93
CA ARG B 356 -26.83 47.78 40.58
C ARG B 356 -26.06 48.41 39.44
N GLY B 357 -24.78 48.72 39.68
CA GLY B 357 -23.95 49.25 38.62
C GLY B 357 -23.66 48.22 37.55
N GLU B 358 -23.22 48.71 36.39
CA GLU B 358 -22.93 47.84 35.26
C GLU B 358 -21.93 48.54 34.35
N SER B 359 -20.68 48.07 34.39
CA SER B 359 -19.64 48.55 33.49
C SER B 359 -18.37 47.77 33.78
N LEU B 360 -17.45 47.79 32.82
CA LEU B 360 -16.14 47.17 33.01
C LEU B 360 -15.20 47.58 31.88
N HIS B 361 -13.97 47.96 32.22
CA HIS B 361 -12.98 48.37 31.23
C HIS B 361 -13.55 49.45 30.31
N ARG B 362 -14.31 50.38 30.89
CA ARG B 362 -14.91 51.44 30.10
C ARG B 362 -13.84 52.29 29.42
N TYR B 363 -12.78 52.62 30.15
CA TYR B 363 -11.67 53.41 29.62
C TYR B 363 -10.43 52.56 29.36
N PHE B 364 -9.96 51.83 30.37
CA PHE B 364 -8.76 51.01 30.22
C PHE B 364 -8.93 49.98 29.10
N MET B 365 -8.15 50.13 28.03
CA MET B 365 -8.21 49.20 26.90
C MET B 365 -6.92 48.41 26.75
N ASN B 366 -5.78 49.08 26.64
CA ASN B 366 -4.51 48.39 26.44
C ASN B 366 -3.38 49.41 26.38
N ILE B 367 -2.22 49.01 26.90
CA ILE B 367 -1.02 49.83 26.82
C ILE B 367 0.17 48.94 27.15
N THR B 368 1.37 49.38 26.74
CA THR B 368 2.60 48.66 27.01
C THR B 368 3.54 49.54 27.84
N TRP B 369 4.19 48.93 28.83
CA TRP B 369 5.18 49.63 29.64
C TRP B 369 6.22 48.63 30.12
N ASP B 370 7.41 49.14 30.41
CA ASP B 370 8.53 48.30 30.85
C ASP B 370 8.79 47.18 29.85
N ASN B 371 8.65 47.52 28.56
CA ASN B 371 8.79 46.56 27.47
C ASN B 371 7.80 45.42 27.59
N ARG B 372 6.70 45.63 28.32
CA ARG B 372 5.67 44.61 28.52
C ARG B 372 4.32 45.19 28.14
N ASP B 373 3.57 44.44 27.34
CA ASP B 373 2.25 44.87 26.88
C ASP B 373 1.25 44.72 28.02
N TYR B 374 1.24 45.72 28.91
CA TYR B 374 0.34 45.71 30.06
C TYR B 374 -1.06 46.05 29.58
N SER B 375 -1.72 45.05 29.00
CA SER B 375 -3.05 45.21 28.42
C SER B 375 -3.87 43.97 28.70
N PHE B 376 -5.19 44.13 28.63
CA PHE B 376 -6.11 43.02 28.86
C PHE B 376 -7.31 43.16 27.94
N ASN B 377 -7.96 42.03 27.68
CA ASN B 377 -9.16 42.00 26.87
C ASN B 377 -10.37 42.41 27.71
N GLU B 378 -11.47 42.72 27.00
CA GLU B 378 -12.72 42.99 27.69
C GLU B 378 -13.11 41.85 28.62
N ASP B 379 -12.70 40.62 28.27
CA ASP B 379 -12.89 39.46 29.12
C ASP B 379 -11.77 39.31 30.14
N GLY B 380 -11.01 40.37 30.39
CA GLY B 380 -9.91 40.28 31.34
C GLY B 380 -8.84 39.28 30.94
N PHE B 381 -8.59 39.16 29.63
CA PHE B 381 -7.64 38.20 29.10
C PHE B 381 -6.35 38.91 28.70
N LEU B 382 -5.21 38.28 28.99
CA LEU B 382 -3.91 38.84 28.67
C LEU B 382 -3.72 38.86 27.16
N VAL B 383 -3.84 40.05 26.56
CA VAL B 383 -3.71 40.22 25.13
C VAL B 383 -2.24 40.41 24.79
N ASN B 384 -1.74 39.61 23.85
CA ASN B 384 -0.34 39.62 23.41
C ASN B 384 0.60 39.84 24.60
N PRO B 385 0.57 38.95 25.60
CA PRO B 385 1.45 39.11 26.75
C PRO B 385 2.82 38.49 26.54
N SER B 386 3.68 38.56 27.55
CA SER B 386 5.00 37.97 27.50
C SER B 386 5.14 36.95 28.62
N LEU B 387 5.62 35.75 28.28
CA LEU B 387 5.82 34.69 29.25
C LEU B 387 7.09 33.93 28.88
N VAL B 388 7.66 33.25 29.87
CA VAL B 388 8.89 32.50 29.68
C VAL B 388 8.67 31.05 30.12
N VAL B 389 9.69 30.22 29.95
CA VAL B 389 9.61 28.80 30.31
C VAL B 389 10.71 28.50 31.32
N ILE B 390 10.45 27.52 32.17
CA ILE B 390 11.35 27.16 33.25
C ILE B 390 12.24 25.99 32.82
N SER B 391 13.31 25.77 33.58
CA SER B 391 14.22 24.66 33.32
C SER B 391 14.92 24.34 34.64
N LEU B 392 14.47 23.28 35.31
CA LEU B 392 15.00 22.88 36.60
C LEU B 392 15.47 21.43 36.54
N THR B 393 16.62 21.17 37.14
CA THR B 393 17.18 19.81 37.15
C THR B 393 16.35 18.91 38.07
N TRP B 398 15.21 26.94 38.60
CA TRP B 398 14.65 27.15 37.27
C TRP B 398 15.70 27.71 36.32
N GLU B 399 15.30 27.96 35.08
CA GLU B 399 16.20 28.49 34.07
C GLU B 399 15.38 29.20 33.00
N VAL B 400 15.96 30.27 32.46
CA VAL B 400 15.31 31.05 31.41
C VAL B 400 15.42 30.25 30.11
N VAL B 401 14.35 29.55 29.77
CA VAL B 401 14.30 28.72 28.56
C VAL B 401 13.42 29.35 27.50
N GLY B 402 12.22 29.78 27.88
CA GLY B 402 11.29 30.37 26.93
C GLY B 402 11.83 31.64 26.30
N TRP B 404 9.55 34.95 24.80
CA TRP B 404 8.40 34.94 23.91
C TRP B 404 7.55 36.19 24.11
N GLU B 405 7.35 36.95 23.02
CA GLU B 405 6.57 38.16 23.07
C GLU B 405 6.38 38.68 21.65
N GLN B 406 5.57 39.73 21.52
CA GLN B 406 5.28 40.33 20.23
C GLN B 406 4.70 39.30 19.25
N GLN B 407 4.03 38.28 19.78
CA GLN B 407 3.50 37.20 18.95
C GLN B 407 4.60 36.59 18.10
N THR B 408 5.79 36.48 18.68
CA THR B 408 6.97 35.99 17.98
C THR B 408 7.46 34.70 18.64
N LEU B 409 8.61 34.23 18.20
CA LEU B 409 9.20 32.99 18.69
C LEU B 409 10.50 33.31 19.43
N ARG B 410 10.68 32.69 20.59
CA ARG B 410 11.92 32.80 21.35
C ARG B 410 12.23 31.43 21.94
N LEU B 411 13.46 30.96 21.74
CA LEU B 411 13.87 29.66 22.27
C LEU B 411 15.38 29.58 22.26
N LYS B 412 15.98 29.36 23.43
CA LYS B 412 17.40 29.08 23.53
C LYS B 412 17.62 27.58 23.48
N TYR B 413 18.87 27.16 23.66
CA TYR B 413 19.19 25.74 23.62
C TYR B 413 18.75 25.15 22.29
N PRO B 414 19.30 25.60 21.16
CA PRO B 414 18.87 25.06 19.86
C PRO B 414 19.35 23.64 19.65
N LEU B 415 18.71 22.69 20.30
CA LEU B 415 19.12 21.29 20.24
C LEU B 415 18.49 20.59 19.05
N TRP B 416 19.19 19.59 18.53
CA TRP B 416 18.73 18.78 17.42
C TRP B 416 18.48 17.33 17.78
N SER B 417 19.15 16.81 18.80
CA SER B 417 18.81 15.53 19.38
C SER B 417 17.59 15.72 20.29
N ARG B 418 17.20 14.67 21.02
CA ARG B 418 16.02 14.76 21.87
C ARG B 418 16.20 14.07 23.21
N TYR B 419 17.40 13.65 23.58
CA TYR B 419 17.62 12.84 24.77
C TYR B 419 16.81 11.56 24.74
N GLY B 420 16.39 11.14 23.55
CA GLY B 420 15.43 10.05 23.40
C GLY B 420 16.06 8.68 23.54
N ARG B 421 15.61 7.75 22.70
CA ARG B 421 16.01 6.35 22.74
C ARG B 421 15.50 5.63 23.98
N PHE B 422 14.60 6.25 24.74
CA PHE B 422 14.06 5.66 25.95
C PHE B 422 13.05 4.59 25.54
N LEU B 423 13.54 3.37 25.36
CA LEU B 423 12.70 2.25 24.95
C LEU B 423 13.49 0.95 24.95
N THR B 429 16.90 3.55 20.50
CA THR B 429 17.28 2.50 19.56
C THR B 429 16.38 2.52 18.32
N GLN B 430 15.86 3.70 17.99
CA GLN B 430 15.03 3.88 16.81
C GLN B 430 15.48 5.01 15.92
N HIS B 431 16.30 5.93 16.41
CA HIS B 431 16.88 7.00 15.60
C HIS B 431 18.36 6.68 15.40
N LEU B 432 18.76 6.55 14.14
CA LEU B 432 20.13 6.18 13.79
C LEU B 432 20.77 7.32 13.02
N THR B 433 21.99 7.70 13.43
CA THR B 433 22.73 8.75 12.76
C THR B 433 22.87 8.44 11.27
N VAL B 434 22.26 9.26 10.43
CA VAL B 434 22.27 9.06 8.98
C VAL B 434 22.75 10.35 8.31
N ALA B 435 23.69 10.21 7.38
CA ALA B 435 24.22 11.36 6.67
C ALA B 435 24.72 10.92 5.31
N THR B 436 24.90 11.89 4.42
CA THR B 436 25.36 11.64 3.06
C THR B 436 25.78 12.98 2.46
N LEU B 437 26.07 12.97 1.16
CA LEU B 437 26.47 14.16 0.43
C LEU B 437 25.41 14.49 -0.62
N GLU B 438 25.37 15.77 -0.99
CA GLU B 438 24.44 16.23 -2.02
C GLU B 438 24.93 15.76 -3.39
N GLU B 439 24.79 14.48 -3.67
CA GLU B 439 25.30 13.93 -4.93
C GLU B 439 24.62 14.58 -6.13
N ARG B 440 23.29 14.72 -6.07
CA ARG B 440 22.44 15.35 -7.07
C ARG B 440 21.51 14.29 -7.68
N PRO B 441 22.04 13.24 -8.31
CA PRO B 441 21.15 12.20 -8.83
C PRO B 441 20.33 11.52 -7.74
N PHE B 442 20.83 11.51 -6.51
CA PHE B 442 20.15 10.85 -5.40
C PHE B 442 20.07 11.70 -4.14
N VAL B 443 20.73 12.86 -4.09
CA VAL B 443 20.69 13.75 -2.94
C VAL B 443 20.37 15.14 -3.48
N ILE B 444 19.10 15.53 -3.37
CA ILE B 444 18.64 16.83 -3.86
C ILE B 444 18.60 17.79 -2.68
N VAL B 445 19.28 18.92 -2.82
CA VAL B 445 19.32 19.96 -1.80
C VAL B 445 19.02 21.28 -2.49
N GLU B 446 17.83 21.82 -2.27
CA GLU B 446 17.38 23.06 -2.88
C GLU B 446 16.76 23.94 -1.80
N PRO B 447 16.75 25.25 -2.01
CA PRO B 447 16.19 26.15 -0.98
C PRO B 447 14.75 25.83 -0.68
N ALA B 448 14.38 25.97 0.59
CA ALA B 448 13.02 25.69 1.04
C ALA B 448 12.09 26.84 0.68
N SER B 452 11.83 29.71 2.85
CA SER B 452 10.82 30.32 3.71
C SER B 452 9.53 29.49 3.68
N GLY B 453 8.78 29.53 4.78
CA GLY B 453 7.55 28.77 4.89
C GLY B 453 7.77 27.36 5.38
N THR B 454 7.72 26.40 4.46
CA THR B 454 7.93 25.00 4.82
C THR B 454 8.35 24.25 3.56
N CYS B 455 8.95 23.07 3.77
CA CYS B 455 9.42 22.27 2.66
C CYS B 455 8.26 21.79 1.79
N ILE B 456 8.60 21.20 0.66
CA ILE B 456 7.61 20.64 -0.26
C ILE B 456 7.24 19.24 0.21
N ARG B 457 6.13 18.71 -0.31
CA ARG B 457 5.70 17.38 0.08
C ARG B 457 6.75 16.34 -0.29
N ASP B 458 6.90 15.33 0.56
CA ASP B 458 7.82 14.21 0.40
C ASP B 458 9.26 14.60 0.76
N SER B 459 9.53 15.85 1.12
CA SER B 459 10.87 16.23 1.54
C SER B 459 11.16 15.65 2.93
N VAL B 460 12.35 15.95 3.44
CA VAL B 460 12.76 15.45 4.75
C VAL B 460 13.55 16.53 5.48
N PRO B 461 13.46 16.60 6.82
CA PRO B 461 14.36 17.50 7.55
C PRO B 461 15.80 17.12 7.30
N CYS B 462 16.67 18.13 7.26
CA CYS B 462 18.00 17.94 6.68
C CYS B 462 18.91 19.06 7.14
N ARG B 463 20.02 18.71 7.78
CA ARG B 463 20.96 19.69 8.30
C ARG B 463 22.38 19.23 8.02
N SER B 464 23.30 20.19 7.98
CA SER B 464 24.71 19.94 7.76
C SER B 464 25.52 20.72 8.77
N GLN B 465 26.64 20.14 9.21
CA GLN B 465 27.52 20.80 10.17
C GLN B 465 28.80 19.98 10.35
N PRO B 479 22.74 27.49 11.90
CA PRO B 479 21.42 26.98 12.28
C PRO B 479 20.36 27.22 11.22
N GLU B 480 20.62 26.77 10.00
CA GLU B 480 19.72 26.97 8.88
C GLU B 480 19.32 25.64 8.27
N LYS B 481 18.05 25.51 7.91
CA LYS B 481 17.52 24.32 7.27
C LYS B 481 17.15 24.62 5.82
N ARG B 482 17.32 23.62 4.96
CA ARG B 482 17.07 23.79 3.53
C ARG B 482 16.28 22.60 3.01
N CYS B 483 15.53 22.85 1.93
CA CYS B 483 14.77 21.78 1.29
C CYS B 483 15.69 20.64 0.88
N CYS B 484 15.31 19.42 1.21
CA CYS B 484 16.20 18.27 1.11
C CYS B 484 15.38 17.02 0.82
N LYS B 485 15.69 16.35 -0.28
CA LYS B 485 14.98 15.15 -0.68
C LYS B 485 15.64 14.58 -1.92
N GLY B 486 15.45 13.28 -2.14
CA GLY B 486 16.03 12.63 -3.29
C GLY B 486 15.74 11.15 -3.29
N PHE B 487 16.18 10.50 -4.37
CA PHE B 487 15.98 9.05 -4.49
C PHE B 487 16.60 8.31 -3.33
N CYS B 488 17.80 8.70 -2.91
CA CYS B 488 18.36 8.17 -1.69
C CYS B 488 17.43 8.42 -0.51
N ILE B 489 16.88 9.64 -0.43
CA ILE B 489 15.92 9.96 0.62
C ILE B 489 14.69 9.08 0.49
N ASP B 490 14.22 8.87 -0.74
CA ASP B 490 13.03 8.04 -0.95
C ASP B 490 13.25 6.63 -0.44
N ILE B 491 14.39 6.02 -0.79
CA ILE B 491 14.66 4.66 -0.34
C ILE B 491 14.84 4.62 1.17
N LEU B 492 15.49 5.64 1.74
CA LEU B 492 15.67 5.68 3.19
C LEU B 492 14.32 5.73 3.90
N LYS B 493 13.42 6.59 3.45
CA LYS B 493 12.12 6.71 4.10
C LYS B 493 11.29 5.45 3.90
N ARG B 494 11.37 4.84 2.71
CA ARG B 494 10.65 3.59 2.49
C ARG B 494 11.15 2.51 3.44
N LEU B 495 12.47 2.40 3.60
CA LEU B 495 13.02 1.43 4.54
C LEU B 495 12.54 1.72 5.95
N ALA B 496 12.60 2.99 6.36
CA ALA B 496 12.19 3.35 7.71
C ALA B 496 10.73 2.99 7.95
N HIS B 497 9.85 3.29 6.98
CA HIS B 497 8.46 2.90 7.11
C HIS B 497 8.31 1.39 7.21
N THR B 498 9.06 0.65 6.40
CA THR B 498 9.01 -0.80 6.46
C THR B 498 9.46 -1.32 7.81
N ILE B 499 10.33 -0.58 8.50
CA ILE B 499 10.81 -1.00 9.82
C ILE B 499 10.31 -0.08 10.93
N GLY B 500 9.72 1.07 10.60
CA GLY B 500 9.26 1.99 11.63
C GLY B 500 10.38 2.47 12.52
N PHE B 501 11.51 2.85 11.93
CA PHE B 501 12.67 3.30 12.67
C PHE B 501 12.83 4.81 12.49
N SER B 502 13.03 5.52 13.60
CA SER B 502 13.32 6.95 13.55
C SER B 502 14.66 7.17 12.85
N TYR B 503 15.06 8.41 12.68
CA TYR B 503 16.28 8.69 11.92
C TYR B 503 16.59 10.18 12.02
N ASP B 504 17.81 10.53 11.58
CA ASP B 504 18.23 11.91 11.44
C ASP B 504 19.01 12.04 10.15
N LEU B 505 18.64 13.03 9.34
CA LEU B 505 19.25 13.23 8.03
C LEU B 505 20.35 14.28 8.14
N TYR B 506 21.48 13.86 8.72
CA TYR B 506 22.64 14.72 8.79
C TYR B 506 23.23 14.91 7.40
N LEU B 507 24.28 15.72 7.32
CA LEU B 507 24.92 16.03 6.04
C LEU B 507 26.43 16.05 6.22
N VAL B 508 27.13 15.91 5.09
CA VAL B 508 28.59 15.90 5.13
C VAL B 508 29.11 17.24 5.64
N THR B 509 30.23 17.18 6.33
CA THR B 509 30.92 18.38 6.82
C THR B 509 32.39 18.42 6.41
N ASN B 510 33.06 17.26 6.37
CA ASN B 510 34.48 17.18 6.06
C ASN B 510 34.66 16.44 4.75
N GLY B 511 35.36 17.07 3.80
CA GLY B 511 35.67 16.43 2.54
C GLY B 511 34.46 16.09 1.71
N LYS B 512 34.68 15.66 0.47
CA LYS B 512 33.58 15.26 -0.41
C LYS B 512 33.12 13.84 -0.13
N HIS B 513 33.92 13.03 0.56
CA HIS B 513 33.52 11.69 0.94
C HIS B 513 33.85 11.32 2.37
N GLY B 514 34.69 12.08 3.07
CA GLY B 514 35.04 11.74 4.43
C GLY B 514 35.67 10.38 4.56
N LYS B 515 36.56 10.02 3.63
CA LYS B 515 37.18 8.71 3.64
C LYS B 515 38.36 8.68 4.58
N LYS B 516 38.68 7.48 5.08
CA LYS B 516 39.85 7.29 5.93
C LYS B 516 41.11 7.37 5.08
N ILE B 517 41.46 8.58 4.64
CA ILE B 517 42.54 8.74 3.67
C ILE B 517 43.85 8.20 4.24
N ASP B 518 44.20 8.62 5.44
CA ASP B 518 45.47 8.27 6.08
C ASP B 518 45.22 7.69 7.47
N GLY B 519 44.27 6.76 7.56
CA GLY B 519 43.95 6.18 8.84
C GLY B 519 43.41 7.18 9.84
N VAL B 520 42.52 8.06 9.40
CA VAL B 520 41.95 9.08 10.28
C VAL B 520 40.82 8.48 11.10
N MET B 524 31.77 5.40 5.76
CA MET B 524 33.04 6.03 5.45
C MET B 524 33.01 7.51 5.80
N ILE B 525 32.11 8.25 5.14
CA ILE B 525 32.02 9.68 5.37
C ILE B 525 31.75 9.96 6.84
N GLY B 526 30.74 9.30 7.40
CA GLY B 526 30.46 9.39 8.82
C GLY B 526 31.08 8.31 9.65
N GLU B 527 31.70 7.32 9.01
CA GLU B 527 32.34 6.21 9.70
C GLU B 527 33.85 6.19 9.49
N VAL B 528 34.44 7.36 9.26
CA VAL B 528 35.90 7.44 9.19
C VAL B 528 36.50 6.92 10.49
N PHE B 529 35.90 7.29 11.62
CA PHE B 529 36.28 6.72 12.90
C PHE B 529 35.62 5.34 13.04
N TYR B 530 35.68 4.77 14.24
CA TYR B 530 35.12 3.43 14.45
C TYR B 530 33.60 3.47 14.40
N GLN B 531 32.98 4.21 15.31
CA GLN B 531 31.52 4.26 15.45
C GLN B 531 31.05 5.70 15.52
N ARG B 532 31.63 6.58 14.71
CA ARG B 532 31.23 7.98 14.73
C ARG B 532 29.78 8.15 14.31
N ALA B 533 29.35 7.43 13.28
CA ALA B 533 28.01 7.54 12.73
C ALA B 533 27.20 6.29 13.05
N ASP B 534 25.97 6.23 12.50
CA ASP B 534 25.09 5.09 12.73
C ASP B 534 24.32 4.72 11.47
N MET B 535 24.87 4.99 10.30
CA MET B 535 24.22 4.67 9.03
C MET B 535 25.19 4.98 7.90
N ALA B 536 24.77 4.69 6.68
CA ALA B 536 25.60 4.96 5.51
C ALA B 536 24.71 5.00 4.28
N ILE B 537 24.63 6.17 3.65
CA ILE B 537 23.81 6.34 2.45
C ILE B 537 24.62 6.83 1.26
N GLY B 538 25.92 7.06 1.41
CA GLY B 538 26.74 7.51 0.30
C GLY B 538 26.60 6.66 -0.94
N SER B 539 26.08 7.25 -2.01
CA SER B 539 25.86 6.53 -3.25
C SER B 539 27.15 6.03 -3.89
N LEU B 540 28.30 6.54 -3.45
CA LEU B 540 29.57 6.09 -4.02
C LEU B 540 29.69 4.57 -3.87
N THR B 541 30.61 4.00 -4.64
CA THR B 541 30.66 2.55 -4.80
C THR B 541 31.03 1.86 -3.49
N ILE B 542 31.02 0.53 -3.53
CA ILE B 542 31.39 -0.30 -2.40
C ILE B 542 32.73 -0.94 -2.71
N ASN B 543 33.72 -0.69 -1.86
CA ASN B 543 35.09 -1.12 -2.06
C ASN B 543 35.41 -2.29 -1.13
N GLU B 544 36.67 -2.72 -1.16
CA GLU B 544 37.15 -3.70 -0.20
C GLU B 544 37.53 -3.04 1.13
N GLU B 545 38.40 -2.02 1.08
CA GLU B 545 38.79 -1.33 2.30
C GLU B 545 37.60 -0.67 2.97
N ARG B 546 36.72 -0.05 2.19
CA ARG B 546 35.50 0.51 2.76
C ARG B 546 34.62 -0.58 3.36
N SER B 547 34.46 -1.69 2.65
CA SER B 547 33.56 -2.75 3.10
C SER B 547 34.16 -3.58 4.23
N GLU B 548 35.47 -3.78 4.22
CA GLU B 548 36.08 -4.71 5.17
C GLU B 548 35.94 -4.24 6.62
N ILE B 549 35.57 -2.99 6.85
CA ILE B 549 35.39 -2.47 8.20
C ILE B 549 33.91 -2.47 8.61
N VAL B 550 33.01 -2.18 7.67
CA VAL B 550 31.58 -2.13 7.95
C VAL B 550 30.83 -2.79 6.80
N ASP B 551 29.87 -3.65 7.14
CA ASP B 551 29.05 -4.29 6.12
C ASP B 551 28.20 -3.25 5.41
N PHE B 552 28.15 -3.35 4.08
CA PHE B 552 27.46 -2.36 3.25
C PHE B 552 26.67 -3.05 2.14
N SER B 553 25.95 -4.12 2.48
CA SER B 553 25.12 -4.78 1.49
C SER B 553 24.07 -3.81 0.96
N VAL B 554 23.91 -3.77 -0.36
CA VAL B 554 22.95 -2.88 -0.99
C VAL B 554 22.86 -3.17 -2.49
N PRO B 555 21.69 -3.02 -3.12
CA PRO B 555 21.62 -3.13 -4.58
C PRO B 555 21.68 -1.78 -5.28
N PHE B 556 22.40 -1.72 -6.39
CA PHE B 556 22.39 -0.56 -7.28
C PHE B 556 23.15 -0.95 -8.55
N VAL B 557 23.33 0.02 -9.44
CA VAL B 557 23.92 -0.27 -10.74
C VAL B 557 25.31 -0.89 -10.60
N GLU B 558 26.03 -0.53 -9.54
CA GLU B 558 27.41 -0.93 -9.26
C GLU B 558 28.40 -0.09 -10.05
N THR B 559 27.95 0.77 -10.96
CA THR B 559 28.80 1.74 -11.65
C THR B 559 30.15 1.14 -12.05
N GLY B 560 30.06 0.06 -12.82
CA GLY B 560 31.26 -0.67 -13.20
C GLY B 560 32.08 -0.02 -14.29
N ILE B 561 31.53 0.06 -15.50
CA ILE B 561 32.27 0.55 -16.65
C ILE B 561 32.48 2.06 -16.53
N MET B 564 32.19 3.59 -22.02
CA MET B 564 32.28 4.80 -21.23
C MET B 564 32.82 5.96 -22.06
N VAL B 565 32.02 7.02 -22.20
CA VAL B 565 32.42 8.19 -22.96
C VAL B 565 31.31 9.23 -22.94
N SER B 575 25.61 -2.70 -46.68
CA SER B 575 24.80 -2.36 -47.84
C SER B 575 25.67 -2.16 -49.08
N ALA B 576 26.97 -1.95 -48.86
CA ALA B 576 27.89 -1.73 -49.97
C ALA B 576 28.01 -2.98 -50.83
N PHE B 577 28.28 -4.13 -50.22
CA PHE B 577 28.48 -5.36 -50.97
C PHE B 577 27.16 -5.94 -51.49
N LEU B 578 26.05 -5.70 -50.79
CA LEU B 578 24.77 -6.31 -51.13
C LEU B 578 23.92 -5.41 -52.04
N GLU B 579 24.54 -4.57 -52.85
CA GLU B 579 23.78 -3.65 -53.69
C GLU B 579 23.02 -4.38 -54.78
N PRO B 580 23.71 -4.95 -55.79
CA PRO B 580 22.99 -5.47 -56.96
C PRO B 580 22.02 -6.60 -56.65
N TYR B 581 22.53 -7.72 -56.15
CA TYR B 581 21.71 -8.91 -55.89
C TYR B 581 22.63 -10.01 -55.40
N SER B 582 22.02 -11.14 -55.02
CA SER B 582 22.79 -12.34 -54.75
C SER B 582 23.21 -13.00 -56.07
N PRO B 583 24.37 -13.68 -56.10
CA PRO B 583 24.87 -14.19 -57.37
C PRO B 583 23.99 -15.23 -58.02
N ALA B 584 23.67 -16.30 -57.29
CA ALA B 584 22.93 -17.41 -57.88
C ALA B 584 21.43 -17.17 -57.79
N VAL B 585 20.98 -16.02 -58.31
CA VAL B 585 19.56 -15.71 -58.43
C VAL B 585 19.16 -15.42 -59.87
N TRP B 586 20.05 -14.75 -60.63
CA TRP B 586 19.79 -14.40 -62.01
C TRP B 586 20.40 -15.40 -62.99
N VAL B 587 20.74 -16.61 -62.52
CA VAL B 587 21.13 -17.67 -63.46
C VAL B 587 20.06 -17.85 -64.52
N MET B 588 18.81 -17.57 -64.15
CA MET B 588 17.74 -17.54 -65.12
C MET B 588 18.08 -16.62 -66.27
N MET B 589 18.80 -15.52 -66.01
CA MET B 589 19.12 -14.58 -67.07
C MET B 589 20.14 -15.16 -68.04
N PHE B 590 21.16 -15.86 -67.54
CA PHE B 590 22.09 -16.54 -68.43
C PHE B 590 21.36 -17.57 -69.30
N VAL B 591 20.57 -18.44 -68.67
CA VAL B 591 19.89 -19.47 -69.44
C VAL B 591 18.95 -18.83 -70.46
N MET B 592 18.28 -17.75 -70.07
CA MET B 592 17.39 -17.04 -70.99
C MET B 592 18.16 -16.43 -72.14
N CYS B 593 19.37 -15.93 -71.88
CA CYS B 593 20.20 -15.45 -72.98
C CYS B 593 20.48 -16.58 -73.97
N LEU B 594 20.81 -17.76 -73.46
CA LEU B 594 21.07 -18.87 -74.36
C LEU B 594 19.83 -19.25 -75.16
N THR B 595 18.66 -19.30 -74.51
CA THR B 595 17.43 -19.63 -75.22
C THR B 595 17.09 -18.56 -76.26
N VAL B 596 17.31 -17.28 -75.93
CA VAL B 596 17.06 -16.22 -76.90
C VAL B 596 17.98 -16.36 -78.10
N VAL B 597 19.26 -16.67 -77.85
CA VAL B 597 20.18 -16.93 -78.96
C VAL B 597 19.65 -18.06 -79.82
N ALA B 598 19.20 -19.15 -79.19
CA ALA B 598 18.68 -20.28 -79.94
C ALA B 598 17.46 -19.90 -80.76
N VAL B 599 16.54 -19.13 -80.16
CA VAL B 599 15.37 -18.67 -80.90
C VAL B 599 15.79 -17.85 -82.10
N THR B 600 16.83 -17.04 -81.94
CA THR B 600 17.40 -16.35 -83.09
C THR B 600 17.88 -17.35 -84.14
N VAL B 601 18.50 -18.44 -83.70
CA VAL B 601 18.88 -19.51 -84.61
C VAL B 601 17.64 -20.13 -85.26
N PHE B 602 16.49 -20.04 -84.59
CA PHE B 602 15.24 -20.59 -85.11
C PHE B 602 14.48 -19.61 -85.98
N ILE B 603 15.06 -18.46 -86.29
CA ILE B 603 14.37 -17.43 -87.07
C ILE B 603 15.10 -17.05 -88.34
N PHE B 604 16.37 -17.41 -88.54
CA PHE B 604 17.10 -17.02 -89.73
C PHE B 604 16.91 -17.98 -90.89
N GLU B 605 15.87 -18.83 -90.84
CA GLU B 605 15.39 -19.57 -92.00
C GLU B 605 13.87 -19.58 -92.05
N TYR B 606 13.21 -18.54 -91.52
CA TYR B 606 11.77 -18.45 -91.52
C TYR B 606 11.23 -17.11 -92.00
N LEU B 607 12.06 -16.08 -92.13
CA LEU B 607 11.62 -14.77 -92.57
C LEU B 607 10.48 -14.27 -91.68
N PHE B 627 20.03 -13.79 -92.89
CA PHE B 627 20.71 -12.65 -93.47
C PHE B 627 21.03 -11.59 -92.42
N THR B 628 20.81 -11.93 -91.15
CA THR B 628 21.06 -11.00 -90.05
C THR B 628 21.46 -11.82 -88.83
N ILE B 629 22.77 -11.94 -88.60
CA ILE B 629 23.30 -12.63 -87.44
C ILE B 629 24.08 -11.62 -86.59
N GLY B 630 25.06 -10.96 -87.21
CA GLY B 630 25.75 -9.90 -86.51
C GLY B 630 24.83 -8.77 -86.10
N LYS B 631 23.89 -8.41 -86.98
CA LYS B 631 22.86 -7.43 -86.61
C LYS B 631 21.95 -8.01 -85.53
N SER B 632 21.51 -9.25 -85.71
CA SER B 632 20.73 -9.92 -84.67
C SER B 632 21.54 -10.06 -83.39
N ILE B 633 22.84 -10.33 -83.53
CA ILE B 633 23.70 -10.48 -82.35
C ILE B 633 23.78 -9.17 -81.58
N TRP B 634 23.96 -8.05 -82.29
CA TRP B 634 23.97 -6.75 -81.63
C TRP B 634 22.63 -6.45 -80.99
N LEU B 635 21.53 -6.75 -81.69
CA LEU B 635 20.22 -6.53 -81.11
C LEU B 635 20.10 -7.28 -79.79
N LEU B 636 20.43 -8.57 -79.79
CA LEU B 636 20.35 -9.38 -78.58
C LEU B 636 21.22 -8.78 -77.47
N TRP B 637 22.49 -8.51 -77.78
CA TRP B 637 23.42 -8.10 -76.74
C TRP B 637 23.04 -6.75 -76.15
N ALA B 638 22.76 -5.75 -77.00
CA ALA B 638 22.34 -4.46 -76.51
C ALA B 638 20.96 -4.50 -75.85
N LEU B 639 20.15 -5.51 -76.16
CA LEU B 639 18.84 -5.61 -75.54
C LEU B 639 18.86 -6.31 -74.20
N VAL B 640 19.88 -7.13 -73.94
CA VAL B 640 19.97 -7.93 -72.72
C VAL B 640 19.73 -7.06 -71.48
N PHE B 641 19.97 -5.76 -71.61
CA PHE B 641 19.88 -4.83 -70.49
C PHE B 641 18.55 -4.07 -70.54
N ASN B 642 18.43 -3.06 -69.67
CA ASN B 642 17.19 -2.32 -69.52
C ASN B 642 16.76 -1.65 -70.83
N ASN B 643 15.49 -1.26 -70.88
CA ASN B 643 14.93 -0.69 -72.10
C ASN B 643 15.77 0.43 -72.71
N SER B 644 16.46 1.21 -71.90
CA SER B 644 17.27 2.32 -72.41
C SER B 644 18.39 1.73 -73.26
N VAL B 645 18.28 1.90 -74.57
CA VAL B 645 19.22 1.27 -75.50
C VAL B 645 19.32 2.11 -76.77
N PRO B 646 20.52 2.41 -77.27
CA PRO B 646 20.64 3.06 -78.58
C PRO B 646 20.73 2.04 -79.70
N VAL B 647 19.86 2.16 -80.70
CA VAL B 647 19.88 1.25 -81.84
C VAL B 647 18.90 1.74 -82.90
N THR B 653 3.20 -14.41 -85.59
CA THR B 653 4.18 -13.33 -85.60
C THR B 653 5.18 -13.50 -84.46
N THR B 654 5.90 -14.63 -84.48
CA THR B 654 6.89 -14.89 -83.44
C THR B 654 7.95 -13.81 -83.40
N SER B 655 8.27 -13.20 -84.54
CA SER B 655 9.33 -12.20 -84.58
C SER B 655 9.11 -11.11 -83.54
N LYS B 656 7.89 -10.60 -83.44
CA LYS B 656 7.57 -9.58 -82.45
C LYS B 656 7.09 -10.17 -81.13
N ILE B 657 6.52 -11.36 -81.16
CA ILE B 657 6.01 -11.98 -79.92
C ILE B 657 7.15 -12.31 -78.97
N MET B 658 8.24 -12.85 -79.51
CA MET B 658 9.40 -13.17 -78.68
C MET B 658 9.96 -11.91 -78.04
N VAL B 659 10.06 -10.83 -78.81
CA VAL B 659 10.54 -9.57 -78.26
C VAL B 659 9.57 -9.05 -77.20
N LEU B 660 8.26 -9.24 -77.43
CA LEU B 660 7.27 -8.77 -76.47
C LEU B 660 7.42 -9.47 -75.13
N VAL B 661 7.51 -10.81 -75.15
CA VAL B 661 7.69 -11.54 -73.90
C VAL B 661 9.03 -11.20 -73.27
N TRP B 662 10.04 -10.97 -74.11
CA TRP B 662 11.35 -10.59 -73.58
C TRP B 662 11.24 -9.29 -72.80
N ALA B 663 10.63 -8.28 -73.41
CA ALA B 663 10.46 -7.00 -72.73
C ALA B 663 9.60 -7.17 -71.48
N PHE B 664 8.60 -8.05 -71.53
CA PHE B 664 7.75 -8.28 -70.36
C PHE B 664 8.59 -8.74 -69.18
N PHE B 665 9.31 -9.85 -69.31
CA PHE B 665 10.03 -10.28 -68.11
C PHE B 665 11.23 -9.39 -67.82
N ALA B 666 11.73 -8.65 -68.81
CA ALA B 666 12.78 -7.67 -68.53
C ALA B 666 12.28 -6.55 -67.62
N VAL B 667 11.13 -5.96 -67.97
CA VAL B 667 10.57 -4.91 -67.12
C VAL B 667 10.15 -5.48 -65.78
N ILE B 668 9.67 -6.73 -65.75
CA ILE B 668 9.31 -7.34 -64.48
C ILE B 668 10.54 -7.49 -63.60
N PHE B 669 11.65 -7.93 -64.18
CA PHE B 669 12.90 -8.04 -63.41
C PHE B 669 13.36 -6.67 -62.94
N LEU B 670 13.20 -5.64 -63.78
CA LEU B 670 13.57 -4.29 -63.36
C LEU B 670 12.74 -3.83 -62.18
N ALA B 671 11.44 -4.09 -62.22
CA ALA B 671 10.57 -3.72 -61.10
C ALA B 671 10.94 -4.50 -59.84
N SER B 672 11.27 -5.79 -59.99
CA SER B 672 11.73 -6.58 -58.86
C SER B 672 13.01 -5.99 -58.27
N TYR B 673 13.91 -5.54 -59.13
CA TYR B 673 15.13 -4.88 -58.67
C TYR B 673 14.80 -3.60 -57.92
N THR B 674 13.82 -2.85 -58.41
CA THR B 674 13.39 -1.63 -57.72
C THR B 674 12.87 -1.96 -56.33
N ALA B 675 12.05 -3.00 -56.21
CA ALA B 675 11.55 -3.40 -54.90
C ALA B 675 12.68 -3.85 -53.99
N ASN B 676 13.62 -4.63 -54.53
CA ASN B 676 14.73 -5.14 -53.73
C ASN B 676 15.59 -3.99 -53.22
N LEU B 677 15.90 -3.02 -54.09
CA LEU B 677 16.69 -1.87 -53.65
C LEU B 677 15.90 -1.00 -52.67
N ALA B 678 14.58 -0.92 -52.83
CA ALA B 678 13.78 -0.21 -51.84
C ALA B 678 13.91 -0.86 -50.48
N ALA B 679 13.88 -2.18 -50.43
CA ALA B 679 14.11 -2.88 -49.18
C ALA B 679 15.52 -2.61 -48.66
N PHE B 680 16.52 -2.67 -49.54
CA PHE B 680 17.91 -2.46 -49.14
C PHE B 680 18.10 -1.10 -48.48
N MET B 681 17.65 -0.04 -49.15
CA MET B 681 17.90 1.31 -48.67
C MET B 681 17.24 1.56 -47.31
N ILE B 682 16.11 0.91 -47.04
CA ILE B 682 15.44 1.07 -45.75
C ILE B 682 16.25 0.30 -44.72
N GLN B 683 17.11 1.01 -43.99
CA GLN B 683 18.00 0.37 -43.04
C GLN B 683 18.33 1.35 -41.93
N GLU B 684 18.56 0.83 -40.73
CA GLU B 684 18.93 1.61 -39.58
C GLU B 684 20.43 1.47 -39.33
N GLU B 685 20.91 2.07 -38.26
CA GLU B 685 22.31 2.01 -37.86
C GLU B 685 22.41 2.49 -36.42
N TYR B 686 23.64 2.64 -35.93
CA TYR B 686 23.85 3.12 -34.57
C TYR B 686 23.69 4.64 -34.52
N SER B 691 32.67 -3.40 -28.29
CA SER B 691 34.02 -2.85 -28.26
C SER B 691 34.63 -2.98 -26.87
N GLY B 692 34.32 -4.09 -26.21
CA GLY B 692 34.81 -4.32 -24.86
C GLY B 692 35.89 -5.38 -24.79
N LEU B 693 37.09 -4.98 -24.34
CA LEU B 693 38.19 -5.92 -24.17
C LEU B 693 38.80 -5.79 -22.78
N SER B 694 38.77 -4.58 -22.22
CA SER B 694 39.35 -4.34 -20.90
C SER B 694 38.94 -2.93 -20.47
N ASP B 695 39.45 -2.50 -19.31
CA ASP B 695 39.15 -1.17 -18.81
C ASP B 695 39.66 -0.08 -19.73
N ARG B 696 40.70 -0.36 -20.50
CA ARG B 696 41.27 0.61 -21.42
C ARG B 696 40.41 0.67 -22.69
N LYS B 697 40.90 1.36 -23.71
CA LYS B 697 40.15 1.56 -24.95
C LYS B 697 40.51 0.45 -25.93
N PHE B 698 39.92 -0.73 -25.70
CA PHE B 698 40.03 -1.87 -26.61
C PHE B 698 41.48 -2.32 -26.76
N GLN B 699 42.09 -2.67 -25.63
CA GLN B 699 43.43 -3.23 -25.55
C GLN B 699 44.51 -2.23 -25.94
N ARG B 700 44.16 -0.95 -26.09
CA ARG B 700 45.15 0.06 -26.43
C ARG B 700 46.03 0.34 -25.23
N PRO B 701 47.17 1.04 -25.43
CA PRO B 701 48.13 1.21 -24.33
C PRO B 701 47.50 1.65 -23.01
N GLN B 702 48.24 1.43 -21.92
CA GLN B 702 47.70 1.63 -20.58
C GLN B 702 47.10 3.02 -20.42
N GLU B 703 47.85 4.06 -20.82
CA GLU B 703 47.39 5.43 -20.68
C GLU B 703 46.83 5.97 -21.99
N GLN B 704 47.66 6.05 -23.03
CA GLN B 704 47.23 6.55 -24.32
C GLN B 704 47.77 5.66 -25.44
N PRO B 706 52.07 6.68 -27.94
CA PRO B 706 50.83 7.10 -28.62
C PRO B 706 49.98 8.03 -27.77
N PRO B 707 50.47 9.25 -27.51
CA PRO B 707 49.74 10.20 -26.66
C PRO B 707 48.64 10.97 -27.39
N LEU B 708 47.52 10.28 -27.61
CA LEU B 708 46.35 10.86 -28.26
C LEU B 708 45.10 10.53 -27.46
N LYS B 709 44.10 11.39 -27.57
CA LYS B 709 42.83 11.22 -26.89
C LYS B 709 43.03 11.03 -25.38
N PHE B 710 43.61 12.06 -24.76
CA PHE B 710 43.86 12.05 -23.33
C PHE B 710 42.57 12.35 -22.57
N GLY B 711 42.35 11.61 -21.49
CA GLY B 711 41.17 11.80 -20.69
C GLY B 711 41.03 10.70 -19.65
N THR B 712 39.87 10.69 -19.00
CA THR B 712 39.54 9.69 -17.97
C THR B 712 40.42 9.88 -16.73
N VAL B 713 40.54 11.12 -16.27
CA VAL B 713 41.29 11.43 -15.06
C VAL B 713 40.42 12.31 -14.16
N PRO B 714 39.46 11.74 -13.43
CA PRO B 714 38.57 12.55 -12.58
C PRO B 714 39.03 12.73 -11.14
N ASN B 715 40.13 12.12 -10.74
CA ASN B 715 40.60 12.22 -9.36
C ASN B 715 39.53 11.72 -8.40
N THR B 718 36.21 5.57 -5.65
CA THR B 718 35.78 5.61 -7.05
C THR B 718 36.97 5.78 -7.97
N GLU B 719 37.36 7.03 -8.23
CA GLU B 719 38.55 7.28 -9.02
C GLU B 719 39.79 6.69 -8.35
N LYS B 720 39.86 6.81 -7.02
CA LYS B 720 40.95 6.18 -6.29
C LYS B 720 40.93 4.66 -6.47
N ASN B 721 39.73 4.09 -6.66
CA ASN B 721 39.63 2.64 -6.84
C ASN B 721 40.45 2.19 -8.05
N ILE B 722 40.32 2.89 -9.18
CA ILE B 722 41.14 2.58 -10.33
C ILE B 722 42.54 3.17 -10.21
N ARG B 723 42.73 4.14 -9.30
CA ARG B 723 44.06 4.69 -9.08
C ARG B 723 45.02 3.62 -8.59
N SER B 724 44.56 2.75 -7.69
CA SER B 724 45.35 1.65 -7.18
C SER B 724 45.36 0.45 -8.12
N ASN B 725 44.77 0.57 -9.31
CA ASN B 725 44.69 -0.53 -10.25
C ASN B 725 46.06 -0.84 -10.83
N TYR B 726 46.09 -1.81 -11.73
CA TYR B 726 47.31 -2.19 -12.44
C TYR B 726 47.80 -1.03 -13.29
N HIS B 730 49.66 1.78 -13.52
CA HIS B 730 49.75 2.94 -12.65
C HIS B 730 48.58 3.89 -12.89
N SER B 731 47.45 3.34 -13.29
CA SER B 731 46.25 4.14 -13.58
C SER B 731 46.55 5.19 -14.64
N TYR B 732 46.90 4.70 -15.84
CA TYR B 732 47.29 5.56 -16.94
C TYR B 732 48.58 6.32 -16.61
N MET B 733 49.53 5.62 -16.01
CA MET B 733 50.81 6.19 -15.58
C MET B 733 50.65 7.16 -14.41
N VAL B 734 49.56 7.05 -13.66
CA VAL B 734 49.28 7.97 -12.56
C VAL B 734 49.36 9.40 -13.08
N ARG B 735 48.87 9.61 -14.30
CA ARG B 735 48.90 10.91 -14.96
C ARG B 735 47.60 11.68 -14.77
N TYR B 736 46.92 11.46 -13.65
CA TYR B 736 45.64 12.11 -13.37
C TYR B 736 45.90 13.28 -12.42
N ASN B 737 45.93 14.49 -12.98
CA ASN B 737 46.02 15.73 -12.22
C ASN B 737 44.65 16.34 -11.96
N GLN B 738 43.62 15.50 -11.87
CA GLN B 738 42.24 15.95 -11.74
C GLN B 738 41.86 16.88 -12.89
N PRO B 739 42.19 16.54 -14.14
CA PRO B 739 41.75 17.40 -15.26
C PRO B 739 40.25 17.50 -15.37
N ARG B 740 39.51 16.43 -15.04
CA ARG B 740 38.07 16.44 -15.22
C ARG B 740 37.39 17.49 -14.35
N VAL B 741 37.82 17.61 -13.10
CA VAL B 741 37.15 18.50 -12.14
C VAL B 741 35.70 18.03 -12.04
N GLU B 742 34.75 18.97 -12.10
CA GLU B 742 33.35 18.59 -12.09
C GLU B 742 32.99 17.74 -13.30
N GLU B 743 32.05 16.80 -13.10
CA GLU B 743 31.64 15.93 -14.20
C GLU B 743 31.03 16.73 -15.34
N ALA B 744 30.20 17.72 -15.03
CA ALA B 744 29.55 18.52 -16.06
C ALA B 744 30.57 19.25 -16.93
N LEU B 745 31.80 19.45 -16.44
CA LEU B 745 32.83 20.06 -17.26
C LEU B 745 33.07 19.27 -18.54
N THR B 746 32.77 17.97 -18.51
CA THR B 746 32.93 17.12 -19.69
C THR B 746 31.97 17.49 -20.80
N GLN B 747 30.93 18.29 -20.52
CA GLN B 747 29.95 18.62 -21.54
C GLN B 747 30.61 19.13 -22.81
N LEU B 748 31.60 20.01 -22.66
CA LEU B 748 32.36 20.46 -23.83
C LEU B 748 33.11 19.30 -24.47
N LYS B 749 33.65 18.41 -23.65
CA LYS B 749 34.41 17.26 -24.14
C LYS B 749 33.44 16.21 -24.66
N ALA B 750 33.10 16.33 -25.95
CA ALA B 750 32.28 15.34 -26.63
C ALA B 750 33.06 14.63 -27.74
N GLY B 751 33.64 15.39 -28.67
CA GLY B 751 34.46 14.83 -29.71
C GLY B 751 35.67 15.70 -30.01
N LYS B 752 36.08 16.49 -29.03
CA LYS B 752 37.20 17.42 -29.20
C LYS B 752 38.44 16.70 -29.68
N PHE B 756 36.05 9.09 -22.47
CA PHE B 756 36.19 9.34 -21.03
C PHE B 756 35.43 8.29 -20.23
N ILE B 757 35.95 7.94 -19.07
CA ILE B 757 35.35 6.92 -18.21
C ILE B 757 35.18 7.48 -16.81
N TYR B 758 34.22 6.92 -16.08
CA TYR B 758 33.90 7.34 -14.72
C TYR B 758 32.90 6.32 -14.18
N ASP B 759 32.46 6.55 -12.94
CA ASP B 759 31.41 5.73 -12.36
C ASP B 759 30.27 5.56 -13.35
N ALA B 760 30.01 4.30 -13.73
CA ALA B 760 29.11 4.05 -14.85
C ALA B 760 27.68 4.47 -14.54
N ALA B 761 27.24 4.32 -13.29
CA ALA B 761 25.87 4.69 -12.95
C ALA B 761 25.64 6.19 -13.18
N VAL B 762 26.51 7.03 -12.64
CA VAL B 762 26.36 8.47 -12.82
C VAL B 762 26.57 8.84 -14.29
N LEU B 763 27.44 8.12 -14.99
CA LEU B 763 27.62 8.37 -16.41
C LEU B 763 26.31 8.14 -17.17
N ASN B 764 25.63 7.02 -16.85
CA ASN B 764 24.33 6.76 -17.45
C ASN B 764 23.32 7.84 -17.07
N TYR B 765 23.34 8.27 -15.81
CA TYR B 765 22.42 9.31 -15.38
C TYR B 765 22.62 10.59 -16.18
N MET B 766 23.88 10.99 -16.37
CA MET B 766 24.16 12.16 -17.20
C MET B 766 23.74 11.92 -18.65
N ALA B 767 23.94 10.70 -19.15
CA ALA B 767 23.56 10.39 -20.52
C ALA B 767 22.05 10.56 -20.71
N ARG B 768 21.26 10.12 -19.74
CA ARG B 768 19.80 10.24 -19.87
C ARG B 768 19.40 11.69 -20.07
N LYS B 769 20.01 12.61 -19.32
CA LYS B 769 19.74 14.04 -19.43
C LYS B 769 18.26 14.33 -19.67
N CYS B 773 21.42 13.16 -28.46
CA CYS B 773 22.22 14.38 -28.47
C CYS B 773 23.69 14.07 -28.25
N LYS B 774 24.13 14.10 -26.98
CA LYS B 774 25.50 13.79 -26.61
C LYS B 774 25.63 12.28 -26.48
N LEU B 775 25.77 11.61 -27.62
CA LEU B 775 25.97 10.17 -27.61
C LEU B 775 27.28 9.83 -26.91
N VAL B 776 27.20 8.92 -25.94
CA VAL B 776 28.34 8.56 -25.12
C VAL B 776 28.46 7.04 -25.06
N THR B 777 29.69 6.56 -25.00
CA THR B 777 29.94 5.12 -24.89
C THR B 777 29.19 4.56 -23.69
N ILE B 778 28.22 3.69 -23.97
CA ILE B 778 27.35 3.12 -22.94
C ILE B 778 27.34 1.62 -23.16
N GLY B 779 28.13 0.88 -22.39
CA GLY B 779 28.16 -0.56 -22.46
C GLY B 779 27.93 -1.20 -21.10
N SER B 780 26.79 -1.86 -20.93
CA SER B 780 26.49 -2.52 -19.66
C SER B 780 27.33 -3.78 -19.49
N GLY B 781 27.55 -4.53 -20.57
CA GLY B 781 28.30 -5.77 -20.46
C GLY B 781 29.71 -5.55 -19.98
N LYS B 782 30.31 -4.41 -20.31
CA LYS B 782 31.68 -4.13 -19.89
C LYS B 782 31.80 -4.17 -18.38
N VAL B 783 31.13 -3.24 -17.70
CA VAL B 783 31.09 -3.21 -16.24
C VAL B 783 32.47 -3.48 -15.67
N PHE B 784 33.49 -2.78 -16.17
CA PHE B 784 34.86 -3.13 -15.84
C PHE B 784 35.12 -3.10 -14.34
N ALA B 785 34.62 -2.06 -13.66
CA ALA B 785 34.93 -1.86 -12.25
C ALA B 785 33.83 -2.45 -11.36
N THR B 786 33.77 -3.77 -11.35
CA THR B 786 32.84 -4.48 -10.47
C THR B 786 33.16 -5.97 -10.45
N ALA B 792 24.59 -0.88 2.45
CA ALA B 792 24.89 0.52 2.71
C ALA B 792 24.53 0.87 4.15
N LEU B 793 25.43 0.57 5.07
CA LEU B 793 25.22 0.83 6.48
C LEU B 793 26.55 0.77 7.20
N HIS B 794 26.52 1.15 8.48
CA HIS B 794 27.72 1.17 9.29
C HIS B 794 28.06 -0.25 9.75
N LYS B 795 29.16 -0.37 10.50
CA LYS B 795 29.58 -1.66 11.02
C LYS B 795 28.66 -2.17 12.13
N GLY B 796 27.79 -1.32 12.67
CA GLY B 796 26.91 -1.74 13.74
C GLY B 796 26.27 -3.05 13.35
N SER B 797 26.41 -4.06 14.22
CA SER B 797 25.84 -5.37 13.94
C SER B 797 24.36 -5.28 14.30
N ARG B 798 23.63 -6.34 13.99
CA ARG B 798 22.19 -6.45 14.21
C ARG B 798 21.40 -5.55 13.26
N TRP B 799 22.04 -4.98 12.24
CA TRP B 799 21.36 -4.14 11.28
C TRP B 799 21.52 -4.61 9.83
N LYS B 800 22.56 -5.38 9.53
CA LYS B 800 22.73 -5.88 8.17
C LYS B 800 21.58 -6.79 7.77
N ARG B 801 21.40 -7.89 8.49
CA ARG B 801 20.39 -8.87 8.11
C ARG B 801 18.98 -8.29 8.07
N PRO B 802 18.55 -7.46 9.02
CA PRO B 802 17.18 -6.92 8.94
C PRO B 802 16.90 -6.17 7.65
N ILE B 803 17.70 -5.13 7.35
CA ILE B 803 17.46 -4.34 6.15
C ILE B 803 17.70 -5.18 4.90
N ASP B 804 18.67 -6.09 4.93
CA ASP B 804 18.90 -6.96 3.80
C ASP B 804 17.66 -7.80 3.49
N LEU B 805 17.06 -8.39 4.52
CA LEU B 805 15.83 -9.15 4.32
C LEU B 805 14.71 -8.25 3.83
N ALA B 806 14.60 -7.05 4.41
CA ALA B 806 13.53 -6.14 4.01
C ALA B 806 13.62 -5.82 2.53
N LEU B 807 14.82 -5.47 2.05
CA LEU B 807 14.97 -5.16 0.63
C LEU B 807 14.76 -6.39 -0.21
N LEU B 808 15.42 -7.51 0.11
CA LEU B 808 15.25 -8.70 -0.70
C LEU B 808 13.80 -9.16 -0.75
N GLN B 809 12.97 -8.75 0.20
CA GLN B 809 11.58 -9.17 0.22
C GLN B 809 10.65 -8.19 -0.51
N PHE B 810 10.86 -6.88 -0.34
CA PHE B 810 9.95 -5.89 -0.89
C PHE B 810 10.49 -5.18 -2.12
N LEU B 811 11.79 -4.88 -2.13
CA LEU B 811 12.41 -4.12 -3.19
C LEU B 811 12.07 -4.68 -4.57
N GLY B 812 12.25 -5.98 -4.75
CA GLY B 812 12.18 -6.62 -6.05
C GLY B 812 11.02 -6.18 -6.92
N ASP B 813 9.91 -5.76 -6.30
CA ASP B 813 8.73 -5.37 -7.05
C ASP B 813 8.72 -3.86 -7.32
N ASP B 814 8.76 -3.05 -6.27
CA ASP B 814 8.55 -1.61 -6.42
C ASP B 814 9.77 -0.87 -6.95
N GLU B 815 10.97 -1.34 -6.61
CA GLU B 815 12.14 -0.48 -6.61
C GLU B 815 12.48 0.04 -8.02
N ILE B 816 12.34 -0.81 -9.04
CA ILE B 816 12.73 -0.39 -10.39
C ILE B 816 11.81 0.72 -10.89
N GLU B 817 10.50 0.53 -10.79
CA GLU B 817 9.59 1.60 -11.22
C GLU B 817 9.79 2.83 -10.36
N MET B 818 10.01 2.63 -9.05
CA MET B 818 10.27 3.77 -8.17
C MET B 818 11.43 4.60 -8.70
N LEU B 819 12.57 3.96 -8.97
CA LEU B 819 13.72 4.73 -9.40
C LEU B 819 13.45 5.40 -10.73
N GLU B 820 12.94 4.64 -11.71
CA GLU B 820 12.86 5.17 -13.06
C GLU B 820 11.88 6.32 -13.13
N ARG B 821 10.70 6.18 -12.50
CA ARG B 821 9.74 7.27 -12.50
C ARG B 821 10.26 8.45 -11.69
N LEU B 822 10.72 8.19 -10.47
CA LEU B 822 11.16 9.28 -9.60
C LEU B 822 12.35 10.03 -10.20
N TRP B 823 13.36 9.30 -10.64
CA TRP B 823 14.60 9.89 -11.11
C TRP B 823 15.27 8.91 -12.07
N LEU B 824 16.55 9.16 -12.37
CA LEU B 824 17.35 8.27 -13.22
C LEU B 824 16.60 7.96 -14.52
N SER B 825 16.19 9.01 -15.21
CA SER B 825 15.44 8.87 -16.44
C SER B 825 15.74 10.02 -17.40
N ASP B 831 18.05 5.18 -32.88
CA ASP B 831 17.27 5.98 -33.82
C ASP B 831 17.60 5.58 -35.26
N LYS B 832 16.55 5.34 -36.05
CA LYS B 832 16.69 4.91 -37.43
C LYS B 832 16.67 6.06 -38.42
N ILE B 833 16.63 7.30 -37.95
CA ILE B 833 16.45 8.45 -38.83
C ILE B 833 17.76 8.79 -39.52
N GLU B 834 17.70 8.92 -40.84
CA GLU B 834 18.83 9.38 -41.65
C GLU B 834 18.28 10.04 -42.89
N VAL B 835 18.90 11.15 -43.30
CA VAL B 835 18.42 11.95 -44.42
C VAL B 835 19.28 11.74 -45.66
N MET B 836 20.53 12.21 -45.63
CA MET B 836 21.43 12.07 -46.77
C MET B 836 22.80 12.62 -46.37
N SER B 837 23.80 12.31 -47.17
CA SER B 837 25.16 12.76 -46.95
C SER B 837 25.98 12.36 -48.18
N SER B 838 27.28 12.63 -48.12
CA SER B 838 28.21 12.09 -49.12
C SER B 838 28.31 10.57 -49.06
N LYS B 839 27.57 9.92 -48.15
CA LYS B 839 27.55 8.47 -48.12
C LYS B 839 27.11 7.88 -49.46
N LEU B 840 26.31 8.63 -50.22
CA LEU B 840 25.89 8.15 -51.53
C LEU B 840 27.08 7.98 -52.47
N ASP B 841 28.08 8.86 -52.37
CA ASP B 841 29.27 8.75 -53.21
C ASP B 841 30.04 7.47 -52.90
N ILE B 842 30.35 7.23 -51.62
CA ILE B 842 31.03 5.99 -51.28
C ILE B 842 30.16 4.79 -51.61
N ASP B 843 28.83 4.95 -51.55
CA ASP B 843 27.93 3.85 -51.83
C ASP B 843 27.98 3.45 -53.30
N ASN B 844 27.83 4.42 -54.21
CA ASN B 844 27.89 4.10 -55.64
C ASN B 844 29.30 3.72 -56.06
N MET B 845 30.31 4.17 -55.31
CA MET B 845 31.66 3.64 -55.53
C MET B 845 31.69 2.13 -55.32
N ALA B 846 30.76 1.59 -54.53
CA ALA B 846 30.71 0.15 -54.30
C ALA B 846 30.39 -0.62 -55.57
N GLY B 847 29.64 0.00 -56.48
CA GLY B 847 29.25 -0.67 -57.71
C GLY B 847 29.74 0.02 -58.97
N VAL B 848 30.75 0.88 -58.84
CA VAL B 848 31.29 1.65 -59.95
C VAL B 848 32.63 1.10 -60.40
N PHE B 849 33.62 1.04 -59.50
CA PHE B 849 34.96 0.61 -59.89
C PHE B 849 34.96 -0.83 -60.37
N TYR B 850 34.24 -1.71 -59.69
CA TYR B 850 34.26 -3.13 -60.04
C TYR B 850 33.97 -3.34 -61.52
N MET B 851 33.03 -2.58 -62.07
CA MET B 851 32.70 -2.72 -63.48
C MET B 851 33.67 -1.95 -64.36
N LEU B 852 33.93 -0.68 -64.03
CA LEU B 852 34.74 0.16 -64.90
C LEU B 852 36.15 -0.41 -65.08
N LEU B 853 36.82 -0.74 -63.98
CA LEU B 853 38.21 -1.17 -64.06
C LEU B 853 38.33 -2.54 -64.72
N VAL B 854 37.42 -3.46 -64.40
CA VAL B 854 37.47 -4.78 -65.03
C VAL B 854 37.19 -4.67 -66.52
N ALA B 855 36.26 -3.80 -66.91
CA ALA B 855 36.00 -3.58 -68.32
C ALA B 855 37.22 -3.00 -69.02
N MET B 856 37.89 -2.02 -68.39
CA MET B 856 39.10 -1.48 -68.96
C MET B 856 40.15 -2.58 -69.15
N GLY B 857 40.33 -3.41 -68.14
CA GLY B 857 41.34 -4.46 -68.23
C GLY B 857 41.04 -5.45 -69.34
N LEU B 858 39.79 -5.92 -69.41
CA LEU B 858 39.41 -6.88 -70.45
C LEU B 858 39.55 -6.26 -71.84
N SER B 859 39.09 -5.02 -71.99
CA SER B 859 39.16 -4.35 -73.28
C SER B 859 40.60 -4.17 -73.73
N LEU B 860 41.47 -3.76 -72.81
CA LEU B 860 42.88 -3.58 -73.17
C LEU B 860 43.55 -4.92 -73.45
N LEU B 861 43.16 -5.97 -72.73
CA LEU B 861 43.71 -7.30 -73.00
C LEU B 861 43.38 -7.75 -74.42
N VAL B 862 42.14 -7.54 -74.85
CA VAL B 862 41.79 -7.90 -76.22
C VAL B 862 42.26 -6.86 -77.22
N PHE B 863 42.66 -5.67 -76.77
CA PHE B 863 43.10 -4.62 -77.68
C PHE B 863 44.48 -4.93 -78.25
N ALA B 864 45.40 -5.38 -77.40
CA ALA B 864 46.78 -5.65 -77.79
C ALA B 864 47.02 -7.12 -78.08
N TRP B 865 45.97 -7.94 -78.15
CA TRP B 865 46.08 -9.38 -78.34
C TRP B 865 45.57 -9.82 -79.71
N GLU B 866 44.34 -9.47 -80.06
CA GLU B 866 43.79 -9.85 -81.36
C GLU B 866 44.51 -9.16 -82.51
N HIS B 867 45.17 -8.03 -82.26
CA HIS B 867 45.81 -7.24 -83.31
C HIS B 867 47.09 -7.86 -83.83
N LEU B 868 47.43 -9.07 -83.41
CA LEU B 868 48.60 -9.76 -83.93
C LEU B 868 48.31 -11.25 -84.08
N HIS C 38 18.40 -42.83 61.13
CA HIS C 38 18.69 -41.40 61.15
C HIS C 38 17.52 -40.62 61.73
N GLU C 39 17.55 -40.42 63.05
CA GLU C 39 16.52 -39.68 63.74
C GLU C 39 17.04 -38.63 64.71
N GLN C 40 18.32 -38.69 65.11
CA GLN C 40 18.85 -37.70 66.04
C GLN C 40 18.72 -36.29 65.50
N MET C 41 18.99 -36.11 64.20
CA MET C 41 18.87 -34.79 63.60
C MET C 41 17.45 -34.28 63.69
N PHE C 42 16.46 -35.13 63.42
CA PHE C 42 15.07 -34.73 63.52
C PHE C 42 14.70 -34.40 64.97
N ARG C 43 15.20 -35.18 65.92
CA ARG C 43 14.91 -34.89 67.32
C ARG C 43 15.47 -33.54 67.72
N GLU C 44 16.70 -33.24 67.30
CA GLU C 44 17.27 -31.92 67.58
C GLU C 44 16.45 -30.83 66.91
N ALA C 45 16.03 -31.06 65.66
CA ALA C 45 15.26 -30.05 64.94
C ALA C 45 13.96 -29.73 65.67
N VAL C 46 13.25 -30.77 66.12
CA VAL C 46 12.02 -30.53 66.87
C VAL C 46 12.34 -29.84 68.20
N ASN C 47 13.47 -30.18 68.82
CA ASN C 47 13.89 -29.48 70.01
C ASN C 47 14.13 -28.00 69.73
N GLN C 48 14.76 -27.70 68.60
CA GLN C 48 15.03 -26.33 68.19
C GLN C 48 13.84 -25.68 67.48
N ALA C 49 12.75 -26.41 67.30
CA ALA C 49 11.62 -25.88 66.52
C ALA C 49 11.05 -24.63 67.16
N ASN C 50 10.91 -24.61 68.48
CA ASN C 50 10.26 -23.52 69.19
C ASN C 50 11.19 -22.34 69.45
N LYS C 51 12.30 -22.23 68.72
CA LYS C 51 13.28 -21.18 69.01
C LYS C 51 12.64 -19.80 68.95
N ARG C 52 11.98 -19.49 67.84
CA ARG C 52 11.40 -18.16 67.67
C ARG C 52 10.13 -17.99 68.50
N HIS C 53 9.32 -19.04 68.59
CA HIS C 53 8.08 -18.97 69.36
C HIS C 53 7.85 -20.29 70.09
N LEU C 60 -0.81 -26.93 67.53
CA LEU C 60 -0.04 -26.27 68.59
C LEU C 60 1.02 -27.21 69.15
N ASN C 61 1.42 -28.19 68.34
CA ASN C 61 2.39 -29.20 68.71
C ASN C 61 3.64 -29.07 67.85
N ALA C 62 4.59 -29.97 68.06
CA ALA C 62 5.76 -30.11 67.21
C ALA C 62 5.77 -31.50 66.61
N THR C 63 5.88 -31.59 65.29
CA THR C 63 5.65 -32.83 64.58
C THR C 63 6.80 -33.81 64.78
N SER C 64 6.55 -35.06 64.41
CA SER C 64 7.55 -36.12 64.43
C SER C 64 7.15 -37.16 63.41
N VAL C 65 8.12 -37.98 63.00
CA VAL C 65 7.89 -39.02 62.02
C VAL C 65 8.75 -40.23 62.37
N THR C 66 8.42 -41.36 61.75
CA THR C 66 9.19 -42.59 61.86
C THR C 66 9.65 -42.99 60.48
N HIS C 67 10.96 -43.19 60.32
CA HIS C 67 11.57 -43.40 59.01
C HIS C 67 11.36 -44.85 58.59
N LYS C 68 10.39 -45.08 57.71
CA LYS C 68 10.14 -46.41 57.17
C LYS C 68 10.92 -46.58 55.87
N PRO C 69 11.78 -47.60 55.75
CA PRO C 69 12.56 -47.74 54.50
C PRO C 69 11.66 -47.88 53.28
N ASN C 70 10.77 -48.87 53.28
CA ASN C 70 9.88 -49.06 52.14
C ASN C 70 8.77 -48.02 52.17
N ALA C 71 7.93 -48.04 51.14
CA ALA C 71 6.94 -46.99 50.91
C ALA C 71 5.50 -47.41 51.17
N ILE C 72 5.15 -48.67 50.92
CA ILE C 72 3.75 -49.09 51.11
C ILE C 72 3.32 -48.87 52.55
N GLN C 73 4.12 -49.37 53.49
CA GLN C 73 3.81 -49.16 54.90
C GLN C 73 4.00 -47.69 55.28
N MET C 74 5.04 -47.06 54.74
CA MET C 74 5.20 -45.62 54.95
C MET C 74 4.00 -44.86 54.40
N ALA C 75 3.54 -45.25 53.21
CA ALA C 75 2.38 -44.61 52.61
C ALA C 75 1.16 -44.73 53.52
N LEU C 76 0.86 -45.96 53.97
CA LEU C 76 -0.33 -46.15 54.80
C LEU C 76 -0.18 -45.45 56.15
N SER C 77 1.03 -45.33 56.67
CA SER C 77 1.25 -44.68 57.95
C SER C 77 1.38 -43.16 57.84
N VAL C 78 1.46 -42.62 56.63
CA VAL C 78 1.69 -41.18 56.47
C VAL C 78 0.64 -40.38 57.24
N CYS C 79 -0.63 -40.71 57.04
CA CYS C 79 -1.68 -39.90 57.65
C CYS C 79 -2.09 -40.43 59.02
N GLU C 80 -2.39 -41.73 59.11
CA GLU C 80 -2.84 -42.30 60.38
C GLU C 80 -1.81 -42.12 61.49
N ASP C 81 -0.53 -41.92 61.13
CA ASP C 81 0.46 -41.58 62.14
C ASP C 81 0.12 -40.24 62.81
N LEU C 82 -0.29 -39.26 62.03
CA LEU C 82 -0.65 -37.94 62.57
C LEU C 82 -2.15 -37.81 62.76
N ALA C 89 1.82 -27.20 56.76
CA ALA C 89 1.02 -28.41 56.57
C ALA C 89 1.84 -29.66 56.87
N ILE C 90 2.81 -29.94 56.00
CA ILE C 90 3.68 -31.10 56.17
C ILE C 90 4.80 -30.73 57.13
N LEU C 91 4.54 -30.87 58.43
CA LEU C 91 5.53 -30.49 59.42
C LEU C 91 6.79 -31.34 59.30
N VAL C 92 6.63 -32.64 59.04
CA VAL C 92 7.74 -33.55 58.81
C VAL C 92 7.76 -33.88 57.33
N SER C 93 8.91 -33.65 56.69
CA SER C 93 9.10 -33.92 55.28
C SER C 93 10.43 -34.63 55.08
N HIS C 94 10.73 -35.60 55.93
CA HIS C 94 12.06 -36.19 55.97
C HIS C 94 12.11 -37.42 55.08
N PRO C 95 12.87 -37.41 53.99
CA PRO C 95 13.29 -38.66 53.37
C PRO C 95 14.48 -39.23 54.12
N PRO C 96 14.31 -40.34 54.84
CA PRO C 96 15.36 -40.76 55.78
C PRO C 96 16.72 -40.92 55.12
N THR C 97 16.84 -41.85 54.19
CA THR C 97 18.07 -42.04 53.44
C THR C 97 17.75 -42.82 52.16
N PRO C 98 16.98 -42.24 51.25
CA PRO C 98 16.54 -42.99 50.06
C PRO C 98 17.70 -43.64 49.31
N ASN C 99 17.74 -44.97 49.33
CA ASN C 99 18.65 -45.72 48.48
C ASN C 99 18.07 -46.02 47.11
N ASP C 100 16.80 -45.67 46.89
CA ASP C 100 16.15 -45.74 45.59
C ASP C 100 15.89 -44.33 45.08
N HIS C 101 15.24 -44.23 43.93
CA HIS C 101 15.10 -42.96 43.23
C HIS C 101 13.74 -42.31 43.46
N PHE C 102 12.66 -42.99 43.12
CA PHE C 102 11.31 -42.45 43.25
C PHE C 102 10.65 -42.80 44.57
N THR C 103 11.36 -43.51 45.45
CA THR C 103 10.75 -43.89 46.72
C THR C 103 10.27 -42.72 47.57
N PRO C 104 10.83 -41.50 47.49
CA PRO C 104 10.28 -40.39 48.26
C PRO C 104 9.01 -39.79 47.69
N THR C 105 8.51 -40.31 46.57
CA THR C 105 7.38 -39.71 45.87
C THR C 105 6.03 -40.04 46.50
N PRO C 106 5.78 -41.28 46.92
CA PRO C 106 4.39 -41.66 47.26
C PRO C 106 3.85 -40.96 48.49
N VAL C 107 4.66 -40.82 49.54
CA VAL C 107 4.17 -40.15 50.74
C VAL C 107 3.93 -38.67 50.46
N SER C 108 4.79 -38.05 49.65
CA SER C 108 4.55 -36.68 49.26
C SER C 108 3.26 -36.55 48.47
N TYR C 109 2.99 -37.51 47.57
CA TYR C 109 1.74 -37.50 46.82
C TYR C 109 0.55 -37.64 47.75
N THR C 110 0.65 -38.51 48.75
CA THR C 110 -0.43 -38.65 49.73
C THR C 110 -0.66 -37.35 50.49
N ALA C 111 0.43 -36.69 50.91
CA ALA C 111 0.30 -35.42 51.60
C ALA C 111 -0.38 -34.38 50.70
N GLY C 112 0.02 -34.34 49.43
CA GLY C 112 -0.67 -33.45 48.50
C GLY C 112 -2.15 -33.79 48.38
N PHE C 113 -2.47 -35.08 48.36
CA PHE C 113 -3.87 -35.48 48.45
C PHE C 113 -4.52 -34.95 49.71
N TYR C 114 -3.73 -34.75 50.77
CA TYR C 114 -4.18 -34.05 51.97
C TYR C 114 -3.82 -32.57 51.95
N ARG C 115 -3.26 -32.08 50.85
CA ARG C 115 -2.82 -30.70 50.70
C ARG C 115 -1.78 -30.34 51.76
N ILE C 116 -0.67 -31.07 51.72
CA ILE C 116 0.47 -30.82 52.60
C ILE C 116 1.74 -30.81 51.76
N PRO C 117 2.15 -29.67 51.20
CA PRO C 117 3.34 -29.66 50.35
C PRO C 117 4.64 -29.77 51.15
N VAL C 118 5.01 -31.00 51.49
CA VAL C 118 6.25 -31.21 52.23
C VAL C 118 7.44 -30.72 51.40
N LEU C 119 8.55 -30.47 52.09
CA LEU C 119 9.76 -29.97 51.48
C LEU C 119 10.76 -31.13 51.37
N GLY C 120 11.16 -31.44 50.14
CA GLY C 120 12.10 -32.54 49.94
C GLY C 120 13.50 -32.14 50.36
N LEU C 121 14.17 -33.05 51.06
CA LEU C 121 15.44 -32.75 51.70
C LEU C 121 16.59 -33.49 51.05
N THR C 122 16.53 -34.82 50.99
CA THR C 122 17.54 -35.61 50.28
C THR C 122 17.21 -35.69 48.79
N THR C 123 17.00 -34.52 48.19
CA THR C 123 16.57 -34.43 46.80
C THR C 123 17.56 -33.56 46.03
N ARG C 124 18.02 -34.07 44.90
CA ARG C 124 18.89 -33.35 43.99
C ARG C 124 18.28 -33.18 42.61
N MET C 125 17.67 -34.24 42.07
CA MET C 125 17.02 -34.23 40.76
C MET C 125 15.54 -34.48 41.02
N SER C 126 14.80 -33.41 41.27
CA SER C 126 13.38 -33.51 41.62
C SER C 126 12.56 -33.32 40.35
N ILE C 127 12.00 -34.40 39.82
CA ILE C 127 11.15 -34.32 38.63
C ILE C 127 9.75 -34.05 39.15
N TYR C 128 9.51 -32.80 39.50
CA TYR C 128 8.19 -32.36 39.95
C TYR C 128 7.80 -30.99 39.42
N SER C 129 8.75 -30.15 39.02
CA SER C 129 8.44 -28.80 38.52
C SER C 129 7.66 -28.00 39.56
N SER C 132 0.52 -30.64 37.91
CA SER C 132 1.63 -31.48 38.33
C SER C 132 1.12 -32.82 38.85
N ILE C 133 1.95 -33.86 38.72
CA ILE C 133 1.57 -35.17 39.25
C ILE C 133 1.37 -35.08 40.75
N HIS C 134 2.29 -34.43 41.45
CA HIS C 134 2.09 -34.06 42.84
C HIS C 134 1.28 -32.76 42.88
N LEU C 135 1.07 -32.21 44.07
CA LEU C 135 0.27 -31.01 44.25
C LEU C 135 1.16 -29.92 44.85
N SER C 136 1.90 -29.23 44.00
CA SER C 136 2.70 -28.07 44.38
C SER C 136 3.48 -28.33 45.67
N PHE C 137 4.13 -29.49 45.72
CA PHE C 137 4.93 -29.83 46.89
C PHE C 137 6.05 -28.82 47.08
N LEU C 138 6.31 -28.46 48.33
CA LEU C 138 7.38 -27.52 48.61
C LEU C 138 8.73 -28.18 48.38
N ARG C 139 9.74 -27.34 48.17
CA ARG C 139 11.11 -27.81 48.01
C ARG C 139 12.10 -26.66 48.08
N THR C 140 13.16 -26.82 48.86
CA THR C 140 14.18 -25.79 49.04
C THR C 140 15.39 -26.01 48.13
N VAL C 141 15.99 -27.20 48.19
CA VAL C 141 17.17 -27.52 47.38
C VAL C 141 16.79 -27.38 45.92
N PRO C 142 17.48 -26.56 45.13
CA PRO C 142 17.17 -26.45 43.70
C PRO C 142 17.35 -27.79 42.99
N PRO C 143 16.51 -28.10 42.01
CA PRO C 143 16.66 -29.39 41.30
C PRO C 143 17.71 -29.32 40.21
N TYR C 144 17.81 -30.41 39.43
CA TYR C 144 18.71 -30.42 38.29
C TYR C 144 18.33 -29.38 37.24
N SER C 145 17.11 -28.85 37.30
CA SER C 145 16.60 -27.95 36.28
C SER C 145 17.63 -26.90 35.88
N HIS C 146 18.03 -26.05 36.83
CA HIS C 146 18.98 -24.98 36.56
C HIS C 146 20.40 -25.35 36.94
N GLN C 147 20.62 -26.56 37.46
CA GLN C 147 21.97 -26.96 37.83
C GLN C 147 22.94 -26.86 36.65
N SER C 148 22.44 -27.09 35.44
CA SER C 148 23.23 -26.90 34.24
C SER C 148 23.10 -25.50 33.67
N SER C 149 22.03 -24.78 34.00
CA SER C 149 21.84 -23.43 33.49
C SER C 149 23.05 -22.56 33.81
N VAL C 150 23.46 -22.55 35.08
CA VAL C 150 24.59 -21.73 35.49
C VAL C 150 25.77 -21.87 34.53
N TRP C 151 25.88 -23.03 33.88
CA TRP C 151 27.01 -23.26 32.98
C TRP C 151 27.06 -22.23 31.87
N PHE C 152 25.96 -22.05 31.12
CA PHE C 152 26.04 -21.25 29.91
C PHE C 152 26.46 -19.83 30.24
N GLU C 153 25.84 -19.24 31.28
CA GLU C 153 26.26 -17.91 31.70
C GLU C 153 27.75 -17.88 31.99
N MET C 154 28.23 -18.84 32.78
CA MET C 154 29.67 -18.97 32.97
C MET C 154 30.36 -19.13 31.62
N MET C 155 29.89 -20.08 30.82
CA MET C 155 30.46 -20.23 29.49
C MET C 155 30.26 -18.97 28.65
N ARG C 156 29.20 -18.21 28.92
CA ARG C 156 28.97 -16.99 28.16
C ARG C 156 30.06 -15.97 28.44
N VAL C 157 30.81 -16.12 29.53
CA VAL C 157 31.87 -15.17 29.87
C VAL C 157 33.20 -15.83 30.16
N TYR C 158 33.25 -17.14 30.42
CA TYR C 158 34.51 -17.73 30.88
C TYR C 158 35.43 -18.07 29.71
N SER C 159 35.07 -19.08 28.89
CA SER C 159 36.01 -19.59 27.90
C SER C 159 35.43 -19.77 26.50
N TRP C 160 34.14 -20.02 26.32
CA TRP C 160 33.63 -20.51 25.05
C TRP C 160 32.35 -19.77 24.67
N ASN C 161 31.89 -20.03 23.45
CA ASN C 161 30.63 -19.49 22.93
C ASN C 161 29.72 -20.56 22.36
N HIS C 162 30.28 -21.56 21.67
CA HIS C 162 29.50 -22.59 20.98
C HIS C 162 30.09 -23.95 21.35
N ILE C 163 29.58 -24.56 22.42
CA ILE C 163 30.01 -25.87 22.89
C ILE C 163 28.80 -26.77 22.98
N ILE C 164 28.88 -27.95 22.37
CA ILE C 164 27.75 -28.85 22.39
C ILE C 164 27.44 -29.29 23.83
N LEU C 165 26.21 -29.75 24.02
CA LEU C 165 25.77 -30.31 25.30
C LEU C 165 24.96 -31.56 25.01
N LEU C 166 24.86 -32.42 26.02
CA LEU C 166 24.33 -33.76 25.84
C LEU C 166 23.18 -34.01 26.81
N VAL C 167 22.34 -34.97 26.45
CA VAL C 167 21.22 -35.37 27.30
C VAL C 167 21.73 -35.78 28.68
N ASP C 170 15.48 -40.03 31.86
CA ASP C 170 15.66 -39.27 30.63
C ASP C 170 14.85 -37.98 30.68
N HIS C 171 13.75 -38.02 31.44
CA HIS C 171 12.91 -36.83 31.55
C HIS C 171 13.67 -35.66 32.18
N GLU C 172 14.49 -35.95 33.19
CA GLU C 172 15.33 -34.91 33.77
C GLU C 172 16.20 -34.25 32.71
N GLY C 173 16.77 -35.07 31.81
CA GLY C 173 17.58 -34.50 30.74
C GLY C 173 16.78 -33.61 29.81
N ARG C 174 15.56 -34.02 29.47
CA ARG C 174 14.71 -33.20 28.61
C ARG C 174 14.41 -31.86 29.28
N ALA C 175 14.04 -31.91 30.56
CA ALA C 175 13.77 -30.67 31.28
C ALA C 175 15.00 -29.78 31.31
N ALA C 176 16.17 -30.36 31.60
CA ALA C 176 17.38 -29.58 31.68
C ALA C 176 17.71 -28.92 30.35
N GLN C 177 17.63 -29.69 29.26
CA GLN C 177 17.99 -29.14 27.96
C GLN C 177 17.02 -28.03 27.54
N LYS C 178 15.72 -28.24 27.78
CA LYS C 178 14.75 -27.20 27.42
C LYS C 178 14.97 -25.95 28.25
N ARG C 179 15.23 -26.11 29.55
CA ARG C 179 15.51 -24.95 30.39
C ARG C 179 16.76 -24.21 29.90
N LEU C 180 17.80 -24.96 29.54
CA LEU C 180 19.03 -24.33 29.07
C LEU C 180 18.79 -23.54 27.80
N GLU C 181 18.17 -24.18 26.79
CA GLU C 181 17.96 -23.49 25.53
C GLU C 181 17.03 -22.29 25.70
N THR C 182 16.06 -22.37 26.61
CA THR C 182 15.25 -21.20 26.91
C THR C 182 16.08 -20.09 27.54
N LEU C 183 17.00 -20.46 28.44
CA LEU C 183 17.78 -19.46 29.15
C LEU C 183 18.58 -18.59 28.18
N LEU C 184 19.07 -19.17 27.10
CA LEU C 184 19.78 -18.42 26.07
C LEU C 184 18.83 -17.75 25.07
N GLU C 185 17.56 -17.61 25.43
CA GLU C 185 16.55 -16.96 24.58
C GLU C 185 16.71 -17.36 23.12
N ASP C 205 26.90 -9.57 19.61
CA ASP C 205 27.12 -10.83 18.92
C ASP C 205 26.42 -11.97 19.66
N ASN C 206 26.06 -13.02 18.92
CA ASN C 206 25.29 -14.13 19.45
C ASN C 206 26.18 -15.37 19.57
N LYS C 207 25.57 -16.46 20.03
CA LYS C 207 26.28 -17.72 20.20
C LYS C 207 25.27 -18.82 20.51
N ARG C 208 25.73 -20.07 20.41
CA ARG C 208 24.90 -21.22 20.72
C ARG C 208 25.77 -22.46 20.74
N GLY C 209 25.45 -23.39 21.63
CA GLY C 209 26.23 -24.61 21.78
C GLY C 209 25.64 -25.75 20.99
N PRO C 210 25.02 -26.72 21.66
CA PRO C 210 24.31 -27.76 20.90
C PRO C 210 23.22 -27.19 20.01
N LYS C 211 22.55 -26.12 20.46
CA LYS C 211 21.57 -25.46 19.59
C LYS C 211 22.21 -25.03 18.29
N ALA C 212 23.50 -24.70 18.32
CA ALA C 212 24.21 -24.44 17.08
C ALA C 212 24.30 -25.70 16.22
N GLU C 213 24.58 -26.85 16.84
CA GLU C 213 24.77 -28.09 16.10
C GLU C 213 23.69 -29.13 16.38
N LYS C 214 23.57 -29.59 17.63
CA LYS C 214 22.63 -30.66 17.93
C LYS C 214 22.71 -31.00 19.41
N VAL C 215 21.66 -31.65 19.92
CA VAL C 215 21.64 -32.20 21.27
C VAL C 215 21.08 -33.62 21.19
N LEU C 216 21.70 -34.53 21.95
CA LEU C 216 21.29 -35.93 21.95
C LEU C 216 20.00 -36.13 22.74
N GLN C 217 19.24 -37.16 22.34
CA GLN C 217 18.11 -37.67 23.11
C GLN C 217 18.15 -39.19 22.97
N PHE C 218 18.80 -39.84 23.93
CA PHE C 218 19.08 -41.27 23.87
C PHE C 218 18.36 -42.00 24.99
N ASP C 219 18.62 -43.31 25.08
CA ASP C 219 18.02 -44.17 26.07
C ASP C 219 19.05 -44.51 27.13
N PRO C 220 18.76 -44.32 28.42
CA PRO C 220 19.72 -44.72 29.45
C PRO C 220 20.02 -46.21 29.39
N GLY C 221 21.26 -46.56 29.72
CA GLY C 221 21.66 -47.95 29.76
C GLY C 221 22.09 -48.54 28.43
N THR C 222 22.17 -47.72 27.37
CA THR C 222 22.59 -48.21 26.05
C THR C 222 24.11 -48.33 26.01
N LYS C 223 24.60 -49.54 26.24
CA LYS C 223 26.03 -49.79 26.14
C LYS C 223 26.47 -49.72 24.68
N ASN C 224 27.79 -49.60 24.48
CA ASN C 224 28.37 -49.57 23.15
C ASN C 224 27.72 -48.49 22.29
N VAL C 225 27.48 -47.33 22.89
CA VAL C 225 26.91 -46.19 22.15
C VAL C 225 28.09 -45.46 21.54
N THR C 226 28.53 -45.96 20.38
CA THR C 226 29.71 -45.46 19.69
C THR C 226 29.39 -44.42 18.63
N ALA C 227 28.30 -44.63 17.87
CA ALA C 227 27.90 -43.63 16.89
C ALA C 227 27.71 -42.26 17.52
N LEU C 228 27.30 -42.23 18.79
CA LEU C 228 27.10 -40.96 19.48
C LEU C 228 28.41 -40.19 19.59
N LEU C 229 29.44 -40.83 20.12
CA LEU C 229 30.74 -40.17 20.21
C LEU C 229 31.30 -39.87 18.82
N MET C 230 31.11 -40.79 17.87
CA MET C 230 31.61 -40.57 16.52
C MET C 230 31.03 -39.30 15.91
N GLU C 231 29.70 -39.17 15.95
CA GLU C 231 29.07 -37.97 15.41
C GLU C 231 29.44 -36.73 16.22
N ALA C 232 29.63 -36.88 17.53
CA ALA C 232 30.06 -35.74 18.33
C ALA C 232 31.42 -35.22 17.86
N LYS C 233 32.34 -36.13 17.60
CA LYS C 233 33.71 -35.73 17.26
C LYS C 233 33.75 -34.92 15.96
N GLU C 234 32.98 -35.35 14.95
CA GLU C 234 33.12 -34.77 13.62
C GLU C 234 32.64 -33.32 13.55
N LEU C 235 31.95 -32.81 14.57
CA LEU C 235 31.50 -31.43 14.53
C LEU C 235 32.70 -30.48 14.62
N GLU C 236 32.41 -29.18 14.48
CA GLU C 236 33.47 -28.18 14.40
C GLU C 236 34.31 -28.13 15.67
N ALA C 237 33.66 -28.17 16.84
CA ALA C 237 34.36 -28.01 18.10
C ALA C 237 34.36 -29.32 18.88
N ARG C 238 35.17 -29.35 19.93
CA ARG C 238 35.27 -30.48 20.84
C ARG C 238 34.64 -30.22 22.19
N VAL C 239 34.14 -29.00 22.43
CA VAL C 239 33.57 -28.68 23.74
C VAL C 239 32.20 -29.33 23.87
N ILE C 240 32.00 -30.09 24.93
CA ILE C 240 30.80 -30.89 25.13
C ILE C 240 30.23 -30.60 26.52
N ILE C 241 28.97 -30.98 26.71
CA ILE C 241 28.29 -30.88 27.99
C ILE C 241 27.32 -32.06 28.10
N LEU C 242 27.14 -32.56 29.31
CA LEU C 242 26.29 -33.73 29.51
C LEU C 242 25.73 -33.73 30.91
N SER C 243 24.64 -34.47 31.08
CA SER C 243 24.04 -34.68 32.39
C SER C 243 23.14 -35.90 32.28
N ALA C 244 23.48 -36.97 33.00
CA ALA C 244 22.74 -38.21 32.91
C ALA C 244 23.00 -39.03 34.17
N SER C 245 22.61 -40.30 34.13
CA SER C 245 22.80 -41.19 35.27
C SER C 245 24.28 -41.56 35.39
N GLU C 246 24.63 -42.13 36.55
CA GLU C 246 26.00 -42.50 36.82
C GLU C 246 26.53 -43.48 35.77
N ASP C 247 25.75 -44.52 35.47
CA ASP C 247 26.18 -45.50 34.49
C ASP C 247 26.34 -44.86 33.12
N ASP C 248 25.40 -44.00 32.74
CA ASP C 248 25.49 -43.33 31.45
C ASP C 248 26.72 -42.45 31.36
N ALA C 249 26.99 -41.70 32.44
CA ALA C 249 28.18 -40.85 32.46
C ALA C 249 29.44 -41.68 32.35
N ALA C 250 29.51 -42.81 33.06
CA ALA C 250 30.68 -43.67 32.98
C ALA C 250 30.85 -44.21 31.56
N THR C 251 29.75 -44.64 30.94
CA THR C 251 29.84 -45.17 29.59
C THR C 251 30.33 -44.13 28.60
N VAL C 252 29.79 -42.91 28.69
CA VAL C 252 30.22 -41.87 27.75
C VAL C 252 31.69 -41.52 28.01
N TYR C 253 32.10 -41.46 29.28
CA TYR C 253 33.50 -41.18 29.58
C TYR C 253 34.40 -42.26 29.00
N ARG C 254 34.02 -43.53 29.16
CA ARG C 254 34.83 -44.62 28.62
C ARG C 254 34.89 -44.54 27.10
N ALA C 255 33.77 -44.22 26.45
CA ALA C 255 33.79 -44.05 25.00
C ALA C 255 34.67 -42.89 24.59
N ALA C 256 34.77 -41.86 25.43
CA ALA C 256 35.61 -40.70 25.09
C ALA C 256 37.01 -41.12 24.70
N ALA C 257 37.58 -42.09 25.42
CA ALA C 257 38.88 -42.64 25.02
C ALA C 257 38.78 -43.28 23.63
N MET C 258 37.69 -43.96 23.37
CA MET C 258 37.41 -44.44 22.02
C MET C 258 36.90 -43.28 21.16
N LEU C 259 36.58 -43.57 19.91
CA LEU C 259 35.98 -42.60 19.00
C LEU C 259 36.76 -41.29 19.01
N ASN C 260 38.01 -41.39 18.56
CA ASN C 260 38.91 -40.25 18.43
C ASN C 260 39.48 -39.76 19.75
N MET C 261 39.43 -40.59 20.79
CA MET C 261 40.05 -40.27 22.09
C MET C 261 39.75 -38.82 22.49
N THR C 262 38.47 -38.55 22.72
CA THR C 262 38.01 -37.21 23.01
C THR C 262 38.85 -36.56 24.10
N GLY C 263 39.29 -35.34 23.83
CA GLY C 263 40.16 -34.62 24.73
C GLY C 263 41.03 -33.66 23.96
N SER C 264 41.91 -32.97 24.70
CA SER C 264 42.82 -31.99 24.12
C SER C 264 42.07 -31.04 23.18
N GLY C 265 41.12 -30.32 23.76
CA GLY C 265 40.27 -29.43 23.00
C GLY C 265 38.80 -29.61 23.34
N TYR C 266 38.52 -30.54 24.24
CA TYR C 266 37.16 -30.81 24.71
C TYR C 266 37.03 -30.35 26.16
N VAL C 267 35.79 -30.31 26.63
CA VAL C 267 35.45 -29.89 27.99
C VAL C 267 34.42 -30.85 28.54
N TRP C 268 34.12 -30.70 29.83
CA TRP C 268 33.08 -31.50 30.45
C TRP C 268 32.39 -30.67 31.53
N LEU C 269 31.13 -31.00 31.78
CA LEU C 269 30.35 -30.33 32.81
C LEU C 269 29.15 -31.20 33.15
N VAL C 270 29.01 -31.57 34.42
CA VAL C 270 27.93 -32.42 34.89
C VAL C 270 27.59 -32.03 36.31
N GLY C 271 26.52 -32.62 36.84
CA GLY C 271 26.20 -32.43 38.23
C GLY C 271 27.29 -32.98 39.14
N GLU C 272 27.43 -32.36 40.32
CA GLU C 272 28.47 -32.77 41.24
C GLU C 272 28.41 -34.26 41.53
N ARG C 273 27.20 -34.83 41.59
CA ARG C 273 27.08 -36.27 41.79
C ARG C 273 27.70 -37.04 40.64
N GLU C 274 27.51 -36.57 39.41
CA GLU C 274 28.08 -37.27 38.26
C GLU C 274 29.59 -37.36 38.38
N ILE C 275 30.23 -36.27 38.79
CA ILE C 275 31.67 -36.32 39.06
C ILE C 275 31.95 -37.28 40.20
N SER C 276 31.16 -37.21 41.27
CA SER C 276 31.37 -38.08 42.43
C SER C 276 31.29 -39.54 42.03
N GLY C 277 30.23 -39.92 41.31
CA GLY C 277 30.12 -41.29 40.82
C GLY C 277 31.05 -41.60 39.67
N ASN C 278 31.78 -40.62 39.17
CA ASN C 278 32.68 -40.80 38.04
C ASN C 278 33.96 -41.44 38.54
N ALA C 279 34.01 -42.77 38.50
CA ALA C 279 35.25 -43.47 38.87
C ALA C 279 36.33 -43.27 37.82
N LEU C 280 35.95 -43.24 36.54
CA LEU C 280 36.91 -43.15 35.44
C LEU C 280 36.50 -42.01 34.51
N ARG C 281 36.83 -40.78 34.90
CA ARG C 281 36.69 -39.64 34.01
C ARG C 281 37.72 -38.60 34.48
N TYR C 282 38.84 -38.53 33.77
CA TYR C 282 39.96 -37.70 34.21
C TYR C 282 39.85 -36.27 33.70
N ALA C 283 39.82 -36.10 32.38
CA ALA C 283 39.80 -34.78 31.77
C ALA C 283 38.58 -33.98 32.21
N PRO C 284 37.51 -34.65 32.63
CA PRO C 284 36.25 -33.95 32.88
C PRO C 284 36.41 -32.84 33.91
N ASP C 285 35.65 -31.77 33.73
CA ASP C 285 35.68 -30.63 34.63
C ASP C 285 34.27 -30.08 34.84
N GLN C 291 29.16 -27.31 42.91
CA GLN C 291 28.91 -28.74 43.01
C GLN C 291 27.80 -29.03 44.01
N LEU C 292 27.88 -28.41 45.18
CA LEU C 292 26.88 -28.61 46.22
C LEU C 292 26.95 -27.43 47.19
N ILE C 293 25.88 -27.28 47.97
CA ILE C 293 25.82 -26.30 49.05
C ILE C 293 25.62 -26.98 50.39
N ASN C 294 24.65 -27.90 50.47
CA ASN C 294 24.48 -28.72 51.67
C ASN C 294 24.15 -30.16 51.32
N GLY C 295 24.27 -30.56 50.06
CA GLY C 295 23.92 -31.92 49.69
C GLY C 295 24.82 -32.93 50.39
N LYS C 296 24.24 -34.09 50.71
CA LYS C 296 24.90 -35.20 51.39
C LYS C 296 25.23 -34.89 52.84
N ASN C 297 24.95 -33.67 53.31
CA ASN C 297 25.24 -33.28 54.69
C ASN C 297 23.97 -32.90 55.43
N GLU C 298 23.09 -32.10 54.83
CA GLU C 298 21.80 -31.73 55.39
C GLU C 298 21.91 -31.37 56.87
N SER C 299 23.01 -30.72 57.25
CA SER C 299 23.30 -30.44 58.66
C SER C 299 22.81 -29.06 59.09
N ALA C 300 23.33 -28.00 58.47
CA ALA C 300 23.04 -26.64 58.91
C ALA C 300 21.79 -26.05 58.28
N HIS C 301 21.12 -26.78 57.38
CA HIS C 301 19.95 -26.26 56.69
C HIS C 301 18.65 -26.78 57.27
N ILE C 302 18.69 -27.81 58.12
CA ILE C 302 17.46 -28.29 58.76
C ILE C 302 16.87 -27.18 59.63
N SER C 303 17.74 -26.46 60.36
CA SER C 303 17.26 -25.41 61.25
C SER C 303 16.52 -24.33 60.48
N ASP C 304 17.14 -23.78 59.43
CA ASP C 304 16.47 -22.74 58.67
C ASP C 304 15.27 -23.28 57.92
N ALA C 305 15.32 -24.55 57.51
CA ALA C 305 14.16 -25.16 56.86
C ALA C 305 12.95 -25.15 57.79
N VAL C 306 13.12 -25.66 59.01
CA VAL C 306 12.01 -25.68 59.95
C VAL C 306 11.62 -24.27 60.37
N GLY C 307 12.60 -23.37 60.46
CA GLY C 307 12.27 -21.97 60.75
C GLY C 307 11.36 -21.37 59.70
N VAL C 308 11.65 -21.65 58.42
CA VAL C 308 10.78 -21.15 57.35
C VAL C 308 9.36 -21.66 57.53
N VAL C 309 9.22 -22.92 57.96
CA VAL C 309 7.89 -23.44 58.28
C VAL C 309 7.27 -22.66 59.43
N ALA C 310 8.10 -22.25 60.40
CA ALA C 310 7.58 -21.61 61.60
C ALA C 310 6.64 -20.46 61.25
N GLN C 311 7.06 -19.55 60.36
CA GLN C 311 6.21 -18.43 59.99
C GLN C 311 5.01 -18.86 59.17
N ALA C 312 4.93 -20.13 58.76
CA ALA C 312 3.80 -20.58 57.97
C ALA C 312 2.48 -20.50 58.74
N VAL C 313 2.55 -20.33 60.07
CA VAL C 313 1.34 -20.24 60.87
C VAL C 313 0.38 -19.26 60.22
N HIS C 314 -0.87 -19.69 60.03
CA HIS C 314 -1.86 -18.85 59.40
C HIS C 314 -2.40 -17.82 60.39
N GLU C 315 -2.78 -16.67 59.85
CA GLU C 315 -3.35 -15.58 60.63
C GLU C 315 -4.78 -15.24 60.23
N LEU C 316 -5.07 -15.25 58.94
CA LEU C 316 -6.42 -14.94 58.45
C LEU C 316 -6.80 -13.50 58.75
N THR C 323 -9.30 -22.26 58.39
CA THR C 323 -9.21 -23.17 59.53
C THR C 323 -7.75 -23.55 59.71
N ASP C 324 -7.50 -24.39 60.71
CA ASP C 324 -6.17 -24.92 60.98
C ASP C 324 -5.94 -26.15 60.11
N PRO C 325 -4.72 -26.69 60.09
CA PRO C 325 -4.45 -27.87 59.28
C PRO C 325 -5.09 -29.10 59.86
N PRO C 326 -6.14 -29.64 59.25
CA PRO C 326 -6.82 -30.81 59.83
C PRO C 326 -5.91 -32.01 59.89
N ARG C 327 -6.11 -32.81 60.93
CA ARG C 327 -5.28 -34.00 61.17
C ARG C 327 -6.08 -35.29 61.09
N GLY C 328 -7.28 -35.27 60.51
CA GLY C 328 -8.09 -36.45 60.40
C GLY C 328 -7.96 -37.13 59.05
N CYS C 329 -7.53 -38.40 59.04
CA CYS C 329 -7.34 -39.13 57.81
C CYS C 329 -8.59 -39.93 57.43
N VAL C 330 -9.02 -40.82 58.32
CA VAL C 330 -10.18 -41.65 58.06
C VAL C 330 -11.45 -40.84 58.30
N GLY C 331 -12.43 -41.00 57.41
CA GLY C 331 -13.70 -40.32 57.55
C GLY C 331 -13.71 -38.89 57.05
N ASN C 332 -12.65 -38.43 56.40
CA ASN C 332 -12.56 -37.06 55.88
C ASN C 332 -12.13 -37.16 54.41
N THR C 333 -13.12 -37.33 53.53
CA THR C 333 -12.85 -37.51 52.10
C THR C 333 -12.71 -36.19 51.35
N ASN C 334 -13.07 -35.06 51.97
CA ASN C 334 -12.97 -33.77 51.31
C ASN C 334 -11.51 -33.28 51.38
N ILE C 335 -11.28 -32.04 51.00
CA ILE C 335 -9.95 -31.46 50.96
C ILE C 335 -9.94 -30.19 51.80
N TRP C 336 -8.88 -30.01 52.58
CA TRP C 336 -8.74 -28.81 53.40
C TRP C 336 -8.56 -27.60 52.49
N LYS C 337 -9.58 -26.75 52.42
CA LYS C 337 -9.51 -25.57 51.58
C LYS C 337 -8.39 -24.63 52.00
N THR C 338 -7.91 -24.76 53.25
CA THR C 338 -6.81 -23.92 53.71
C THR C 338 -5.51 -24.24 52.98
N GLY C 339 -5.37 -25.49 52.52
CA GLY C 339 -4.11 -25.99 52.03
C GLY C 339 -3.39 -25.15 50.99
N PRO C 340 -4.06 -24.89 49.85
CA PRO C 340 -3.41 -24.05 48.84
C PRO C 340 -3.45 -22.61 49.31
N LEU C 341 -4.46 -22.24 50.10
CA LEU C 341 -4.58 -20.88 50.59
C LEU C 341 -3.28 -20.42 51.24
N PHE C 342 -2.69 -21.25 52.10
CA PHE C 342 -1.43 -20.88 52.73
C PHE C 342 -0.21 -21.45 52.03
N LYS C 343 -0.36 -22.43 51.15
CA LYS C 343 0.77 -22.81 50.30
C LYS C 343 1.21 -21.64 49.44
N ARG C 344 0.24 -20.85 48.96
CA ARG C 344 0.58 -19.67 48.17
C ARG C 344 1.49 -18.73 48.95
N VAL C 345 1.13 -18.41 50.18
CA VAL C 345 1.95 -17.48 50.97
C VAL C 345 3.27 -18.13 51.33
N LEU C 346 3.27 -19.43 51.61
CA LEU C 346 4.52 -20.15 51.82
C LEU C 346 5.46 -19.90 50.65
N MET C 347 4.93 -19.98 49.42
CA MET C 347 5.72 -19.62 48.26
C MET C 347 6.16 -18.17 48.31
N SER C 348 5.25 -17.27 48.69
CA SER C 348 5.61 -15.86 48.76
C SER C 348 6.63 -15.60 49.86
N SER C 349 6.58 -16.37 50.95
CA SER C 349 7.51 -16.16 52.05
C SER C 349 8.95 -16.25 51.57
N LYS C 350 9.77 -15.29 51.99
CA LYS C 350 11.15 -15.23 51.57
C LYS C 350 11.99 -14.64 52.69
N TYR C 351 13.29 -14.91 52.64
CA TYR C 351 14.23 -14.40 53.64
C TYR C 351 13.81 -14.98 55.00
N ALA C 352 13.81 -14.18 56.06
CA ALA C 352 13.43 -14.66 57.39
C ALA C 352 14.30 -15.84 57.82
N ASP C 353 15.59 -15.78 57.47
CA ASP C 353 16.53 -16.82 57.83
C ASP C 353 17.95 -16.43 57.43
N GLY C 354 18.93 -17.29 57.74
CA GLY C 354 20.31 -17.04 57.39
C GLY C 354 20.99 -18.31 56.94
N VAL C 355 22.23 -18.15 56.47
CA VAL C 355 23.04 -19.28 56.02
C VAL C 355 22.31 -19.88 54.82
N THR C 356 22.08 -21.20 54.87
CA THR C 356 21.41 -21.86 53.75
C THR C 356 20.15 -21.16 53.27
N GLY C 357 19.48 -20.44 54.16
CA GLY C 357 18.26 -19.75 53.78
C GLY C 357 18.53 -18.60 52.82
N ARG C 358 17.44 -18.06 52.28
CA ARG C 358 17.51 -16.96 51.34
C ARG C 358 18.23 -17.40 50.06
N ASN C 362 11.04 -19.48 46.52
CA ASN C 362 10.78 -18.86 45.22
C ASN C 362 9.83 -19.71 44.39
N GLU C 363 9.24 -19.09 43.36
CA GLU C 363 8.40 -19.78 42.40
C GLU C 363 7.53 -20.84 43.07
N ASP C 364 7.68 -22.11 42.68
CA ASP C 364 6.84 -23.20 43.18
C ASP C 364 7.74 -24.33 43.66
N GLY C 365 7.81 -24.52 44.98
CA GLY C 365 8.59 -25.62 45.53
C GLY C 365 10.05 -25.59 45.11
N ASP C 366 10.67 -24.41 45.13
CA ASP C 366 12.06 -24.29 44.72
C ASP C 366 12.63 -23.00 45.31
N ARG C 367 13.95 -22.93 45.35
CA ARG C 367 14.67 -21.79 45.87
C ARG C 367 15.41 -21.09 44.73
N LYS C 368 15.21 -19.79 44.61
CA LYS C 368 15.74 -19.01 43.50
C LYS C 368 17.19 -18.60 43.68
N PHE C 369 17.82 -18.93 44.80
CA PHE C 369 19.17 -18.50 45.09
C PHE C 369 20.01 -19.67 45.55
N ALA C 370 21.28 -19.69 45.13
CA ALA C 370 22.24 -20.70 45.53
C ALA C 370 23.58 -20.35 44.92
N ASN C 371 24.64 -20.96 45.46
CA ASN C 371 25.99 -20.74 44.97
C ASN C 371 26.71 -22.08 44.92
N TYR C 372 27.56 -22.25 43.90
CA TYR C 372 28.19 -23.53 43.64
C TYR C 372 29.61 -23.33 43.14
N SER C 373 30.42 -24.37 43.31
CA SER C 373 31.81 -24.40 42.85
C SER C 373 31.96 -25.42 41.73
N ILE C 374 33.17 -25.50 41.19
CA ILE C 374 33.48 -26.37 40.07
C ILE C 374 34.73 -27.18 40.41
N MET C 375 35.18 -27.98 39.45
CA MET C 375 36.39 -28.77 39.61
C MET C 375 36.94 -29.12 38.24
N ASN C 376 38.21 -29.50 38.21
CA ASN C 376 38.90 -29.85 36.98
C ASN C 376 39.27 -31.33 36.89
N LEU C 377 39.25 -32.06 38.00
CA LEU C 377 39.59 -33.48 38.01
C LEU C 377 41.07 -33.72 37.76
N GLN C 378 41.92 -32.81 38.23
CA GLN C 378 43.36 -33.00 38.10
C GLN C 378 43.77 -34.30 38.77
N ASN C 379 44.54 -35.12 38.06
CA ASN C 379 44.94 -36.43 38.56
C ASN C 379 43.70 -37.20 39.00
N ARG C 380 43.80 -37.93 40.11
CA ARG C 380 42.67 -38.66 40.67
C ARG C 380 41.86 -37.82 41.65
N LYS C 381 42.20 -36.55 41.83
CA LYS C 381 41.52 -35.67 42.78
C LYS C 381 40.58 -34.74 42.02
N LEU C 382 39.32 -34.71 42.45
CA LEU C 382 38.32 -33.80 41.89
C LEU C 382 38.24 -32.59 42.82
N VAL C 383 39.15 -31.65 42.61
CA VAL C 383 39.25 -30.48 43.49
C VAL C 383 38.05 -29.60 43.22
N GLN C 384 37.08 -29.62 44.15
CA GLN C 384 35.85 -28.83 44.02
C GLN C 384 36.17 -27.37 44.31
N VAL C 385 36.89 -26.75 43.36
CA VAL C 385 37.35 -25.38 43.48
C VAL C 385 36.58 -24.53 42.50
N GLY C 386 36.01 -23.43 42.98
CA GLY C 386 35.26 -22.53 42.14
C GLY C 386 34.38 -21.59 42.92
N ILE C 387 34.22 -20.36 42.42
CA ILE C 387 33.36 -19.36 43.04
C ILE C 387 32.22 -19.05 42.09
N TYR C 388 31.81 -20.05 41.30
CA TYR C 388 30.74 -19.87 40.33
C TYR C 388 29.60 -19.02 40.89
N ASN C 389 29.12 -19.39 42.06
CA ASN C 389 28.19 -18.56 42.84
C ASN C 389 27.17 -17.86 41.94
N GLY C 390 26.54 -18.64 41.08
CA GLY C 390 25.57 -18.06 40.16
C GLY C 390 26.22 -17.02 39.25
N THR C 391 25.61 -15.85 39.19
CA THR C 391 26.04 -14.82 38.25
C THR C 391 27.46 -14.32 38.51
N HIS C 392 27.98 -14.48 39.73
CA HIS C 392 29.28 -13.95 40.10
C HIS C 392 30.27 -15.10 40.24
N VAL C 393 31.34 -15.06 39.43
CA VAL C 393 32.33 -16.13 39.37
C VAL C 393 33.67 -15.58 39.81
N ILE C 394 34.33 -16.29 40.72
CA ILE C 394 35.64 -15.88 41.24
C ILE C 394 36.59 -17.08 41.24
N PRO C 395 37.15 -17.46 40.10
CA PRO C 395 38.07 -18.61 40.07
C PRO C 395 39.42 -18.29 40.67
N ASN C 396 40.10 -19.34 41.14
CA ASN C 396 41.44 -19.22 41.72
C ASN C 396 41.96 -20.62 41.99
N ASP C 397 43.13 -20.69 42.65
CA ASP C 397 43.69 -21.95 43.16
C ASP C 397 43.93 -22.94 42.01
N ARG C 398 44.90 -22.66 41.14
CA ARG C 398 45.14 -23.51 39.97
C ARG C 398 43.88 -23.39 39.16
N LYS C 399 43.74 -22.30 38.42
CA LYS C 399 42.47 -22.05 37.75
C LYS C 399 41.91 -23.26 37.02
N ILE C 400 42.66 -23.80 36.05
CA ILE C 400 42.16 -24.95 35.31
C ILE C 400 43.25 -25.61 34.50
N ILE C 401 43.21 -26.94 34.42
CA ILE C 401 43.91 -27.72 33.40
C ILE C 401 42.84 -28.61 32.78
N TRP C 402 42.15 -28.08 31.78
CA TRP C 402 40.87 -28.66 31.37
C TRP C 402 41.01 -30.03 30.74
N PRO C 403 41.68 -30.16 29.59
CA PRO C 403 41.66 -31.43 28.87
C PRO C 403 42.71 -32.41 29.36
N GLY C 404 42.42 -33.69 29.13
CA GLY C 404 43.35 -34.75 29.52
C GLY C 404 44.55 -34.87 28.63
N GLY C 405 44.48 -34.36 27.40
CA GLY C 405 45.61 -34.44 26.48
C GLY C 405 46.47 -33.19 26.52
N GLU C 406 45.84 -32.02 26.49
CA GLU C 406 46.59 -30.77 26.48
C GLU C 406 46.99 -30.35 27.89
N THR C 407 46.01 -30.14 28.77
CA THR C 407 46.20 -29.65 30.14
C THR C 407 46.60 -28.18 30.17
N GLU C 408 46.74 -27.52 29.03
CA GLU C 408 47.14 -26.13 28.95
C GLU C 408 45.88 -25.26 28.85
N LYS C 409 46.07 -23.98 28.55
CA LYS C 409 44.96 -23.06 28.43
C LYS C 409 43.99 -23.54 27.35
N PRO C 410 42.71 -23.76 27.66
CA PRO C 410 41.75 -24.18 26.63
C PRO C 410 41.35 -23.02 25.73
N ARG C 411 41.74 -23.10 24.46
CA ARG C 411 41.39 -22.03 23.52
C ARG C 411 39.88 -21.92 23.35
N GLY C 412 39.19 -23.06 23.25
CA GLY C 412 37.75 -23.06 23.11
C GLY C 412 37.28 -23.49 21.74
N TYR C 413 36.53 -22.61 21.07
CA TYR C 413 35.96 -22.94 19.76
C TYR C 413 37.05 -23.36 18.79
N GLN C 414 36.77 -24.40 18.02
CA GLN C 414 37.69 -24.93 17.01
C GLN C 414 37.04 -24.86 15.64
N MET C 415 37.77 -24.34 14.66
CA MET C 415 37.25 -24.19 13.30
C MET C 415 37.35 -25.52 12.57
N SER C 416 37.10 -25.49 11.25
CA SER C 416 37.16 -26.67 10.43
C SER C 416 37.91 -26.36 9.14
N THR C 417 38.43 -27.41 8.50
CA THR C 417 39.16 -27.28 7.26
C THR C 417 38.43 -27.92 6.09
N ARG C 418 38.07 -29.19 6.20
CA ARG C 418 37.37 -29.86 5.12
C ARG C 418 35.94 -29.33 5.01
N LEU C 419 35.45 -29.23 3.76
CA LEU C 419 34.13 -28.70 3.49
C LEU C 419 33.45 -29.50 2.40
N LYS C 420 32.14 -29.67 2.52
CA LYS C 420 31.33 -30.33 1.51
C LYS C 420 30.54 -29.27 0.74
N ILE C 421 30.55 -29.38 -0.58
CA ILE C 421 30.07 -28.32 -1.46
C ILE C 421 29.00 -28.86 -2.39
N VAL C 422 27.93 -28.08 -2.57
CA VAL C 422 26.81 -28.47 -3.42
C VAL C 422 27.26 -28.47 -4.88
N THR C 423 26.41 -29.00 -5.77
CA THR C 423 26.72 -29.02 -7.19
C THR C 423 25.42 -29.19 -7.96
N ILE C 424 25.26 -28.38 -9.00
CA ILE C 424 24.10 -28.44 -9.89
C ILE C 424 24.60 -28.35 -11.32
N HIS C 425 23.87 -28.99 -12.24
CA HIS C 425 24.26 -29.04 -13.64
C HIS C 425 23.63 -27.89 -14.41
N GLN C 426 24.47 -27.10 -15.08
CA GLN C 426 24.02 -25.95 -15.84
C GLN C 426 25.15 -25.39 -16.69
N GLU C 427 24.85 -25.06 -17.94
CA GLU C 427 25.90 -24.69 -18.88
C GLU C 427 26.75 -23.51 -18.42
N PRO C 428 26.19 -22.43 -17.88
CA PRO C 428 27.03 -21.27 -17.51
C PRO C 428 28.32 -21.64 -16.80
N PHE C 429 28.23 -22.46 -15.75
CA PHE C 429 29.42 -22.80 -14.97
C PHE C 429 29.46 -24.26 -14.53
N VAL C 430 28.55 -25.11 -15.00
CA VAL C 430 28.49 -26.51 -14.61
C VAL C 430 28.47 -27.33 -15.89
N TYR C 431 29.65 -27.74 -16.35
CA TYR C 431 29.77 -28.66 -17.48
C TYR C 431 30.34 -29.97 -16.97
N VAL C 432 29.60 -31.06 -17.19
CA VAL C 432 29.93 -32.37 -16.63
C VAL C 432 30.08 -33.36 -17.78
N LYS C 433 31.14 -34.14 -17.75
CA LYS C 433 31.42 -35.12 -18.79
C LYS C 433 31.97 -36.40 -18.16
N PRO C 434 31.80 -37.53 -18.84
CA PRO C 434 32.36 -38.78 -18.31
C PRO C 434 33.87 -38.83 -18.45
N THR C 435 34.49 -39.67 -17.62
CA THR C 435 35.92 -39.86 -17.60
C THR C 435 36.25 -41.27 -18.08
N LEU C 436 37.54 -41.61 -18.03
CA LEU C 436 38.00 -42.93 -18.43
C LEU C 436 37.87 -43.93 -17.28
N THR C 440 42.07 -39.49 -14.08
CA THR C 440 41.37 -40.07 -15.20
C THR C 440 40.69 -39.00 -16.04
N CYS C 441 40.50 -37.82 -15.46
CA CYS C 441 39.82 -36.74 -16.15
C CYS C 441 40.63 -36.28 -17.35
N LYS C 442 39.94 -36.04 -18.47
CA LYS C 442 40.61 -35.59 -19.67
C LYS C 442 41.34 -34.28 -19.43
N GLU C 443 42.56 -34.18 -19.94
CA GLU C 443 43.38 -32.99 -19.83
C GLU C 443 43.48 -32.34 -21.20
N GLU C 444 43.15 -31.05 -21.27
CA GLU C 444 43.20 -30.32 -22.54
C GLU C 444 43.55 -28.87 -22.26
N PHE C 445 44.48 -28.34 -23.05
CA PHE C 445 44.84 -26.93 -22.94
C PHE C 445 43.67 -26.05 -23.31
N THR C 446 43.52 -24.94 -22.59
CA THR C 446 42.43 -24.01 -22.86
C THR C 446 42.73 -23.22 -24.14
N VAL C 447 41.81 -22.33 -24.50
CA VAL C 447 42.00 -21.52 -25.70
C VAL C 447 43.28 -20.70 -25.58
N ASN C 448 43.49 -20.07 -24.42
CA ASN C 448 44.72 -19.33 -24.19
C ASN C 448 45.94 -20.24 -24.10
N GLY C 449 45.75 -21.55 -23.96
CA GLY C 449 46.83 -22.52 -23.89
C GLY C 449 46.96 -23.18 -22.54
N ASP C 450 46.69 -22.45 -21.46
CA ASP C 450 46.78 -23.03 -20.13
C ASP C 450 45.72 -24.12 -19.96
N PRO C 451 46.01 -25.14 -19.15
CA PRO C 451 45.03 -26.22 -18.96
C PRO C 451 43.74 -25.69 -18.37
N VAL C 452 42.62 -26.26 -18.82
CA VAL C 452 41.30 -25.91 -18.32
C VAL C 452 40.95 -26.93 -17.24
N LYS C 453 40.95 -26.49 -15.98
CA LYS C 453 40.73 -27.41 -14.88
C LYS C 453 39.36 -28.05 -14.98
N LYS C 454 39.28 -29.33 -14.59
CA LYS C 454 38.01 -30.05 -14.57
C LYS C 454 38.16 -31.12 -13.49
N VAL C 455 37.58 -30.87 -12.33
CA VAL C 455 37.83 -31.72 -11.17
C VAL C 455 36.80 -32.84 -11.11
N ILE C 456 37.19 -33.94 -10.49
CA ILE C 456 36.29 -35.07 -10.32
C ILE C 456 35.09 -34.62 -9.50
N CYS C 457 33.89 -34.82 -10.04
CA CYS C 457 32.66 -34.35 -9.42
C CYS C 457 31.65 -35.49 -9.49
N THR C 458 31.10 -35.87 -8.35
CA THR C 458 30.29 -37.07 -8.25
C THR C 458 28.87 -36.73 -7.82
N GLY C 459 27.91 -37.42 -8.41
CA GLY C 459 26.51 -37.26 -8.09
C GLY C 459 25.61 -38.05 -9.01
N PRO C 460 24.31 -37.91 -8.82
CA PRO C 460 23.37 -38.65 -9.69
C PRO C 460 23.45 -38.17 -11.13
N ASN C 461 23.12 -39.07 -12.05
CA ASN C 461 23.13 -38.76 -13.47
C ASN C 461 21.92 -37.90 -13.84
N PRO C 468 15.68 -45.60 -10.53
CA PRO C 468 17.07 -46.10 -10.51
C PRO C 468 17.94 -45.37 -9.50
N ARG C 469 19.09 -45.94 -9.18
CA ARG C 469 20.02 -45.33 -8.22
C ARG C 469 21.42 -45.83 -8.55
N HIS C 470 22.20 -44.97 -9.23
CA HIS C 470 23.60 -45.26 -9.52
C HIS C 470 24.38 -43.97 -9.41
N THR C 471 25.47 -44.00 -8.65
CA THR C 471 26.28 -42.81 -8.45
C THR C 471 27.24 -42.64 -9.63
N VAL C 472 27.23 -41.44 -10.22
CA VAL C 472 28.04 -41.12 -11.39
C VAL C 472 29.19 -40.23 -10.92
N PRO C 473 30.43 -40.73 -10.86
CA PRO C 473 31.59 -39.85 -10.60
C PRO C 473 32.18 -39.27 -11.90
N GLN C 474 31.51 -38.24 -12.41
CA GLN C 474 31.90 -37.62 -13.66
C GLN C 474 33.02 -36.62 -13.38
N CYS C 475 33.35 -35.78 -14.35
CA CYS C 475 34.27 -34.67 -14.17
C CYS C 475 33.54 -33.39 -14.52
N CYS C 476 33.60 -32.40 -13.63
CA CYS C 476 32.87 -31.16 -13.79
C CYS C 476 33.84 -29.99 -13.84
N TYR C 477 33.48 -28.97 -14.61
CA TYR C 477 34.31 -27.79 -14.79
C TYR C 477 33.42 -26.59 -15.09
N GLY C 478 33.98 -25.41 -14.87
CA GLY C 478 33.30 -24.17 -15.13
C GLY C 478 33.96 -23.02 -14.40
N PHE C 479 33.57 -21.81 -14.79
CA PHE C 479 34.14 -20.62 -14.16
C PHE C 479 33.89 -20.63 -12.66
N CYS C 480 32.74 -21.14 -12.23
CA CYS C 480 32.46 -21.24 -10.81
C CYS C 480 33.46 -22.16 -10.12
N ILE C 481 33.83 -23.26 -10.79
CA ILE C 481 34.84 -24.14 -10.23
C ILE C 481 36.15 -23.39 -10.05
N ASP C 482 36.55 -22.61 -11.07
CA ASP C 482 37.79 -21.83 -10.96
C ASP C 482 37.71 -20.83 -9.81
N LEU C 483 36.55 -20.21 -9.63
CA LEU C 483 36.37 -19.29 -8.53
C LEU C 483 36.54 -20.01 -7.19
N LEU C 484 35.98 -21.22 -7.08
CA LEU C 484 36.16 -22.01 -5.87
C LEU C 484 37.64 -22.32 -5.65
N ILE C 485 38.36 -22.65 -6.72
CA ILE C 485 39.79 -22.92 -6.60
C ILE C 485 40.52 -21.68 -6.09
N LYS C 486 40.17 -20.51 -6.63
CA LYS C 486 40.79 -19.28 -6.16
C LYS C 486 40.52 -19.06 -4.67
N LEU C 487 39.27 -19.27 -4.25
CA LEU C 487 38.92 -19.10 -2.84
C LEU C 487 39.75 -20.04 -1.97
N ALA C 488 39.80 -21.31 -2.33
CA ALA C 488 40.53 -22.30 -1.54
C ALA C 488 42.01 -21.93 -1.47
N ARG C 489 42.60 -21.57 -2.60
CA ARG C 489 43.99 -21.12 -2.58
C ARG C 489 44.15 -19.88 -1.69
N THR C 490 43.08 -19.09 -1.56
CA THR C 490 43.17 -17.89 -0.72
C THR C 490 43.13 -18.23 0.76
N MET C 491 42.41 -19.28 1.16
CA MET C 491 42.32 -19.66 2.57
C MET C 491 42.68 -21.11 2.83
N ASN C 492 43.39 -21.75 1.90
CA ASN C 492 43.82 -23.15 1.97
C ASN C 492 42.68 -24.06 2.48
N PHE C 493 41.62 -24.12 1.69
CA PHE C 493 40.52 -25.03 2.01
C PHE C 493 40.88 -26.46 1.62
N THR C 494 40.07 -27.40 2.13
CA THR C 494 40.13 -28.82 1.75
C THR C 494 38.74 -29.15 1.24
N TYR C 495 38.51 -28.90 -0.05
CA TYR C 495 37.17 -28.88 -0.61
C TYR C 495 36.73 -30.26 -1.11
N GLU C 496 35.46 -30.34 -1.45
CA GLU C 496 34.86 -31.50 -2.09
C GLU C 496 33.75 -31.00 -3.00
N VAL C 497 32.88 -31.88 -3.47
CA VAL C 497 31.77 -31.50 -4.32
C VAL C 497 30.74 -32.62 -4.30
N HIS C 498 29.50 -32.27 -4.62
CA HIS C 498 28.41 -33.26 -4.66
C HIS C 498 27.28 -32.70 -5.51
N LEU C 499 26.93 -33.40 -6.58
CA LEU C 499 25.81 -32.98 -7.42
C LEU C 499 24.50 -33.13 -6.66
N VAL C 500 23.50 -32.37 -7.08
CA VAL C 500 22.22 -32.31 -6.41
C VAL C 500 21.24 -33.25 -7.11
N ALA C 501 20.22 -33.68 -6.38
CA ALA C 501 19.20 -34.54 -6.96
C ALA C 501 18.43 -33.81 -8.05
N ASP C 502 18.09 -32.54 -7.83
CA ASP C 502 17.33 -31.76 -8.80
C ASP C 502 17.66 -30.29 -8.60
N GLY C 503 17.16 -29.47 -9.51
CA GLY C 503 17.40 -28.04 -9.47
C GLY C 503 16.64 -27.33 -8.37
N VAL C 511 1.28 -26.65 7.14
CA VAL C 511 2.16 -27.78 6.87
C VAL C 511 1.40 -29.08 7.08
N ASN C 512 0.38 -29.32 6.26
CA ASN C 512 -0.42 -30.53 6.38
C ASN C 512 0.46 -31.78 6.23
N ASN C 513 0.99 -32.00 5.04
CA ASN C 513 1.87 -33.13 4.77
C ASN C 513 3.29 -32.68 4.46
N SER C 514 3.47 -31.79 3.48
CA SER C 514 4.80 -31.29 3.13
C SER C 514 4.62 -30.11 2.18
N ASN C 515 4.95 -28.90 2.65
CA ASN C 515 4.79 -27.71 1.83
C ASN C 515 6.02 -26.82 1.86
N LYS C 516 6.79 -26.87 2.95
CA LYS C 516 7.89 -25.92 3.17
C LYS C 516 9.25 -26.52 2.83
N LYS C 517 9.62 -27.62 3.47
CA LYS C 517 10.95 -28.22 3.32
C LYS C 517 10.94 -29.10 2.08
N GLU C 518 10.97 -28.46 0.92
CA GLU C 518 10.96 -29.18 -0.35
C GLU C 518 11.93 -28.62 -1.38
N TRP C 519 12.65 -27.54 -1.08
CA TRP C 519 13.56 -26.96 -2.05
C TRP C 519 14.78 -27.86 -2.25
N ASN C 520 15.29 -27.87 -3.48
CA ASN C 520 16.43 -28.72 -3.80
C ASN C 520 17.76 -28.08 -3.39
N GLY C 521 18.07 -26.93 -3.97
CA GLY C 521 19.36 -26.31 -3.75
C GLY C 521 19.60 -25.92 -2.31
N MET C 522 18.88 -24.91 -1.82
CA MET C 522 19.12 -24.42 -0.47
C MET C 522 18.76 -25.47 0.57
N MET C 523 17.54 -26.03 0.47
CA MET C 523 17.12 -27.03 1.44
C MET C 523 17.98 -28.27 1.38
N GLY C 524 18.31 -28.72 0.16
CA GLY C 524 19.19 -29.88 0.03
C GLY C 524 20.55 -29.64 0.64
N GLU C 525 21.12 -28.46 0.42
CA GLU C 525 22.41 -28.13 1.01
C GLU C 525 22.32 -28.11 2.53
N LEU C 526 21.26 -27.50 3.07
CA LEU C 526 21.13 -27.41 4.52
C LEU C 526 20.97 -28.79 5.15
N LEU C 527 20.12 -29.63 4.55
CA LEU C 527 19.84 -30.94 5.16
C LEU C 527 21.00 -31.90 4.97
N SER C 528 21.61 -31.93 3.78
CA SER C 528 22.67 -32.89 3.49
C SER C 528 23.94 -32.63 4.26
N GLY C 529 24.05 -31.50 4.95
CA GLY C 529 25.24 -31.19 5.70
C GLY C 529 26.38 -30.64 4.89
N GLN C 530 26.17 -30.35 3.62
CA GLN C 530 27.23 -29.76 2.81
C GLN C 530 27.61 -28.39 3.34
N ALA C 531 28.90 -28.07 3.27
CA ALA C 531 29.38 -26.80 3.76
C ALA C 531 28.66 -25.65 3.06
N ASP C 532 28.89 -24.44 3.56
CA ASP C 532 28.17 -23.26 3.13
C ASP C 532 28.46 -22.90 1.67
N MET C 533 29.37 -23.63 1.03
CA MET C 533 29.67 -23.38 -0.37
C MET C 533 28.53 -23.88 -1.26
N ILE C 534 28.11 -23.04 -2.20
CA ILE C 534 27.13 -23.41 -3.21
C ILE C 534 27.68 -22.96 -4.56
N VAL C 535 27.17 -23.57 -5.63
CA VAL C 535 27.77 -23.42 -6.94
C VAL C 535 27.14 -22.28 -7.73
N ALA C 536 25.81 -22.37 -8.01
CA ALA C 536 25.24 -21.44 -8.96
C ALA C 536 24.44 -20.35 -8.25
N PRO C 537 24.39 -19.14 -8.81
CA PRO C 537 23.58 -18.09 -8.18
C PRO C 537 22.13 -18.48 -8.02
N LEU C 538 21.56 -19.14 -9.04
CA LEU C 538 20.17 -19.58 -9.02
C LEU C 538 19.29 -18.50 -8.39
N THR C 539 18.54 -18.84 -7.35
CA THR C 539 17.70 -17.86 -6.69
C THR C 539 18.54 -16.90 -5.86
N ILE C 540 18.22 -15.62 -5.92
CA ILE C 540 18.76 -14.60 -5.02
C ILE C 540 17.56 -13.77 -4.57
N ASN C 541 17.03 -14.09 -3.39
CA ASN C 541 15.78 -13.50 -2.94
C ASN C 541 15.82 -13.36 -1.43
N ASN C 542 14.71 -12.90 -0.85
CA ASN C 542 14.63 -12.74 0.60
C ASN C 542 14.43 -14.08 1.30
N GLU C 543 13.67 -14.98 0.70
CA GLU C 543 13.37 -16.25 1.37
C GLU C 543 14.64 -17.10 1.51
N ARG C 544 15.36 -17.30 0.43
CA ARG C 544 16.62 -18.01 0.52
C ARG C 544 17.61 -17.28 1.43
N ALA C 545 17.52 -15.95 1.46
CA ALA C 545 18.39 -15.17 2.34
C ALA C 545 18.14 -15.53 3.79
N GLN C 546 16.91 -15.31 4.26
CA GLN C 546 16.58 -15.65 5.65
C GLN C 546 16.84 -17.13 5.91
N TYR C 547 16.76 -17.97 4.88
CA TYR C 547 17.00 -19.39 5.07
C TYR C 547 18.39 -19.64 5.63
N ILE C 548 19.43 -19.31 4.88
CA ILE C 548 20.80 -19.49 5.37
C ILE C 548 21.57 -18.18 5.30
N GLU C 549 21.86 -17.71 4.09
CA GLU C 549 22.65 -16.50 3.91
C GLU C 549 22.82 -16.26 2.41
N PHE C 550 23.21 -15.03 2.07
CA PHE C 550 23.62 -14.70 0.70
C PHE C 550 24.87 -13.84 0.78
N SER C 551 25.94 -14.29 0.14
CA SER C 551 27.19 -13.55 0.13
C SER C 551 27.09 -12.37 -0.83
N LYS C 552 28.16 -11.58 -0.89
CA LYS C 552 28.18 -10.47 -1.82
C LYS C 552 28.05 -11.00 -3.25
N PRO C 553 27.31 -10.32 -4.12
CA PRO C 553 27.05 -10.88 -5.45
C PRO C 553 28.31 -10.91 -6.29
N PHE C 554 28.74 -12.12 -6.66
CA PHE C 554 29.90 -12.26 -7.53
C PHE C 554 29.66 -11.59 -8.88
N LYS C 555 28.41 -11.55 -9.33
CA LYS C 555 28.05 -10.88 -10.56
C LYS C 555 26.66 -10.30 -10.42
N TYR C 556 26.37 -9.28 -11.24
CA TYR C 556 25.07 -8.64 -11.28
C TYR C 556 24.37 -9.03 -12.57
N GLN C 557 23.22 -9.69 -12.45
CA GLN C 557 22.50 -10.23 -13.59
C GLN C 557 21.02 -9.91 -13.45
N GLY C 558 20.27 -10.27 -14.49
CA GLY C 558 18.83 -10.07 -14.51
C GLY C 558 18.10 -11.25 -15.12
N LEU C 559 17.09 -10.98 -15.93
CA LEU C 559 16.33 -12.04 -16.58
C LEU C 559 15.92 -11.56 -17.97
N THR C 560 15.89 -12.49 -18.92
CA THR C 560 15.58 -12.17 -20.31
C THR C 560 14.88 -13.37 -20.95
N ILE C 561 14.80 -13.35 -22.27
CA ILE C 561 14.09 -14.38 -23.03
C ILE C 561 14.88 -14.73 -24.28
N LEU C 562 14.84 -16.01 -24.66
CA LEU C 562 15.42 -16.50 -25.89
C LEU C 562 14.33 -17.11 -26.76
N VAL C 563 14.40 -16.86 -28.07
CA VAL C 563 13.41 -17.31 -29.03
C VAL C 563 14.12 -17.67 -30.33
N LYS C 564 13.34 -18.13 -31.30
CA LYS C 564 13.85 -18.46 -32.62
C LYS C 564 13.55 -17.30 -33.57
N LYS C 565 14.59 -16.73 -34.18
CA LYS C 565 14.42 -15.59 -35.05
C LYS C 565 13.58 -15.97 -36.27
N GLU C 566 12.70 -15.06 -36.68
CA GLU C 566 11.85 -15.30 -37.83
C GLU C 566 12.66 -15.24 -39.12
N ILE C 567 12.24 -16.02 -40.11
CA ILE C 567 12.90 -16.11 -41.41
C ILE C 567 14.41 -16.09 -41.27
N ARG C 569 10.81 -14.20 -45.88
CA ARG C 569 10.55 -14.91 -47.12
C ARG C 569 9.46 -14.20 -47.93
N SER C 570 9.87 -13.34 -48.84
CA SER C 570 8.92 -12.58 -49.65
C SER C 570 8.24 -13.49 -50.66
N THR C 571 6.97 -13.18 -50.94
CA THR C 571 6.19 -13.91 -51.92
C THR C 571 5.16 -12.94 -52.51
N LEU C 572 4.14 -13.48 -53.18
CA LEU C 572 3.03 -12.69 -53.70
C LEU C 572 3.53 -11.62 -54.67
N ASP C 573 4.09 -12.09 -55.79
CA ASP C 573 4.54 -11.18 -56.83
C ASP C 573 3.46 -10.19 -57.20
N SER C 574 2.25 -10.70 -57.48
CA SER C 574 1.12 -9.85 -57.87
C SER C 574 1.52 -8.94 -59.03
N PHE C 575 2.34 -9.47 -59.93
CA PHE C 575 2.82 -8.72 -61.09
C PHE C 575 1.67 -8.44 -62.05
N GLN C 577 -0.87 -10.54 -60.98
CA GLN C 577 -2.05 -11.23 -60.47
C GLN C 577 -2.75 -11.98 -61.61
N PRO C 578 -3.68 -12.87 -61.25
CA PRO C 578 -4.40 -13.61 -62.30
C PRO C 578 -5.28 -12.75 -63.18
N PHE C 579 -5.57 -11.50 -62.79
CA PHE C 579 -6.53 -10.68 -63.51
C PHE C 579 -6.15 -10.53 -64.97
N GLN C 580 -5.06 -9.83 -65.25
CA GLN C 580 -4.56 -9.59 -66.61
C GLN C 580 -5.60 -8.92 -67.51
N SER C 581 -6.72 -8.46 -66.93
CA SER C 581 -7.81 -7.95 -67.76
C SER C 581 -7.48 -6.59 -68.35
N THR C 582 -6.92 -5.69 -67.53
CA THR C 582 -6.72 -4.32 -67.98
C THR C 582 -5.81 -4.26 -69.20
N LEU C 583 -4.70 -5.00 -69.16
CA LEU C 583 -3.75 -4.96 -70.27
C LEU C 583 -4.42 -5.41 -71.57
N TRP C 584 -5.09 -6.56 -71.55
CA TRP C 584 -5.67 -7.10 -72.78
C TRP C 584 -6.78 -6.21 -73.30
N LEU C 585 -7.68 -5.75 -72.41
CA LEU C 585 -8.78 -4.91 -72.87
C LEU C 585 -8.27 -3.59 -73.43
N LEU C 586 -7.28 -2.98 -72.77
CA LEU C 586 -6.76 -1.71 -73.24
C LEU C 586 -6.03 -1.86 -74.55
N VAL C 587 -5.25 -2.93 -74.72
CA VAL C 587 -4.57 -3.13 -75.99
C VAL C 587 -5.59 -3.38 -77.10
N GLY C 588 -6.66 -4.11 -76.81
CA GLY C 588 -7.70 -4.29 -77.80
C GLY C 588 -8.34 -2.98 -78.21
N LEU C 589 -8.67 -2.14 -77.22
CA LEU C 589 -9.28 -0.86 -77.52
C LEU C 589 -8.34 0.03 -78.35
N SER C 590 -7.07 0.06 -77.98
CA SER C 590 -6.10 0.85 -78.74
C SER C 590 -5.95 0.32 -80.17
N VAL C 591 -5.93 -1.01 -80.32
CA VAL C 591 -5.84 -1.59 -81.65
C VAL C 591 -7.04 -1.15 -82.48
N HIS C 592 -8.24 -1.20 -81.89
CA HIS C 592 -9.43 -0.82 -82.64
C HIS C 592 -9.40 0.66 -83.02
N VAL C 593 -9.01 1.54 -82.09
CA VAL C 593 -9.05 2.97 -82.40
C VAL C 593 -8.01 3.31 -83.46
N VAL C 594 -6.79 2.77 -83.33
CA VAL C 594 -5.78 3.02 -84.36
C VAL C 594 -6.22 2.42 -85.69
N ALA C 595 -6.88 1.27 -85.65
CA ALA C 595 -7.35 0.64 -86.87
C ALA C 595 -8.35 1.54 -87.60
N VAL C 596 -9.31 2.11 -86.87
CA VAL C 596 -10.27 3.00 -87.52
C VAL C 596 -9.57 4.25 -88.03
N MET C 597 -8.66 4.82 -87.22
CA MET C 597 -7.95 6.01 -87.67
C MET C 597 -7.21 5.76 -88.98
N LEU C 598 -6.57 4.59 -89.11
CA LEU C 598 -5.86 4.27 -90.34
C LEU C 598 -6.83 3.97 -91.47
N TYR C 599 -7.86 3.16 -91.20
CA TYR C 599 -8.76 2.70 -92.26
C TYR C 599 -9.47 3.88 -92.91
N LEU C 600 -10.11 4.73 -92.11
CA LEU C 600 -10.85 5.84 -92.68
C LEU C 600 -9.95 6.95 -93.21
N LEU C 601 -8.64 6.87 -92.97
CA LEU C 601 -7.67 7.80 -93.55
C LEU C 601 -6.75 7.10 -94.54
N ASP C 602 -7.10 5.90 -95.00
CA ASP C 602 -6.29 5.18 -95.99
C ASP C 602 -7.12 4.72 -97.18
N ARG C 603 -8.24 5.39 -97.45
CA ARG C 603 -9.09 5.04 -98.58
C ARG C 603 -9.86 6.26 -99.08
N THR C 623 -1.24 -1.94 -91.95
CA THR C 623 -2.67 -2.23 -92.03
C THR C 623 -3.24 -2.50 -90.64
N LEU C 624 -4.38 -3.19 -90.59
CA LEU C 624 -4.98 -3.53 -89.32
C LEU C 624 -4.04 -4.38 -88.48
N SER C 625 -3.48 -5.43 -89.08
CA SER C 625 -2.53 -6.28 -88.35
C SER C 625 -1.23 -5.53 -88.06
N SER C 626 -0.72 -4.79 -89.05
CA SER C 626 0.49 -4.00 -88.82
C SER C 626 0.27 -2.94 -87.77
N ALA C 627 -0.87 -2.26 -87.82
CA ALA C 627 -1.18 -1.26 -86.79
C ALA C 627 -1.30 -1.92 -85.43
N MET C 628 -1.93 -3.09 -85.36
CA MET C 628 -2.05 -3.79 -84.09
C MET C 628 -0.69 -4.16 -83.53
N TRP C 629 0.21 -4.65 -84.39
CA TRP C 629 1.56 -5.00 -83.94
C TRP C 629 2.31 -3.76 -83.45
N PHE C 630 2.20 -2.66 -84.18
CA PHE C 630 2.88 -1.43 -83.76
C PHE C 630 2.36 -0.94 -82.43
N SER C 631 1.03 -0.96 -82.25
CA SER C 631 0.45 -0.55 -80.98
C SER C 631 0.86 -1.46 -79.84
N TRP C 632 0.87 -2.78 -80.09
CA TRP C 632 1.29 -3.73 -79.07
C TRP C 632 2.73 -3.45 -78.65
N GLY C 633 3.62 -3.21 -79.61
CA GLY C 633 4.98 -2.85 -79.27
C GLY C 633 5.05 -1.55 -78.48
N VAL C 634 4.24 -0.56 -78.88
CA VAL C 634 4.25 0.73 -78.21
C VAL C 634 3.84 0.58 -76.75
N LEU C 635 2.88 -0.30 -76.48
CA LEU C 635 2.35 -0.46 -75.13
C LEU C 635 3.32 -1.11 -74.16
N LEU C 636 4.47 -1.60 -74.63
CA LEU C 636 5.33 -2.47 -73.83
C LEU C 636 6.78 -2.00 -73.78
N ASN C 637 7.03 -0.70 -74.01
CA ASN C 637 8.33 -0.09 -73.75
C ASN C 637 9.45 -0.77 -74.53
N SER C 638 9.35 -0.65 -75.86
CA SER C 638 10.43 -1.07 -76.74
C SER C 638 10.39 -0.22 -78.00
N GLY C 639 11.53 -0.19 -78.70
CA GLY C 639 11.65 0.61 -79.90
C GLY C 639 11.59 -0.21 -81.18
N ILE C 640 11.13 -1.46 -81.07
CA ILE C 640 11.12 -2.36 -82.22
C ILE C 640 10.13 -1.95 -83.30
N GLY C 641 9.24 -1.01 -83.01
CA GLY C 641 8.25 -0.57 -83.97
C GLY C 641 8.84 -0.09 -85.28
N ARG C 651 -0.85 12.12 -88.79
CA ARG C 651 -0.54 11.98 -87.38
C ARG C 651 -0.82 13.28 -86.64
N ILE C 652 -2.10 13.65 -86.58
CA ILE C 652 -2.50 14.89 -85.92
C ILE C 652 -2.87 14.68 -84.46
N LEU C 653 -3.26 13.47 -84.07
CA LEU C 653 -3.72 13.22 -82.70
C LEU C 653 -3.20 11.92 -82.13
N GLY C 654 -2.33 11.19 -82.83
CA GLY C 654 -1.85 9.93 -82.31
C GLY C 654 -1.11 10.10 -80.98
N MET C 655 -0.37 11.19 -80.85
CA MET C 655 0.37 11.44 -79.61
C MET C 655 -0.53 11.38 -78.40
N VAL C 656 -1.79 11.80 -78.54
CA VAL C 656 -2.72 11.77 -77.41
C VAL C 656 -2.76 10.35 -76.83
N TRP C 657 -2.92 9.35 -77.69
CA TRP C 657 -2.90 7.97 -77.22
C TRP C 657 -1.63 7.71 -76.42
N ALA C 658 -0.47 8.03 -77.00
CA ALA C 658 0.80 7.81 -76.33
C ALA C 658 0.70 8.21 -74.87
N GLY C 659 0.02 9.33 -74.61
CA GLY C 659 -0.14 9.82 -73.25
C GLY C 659 -0.44 8.72 -72.27
N PHE C 660 -1.59 8.04 -72.44
CA PHE C 660 -2.02 7.08 -71.43
C PHE C 660 -0.90 6.10 -71.12
N ALA C 661 -0.21 5.62 -72.17
CA ALA C 661 0.86 4.65 -71.98
C ALA C 661 1.71 5.05 -70.79
N MET C 662 2.33 6.23 -70.89
CA MET C 662 3.20 6.69 -69.82
C MET C 662 2.58 6.44 -68.47
N ILE C 663 1.44 7.07 -68.19
CA ILE C 663 0.91 7.02 -66.84
C ILE C 663 0.62 5.58 -66.45
N ILE C 664 0.04 4.80 -67.35
CA ILE C 664 -0.34 3.44 -66.96
C ILE C 664 0.91 2.68 -66.53
N VAL C 665 2.01 2.84 -67.28
CA VAL C 665 3.25 2.18 -66.88
C VAL C 665 3.62 2.59 -65.47
N ALA C 666 3.63 3.90 -65.22
CA ALA C 666 3.91 4.38 -63.87
C ALA C 666 2.98 3.70 -62.88
N SER C 667 1.68 3.69 -63.17
CA SER C 667 0.72 3.06 -62.27
C SER C 667 1.17 1.64 -61.95
N TYR C 668 1.47 0.86 -62.99
CA TYR C 668 1.90 -0.51 -62.75
C TYR C 668 3.10 -0.52 -61.81
N THR C 669 4.14 0.25 -62.15
CA THR C 669 5.31 0.30 -61.29
C THR C 669 4.91 0.75 -59.89
N ALA C 670 4.03 1.74 -59.81
CA ALA C 670 3.58 2.20 -58.50
C ALA C 670 3.06 1.03 -57.68
N ASN C 671 2.17 0.23 -58.28
CA ASN C 671 1.64 -0.90 -57.53
C ASN C 671 2.75 -1.85 -57.11
N LEU C 672 3.71 -2.08 -58.01
CA LEU C 672 4.88 -2.87 -57.64
C LEU C 672 5.54 -2.29 -56.40
N ALA C 673 5.78 -0.98 -56.39
CA ALA C 673 6.31 -0.34 -55.20
C ALA C 673 5.38 -0.52 -54.02
N ALA C 674 4.07 -0.38 -54.25
CA ALA C 674 3.12 -0.68 -53.19
C ALA C 674 3.27 -2.13 -52.75
N PHE C 675 3.43 -3.05 -53.70
CA PHE C 675 3.77 -4.42 -53.36
C PHE C 675 5.15 -4.48 -52.71
N LEU C 676 6.09 -3.69 -53.21
CA LEU C 676 7.45 -3.70 -52.65
C LEU C 676 7.44 -3.26 -51.19
N VAL C 677 6.69 -2.20 -50.88
CA VAL C 677 6.61 -1.73 -49.51
C VAL C 677 5.77 -2.70 -48.69
N LEU C 678 6.33 -3.18 -47.58
CA LEU C 678 5.63 -4.10 -46.69
C LEU C 678 6.49 -4.28 -45.45
N ASP C 679 5.93 -4.97 -44.46
CA ASP C 679 6.63 -5.23 -43.22
C ASP C 679 6.96 -3.91 -42.52
N ARG C 684 8.68 -10.14 -32.26
CA ARG C 684 8.37 -10.90 -31.06
C ARG C 684 7.83 -9.98 -29.95
N ILE C 685 7.69 -10.52 -28.75
CA ILE C 685 7.16 -9.74 -27.63
C ILE C 685 8.07 -8.55 -27.35
N THR C 686 9.38 -8.78 -27.31
CA THR C 686 10.36 -7.72 -27.09
C THR C 686 10.09 -6.99 -25.78
N GLY C 687 9.72 -7.72 -24.75
CA GLY C 687 9.46 -7.17 -23.43
C GLY C 687 8.25 -7.80 -22.80
N ILE C 688 8.22 -7.79 -21.46
CA ILE C 688 7.11 -8.36 -20.72
C ILE C 688 5.81 -7.62 -21.00
N ASN C 689 5.89 -6.35 -21.41
CA ASN C 689 4.71 -5.56 -21.69
C ASN C 689 3.92 -6.09 -22.88
N ASP C 690 4.49 -6.98 -23.68
CA ASP C 690 3.76 -7.53 -24.82
C ASP C 690 2.49 -8.22 -24.33
N PRO C 691 1.32 -7.89 -24.89
CA PRO C 691 0.08 -8.49 -24.37
C PRO C 691 0.05 -10.00 -24.49
N ARG C 692 0.68 -10.58 -25.51
CA ARG C 692 0.70 -12.02 -25.64
C ARG C 692 1.29 -12.67 -24.39
N LEU C 693 2.41 -12.13 -23.91
CA LEU C 693 2.97 -12.61 -22.65
C LEU C 693 2.03 -12.33 -21.49
N ARG C 694 1.42 -11.15 -21.48
CA ARG C 694 0.51 -10.79 -20.38
C ARG C 694 -0.83 -11.51 -20.52
N ASN C 695 -1.54 -11.25 -21.61
CA ASN C 695 -2.81 -11.92 -21.84
C ASN C 695 -2.59 -13.40 -22.15
N PRO C 696 -3.53 -14.26 -21.79
CA PRO C 696 -3.37 -15.68 -22.13
C PRO C 696 -3.32 -15.90 -23.62
N SER C 697 -2.53 -16.88 -24.05
CA SER C 697 -2.37 -17.21 -25.47
C SER C 697 -2.26 -18.71 -25.63
N ASP C 698 -3.11 -19.28 -26.49
CA ASP C 698 -3.03 -20.71 -26.76
C ASP C 698 -1.74 -21.06 -27.49
N LYS C 699 -1.33 -20.24 -28.46
CA LYS C 699 -0.16 -20.55 -29.27
C LYS C 699 1.14 -20.14 -28.56
N PHE C 700 1.29 -18.86 -28.26
CA PHE C 700 2.50 -18.37 -27.62
C PHE C 700 2.71 -19.08 -26.29
N ILE C 701 3.94 -19.54 -26.06
CA ILE C 701 4.28 -20.31 -24.86
C ILE C 701 5.28 -19.48 -24.05
N TYR C 702 4.86 -19.08 -22.85
CA TYR C 702 5.74 -18.39 -21.91
C TYR C 702 6.35 -19.45 -20.99
N ALA C 703 7.40 -20.09 -21.50
CA ALA C 703 7.99 -21.21 -20.79
C ALA C 703 8.60 -20.75 -19.46
N THR C 704 8.66 -21.69 -18.51
CA THR C 704 9.13 -21.39 -17.17
C THR C 704 10.13 -22.43 -16.68
N VAL C 705 10.50 -22.35 -15.41
CA VAL C 705 11.44 -23.29 -14.82
C VAL C 705 10.71 -24.11 -13.76
N LYS C 706 11.44 -25.07 -13.18
CA LYS C 706 10.87 -25.99 -12.19
C LYS C 706 10.94 -25.33 -10.81
N GLN C 707 10.04 -24.37 -10.61
CA GLN C 707 9.89 -23.66 -9.34
C GLN C 707 11.22 -23.38 -8.65
N SER C 708 12.23 -22.97 -9.42
CA SER C 708 13.52 -22.67 -8.81
C SER C 708 13.54 -21.28 -8.20
N SER C 709 13.51 -20.25 -9.04
CA SER C 709 13.46 -18.88 -8.55
C SER C 709 12.33 -18.07 -9.19
N VAL C 710 12.02 -18.33 -10.46
CA VAL C 710 11.02 -17.50 -11.15
C VAL C 710 9.65 -17.65 -10.50
N ASP C 711 9.33 -18.84 -10.01
CA ASP C 711 8.05 -19.02 -9.35
C ASP C 711 7.87 -18.03 -8.20
N ILE C 712 8.90 -17.89 -7.37
CA ILE C 712 8.83 -16.93 -6.27
C ILE C 712 8.69 -15.52 -6.80
N TYR C 713 9.49 -15.17 -7.81
CA TYR C 713 9.46 -13.80 -8.33
C TYR C 713 8.09 -13.45 -8.89
N PHE C 714 7.37 -14.43 -9.45
CA PHE C 714 6.07 -14.17 -10.04
C PHE C 714 4.93 -14.26 -9.03
N ARG C 715 5.08 -15.07 -7.99
CA ARG C 715 4.04 -15.13 -6.96
C ARG C 715 3.87 -13.80 -6.24
N ARG C 716 4.89 -12.93 -6.28
CA ARG C 716 4.75 -11.61 -5.67
C ARG C 716 3.67 -10.80 -6.38
N GLN C 717 3.65 -10.85 -7.71
CA GLN C 717 2.65 -10.14 -8.50
C GLN C 717 1.43 -11.04 -8.69
N VAL C 718 0.28 -10.61 -8.15
CA VAL C 718 -0.93 -11.43 -8.24
C VAL C 718 -1.38 -11.58 -9.68
N GLU C 719 -1.23 -10.51 -10.47
CA GLU C 719 -1.75 -10.52 -11.84
C GLU C 719 -1.14 -11.63 -12.69
N LEU C 720 0.03 -12.13 -12.31
CA LEU C 720 0.69 -13.20 -13.06
C LEU C 720 0.09 -14.58 -12.78
N SER C 721 -1.00 -14.65 -12.03
CA SER C 721 -1.59 -15.95 -11.71
C SER C 721 -1.82 -16.78 -12.97
N THR C 722 -2.46 -16.18 -13.97
CA THR C 722 -2.67 -16.89 -15.23
C THR C 722 -1.35 -17.37 -15.80
N MET C 723 -0.35 -16.50 -15.84
CA MET C 723 0.98 -16.93 -16.26
C MET C 723 1.49 -18.02 -15.34
N TYR C 724 1.34 -17.84 -14.02
CA TYR C 724 1.68 -18.91 -13.09
C TYR C 724 0.88 -20.16 -13.41
N ARG C 725 -0.37 -20.01 -13.83
CA ARG C 725 -1.15 -21.14 -14.30
C ARG C 725 -0.41 -21.86 -15.43
N HIS C 726 0.04 -21.10 -16.43
CA HIS C 726 0.87 -21.70 -17.47
C HIS C 726 2.16 -22.24 -16.90
N MET C 727 2.69 -21.62 -15.85
CA MET C 727 3.86 -22.15 -15.18
C MET C 727 3.62 -23.56 -14.68
N GLU C 728 2.37 -23.90 -14.33
CA GLU C 728 2.07 -25.24 -13.88
C GLU C 728 2.37 -26.27 -14.97
N LYS C 729 2.27 -25.88 -16.23
CA LYS C 729 2.53 -26.77 -17.36
C LYS C 729 3.85 -26.45 -18.06
N HIS C 730 4.69 -25.60 -17.47
CA HIS C 730 5.93 -25.17 -18.10
C HIS C 730 7.07 -25.21 -17.10
N ASN C 731 7.10 -26.24 -16.25
CA ASN C 731 8.16 -26.43 -15.27
C ASN C 731 8.92 -27.70 -15.64
N TYR C 732 10.18 -27.54 -16.04
CA TYR C 732 11.01 -28.64 -16.51
C TYR C 732 12.24 -28.79 -15.63
N GLU C 733 12.87 -29.97 -15.72
CA GLU C 733 13.94 -30.31 -14.82
C GLU C 733 15.12 -29.35 -14.95
N SER C 734 15.51 -29.02 -16.19
CA SER C 734 16.70 -28.22 -16.42
C SER C 734 16.44 -27.23 -17.54
N ALA C 735 17.21 -26.14 -17.52
CA ALA C 735 17.12 -25.14 -18.57
C ALA C 735 17.57 -25.71 -19.92
N ALA C 736 18.53 -26.63 -19.90
CA ALA C 736 18.94 -27.28 -21.14
C ALA C 736 17.78 -28.03 -21.77
N GLU C 737 16.95 -28.67 -20.95
CA GLU C 737 15.78 -29.36 -21.48
C GLU C 737 14.85 -28.39 -22.18
N ALA C 738 14.59 -27.23 -21.57
CA ALA C 738 13.74 -26.23 -22.19
C ALA C 738 14.35 -25.72 -23.48
N ILE C 739 15.66 -25.50 -23.50
CA ILE C 739 16.32 -25.01 -24.70
C ILE C 739 16.17 -26.03 -25.82
N GLN C 740 16.42 -27.30 -25.52
CA GLN C 740 16.29 -28.34 -26.54
C GLN C 740 14.86 -28.43 -27.03
N ALA C 741 13.88 -28.34 -26.11
CA ALA C 741 12.48 -28.41 -26.51
C ALA C 741 12.12 -27.26 -27.44
N VAL C 742 12.56 -26.05 -27.12
CA VAL C 742 12.19 -24.89 -27.93
C VAL C 742 13.00 -24.77 -29.20
N ARG C 743 14.11 -25.51 -29.32
CA ARG C 743 14.86 -25.50 -30.58
C ARG C 743 13.97 -25.88 -31.76
N ASP C 744 12.95 -26.70 -31.52
CA ASP C 744 12.02 -27.09 -32.58
C ASP C 744 10.92 -26.05 -32.82
N ASN C 745 10.86 -25.00 -32.01
CA ASN C 745 9.84 -23.96 -32.09
C ASN C 745 8.52 -24.39 -31.49
N LYS C 746 8.49 -25.49 -30.73
CA LYS C 746 7.25 -25.90 -30.08
C LYS C 746 6.83 -24.89 -29.02
N LEU C 747 7.79 -24.38 -28.25
CA LEU C 747 7.53 -23.35 -27.25
C LEU C 747 8.02 -22.01 -27.78
N HIS C 748 7.13 -21.03 -27.82
CA HIS C 748 7.46 -19.76 -28.45
C HIS C 748 8.63 -19.07 -27.76
N ALA C 749 8.67 -19.08 -26.43
CA ALA C 749 9.69 -18.34 -25.72
C ALA C 749 9.89 -18.92 -24.34
N PHE C 750 10.99 -18.54 -23.71
CA PHE C 750 11.33 -18.97 -22.36
C PHE C 750 12.01 -17.83 -21.62
N ILE C 751 11.64 -17.65 -20.36
CA ILE C 751 12.20 -16.60 -19.52
C ILE C 751 13.23 -17.22 -18.59
N TRP C 752 14.41 -16.60 -18.51
CA TRP C 752 15.50 -17.15 -17.72
C TRP C 752 16.49 -16.02 -17.41
N ASP C 753 17.54 -16.36 -16.68
CA ASP C 753 18.59 -15.41 -16.37
C ASP C 753 19.14 -14.78 -17.65
N SER C 754 19.53 -13.50 -17.54
CA SER C 754 20.06 -12.79 -18.70
C SER C 754 21.32 -13.44 -19.21
N ALA C 755 22.29 -13.70 -18.32
CA ALA C 755 23.60 -14.17 -18.76
C ALA C 755 23.51 -15.54 -19.42
N VAL C 756 22.73 -16.45 -18.84
CA VAL C 756 22.67 -17.82 -19.36
C VAL C 756 22.15 -17.80 -20.79
N LEU C 757 21.01 -17.15 -21.00
CA LEU C 757 20.43 -17.06 -22.33
C LEU C 757 21.37 -16.31 -23.27
N GLU C 758 21.98 -15.23 -22.79
CA GLU C 758 22.87 -14.45 -23.64
C GLU C 758 23.98 -15.30 -24.20
N PHE C 759 24.71 -16.01 -23.34
CA PHE C 759 25.85 -16.77 -23.85
C PHE C 759 25.40 -18.02 -24.59
N GLU C 760 24.24 -18.59 -24.26
CA GLU C 760 23.74 -19.72 -25.04
C GLU C 760 23.40 -19.28 -26.46
N ALA C 761 22.74 -18.12 -26.61
CA ALA C 761 22.50 -17.58 -27.94
C ALA C 761 23.81 -17.27 -28.63
N SER C 762 24.81 -16.81 -27.88
CA SER C 762 26.15 -16.67 -28.44
C SER C 762 26.62 -17.99 -29.04
N GLN C 763 26.51 -19.07 -28.29
CA GLN C 763 26.74 -20.40 -28.83
C GLN C 763 25.71 -20.75 -29.89
N LYS C 764 24.43 -20.42 -29.64
CA LYS C 764 23.34 -20.75 -30.54
C LYS C 764 23.16 -19.61 -31.53
N CYS C 765 24.00 -19.59 -32.56
CA CYS C 765 23.90 -18.60 -33.62
C CYS C 765 22.69 -18.81 -34.51
N ASP C 766 21.81 -19.75 -34.16
CA ASP C 766 20.64 -20.07 -34.95
C ASP C 766 19.36 -19.48 -34.39
N LEU C 767 19.39 -18.92 -33.18
CA LEU C 767 18.22 -18.39 -32.51
C LEU C 767 18.38 -16.89 -32.30
N VAL C 768 17.35 -16.28 -31.72
CA VAL C 768 17.31 -14.84 -31.48
C VAL C 768 16.87 -14.60 -30.04
N THR C 769 17.52 -13.64 -29.39
CA THR C 769 17.21 -13.26 -28.03
C THR C 769 16.59 -11.88 -27.99
N THR C 770 15.96 -11.55 -26.86
CA THR C 770 15.33 -10.24 -26.69
C THR C 770 16.10 -9.32 -25.77
N GLY C 771 16.94 -9.86 -24.88
CA GLY C 771 17.63 -9.01 -23.92
C GLY C 771 16.64 -8.27 -23.06
N GLU C 772 16.90 -6.98 -22.84
CA GLU C 772 16.01 -6.11 -22.07
C GLU C 772 15.79 -6.67 -20.66
N LEU C 773 16.87 -6.68 -19.89
CA LEU C 773 16.81 -7.16 -18.52
C LEU C 773 15.77 -6.37 -17.74
N PHE C 774 15.02 -7.09 -16.90
CA PHE C 774 13.90 -6.49 -16.17
C PHE C 774 13.89 -6.76 -14.68
N PHE C 775 14.66 -7.73 -14.19
CA PHE C 775 14.64 -8.13 -12.78
C PHE C 775 16.06 -8.26 -12.25
N ARG C 776 16.87 -7.23 -12.48
CA ARG C 776 18.25 -7.22 -12.01
C ARG C 776 18.34 -7.74 -10.57
N SER C 777 19.10 -8.81 -10.39
CA SER C 777 19.22 -9.43 -9.08
C SER C 777 20.52 -10.23 -8.97
N ILE C 781 27.17 -16.45 -4.12
CA ILE C 781 27.24 -17.73 -3.43
C ILE C 781 26.62 -17.61 -2.06
N GLY C 782 25.76 -18.58 -1.72
CA GLY C 782 25.11 -18.58 -0.43
C GLY C 782 25.97 -19.23 0.64
N MET C 783 25.37 -19.40 1.81
CA MET C 783 26.07 -20.03 2.92
C MET C 783 25.16 -20.22 4.12
N ARG C 784 25.46 -21.20 4.96
CA ARG C 784 24.77 -21.35 6.23
C ARG C 784 25.14 -20.21 7.16
N LYS C 785 24.20 -19.84 8.04
CA LYS C 785 24.43 -18.72 8.94
C LYS C 785 25.24 -19.16 10.14
N ASP C 786 26.34 -19.88 9.91
CA ASP C 786 27.27 -20.23 10.97
C ASP C 786 28.72 -20.15 10.54
N SER C 787 29.03 -19.73 9.31
CA SER C 787 30.38 -19.73 8.80
C SER C 787 30.87 -18.29 8.68
N PRO C 788 31.81 -17.84 9.52
CA PRO C 788 32.37 -16.49 9.32
C PRO C 788 33.06 -16.33 7.98
N TRP C 789 33.47 -17.43 7.35
CA TRP C 789 34.15 -17.39 6.05
C TRP C 789 33.40 -16.46 5.10
N LYS C 790 32.09 -16.31 5.32
CA LYS C 790 31.28 -15.41 4.51
C LYS C 790 32.02 -14.11 4.22
N GLN C 791 32.46 -13.42 5.27
CA GLN C 791 33.15 -12.15 5.06
C GLN C 791 34.30 -12.31 4.08
N ASN C 792 35.19 -13.27 4.34
CA ASN C 792 36.28 -13.52 3.42
C ASN C 792 35.77 -13.65 1.99
N VAL C 793 34.75 -14.48 1.80
CA VAL C 793 34.23 -14.70 0.45
C VAL C 793 33.87 -13.37 -0.17
N SER C 794 33.10 -12.56 0.54
CA SER C 794 32.81 -11.22 0.04
C SER C 794 34.10 -10.46 -0.19
N LEU C 795 34.94 -10.39 0.85
CA LEU C 795 36.25 -9.76 0.68
C LEU C 795 37.01 -10.38 -0.47
N SER C 796 36.84 -11.69 -0.69
CA SER C 796 37.55 -12.36 -1.76
C SER C 796 37.16 -11.78 -3.12
N ILE C 797 35.87 -11.53 -3.32
CA ILE C 797 35.40 -11.11 -4.64
C ILE C 797 35.49 -9.60 -4.82
N LEU C 798 35.57 -8.83 -3.75
CA LEU C 798 35.58 -7.38 -3.85
C LEU C 798 36.80 -6.84 -4.58
N LYS C 799 37.86 -7.63 -4.72
CA LYS C 799 39.10 -7.12 -5.29
C LYS C 799 38.91 -6.74 -6.75
N SER C 800 39.56 -5.65 -7.17
CA SER C 800 39.70 -5.39 -8.60
C SER C 800 40.50 -6.50 -9.26
N HIS C 801 41.49 -7.03 -8.56
CA HIS C 801 42.16 -8.28 -8.95
C HIS C 801 41.30 -9.42 -8.45
N GLU C 802 40.28 -9.76 -9.24
CA GLU C 802 39.20 -10.65 -8.84
C GLU C 802 38.02 -10.35 -9.75
N ASN C 803 37.60 -9.08 -9.78
CA ASN C 803 36.84 -8.60 -10.94
C ASN C 803 37.62 -8.85 -12.22
N GLY C 804 38.94 -8.75 -12.17
CA GLY C 804 39.76 -9.11 -13.32
C GLY C 804 39.63 -10.58 -13.68
N PHE C 805 39.62 -11.46 -12.68
CA PHE C 805 39.41 -12.88 -12.96
C PHE C 805 38.01 -13.13 -13.53
N MET C 806 37.01 -12.40 -13.03
CA MET C 806 35.67 -12.52 -13.58
C MET C 806 35.65 -12.09 -15.05
N GLU C 807 36.34 -10.99 -15.36
CA GLU C 807 36.43 -10.55 -16.76
C GLU C 807 37.17 -11.57 -17.61
N ASP C 808 38.20 -12.20 -17.04
CA ASP C 808 38.92 -13.24 -17.76
C ASP C 808 38.01 -14.43 -18.05
N LEU C 809 37.17 -14.80 -17.09
CA LEU C 809 36.19 -15.86 -17.33
C LEU C 809 35.20 -15.45 -18.41
N ASP C 810 34.77 -14.19 -18.38
CA ASP C 810 33.89 -13.69 -19.43
C ASP C 810 34.54 -13.84 -20.80
N LYS C 811 35.81 -13.47 -20.90
CA LYS C 811 36.54 -13.65 -22.16
C LYS C 811 36.63 -15.14 -22.51
N THR C 812 36.83 -15.98 -21.49
CA THR C 812 36.99 -17.42 -21.73
C THR C 812 35.74 -18.03 -22.34
N TRP C 813 34.57 -17.65 -21.83
CA TRP C 813 33.33 -18.33 -22.19
C TRP C 813 32.49 -17.58 -23.22
N VAL C 814 32.28 -16.27 -23.04
CA VAL C 814 31.50 -15.49 -23.98
C VAL C 814 32.15 -15.41 -25.36
N ARG C 815 33.41 -15.83 -25.48
CA ARG C 815 34.08 -15.76 -26.78
C ARG C 815 33.35 -16.58 -27.83
N TYR C 816 32.92 -17.78 -27.47
CA TYR C 816 32.19 -18.64 -28.41
C TYR C 816 30.81 -18.06 -28.71
N ALA C 825 18.62 -8.29 -45.44
CA ALA C 825 17.37 -9.01 -45.65
C ALA C 825 16.87 -8.80 -47.08
N PRO C 826 17.66 -9.27 -48.05
CA PRO C 826 17.25 -9.08 -49.46
C PRO C 826 15.92 -9.72 -49.77
N ALA C 827 15.81 -11.03 -49.56
CA ALA C 827 14.57 -11.77 -49.77
C ALA C 827 13.96 -11.45 -51.12
N THR C 828 14.81 -11.44 -52.15
CA THR C 828 14.34 -11.17 -53.50
C THR C 828 13.31 -12.21 -53.91
N LEU C 829 12.28 -11.75 -54.64
CA LEU C 829 11.20 -12.65 -55.03
C LEU C 829 11.74 -13.82 -55.86
N THR C 830 12.67 -13.48 -56.74
CA THR C 830 13.41 -14.47 -57.56
C THR C 830 12.86 -15.85 -57.90
N PHE C 831 12.49 -16.65 -56.92
CA PHE C 831 12.06 -18.02 -57.20
C PHE C 831 10.78 -18.05 -58.01
N GLU C 832 9.69 -17.54 -57.43
CA GLU C 832 8.44 -17.42 -58.18
C GLU C 832 8.59 -16.56 -59.43
N ASN C 833 9.47 -15.54 -59.36
CA ASN C 833 9.81 -14.82 -60.58
C ASN C 833 10.47 -15.74 -61.59
N MET C 834 11.33 -16.64 -61.12
CA MET C 834 11.91 -17.63 -62.01
C MET C 834 10.81 -18.46 -62.67
N ALA C 835 9.86 -18.94 -61.89
CA ALA C 835 8.77 -19.74 -62.45
C ALA C 835 7.98 -18.94 -63.48
N GLY C 836 7.77 -17.66 -63.21
CA GLY C 836 7.10 -16.81 -64.18
C GLY C 836 7.85 -16.75 -65.50
N VAL C 837 9.17 -16.57 -65.44
CA VAL C 837 9.93 -16.49 -66.68
C VAL C 837 9.94 -17.84 -67.39
N PHE C 838 10.00 -18.94 -66.65
CA PHE C 838 9.97 -20.26 -67.30
C PHE C 838 8.64 -20.50 -68.01
N MET C 839 7.52 -20.19 -67.36
CA MET C 839 6.24 -20.37 -68.03
C MET C 839 6.10 -19.41 -69.20
N LEU C 840 6.70 -18.22 -69.11
CA LEU C 840 6.67 -17.31 -70.26
C LEU C 840 7.45 -17.88 -71.44
N VAL C 841 8.62 -18.47 -71.19
CA VAL C 841 9.38 -19.04 -72.30
C VAL C 841 8.66 -20.25 -72.86
N ALA C 842 7.95 -21.02 -72.01
CA ALA C 842 7.13 -22.12 -72.53
C ALA C 842 6.03 -21.59 -73.45
N GLY C 843 5.36 -20.51 -73.02
CA GLY C 843 4.39 -19.88 -73.89
C GLY C 843 5.00 -19.42 -75.20
N GLY C 844 6.22 -18.89 -75.14
CA GLY C 844 6.90 -18.49 -76.36
C GLY C 844 7.20 -19.66 -77.26
N ILE C 845 7.61 -20.79 -76.69
CA ILE C 845 7.91 -21.98 -77.49
C ILE C 845 6.65 -22.47 -78.20
N VAL C 846 5.52 -22.52 -77.48
CA VAL C 846 4.28 -22.96 -78.12
C VAL C 846 3.85 -21.96 -79.19
N ALA C 847 4.03 -20.66 -78.92
CA ALA C 847 3.70 -19.66 -79.93
C ALA C 847 4.57 -19.84 -81.17
N GLY C 848 5.84 -20.18 -80.98
CA GLY C 848 6.71 -20.44 -82.13
C GLY C 848 6.30 -21.67 -82.89
N ILE C 849 5.85 -22.71 -82.19
CA ILE C 849 5.32 -23.89 -82.87
C ILE C 849 4.11 -23.50 -83.70
N PHE C 850 3.24 -22.64 -83.16
CA PHE C 850 2.11 -22.15 -83.94
C PHE C 850 2.56 -21.34 -85.14
N LEU C 851 3.61 -20.52 -84.97
CA LEU C 851 4.11 -19.70 -86.05
C LEU C 851 4.65 -20.56 -87.19
N ILE C 852 5.38 -21.63 -86.85
CA ILE C 852 5.85 -22.54 -87.89
C ILE C 852 4.69 -23.29 -88.52
N PHE C 853 3.67 -23.62 -87.73
CA PHE C 853 2.49 -24.28 -88.30
C PHE C 853 1.82 -23.40 -89.35
N ILE C 854 1.65 -22.12 -89.04
CA ILE C 854 1.07 -21.19 -90.01
C ILE C 854 2.06 -20.88 -91.14
N GLU C 855 3.36 -21.09 -90.91
CA GLU C 855 4.34 -20.83 -91.95
C GLU C 855 4.14 -21.73 -93.15
N ILE C 856 3.88 -23.02 -92.91
CA ILE C 856 3.64 -23.97 -93.99
C ILE C 856 2.47 -24.88 -93.61
N PRO D 60 -23.51 -46.56 43.35
CA PRO D 60 -23.90 -47.85 42.78
C PRO D 60 -24.37 -48.85 43.84
N ALA D 61 -23.46 -49.31 44.68
CA ALA D 61 -23.76 -50.26 45.76
C ALA D 61 -24.34 -51.51 45.13
N TYR D 62 -25.60 -51.87 45.39
CA TYR D 62 -26.13 -53.14 44.90
C TYR D 62 -26.11 -53.24 43.38
N ALA D 63 -25.99 -52.10 42.69
CA ALA D 63 -25.87 -52.15 41.23
C ALA D 63 -24.71 -53.06 40.81
N ALA D 64 -23.64 -53.08 41.59
CA ALA D 64 -22.52 -53.96 41.28
C ALA D 64 -22.99 -55.40 41.12
N GLU D 65 -23.89 -55.85 42.00
CA GLU D 65 -24.43 -57.19 41.88
C GLU D 65 -25.03 -57.41 40.50
N ALA D 66 -25.83 -56.46 40.03
CA ALA D 66 -26.32 -56.52 38.65
C ALA D 66 -25.15 -56.49 37.68
N ALA D 67 -24.22 -55.55 37.88
CA ALA D 67 -23.01 -55.54 37.08
C ALA D 67 -22.21 -56.83 37.24
N ARG D 68 -22.45 -57.57 38.32
CA ARG D 68 -21.79 -58.85 38.49
C ARG D 68 -22.19 -59.83 37.39
N LEU D 69 -23.44 -59.76 36.92
CA LEU D 69 -23.93 -60.75 35.97
C LEU D 69 -23.79 -60.29 34.53
N GLY D 70 -24.42 -59.17 34.18
CA GLY D 70 -24.46 -58.70 32.81
C GLY D 70 -23.07 -58.50 32.23
N PRO D 71 -22.33 -57.53 32.79
CA PRO D 71 -20.96 -57.31 32.30
C PRO D 71 -20.10 -58.56 32.31
N ALA D 72 -20.23 -59.39 33.34
CA ALA D 72 -19.54 -60.67 33.32
C ALA D 72 -19.96 -61.48 32.09
N VAL D 73 -21.27 -61.53 31.84
CA VAL D 73 -21.75 -62.18 30.63
C VAL D 73 -21.18 -61.49 29.39
N ALA D 74 -21.04 -60.16 29.46
CA ALA D 74 -20.45 -59.44 28.34
C ALA D 74 -19.06 -59.94 28.02
N ALA D 75 -18.34 -60.47 29.01
CA ALA D 75 -17.03 -61.06 28.75
C ALA D 75 -17.16 -62.19 27.74
N ALA D 76 -18.15 -63.08 27.95
CA ALA D 76 -18.40 -64.16 27.00
C ALA D 76 -18.74 -63.63 25.62
N VAL D 77 -19.16 -62.37 25.52
CA VAL D 77 -19.36 -61.76 24.22
C VAL D 77 -18.08 -61.86 23.39
N ARG D 78 -16.95 -61.53 24.00
CA ARG D 78 -15.64 -61.68 23.37
C ARG D 78 -14.70 -62.29 24.41
N SER D 79 -14.68 -63.62 24.46
CA SER D 79 -13.85 -64.36 25.40
C SER D 79 -13.14 -65.49 24.66
N PRO D 80 -12.09 -65.17 23.90
CA PRO D 80 -11.30 -66.24 23.26
C PRO D 80 -10.53 -67.05 24.29
N GLY D 81 -11.22 -67.93 25.00
CA GLY D 81 -10.59 -68.75 26.02
C GLY D 81 -10.11 -68.01 27.23
N LEU D 82 -10.90 -67.05 27.72
CA LEU D 82 -10.53 -66.32 28.93
C LEU D 82 -10.52 -67.27 30.13
N ASP D 83 -9.47 -67.16 30.95
CA ASP D 83 -9.36 -68.06 32.10
C ASP D 83 -10.45 -67.79 33.13
N VAL D 84 -10.62 -66.52 33.53
CA VAL D 84 -11.62 -66.17 34.53
C VAL D 84 -11.82 -64.66 34.57
N ARG D 85 -13.00 -64.24 35.00
CA ARG D 85 -13.30 -62.82 35.19
C ARG D 85 -14.45 -62.69 36.19
N PRO D 86 -14.26 -63.18 37.42
CA PRO D 86 -15.39 -63.30 38.35
C PRO D 86 -16.09 -61.99 38.68
N VAL D 87 -15.38 -61.02 39.24
CA VAL D 87 -16.01 -59.81 39.77
C VAL D 87 -14.95 -58.76 40.02
N ALA D 88 -15.37 -57.51 40.07
CA ALA D 88 -14.57 -56.39 40.57
C ALA D 88 -15.36 -55.80 41.74
N LEU D 89 -15.20 -56.39 42.92
CA LEU D 89 -15.95 -55.95 44.09
C LEU D 89 -15.45 -54.59 44.54
N VAL D 90 -16.38 -53.67 44.79
CA VAL D 90 -16.00 -52.31 45.20
C VAL D 90 -15.48 -52.33 46.63
N LEU D 91 -16.35 -52.70 47.58
CA LEU D 91 -15.98 -52.71 48.99
C LEU D 91 -15.33 -51.40 49.41
N ASN D 92 -15.89 -50.29 48.91
CA ASN D 92 -15.28 -48.99 49.12
C ASN D 92 -15.14 -48.68 50.61
N GLY D 93 -16.21 -48.87 51.37
CA GLY D 93 -16.19 -48.56 52.78
C GLY D 93 -16.04 -47.07 53.04
N SER D 94 -16.15 -46.27 51.99
CA SER D 94 -16.06 -44.81 52.08
C SER D 94 -14.78 -44.38 52.79
N ASP D 95 -13.64 -44.76 52.21
CA ASP D 95 -12.35 -44.28 52.70
C ASP D 95 -11.24 -44.59 51.71
N PRO D 96 -10.38 -43.62 51.39
CA PRO D 96 -9.29 -43.88 50.45
C PRO D 96 -8.02 -44.39 51.11
N ARG D 97 -7.84 -44.10 52.41
CA ARG D 97 -6.59 -44.41 53.08
C ARG D 97 -6.32 -45.91 53.08
N SER D 98 -7.28 -46.70 53.55
CA SER D 98 -7.14 -48.15 53.60
C SER D 98 -7.76 -48.83 52.40
N LEU D 99 -8.39 -48.08 51.49
CA LEU D 99 -8.91 -48.69 50.27
C LEU D 99 -7.83 -49.46 49.54
N VAL D 100 -6.66 -48.84 49.37
CA VAL D 100 -5.53 -49.53 48.77
C VAL D 100 -5.06 -50.68 49.66
N LEU D 101 -5.14 -50.51 50.99
CA LEU D 101 -4.75 -51.58 51.89
C LEU D 101 -5.54 -52.86 51.59
N GLN D 102 -6.86 -52.77 51.59
CA GLN D 102 -7.68 -53.93 51.29
C GLN D 102 -7.56 -54.35 49.84
N LEU D 103 -7.28 -53.39 48.94
CA LEU D 103 -7.05 -53.73 47.54
C LEU D 103 -5.89 -54.70 47.41
N CYS D 104 -4.79 -54.42 48.11
CA CYS D 104 -3.65 -55.32 48.05
C CYS D 104 -3.91 -56.59 48.84
N ASP D 105 -4.63 -56.48 49.97
CA ASP D 105 -4.95 -57.66 50.76
C ASP D 105 -5.70 -58.68 49.92
N LEU D 106 -6.78 -58.26 49.27
CA LEU D 106 -7.49 -59.15 48.36
C LEU D 106 -6.67 -59.49 47.13
N LEU D 107 -5.74 -58.61 46.74
CA LEU D 107 -4.89 -58.85 45.57
C LEU D 107 -4.01 -60.06 45.78
N GLY D 109 -5.04 -64.51 46.15
CA GLY D 109 -4.09 -65.48 45.64
C GLY D 109 -4.28 -65.78 44.16
N LEU D 110 -3.36 -66.55 43.59
CA LEU D 110 -3.40 -66.89 42.18
C LEU D 110 -3.44 -65.64 41.31
N ARG D 111 -2.71 -64.61 41.74
CA ARG D 111 -2.72 -63.33 41.06
C ARG D 111 -4.17 -62.84 40.92
N VAL D 112 -4.46 -62.12 39.84
CA VAL D 112 -5.82 -61.70 39.56
C VAL D 112 -5.95 -61.40 38.07
N HIS D 113 -7.00 -61.92 37.43
CA HIS D 113 -7.23 -61.61 36.03
C HIS D 113 -7.37 -60.11 35.81
N GLY D 114 -7.89 -59.40 36.80
CA GLY D 114 -8.05 -57.96 36.71
C GLY D 114 -9.45 -57.50 37.04
N VAL D 115 -9.57 -56.58 37.99
CA VAL D 115 -10.84 -55.99 38.38
C VAL D 115 -10.67 -54.48 38.42
N VAL D 116 -11.67 -53.76 37.93
CA VAL D 116 -11.63 -52.30 37.85
C VAL D 116 -12.86 -51.75 38.55
N PHE D 117 -12.65 -50.78 39.44
CA PHE D 117 -13.76 -50.11 40.11
C PHE D 117 -13.25 -48.79 40.69
N GLU D 118 -13.82 -47.68 40.23
CA GLU D 118 -13.49 -46.39 40.80
C GLU D 118 -14.47 -45.32 40.31
N ASP D 119 -15.02 -44.53 41.23
CA ASP D 119 -15.90 -43.43 40.85
C ASP D 119 -15.97 -42.46 42.02
N ASP D 120 -15.42 -41.26 41.85
CA ASP D 120 -15.44 -40.22 42.86
C ASP D 120 -15.83 -38.90 42.21
N SER D 121 -16.91 -38.29 42.69
CA SER D 121 -17.38 -37.04 42.12
C SER D 121 -16.33 -35.95 42.31
N ARG D 122 -16.16 -35.12 41.28
CA ARG D 122 -15.20 -34.02 41.33
C ARG D 122 -13.80 -34.52 41.66
N PRO D 124 -10.54 -36.17 40.57
CA PRO D 124 -9.80 -37.30 39.98
C PRO D 124 -8.38 -37.41 40.52
N ALA D 125 -8.15 -36.84 41.70
CA ALA D 125 -6.81 -36.84 42.31
C ALA D 125 -6.59 -38.13 43.10
N VAL D 126 -6.64 -39.26 42.38
CA VAL D 126 -6.42 -40.57 42.98
C VAL D 126 -5.43 -41.36 42.13
N ALA D 127 -5.12 -40.85 40.95
CA ALA D 127 -4.23 -41.58 40.04
C ALA D 127 -2.87 -41.88 40.64
N PRO D 128 -2.19 -40.96 41.33
CA PRO D 128 -0.86 -41.29 41.86
C PRO D 128 -0.86 -42.47 42.83
N ILE D 129 -1.88 -42.58 43.66
CA ILE D 129 -1.99 -43.73 44.55
C ILE D 129 -2.09 -45.01 43.73
N LEU D 130 -2.90 -44.99 42.67
CA LEU D 130 -3.04 -46.15 41.81
C LEU D 130 -1.70 -46.51 41.16
N ASP D 131 -0.95 -45.49 40.73
CA ASP D 131 0.35 -45.74 40.12
C ASP D 131 1.30 -46.39 41.13
N PHE D 132 1.32 -45.88 42.36
CA PHE D 132 2.18 -46.48 43.37
C PHE D 132 1.76 -47.92 43.64
N LEU D 133 0.46 -48.17 43.72
CA LEU D 133 -0.01 -49.54 43.95
C LEU D 133 0.46 -50.46 42.84
N SER D 134 0.29 -50.02 41.59
CA SER D 134 0.75 -50.81 40.46
C SER D 134 2.24 -51.09 40.58
N ALA D 135 3.04 -50.07 40.86
CA ALA D 135 4.48 -50.26 40.99
C ALA D 135 4.80 -51.26 42.09
N GLN D 136 4.22 -51.07 43.28
CA GLN D 136 4.50 -51.95 44.41
C GLN D 136 3.99 -53.36 44.19
N THR D 137 3.10 -53.57 43.22
CA THR D 137 2.62 -54.91 42.91
C THR D 137 2.58 -55.16 41.40
N SER D 138 3.33 -54.38 40.62
CA SER D 138 3.39 -54.58 39.17
C SER D 138 2.00 -54.69 38.56
N LEU D 139 1.02 -54.09 39.20
CA LEU D 139 -0.37 -54.27 38.80
C LEU D 139 -0.65 -53.51 37.51
N PRO D 140 -1.06 -54.17 36.43
CA PRO D 140 -1.46 -53.45 35.22
C PRO D 140 -2.95 -53.16 35.13
N ILE D 141 -3.73 -53.53 36.15
CA ILE D 141 -5.18 -53.37 36.08
C ILE D 141 -5.54 -51.89 36.17
N VAL D 142 -6.73 -51.56 35.68
CA VAL D 142 -7.28 -50.22 35.81
C VAL D 142 -8.44 -50.28 36.81
N ALA D 143 -8.94 -49.11 37.19
CA ALA D 143 -10.01 -49.01 38.18
C ALA D 143 -11.27 -48.36 37.63
N VAL D 144 -11.16 -47.21 36.96
CA VAL D 144 -12.30 -46.42 36.58
C VAL D 144 -12.17 -45.96 35.13
N HIS D 145 -13.31 -45.61 34.55
CA HIS D 145 -13.34 -44.95 33.24
C HIS D 145 -14.22 -43.71 33.32
N GLY D 146 -15.21 -43.71 34.22
CA GLY D 146 -16.10 -42.57 34.34
C GLY D 146 -15.35 -41.30 34.71
N GLY D 147 -14.40 -41.40 35.63
CA GLY D 147 -13.54 -40.28 36.00
C GLY D 147 -12.13 -40.53 35.48
N ALA D 148 -11.49 -39.47 35.00
CA ALA D 148 -10.16 -39.61 34.41
C ALA D 148 -9.44 -38.27 34.45
N ALA D 149 -8.13 -38.32 34.23
CA ALA D 149 -7.30 -37.14 34.19
C ALA D 149 -5.90 -37.56 33.73
N LEU D 150 -5.13 -36.59 33.26
CA LEU D 150 -3.81 -36.85 32.72
C LEU D 150 -2.77 -36.93 33.83
N VAL D 151 -1.81 -37.84 33.67
CA VAL D 151 -0.72 -37.98 34.62
C VAL D 151 0.39 -38.76 33.94
N LEU D 152 1.64 -38.33 34.18
CA LEU D 152 2.82 -38.95 33.59
C LEU D 152 3.71 -39.43 34.74
N THR D 153 3.57 -40.70 35.09
CA THR D 153 4.27 -41.28 36.24
C THR D 153 4.84 -42.63 35.84
N PRO D 154 5.86 -43.11 36.56
CA PRO D 154 6.47 -44.41 36.27
C PRO D 154 5.65 -45.58 36.83
N PHE D 161 -2.82 -50.59 33.46
CA PHE D 161 -2.49 -49.80 34.64
C PHE D 161 -3.31 -48.52 34.66
N LEU D 162 -2.74 -47.42 34.17
CA LEU D 162 -3.42 -46.13 34.08
C LEU D 162 -3.95 -45.99 32.66
N GLN D 163 -5.25 -46.20 32.50
CA GLN D 163 -5.89 -46.12 31.18
C GLN D 163 -7.31 -45.63 31.37
N LEU D 164 -7.58 -44.38 30.98
CA LEU D 164 -8.91 -43.81 31.09
C LEU D 164 -9.11 -42.80 29.97
N GLY D 165 -10.36 -42.55 29.64
CA GLY D 165 -10.69 -41.66 28.54
C GLY D 165 -10.40 -40.21 28.84
N SER D 166 -9.37 -39.66 28.18
CA SER D 166 -9.06 -38.24 28.28
C SER D 166 -7.99 -37.90 27.26
N SER D 167 -8.12 -36.73 26.63
CA SER D 167 -7.11 -36.27 25.68
C SER D 167 -7.24 -34.75 25.56
N THR D 168 -6.35 -34.01 26.23
CA THR D 168 -6.37 -32.56 26.13
C THR D 168 -6.00 -32.10 24.73
N GLU D 169 -4.96 -32.69 24.13
CA GLU D 169 -4.57 -32.32 22.79
C GLU D 169 -5.66 -32.66 21.78
N GLN D 170 -6.33 -33.79 21.98
CA GLN D 170 -7.46 -34.13 21.13
C GLN D 170 -8.55 -33.06 21.23
N GLN D 171 -8.82 -32.59 22.45
CA GLN D 171 -9.80 -31.52 22.62
C GLN D 171 -9.37 -30.26 21.89
N LEU D 172 -8.10 -29.89 22.01
CA LEU D 172 -7.61 -28.66 21.37
C LEU D 172 -7.73 -28.76 19.86
N GLN D 173 -7.28 -29.88 19.29
CA GLN D 173 -7.36 -30.04 17.84
C GLN D 173 -8.80 -30.08 17.37
N VAL D 174 -9.70 -30.70 18.15
CA VAL D 174 -11.10 -30.77 17.76
C VAL D 174 -11.72 -29.37 17.74
N ILE D 175 -11.43 -28.57 18.78
CA ILE D 175 -12.01 -27.22 18.81
C ILE D 175 -11.44 -26.37 17.69
N PHE D 176 -10.14 -26.52 17.39
CA PHE D 176 -9.57 -25.77 16.29
C PHE D 176 -10.18 -26.20 14.96
N GLU D 177 -10.43 -27.50 14.78
CA GLU D 177 -11.13 -27.97 13.60
C GLU D 177 -12.51 -27.33 13.49
N VAL D 178 -13.26 -27.33 14.60
CA VAL D 178 -14.58 -26.71 14.59
C VAL D 178 -14.47 -25.26 14.19
N LEU D 179 -13.44 -24.56 14.68
CA LEU D 179 -13.22 -23.17 14.28
C LEU D 179 -12.95 -23.08 12.77
N GLU D 180 -12.21 -24.05 12.23
CA GLU D 180 -11.85 -23.99 10.81
C GLU D 180 -13.10 -24.00 9.93
N GLU D 181 -13.98 -24.98 10.13
CA GLU D 181 -15.19 -25.08 9.32
C GLU D 181 -16.30 -24.17 9.82
N TYR D 182 -16.12 -23.49 10.94
CA TYR D 182 -17.08 -22.53 11.44
C TYR D 182 -16.62 -21.09 11.28
N ASP D 183 -15.42 -20.87 10.75
CA ASP D 183 -14.96 -19.57 10.29
C ASP D 183 -14.94 -18.54 11.44
N TRP D 184 -14.06 -18.80 12.39
CA TRP D 184 -13.72 -17.82 13.42
C TRP D 184 -12.21 -17.63 13.45
N THR D 185 -11.79 -16.48 13.95
CA THR D 185 -10.38 -16.13 14.03
C THR D 185 -9.56 -17.24 14.69
N VAL D 188 -6.87 -18.22 21.23
CA VAL D 188 -7.92 -17.20 21.13
C VAL D 188 -7.68 -16.15 22.21
N ALA D 189 -6.43 -16.03 22.65
CA ALA D 189 -6.01 -15.00 23.61
C ALA D 189 -6.78 -15.12 24.92
N VAL D 190 -6.57 -16.26 25.60
CA VAL D 190 -7.17 -16.50 26.91
C VAL D 190 -6.17 -17.25 27.78
N THR D 191 -6.42 -17.22 29.09
CA THR D 191 -5.60 -17.91 30.08
C THR D 191 -6.34 -17.88 31.41
N THR D 192 -6.34 -19.01 32.13
CA THR D 192 -7.17 -19.18 33.32
C THR D 192 -6.39 -19.88 34.43
N ARG D 193 -5.75 -19.09 35.29
CA ARG D 193 -5.25 -19.56 36.58
C ARG D 193 -4.02 -20.45 36.48
N ALA D 194 -3.65 -20.85 35.26
CA ALA D 194 -2.44 -21.62 34.99
C ALA D 194 -2.23 -22.83 35.90
N PRO D 195 -3.20 -23.76 35.98
CA PRO D 195 -2.86 -25.12 36.46
C PRO D 195 -2.32 -25.96 35.31
N GLY D 196 -1.02 -26.22 35.34
CA GLY D 196 -0.40 -26.88 34.20
C GLY D 196 -0.59 -26.10 32.93
N HIS D 197 -0.45 -24.77 32.99
CA HIS D 197 -0.71 -23.93 31.83
C HIS D 197 0.18 -24.29 30.65
N ARG D 198 1.37 -24.81 30.92
CA ARG D 198 2.35 -25.02 29.86
C ARG D 198 1.79 -25.90 28.76
N ALA D 199 1.16 -27.01 29.13
CA ALA D 199 0.66 -27.96 28.15
C ALA D 199 -0.30 -27.28 27.16
N PHE D 200 -1.40 -26.74 27.68
CA PHE D 200 -2.41 -26.16 26.81
C PHE D 200 -1.87 -24.96 26.04
N LEU D 201 -1.11 -24.09 26.71
CA LEU D 201 -0.59 -22.91 26.04
C LEU D 201 0.34 -23.28 24.90
N SER D 202 1.24 -24.24 25.13
CA SER D 202 2.16 -24.66 24.09
C SER D 202 1.42 -25.35 22.96
N TYR D 203 0.39 -26.14 23.28
CA TYR D 203 -0.39 -26.77 22.22
C TYR D 203 -1.05 -25.73 21.34
N ILE D 204 -1.64 -24.70 21.96
CA ILE D 204 -2.24 -23.62 21.19
C ILE D 204 -1.19 -22.91 20.35
N GLU D 205 -0.03 -22.63 20.93
CA GLU D 205 1.01 -21.92 20.22
C GLU D 205 1.48 -22.71 19.00
N VAL D 206 1.70 -24.01 19.15
CA VAL D 206 2.16 -24.82 18.03
C VAL D 206 1.07 -24.89 16.96
N LEU D 207 -0.20 -25.05 17.37
CA LEU D 207 -1.26 -25.06 16.39
C LEU D 207 -1.45 -23.70 15.73
N THR D 208 -0.89 -22.63 16.31
CA THR D 208 -0.95 -21.32 15.66
C THR D 208 -0.10 -21.25 14.41
N ASP D 209 0.91 -22.12 14.28
CA ASP D 209 1.81 -22.11 13.12
C ASP D 209 1.13 -22.77 11.92
N GLY D 210 0.03 -22.16 11.50
CA GLY D 210 -0.72 -22.65 10.36
C GLY D 210 -0.81 -21.62 9.25
N SER D 211 -1.95 -21.56 8.57
CA SER D 211 -2.16 -20.60 7.50
C SER D 211 -3.50 -19.88 7.53
N LEU D 212 -4.42 -20.24 8.43
CA LEU D 212 -5.74 -19.64 8.48
C LEU D 212 -5.97 -18.85 9.76
N VAL D 213 -5.78 -19.46 10.91
CA VAL D 213 -6.09 -18.84 12.19
C VAL D 213 -4.80 -18.32 12.81
N GLY D 214 -4.94 -17.48 13.83
CA GLY D 214 -3.80 -16.95 14.55
C GLY D 214 -3.91 -15.50 14.94
N TRP D 215 -5.01 -14.85 14.57
CA TRP D 215 -5.17 -13.43 14.87
C TRP D 215 -5.21 -13.18 16.38
N GLU D 216 -5.93 -14.03 17.11
CA GLU D 216 -6.11 -13.85 18.56
C GLU D 216 -5.03 -14.62 19.30
N HIS D 217 -4.01 -13.91 19.79
CA HIS D 217 -2.96 -14.52 20.60
C HIS D 217 -2.42 -13.45 21.54
N ARG D 218 -3.02 -13.37 22.73
CA ARG D 218 -2.65 -12.37 23.73
C ARG D 218 -2.38 -12.98 25.10
N GLY D 219 -3.12 -14.02 25.48
CA GLY D 219 -3.00 -14.56 26.82
C GLY D 219 -3.85 -13.80 27.83
N ALA D 220 -3.80 -14.27 29.06
CA ALA D 220 -4.57 -13.68 30.15
C ALA D 220 -4.04 -14.24 31.46
N LEU D 221 -4.70 -13.90 32.57
CA LEU D 221 -4.33 -14.40 33.89
C LEU D 221 -5.57 -14.42 34.77
N THR D 222 -5.50 -15.20 35.84
CA THR D 222 -6.59 -15.36 36.78
C THR D 222 -6.25 -14.69 38.11
N LEU D 223 -7.19 -14.77 39.04
CA LEU D 223 -7.01 -14.17 40.36
C LEU D 223 -6.09 -15.04 41.22
N GLU D 229 -10.78 -8.60 41.87
CA GLU D 229 -11.82 -8.68 40.85
C GLU D 229 -11.66 -7.56 39.83
N ALA D 230 -11.25 -6.39 40.30
CA ALA D 230 -11.04 -5.25 39.39
C ALA D 230 -9.96 -5.56 38.38
N VAL D 231 -8.85 -6.16 38.83
CA VAL D 231 -7.77 -6.52 37.92
C VAL D 231 -8.25 -7.54 36.89
N LEU D 232 -9.00 -8.54 37.34
CA LEU D 232 -9.54 -9.54 36.42
C LEU D 232 -10.49 -8.90 35.41
N SER D 233 -11.34 -7.98 35.87
CA SER D 233 -12.25 -7.30 34.97
C SER D 233 -11.48 -6.50 33.92
N ALA D 234 -10.45 -5.77 34.35
CA ALA D 234 -9.66 -5.00 33.40
C ALA D 234 -8.96 -5.92 32.40
N GLN D 235 -8.43 -7.04 32.89
CA GLN D 235 -7.74 -7.98 31.99
C GLN D 235 -8.70 -8.53 30.95
N LEU D 236 -9.85 -9.06 31.38
CA LEU D 236 -10.78 -9.64 30.44
C LEU D 236 -11.36 -8.60 29.50
N ARG D 237 -11.45 -7.34 29.93
CA ARG D 237 -11.89 -6.27 29.05
C ARG D 237 -10.79 -5.76 28.13
N SER D 238 -9.54 -6.10 28.40
CA SER D 238 -8.43 -5.68 27.55
C SER D 238 -8.29 -6.52 26.30
N VAL D 239 -9.07 -7.60 26.16
CA VAL D 239 -8.97 -8.51 25.02
C VAL D 239 -10.25 -8.46 24.17
N SER D 240 -11.38 -8.85 24.76
CA SER D 240 -12.63 -8.90 24.02
C SER D 240 -12.38 -9.79 22.80
N ALA D 241 -12.45 -9.22 21.60
CA ALA D 241 -12.13 -9.96 20.38
C ALA D 241 -13.21 -11.00 20.11
N GLN D 242 -14.46 -10.65 20.43
CA GLN D 242 -15.59 -11.51 20.11
C GLN D 242 -15.28 -12.87 20.73
N ILE D 243 -15.42 -13.94 19.94
CA ILE D 243 -15.23 -15.28 20.48
C ILE D 243 -13.96 -15.46 21.31
N ARG D 244 -14.12 -16.08 22.49
CA ARG D 244 -12.99 -16.34 23.37
C ARG D 244 -13.25 -17.64 24.11
N LEU D 245 -12.17 -18.28 24.56
CA LEU D 245 -12.26 -19.56 25.24
C LEU D 245 -11.06 -19.73 26.16
N LEU D 246 -11.31 -20.22 27.37
CA LEU D 246 -10.26 -20.44 28.35
C LEU D 246 -10.59 -21.68 29.16
N PHE D 247 -9.57 -22.24 29.80
CA PHE D 247 -9.70 -23.46 30.58
C PHE D 247 -9.02 -23.29 31.94
N CYS D 248 -9.68 -23.76 32.98
CA CYS D 248 -9.14 -23.72 34.35
C CYS D 248 -10.07 -24.52 35.24
N ALA D 249 -9.73 -24.58 36.52
CA ALA D 249 -10.55 -25.28 37.50
C ALA D 249 -11.88 -24.56 37.70
N ARG D 250 -12.89 -25.34 38.11
CA ARG D 250 -14.23 -24.78 38.28
C ARG D 250 -14.23 -23.66 39.31
N GLU D 251 -13.55 -23.85 40.44
CA GLU D 251 -13.48 -22.82 41.46
C GLU D 251 -12.93 -21.52 40.88
N GLU D 252 -11.84 -21.62 40.12
CA GLU D 252 -11.32 -20.45 39.41
C GLU D 252 -12.19 -20.09 38.21
N ALA D 253 -12.93 -21.05 37.65
CA ALA D 253 -13.78 -20.75 36.50
C ALA D 253 -14.88 -19.76 36.87
N GLU D 254 -15.51 -19.95 38.03
CA GLU D 254 -16.61 -19.08 38.41
C GLU D 254 -16.25 -17.60 38.41
N PRO D 255 -15.08 -17.17 38.87
CA PRO D 255 -14.69 -15.76 38.69
C PRO D 255 -14.95 -15.22 37.30
N VAL D 256 -15.00 -16.08 36.28
CA VAL D 256 -15.32 -15.60 34.93
C VAL D 256 -16.70 -14.96 34.91
N PHE D 257 -17.70 -15.66 35.46
CA PHE D 257 -19.03 -15.07 35.58
C PHE D 257 -19.04 -13.97 36.63
N ARG D 258 -18.22 -14.10 37.67
CA ARG D 258 -18.14 -13.06 38.69
C ARG D 258 -17.66 -11.75 38.10
N ALA D 259 -16.65 -11.81 37.23
CA ALA D 259 -16.13 -10.62 36.57
C ALA D 259 -16.53 -10.61 35.10
N ALA D 263 -15.35 -7.58 34.06
CA ALA D 263 -16.05 -6.40 33.55
C ALA D 263 -17.47 -6.75 33.13
N GLY D 264 -17.93 -7.94 33.52
CA GLY D 264 -19.26 -8.38 33.15
C GLY D 264 -19.50 -8.45 31.66
N LEU D 265 -18.44 -8.57 30.86
CA LEU D 265 -18.58 -8.61 29.41
C LEU D 265 -18.94 -10.01 28.94
N THR D 266 -20.01 -10.58 29.51
CA THR D 266 -20.48 -11.91 29.12
C THR D 266 -21.49 -11.81 27.97
N GLY D 267 -21.10 -11.11 26.91
CA GLY D 267 -21.99 -10.93 25.78
C GLY D 267 -22.24 -12.24 25.05
N SER D 268 -23.44 -12.34 24.46
CA SER D 268 -23.81 -13.53 23.71
C SER D 268 -22.92 -13.75 22.49
N GLY D 269 -22.18 -12.73 22.06
CA GLY D 269 -21.29 -12.87 20.92
C GLY D 269 -19.95 -13.44 21.31
N TYR D 270 -19.95 -14.48 22.14
CA TYR D 270 -18.70 -15.12 22.56
C TYR D 270 -19.04 -16.51 23.11
N VAL D 271 -18.54 -17.54 22.45
CA VAL D 271 -18.71 -18.93 22.88
C VAL D 271 -17.37 -19.41 23.42
N TRP D 272 -17.42 -20.10 24.56
CA TRP D 272 -16.21 -20.45 25.31
C TRP D 272 -16.11 -21.96 25.46
N PHE D 273 -14.88 -22.46 25.44
CA PHE D 273 -14.59 -23.88 25.56
C PHE D 273 -13.42 -24.07 26.51
N MET D 274 -13.59 -24.95 27.49
CA MET D 274 -12.57 -25.25 28.48
C MET D 274 -12.33 -26.75 28.50
N VAL D 275 -11.05 -27.14 28.42
CA VAL D 275 -10.66 -28.54 28.44
C VAL D 275 -10.14 -28.96 29.82
N GLY D 276 -9.33 -28.11 30.44
CA GLY D 276 -8.76 -28.38 31.74
C GLY D 276 -9.77 -28.97 32.72
N PRO D 277 -10.82 -28.23 33.03
CA PRO D 277 -11.76 -28.71 34.05
C PRO D 277 -12.38 -30.05 33.72
N GLN D 278 -12.61 -30.35 32.44
CA GLN D 278 -13.21 -31.61 32.02
C GLN D 278 -14.56 -31.72 32.72
N LEU D 279 -14.88 -32.86 33.34
CA LEU D 279 -16.17 -33.00 34.04
C LEU D 279 -17.32 -32.68 33.09
N ALA D 280 -18.13 -31.69 33.44
CA ALA D 280 -19.26 -31.29 32.60
C ALA D 280 -19.70 -29.89 33.03
N GLY D 281 -20.86 -29.46 32.54
CA GLY D 281 -21.34 -28.14 32.89
C GLY D 281 -21.65 -28.04 34.37
N GLY D 282 -21.46 -26.85 34.93
CA GLY D 282 -21.70 -26.61 36.35
C GLY D 282 -20.90 -25.46 36.89
N LEU D 304 -23.34 -24.41 27.51
CA LEU D 304 -22.71 -23.80 26.34
C LEU D 304 -22.21 -24.91 25.41
N PHE D 305 -21.00 -24.76 24.89
CA PHE D 305 -20.41 -25.75 23.98
C PHE D 305 -19.04 -26.15 24.52
N ALA D 306 -18.80 -27.46 24.60
CA ALA D 306 -17.52 -27.98 25.08
C ALA D 306 -17.42 -29.44 24.68
N VAL D 307 -16.20 -29.98 24.79
CA VAL D 307 -15.91 -31.33 24.34
C VAL D 307 -16.00 -32.29 25.52
N ARG D 308 -16.41 -33.52 25.22
CA ARG D 308 -16.53 -34.56 26.22
C ARG D 308 -16.28 -35.91 25.55
N SER D 309 -16.09 -36.93 26.38
CA SER D 309 -15.80 -38.27 25.88
C SER D 309 -17.02 -38.86 25.17
N ALA D 310 -16.76 -39.88 24.36
CA ALA D 310 -17.85 -40.54 23.65
C ALA D 310 -18.85 -41.16 24.61
N GLY D 311 -18.37 -41.82 25.66
CA GLY D 311 -19.23 -42.42 26.65
C GLY D 311 -19.70 -41.49 27.73
N TRP D 312 -19.36 -40.20 27.66
CA TRP D 312 -19.82 -39.25 28.67
C TRP D 312 -21.33 -39.33 28.82
N ARG D 313 -22.06 -39.36 27.71
CA ARG D 313 -23.49 -39.57 27.78
C ARG D 313 -23.83 -40.98 28.23
N ASP D 314 -22.99 -41.96 27.91
CA ASP D 314 -23.23 -43.34 28.30
C ASP D 314 -22.97 -43.51 29.79
N ASP D 315 -23.53 -44.59 30.34
CA ASP D 315 -23.49 -44.86 31.77
C ASP D 315 -22.33 -45.79 32.12
N LEU D 316 -22.32 -46.27 33.36
CA LEU D 316 -21.26 -47.14 33.84
C LEU D 316 -21.25 -48.49 33.15
N ALA D 317 -22.36 -48.89 32.52
CA ALA D 317 -22.39 -50.19 31.85
C ALA D 317 -21.35 -50.25 30.72
N ARG D 318 -21.35 -49.25 29.85
CA ARG D 318 -20.34 -49.18 28.81
C ARG D 318 -18.94 -49.05 29.39
N ARG D 319 -18.82 -48.37 30.53
CA ARG D 319 -17.51 -48.25 31.17
C ARG D 319 -16.97 -49.62 31.58
N VAL D 320 -17.79 -50.41 32.26
CA VAL D 320 -17.34 -51.74 32.66
C VAL D 320 -17.11 -52.63 31.45
N ALA D 321 -17.92 -52.47 30.40
CA ALA D 321 -17.70 -53.23 29.18
C ALA D 321 -16.34 -52.90 28.58
N ALA D 322 -16.01 -51.61 28.51
CA ALA D 322 -14.71 -51.21 27.98
C ALA D 322 -13.58 -51.73 28.85
N GLY D 323 -13.74 -51.66 30.18
CA GLY D 323 -12.71 -52.17 31.06
C GLY D 323 -12.46 -53.64 30.88
N VAL D 324 -13.53 -54.44 30.81
CA VAL D 324 -13.37 -55.87 30.64
C VAL D 324 -12.79 -56.18 29.26
N ALA D 325 -13.17 -55.41 28.24
CA ALA D 325 -12.59 -55.61 26.92
C ALA D 325 -11.09 -55.34 26.92
N VAL D 326 -10.68 -54.27 27.61
CA VAL D 326 -9.25 -53.97 27.70
C VAL D 326 -8.53 -55.08 28.44
N VAL D 327 -9.13 -55.58 29.52
CA VAL D 327 -8.52 -56.68 30.27
C VAL D 327 -8.37 -57.90 29.38
N ALA D 328 -9.40 -58.21 28.60
CA ALA D 328 -9.35 -59.37 27.71
C ALA D 328 -8.26 -59.19 26.66
N ARG D 329 -8.14 -57.97 26.10
CA ARG D 329 -7.09 -57.72 25.13
C ARG D 329 -5.72 -57.90 25.75
N GLY D 330 -5.52 -57.40 26.96
CA GLY D 330 -4.25 -57.59 27.64
C GLY D 330 -3.95 -59.06 27.91
N ALA D 331 -4.97 -59.81 28.32
CA ALA D 331 -4.77 -61.24 28.55
C ALA D 331 -4.40 -61.97 27.26
N GLN D 332 -5.09 -61.63 26.16
CA GLN D 332 -4.76 -62.24 24.88
C GLN D 332 -3.33 -61.92 24.46
N ALA D 333 -2.91 -60.66 24.66
CA ALA D 333 -1.53 -60.30 24.37
C ALA D 333 -0.56 -61.09 25.23
N LEU D 334 -0.89 -61.26 26.52
CA LEU D 334 -0.03 -62.04 27.40
C LEU D 334 0.10 -63.48 26.91
N LEU D 335 -1.02 -64.08 26.48
CA LEU D 335 -0.95 -65.43 25.93
C LEU D 335 -0.06 -65.47 24.68
N ARG D 336 0.06 -64.36 23.97
CA ARG D 336 0.91 -64.28 22.80
C ARG D 336 0.49 -65.29 21.74
N PRO D 342 2.45 -61.87 36.01
CA PRO D 342 2.92 -61.80 37.40
C PRO D 342 2.92 -60.38 37.94
N GLU D 343 2.11 -60.14 38.98
CA GLU D 343 1.98 -58.80 39.56
C GLU D 343 2.93 -58.66 40.76
N LEU D 344 4.22 -58.85 40.49
CA LEU D 344 5.27 -58.66 41.49
C LEU D 344 4.96 -59.42 42.78
N GLY D 345 4.18 -60.49 42.67
CA GLY D 345 3.75 -61.25 43.83
C GLY D 345 2.63 -60.60 44.62
N HIS D 346 2.19 -59.40 44.23
CA HIS D 346 1.09 -58.71 44.90
C HIS D 346 1.33 -58.63 46.41
N ASP D 347 2.57 -58.34 46.77
CA ASP D 347 2.98 -58.30 48.18
C ASP D 347 2.92 -56.87 48.70
N CYS D 348 2.26 -56.69 49.84
CA CYS D 348 2.22 -55.40 50.51
C CYS D 348 2.55 -55.47 52.01
N ARG D 349 2.45 -56.64 52.63
CA ARG D 349 2.77 -56.77 54.04
C ARG D 349 1.86 -55.91 54.90
N THR D 354 11.97 -58.46 43.10
CA THR D 354 12.87 -57.38 42.76
C THR D 354 12.67 -56.18 43.70
N HIS D 355 13.73 -55.41 43.90
CA HIS D 355 13.63 -54.23 44.76
C HIS D 355 12.65 -53.22 44.19
N ARG D 356 12.48 -53.18 42.88
CA ARG D 356 11.53 -52.27 42.26
C ARG D 356 11.23 -52.76 40.85
N GLY D 357 9.96 -53.07 40.58
CA GLY D 357 9.57 -53.48 39.25
C GLY D 357 9.67 -52.33 38.27
N GLU D 358 9.69 -52.68 36.99
CA GLU D 358 9.79 -51.68 35.92
C GLU D 358 9.20 -52.26 34.65
N SER D 359 8.01 -51.79 34.28
CA SER D 359 7.37 -52.15 33.02
C SER D 359 6.06 -51.37 32.93
N LEU D 360 5.54 -51.28 31.71
CA LEU D 360 4.24 -50.67 31.48
C LEU D 360 3.77 -50.93 30.05
N HIS D 361 2.51 -51.32 29.89
CA HIS D 361 1.94 -51.61 28.58
C HIS D 361 2.83 -52.60 27.81
N ARG D 362 3.34 -53.60 28.53
CA ARG D 362 4.21 -54.59 27.89
C ARG D 362 3.47 -55.35 26.80
N TYR D 363 2.22 -55.72 27.06
CA TYR D 363 1.38 -56.43 26.09
C TYR D 363 0.30 -55.53 25.50
N PHE D 364 -0.51 -54.90 26.34
CA PHE D 364 -1.59 -54.05 25.86
C PHE D 364 -1.05 -52.92 25.00
N MET D 365 -1.40 -52.93 23.71
CA MET D 365 -0.96 -51.90 22.78
C MET D 365 -2.13 -51.07 22.26
N ASN D 366 -3.14 -51.70 21.67
CA ASN D 366 -4.26 -50.96 21.12
C ASN D 366 -5.28 -51.94 20.55
N ILE D 367 -6.55 -51.58 20.66
CA ILE D 367 -7.64 -52.36 20.07
C ILE D 367 -8.88 -51.50 20.05
N THR D 368 -9.84 -51.86 19.21
CA THR D 368 -11.11 -51.14 19.09
C THR D 368 -12.26 -52.08 19.42
N TRP D 369 -13.22 -51.58 20.19
CA TRP D 369 -14.42 -52.33 20.51
C TRP D 369 -15.58 -51.37 20.70
N ASP D 370 -16.80 -51.89 20.49
CA ASP D 370 -18.01 -51.08 20.58
C ASP D 370 -17.91 -49.85 19.68
N ASN D 371 -17.34 -50.05 18.49
CA ASN D 371 -17.09 -48.98 17.54
C ASN D 371 -16.24 -47.87 18.13
N ARG D 372 -15.46 -48.19 19.17
CA ARG D 372 -14.60 -47.22 19.83
C ARG D 372 -13.18 -47.78 19.89
N ASP D 373 -12.21 -46.96 19.50
CA ASP D 373 -10.80 -47.38 19.48
C ASP D 373 -10.27 -47.35 20.92
N TYR D 374 -10.56 -48.44 21.64
CA TYR D 374 -10.13 -48.58 23.03
C TYR D 374 -8.64 -48.89 23.05
N SER D 375 -7.84 -47.85 22.85
CA SER D 375 -6.40 -47.98 22.76
C SER D 375 -5.75 -46.78 23.44
N PHE D 376 -4.49 -46.96 23.84
CA PHE D 376 -3.73 -45.90 24.48
C PHE D 376 -2.28 -45.97 24.05
N ASN D 377 -1.61 -44.83 24.16
CA ASN D 377 -0.19 -44.73 23.83
C ASN D 377 0.66 -45.26 24.99
N GLU D 378 1.94 -45.51 24.70
CA GLU D 378 2.86 -45.88 25.76
C GLU D 378 2.87 -44.84 26.87
N ASP D 379 2.60 -43.58 26.53
CA ASP D 379 2.44 -42.51 27.50
C ASP D 379 1.04 -42.45 28.08
N GLY D 380 0.24 -43.51 27.92
CA GLY D 380 -1.11 -43.51 28.42
C GLY D 380 -1.99 -42.46 27.78
N PHE D 381 -1.76 -42.20 26.49
CA PHE D 381 -2.50 -41.17 25.76
C PHE D 381 -3.54 -41.80 24.85
N LEU D 382 -4.71 -41.18 24.80
CA LEU D 382 -5.81 -41.69 23.97
C LEU D 382 -5.44 -41.55 22.50
N VAL D 383 -5.09 -42.67 21.87
CA VAL D 383 -4.71 -42.68 20.47
C VAL D 383 -5.95 -42.82 19.61
N ASN D 384 -6.10 -41.92 18.64
CA ASN D 384 -7.24 -41.84 17.73
C ASN D 384 -8.54 -42.16 18.47
N PRO D 385 -8.88 -41.38 19.51
CA PRO D 385 -10.12 -41.65 20.26
C PRO D 385 -11.33 -40.98 19.63
N SER D 386 -12.49 -41.14 20.25
CA SER D 386 -13.73 -40.53 19.80
C SER D 386 -14.27 -39.62 20.90
N LEU D 387 -14.66 -38.41 20.53
CA LEU D 387 -15.22 -37.45 21.47
C LEU D 387 -16.27 -36.62 20.76
N VAL D 388 -17.15 -36.02 21.54
CA VAL D 388 -18.25 -35.22 21.00
C VAL D 388 -18.22 -33.84 21.64
N VAL D 389 -19.13 -32.96 21.22
CA VAL D 389 -19.21 -31.60 21.74
C VAL D 389 -20.60 -31.38 22.32
N ILE D 390 -20.68 -30.48 23.30
CA ILE D 390 -21.91 -30.22 24.03
C ILE D 390 -22.60 -29.01 23.42
N SER D 391 -23.88 -28.85 23.78
CA SER D 391 -24.67 -27.71 23.33
C SER D 391 -25.80 -27.52 24.34
N LEU D 392 -25.63 -26.54 25.23
CA LEU D 392 -26.59 -26.26 26.28
C LEU D 392 -27.03 -24.80 26.21
N THR D 393 -28.32 -24.57 26.38
CA THR D 393 -28.88 -23.22 26.35
C THR D 393 -28.46 -22.44 27.59
N TRP D 398 -27.43 -30.51 27.64
CA TRP D 398 -26.43 -30.59 26.58
C TRP D 398 -27.06 -31.04 25.27
N GLU D 399 -26.24 -31.13 24.23
CA GLU D 399 -26.72 -31.55 22.92
C GLU D 399 -25.57 -32.17 22.15
N VAL D 400 -25.89 -33.15 21.31
CA VAL D 400 -24.89 -33.83 20.50
C VAL D 400 -24.55 -32.90 19.34
N VAL D 401 -23.43 -32.19 19.46
CA VAL D 401 -22.97 -31.24 18.45
C VAL D 401 -21.76 -31.79 17.71
N GLY D 402 -20.77 -32.27 18.44
CA GLY D 402 -19.55 -32.79 17.84
C GLY D 402 -19.80 -33.97 16.93
N TRP D 404 -17.08 -37.15 16.00
CA TRP D 404 -15.68 -37.07 15.58
C TRP D 404 -14.95 -38.36 15.93
N GLU D 405 -14.37 -39.00 14.92
CA GLU D 405 -13.62 -40.23 15.11
C GLU D 405 -12.93 -40.59 13.81
N GLN D 406 -12.11 -41.65 13.86
CA GLN D 406 -11.35 -42.11 12.70
C GLN D 406 -10.50 -41.00 12.11
N GLN D 407 -10.07 -40.06 12.94
CA GLN D 407 -9.30 -38.91 12.48
C GLN D 407 -10.04 -38.19 11.35
N THR D 408 -11.35 -38.11 11.48
CA THR D 408 -12.23 -37.54 10.47
C THR D 408 -12.94 -36.32 11.04
N LEU D 409 -13.87 -35.77 10.27
CA LEU D 409 -14.62 -34.59 10.64
C LEU D 409 -16.09 -34.95 10.84
N ARG D 410 -16.68 -34.44 11.92
CA ARG D 410 -18.11 -34.60 12.17
C ARG D 410 -18.64 -33.31 12.75
N LEU D 411 -19.71 -32.79 12.17
CA LEU D 411 -20.32 -31.55 12.67
C LEU D 411 -21.73 -31.44 12.13
N LYS D 412 -22.70 -31.33 13.04
CA LYS D 412 -24.07 -31.04 12.66
C LYS D 412 -24.26 -29.52 12.66
N TYR D 413 -25.50 -29.06 12.48
CA TYR D 413 -25.82 -27.64 12.46
C TYR D 413 -24.95 -26.91 11.43
N PRO D 414 -25.07 -27.25 10.15
CA PRO D 414 -24.21 -26.60 9.14
C PRO D 414 -24.63 -25.16 8.91
N LEU D 415 -24.28 -24.28 9.84
CA LEU D 415 -24.67 -22.87 9.77
C LEU D 415 -23.68 -22.07 8.96
N TRP D 416 -24.17 -21.01 8.33
CA TRP D 416 -23.35 -20.10 7.55
C TRP D 416 -23.29 -18.70 8.12
N SER D 417 -24.29 -18.29 8.90
CA SER D 417 -24.20 -17.07 9.69
C SER D 417 -23.38 -17.37 10.94
N ARG D 418 -23.29 -16.41 11.86
CA ARG D 418 -22.46 -16.59 13.05
C ARG D 418 -23.11 -16.05 14.32
N TYR D 419 -24.39 -15.68 14.28
CA TYR D 419 -25.03 -14.99 15.40
C TYR D 419 -24.28 -13.70 15.76
N GLY D 420 -23.45 -13.20 14.84
CA GLY D 420 -22.54 -12.12 15.15
C GLY D 420 -23.20 -10.77 15.20
N ARG D 421 -22.49 -9.75 14.68
CA ARG D 421 -22.92 -8.36 14.73
C ARG D 421 -22.92 -7.80 16.14
N PHE D 422 -22.35 -8.53 17.10
CA PHE D 422 -22.30 -8.09 18.49
C PHE D 422 -21.22 -7.01 18.61
N LEU D 423 -21.62 -5.77 18.34
CA LEU D 423 -20.70 -4.64 18.39
C LEU D 423 -21.46 -3.33 18.23
N THR D 429 -23.02 -5.32 12.65
CA THR D 429 -23.06 -4.17 11.76
C THR D 429 -21.77 -4.08 10.93
N GLN D 430 -21.16 -5.23 10.68
CA GLN D 430 -19.95 -5.31 9.86
C GLN D 430 -20.05 -6.34 8.75
N HIS D 431 -20.96 -7.30 8.84
CA HIS D 431 -21.20 -8.26 7.78
C HIS D 431 -22.51 -7.90 7.10
N LEU D 432 -22.44 -7.65 5.79
CA LEU D 432 -23.60 -7.20 5.01
C LEU D 432 -23.91 -8.24 3.95
N THR D 433 -25.18 -8.63 3.86
CA THR D 433 -25.63 -9.58 2.85
C THR D 433 -25.23 -9.11 1.45
N VAL D 434 -24.34 -9.86 0.80
CA VAL D 434 -23.83 -9.51 -0.52
C VAL D 434 -24.03 -10.70 -1.45
N ALA D 435 -24.57 -10.45 -2.64
CA ALA D 435 -24.80 -11.51 -3.61
C ALA D 435 -24.77 -10.91 -5.01
N THR D 436 -24.63 -11.79 -6.00
CA THR D 436 -24.57 -11.38 -7.40
C THR D 436 -24.71 -12.64 -8.24
N LEU D 437 -24.56 -12.49 -9.56
CA LEU D 437 -24.63 -13.59 -10.50
C LEU D 437 -23.28 -13.84 -11.12
N GLU D 438 -23.06 -15.08 -11.59
CA GLU D 438 -21.83 -15.45 -12.26
C GLU D 438 -21.79 -14.84 -13.66
N GLU D 439 -21.60 -13.53 -13.74
CA GLU D 439 -21.64 -12.84 -15.04
C GLU D 439 -20.58 -13.40 -15.98
N ARG D 440 -19.34 -13.53 -15.48
CA ARG D 440 -18.18 -14.07 -16.17
C ARG D 440 -17.12 -12.99 -16.30
N PRO D 441 -17.40 -11.86 -16.95
CA PRO D 441 -16.39 -10.79 -17.00
C PRO D 441 -16.04 -10.25 -15.63
N PHE D 442 -16.94 -10.36 -14.66
CA PHE D 442 -16.71 -9.84 -13.32
C PHE D 442 -17.07 -10.81 -12.21
N VAL D 443 -17.68 -11.96 -12.53
CA VAL D 443 -18.04 -12.97 -11.54
C VAL D 443 -17.52 -14.30 -12.06
N ILE D 444 -16.38 -14.73 -11.56
CA ILE D 444 -15.74 -15.97 -11.98
C ILE D 444 -16.10 -17.05 -10.96
N VAL D 445 -16.67 -18.15 -11.45
CA VAL D 445 -17.04 -19.29 -10.63
C VAL D 445 -16.50 -20.54 -11.31
N GLU D 446 -15.45 -21.11 -10.74
CA GLU D 446 -14.80 -22.30 -11.27
C GLU D 446 -14.58 -23.29 -10.14
N PRO D 447 -14.46 -24.58 -10.47
CA PRO D 447 -14.29 -25.59 -9.41
C PRO D 447 -13.05 -25.32 -8.58
N ALA D 448 -13.16 -25.60 -7.29
CA ALA D 448 -12.05 -25.40 -6.36
C ALA D 448 -11.04 -26.53 -6.47
N SER D 452 -11.50 -29.62 -4.65
CA SER D 452 -10.85 -30.32 -3.56
C SER D 452 -9.66 -29.53 -3.05
N GLY D 453 -9.35 -29.70 -1.77
CA GLY D 453 -8.25 -28.98 -1.15
C GLY D 453 -8.66 -27.62 -0.62
N THR D 454 -8.30 -26.56 -1.35
CA THR D 454 -8.65 -25.21 -0.96
C THR D 454 -8.62 -24.33 -2.20
N CYS D 455 -9.27 -23.17 -2.09
CA CYS D 455 -9.34 -22.24 -3.20
C CYS D 455 -7.95 -21.70 -3.55
N ILE D 456 -7.87 -20.97 -4.66
CA ILE D 456 -6.64 -20.35 -5.10
C ILE D 456 -6.48 -19.02 -4.39
N ARG D 457 -5.28 -18.45 -4.42
CA ARG D 457 -5.04 -17.18 -3.77
C ARG D 457 -5.89 -16.09 -4.39
N ASP D 458 -6.36 -15.17 -3.55
CA ASP D 458 -7.18 -14.02 -3.91
C ASP D 458 -8.64 -14.40 -4.13
N SER D 459 -9.00 -15.68 -4.01
CA SER D 459 -10.39 -16.08 -4.13
C SER D 459 -11.17 -15.64 -2.89
N VAL D 460 -12.46 -15.97 -2.87
CA VAL D 460 -13.31 -15.59 -1.74
C VAL D 460 -14.29 -16.73 -1.46
N PRO D 461 -14.68 -16.94 -0.20
CA PRO D 461 -15.76 -17.89 0.08
C PRO D 461 -17.03 -17.47 -0.64
N CYS D 462 -17.81 -18.45 -1.09
CA CYS D 462 -18.85 -18.17 -2.07
C CYS D 462 -19.85 -19.32 -2.08
N ARG D 463 -21.12 -19.02 -1.84
CA ARG D 463 -22.17 -20.02 -1.78
C ARG D 463 -23.40 -19.50 -2.50
N SER D 464 -24.21 -20.44 -2.99
CA SER D 464 -25.47 -20.13 -3.66
C SER D 464 -26.57 -21.02 -3.10
N GLN D 465 -27.78 -20.46 -3.02
CA GLN D 465 -28.92 -21.20 -2.51
C GLN D 465 -30.21 -20.39 -2.71
N PRO D 479 -24.95 -28.13 0.10
CA PRO D 479 -23.87 -27.68 0.97
C PRO D 479 -22.49 -27.84 0.34
N GLU D 480 -22.31 -27.25 -0.84
CA GLU D 480 -21.06 -27.36 -1.58
C GLU D 480 -20.51 -25.97 -1.86
N LYS D 481 -19.19 -25.83 -1.74
CA LYS D 481 -18.49 -24.59 -2.01
C LYS D 481 -17.63 -24.75 -3.26
N ARG D 482 -17.50 -23.67 -4.02
CA ARG D 482 -16.76 -23.69 -5.27
C ARG D 482 -15.85 -22.47 -5.35
N CYS D 483 -14.77 -22.61 -6.12
CA CYS D 483 -13.85 -21.51 -6.34
C CYS D 483 -14.59 -20.32 -6.93
N CYS D 484 -14.37 -19.14 -6.36
CA CYS D 484 -15.19 -17.97 -6.65
C CYS D 484 -14.35 -16.72 -6.50
N LYS D 485 -14.26 -15.92 -7.56
CA LYS D 485 -13.48 -14.69 -7.54
C LYS D 485 -13.67 -14.00 -8.88
N GLY D 486 -13.42 -12.69 -8.88
CA GLY D 486 -13.56 -11.91 -10.09
C GLY D 486 -13.32 -10.44 -9.84
N PHE D 487 -13.38 -9.66 -10.93
CA PHE D 487 -13.17 -8.22 -10.82
C PHE D 487 -14.18 -7.59 -9.88
N CYS D 488 -15.46 -7.99 -9.98
CA CYS D 488 -16.43 -7.58 -8.98
C CYS D 488 -15.97 -7.98 -7.59
N ILE D 489 -15.47 -9.22 -7.45
CA ILE D 489 -14.96 -9.67 -6.17
C ILE D 489 -13.78 -8.81 -5.74
N ASP D 490 -12.89 -8.48 -6.69
CA ASP D 490 -11.72 -7.67 -6.36
C ASP D 490 -12.13 -6.31 -5.82
N ILE D 491 -13.05 -5.63 -6.49
CA ILE D 491 -13.50 -4.32 -6.04
C ILE D 491 -14.19 -4.45 -4.69
N LEU D 492 -14.98 -5.51 -4.50
CA LEU D 492 -15.66 -5.69 -3.22
C LEU D 492 -14.66 -5.83 -2.09
N LYS D 493 -13.62 -6.66 -2.28
CA LYS D 493 -12.66 -6.88 -1.20
C LYS D 493 -11.82 -5.62 -0.97
N ARG D 494 -11.49 -4.90 -2.04
CA ARG D 494 -10.77 -3.64 -1.86
C ARG D 494 -11.58 -2.66 -1.04
N LEU D 495 -12.88 -2.53 -1.34
CA LEU D 495 -13.74 -1.66 -0.57
C LEU D 495 -13.80 -2.11 0.88
N ALA D 496 -13.96 -3.41 1.11
CA ALA D 496 -14.05 -3.92 2.47
C ALA D 496 -12.78 -3.61 3.25
N HIS D 497 -11.62 -3.81 2.63
CA HIS D 497 -10.36 -3.48 3.28
C HIS D 497 -10.30 -1.99 3.59
N THR D 498 -10.74 -1.15 2.64
CA THR D 498 -10.72 0.29 2.87
C THR D 498 -11.64 0.68 4.02
N ILE D 499 -12.68 -0.11 4.27
CA ILE D 499 -13.61 0.16 5.36
C ILE D 499 -13.53 -0.87 6.47
N GLY D 500 -12.83 -1.99 6.27
CA GLY D 500 -12.75 -3.02 7.29
C GLY D 500 -14.11 -3.55 7.68
N PHE D 501 -14.95 -3.85 6.70
CA PHE D 501 -16.30 -4.35 6.94
C PHE D 501 -16.37 -5.82 6.54
N SER D 502 -16.94 -6.64 7.42
CA SER D 502 -17.18 -8.04 7.10
C SER D 502 -18.17 -8.14 5.94
N TYR D 503 -18.44 -9.36 5.51
CA TYR D 503 -19.29 -9.55 4.34
C TYR D 503 -19.58 -11.03 4.17
N ASP D 504 -20.57 -11.32 3.32
CA ASP D 504 -20.89 -12.68 2.91
C ASP D 504 -21.15 -12.67 1.41
N LEU D 505 -20.50 -13.58 0.70
CA LEU D 505 -20.59 -13.63 -0.77
C LEU D 505 -21.65 -14.66 -1.15
N TYR D 506 -22.91 -14.27 -1.00
CA TYR D 506 -24.02 -15.10 -1.43
C TYR D 506 -24.06 -15.14 -2.96
N LEU D 507 -25.03 -15.89 -3.49
CA LEU D 507 -25.16 -16.04 -4.93
C LEU D 507 -26.63 -16.07 -5.31
N VAL D 508 -26.90 -15.80 -6.58
CA VAL D 508 -28.28 -15.78 -7.07
C VAL D 508 -28.89 -17.16 -6.90
N THR D 509 -30.21 -17.17 -6.66
CA THR D 509 -30.97 -18.41 -6.56
C THR D 509 -32.17 -18.38 -7.48
N ASN D 510 -32.79 -17.22 -7.63
CA ASN D 510 -34.01 -17.06 -8.42
C ASN D 510 -33.71 -16.17 -9.62
N GLY D 511 -34.04 -16.68 -10.81
CA GLY D 511 -33.91 -15.90 -12.04
C GLY D 511 -32.48 -15.50 -12.35
N LYS D 512 -32.27 -14.94 -13.55
CA LYS D 512 -30.95 -14.47 -13.93
C LYS D 512 -30.64 -13.09 -13.36
N HIS D 513 -31.66 -12.36 -12.91
CA HIS D 513 -31.43 -11.06 -12.27
C HIS D 513 -32.25 -10.85 -11.01
N GLY D 514 -33.27 -11.66 -10.74
CA GLY D 514 -34.10 -11.46 -9.56
C GLY D 514 -34.75 -10.10 -9.52
N LYS D 515 -35.24 -9.63 -10.66
CA LYS D 515 -35.85 -8.32 -10.75
C LYS D 515 -37.30 -8.36 -10.28
N LYS D 516 -37.80 -7.22 -9.82
CA LYS D 516 -39.19 -7.11 -9.42
C LYS D 516 -40.06 -7.05 -10.66
N ILE D 517 -40.23 -8.21 -11.32
CA ILE D 517 -40.89 -8.24 -12.62
C ILE D 517 -42.32 -7.73 -12.51
N ASP D 518 -43.08 -8.27 -11.56
CA ASP D 518 -44.50 -7.96 -11.39
C ASP D 518 -44.77 -7.54 -9.95
N GLY D 519 -43.93 -6.65 -9.43
CA GLY D 519 -44.09 -6.21 -8.05
C GLY D 519 -43.93 -7.33 -7.05
N VAL D 520 -42.92 -8.17 -7.23
CA VAL D 520 -42.68 -9.28 -6.32
C VAL D 520 -41.94 -8.80 -5.09
N MET D 524 -31.68 -5.31 -6.53
CA MET D 524 -32.77 -5.91 -7.30
C MET D 524 -32.80 -7.41 -7.10
N ILE D 525 -31.71 -8.08 -7.49
CA ILE D 525 -31.66 -9.53 -7.40
C ILE D 525 -31.93 -9.98 -5.96
N GLY D 526 -31.21 -9.39 -5.01
CA GLY D 526 -31.41 -9.70 -3.61
C GLY D 526 -32.33 -8.69 -2.94
N GLU D 527 -32.67 -7.62 -3.66
CA GLU D 527 -33.52 -6.56 -3.15
C GLU D 527 -34.86 -6.50 -3.88
N VAL D 528 -35.31 -7.63 -4.42
CA VAL D 528 -36.65 -7.68 -5.01
C VAL D 528 -37.69 -7.28 -3.97
N PHE D 529 -37.51 -7.76 -2.74
CA PHE D 529 -38.34 -7.32 -1.62
C PHE D 529 -37.80 -5.98 -1.12
N TYR D 530 -38.30 -5.53 0.04
CA TYR D 530 -37.88 -4.24 0.56
C TYR D 530 -36.45 -4.28 1.07
N GLN D 531 -36.17 -5.13 2.06
CA GLN D 531 -34.86 -5.22 2.69
C GLN D 531 -34.41 -6.67 2.79
N ARG D 532 -34.65 -7.45 1.74
CA ARG D 532 -34.27 -8.86 1.75
C ARG D 532 -32.75 -9.01 1.86
N ALA D 533 -32.00 -8.19 1.13
CA ALA D 533 -30.55 -8.27 1.07
C ALA D 533 -29.93 -7.07 1.79
N ASP D 534 -28.59 -6.97 1.72
CA ASP D 534 -27.87 -5.89 2.37
C ASP D 534 -26.71 -5.40 1.51
N MET D 535 -26.81 -5.55 0.19
CA MET D 535 -25.75 -5.11 -0.72
C MET D 535 -26.27 -5.30 -2.14
N ALA D 536 -25.44 -4.88 -3.11
CA ALA D 536 -25.81 -5.01 -4.51
C ALA D 536 -24.52 -4.94 -5.34
N ILE D 537 -24.19 -6.04 -6.01
CA ILE D 537 -22.99 -6.09 -6.86
C ILE D 537 -23.31 -6.44 -8.31
N GLY D 538 -24.57 -6.70 -8.65
CA GLY D 538 -24.93 -7.02 -10.01
C GLY D 538 -24.39 -6.03 -11.02
N SER D 539 -23.52 -6.50 -11.91
CA SER D 539 -22.89 -5.63 -12.89
C SER D 539 -23.88 -5.05 -13.89
N LEU D 540 -25.10 -5.58 -13.96
CA LEU D 540 -26.08 -5.06 -14.87
C LEU D 540 -26.30 -3.57 -14.63
N THR D 541 -26.87 -2.90 -15.62
CA THR D 541 -26.91 -1.45 -15.63
C THR D 541 -27.73 -0.89 -14.47
N ILE D 542 -27.73 0.43 -14.38
CA ILE D 542 -28.49 1.16 -13.37
C ILE D 542 -29.65 1.85 -14.07
N ASN D 543 -30.86 1.54 -13.64
CA ASN D 543 -32.09 2.02 -14.27
C ASN D 543 -32.73 3.09 -13.41
N GLU D 544 -33.91 3.55 -13.83
CA GLU D 544 -34.74 4.42 -13.00
C GLU D 544 -35.53 3.64 -11.98
N GLU D 545 -36.30 2.64 -12.44
CA GLU D 545 -37.10 1.83 -11.52
C GLU D 545 -36.21 1.09 -10.54
N ARG D 546 -35.09 0.54 -11.02
CA ARG D 546 -34.15 -0.10 -10.11
C ARG D 546 -33.56 0.91 -9.13
N SER D 547 -33.17 2.08 -9.61
CA SER D 547 -32.51 3.06 -8.77
C SER D 547 -33.50 3.79 -7.85
N GLU D 548 -34.73 4.01 -8.30
CA GLU D 548 -35.64 4.84 -7.54
C GLU D 548 -36.02 4.23 -6.19
N ILE D 549 -35.72 2.96 -5.97
CA ILE D 549 -36.02 2.30 -4.71
C ILE D 549 -34.79 2.23 -3.80
N VAL D 550 -33.61 2.02 -4.39
CA VAL D 550 -32.37 1.91 -3.63
C VAL D 550 -31.27 2.67 -4.36
N ASP D 551 -30.52 3.48 -3.62
CA ASP D 551 -29.40 4.19 -4.21
C ASP D 551 -28.34 3.22 -4.69
N PHE D 552 -27.82 3.46 -5.89
CA PHE D 552 -26.85 2.55 -6.51
C PHE D 552 -25.74 3.34 -7.20
N SER D 553 -25.21 4.35 -6.52
CA SER D 553 -24.08 5.09 -7.07
C SER D 553 -22.90 4.16 -7.28
N VAL D 554 -22.28 4.26 -8.47
CA VAL D 554 -21.14 3.41 -8.80
C VAL D 554 -20.54 3.86 -10.12
N PRO D 555 -19.21 3.74 -10.31
CA PRO D 555 -18.63 4.00 -11.62
C PRO D 555 -18.41 2.74 -12.45
N PHE D 556 -18.69 2.80 -13.74
CA PHE D 556 -18.33 1.76 -14.68
C PHE D 556 -18.60 2.29 -16.08
N VAL D 557 -18.44 1.42 -17.09
CA VAL D 557 -18.54 1.85 -18.48
C VAL D 557 -19.90 2.47 -18.76
N GLU D 558 -20.94 2.04 -18.07
CA GLU D 558 -22.33 2.43 -18.26
C GLU D 558 -22.97 1.68 -19.42
N THR D 559 -22.21 0.93 -20.20
CA THR D 559 -22.74 0.03 -21.22
C THR D 559 -23.90 0.66 -21.99
N GLY D 560 -23.62 1.79 -22.62
CA GLY D 560 -24.66 2.55 -23.28
C GLY D 560 -24.97 2.10 -24.70
N ILE D 561 -23.98 2.17 -25.58
CA ILE D 561 -24.19 1.86 -26.98
C ILE D 561 -24.41 0.36 -27.17
N MET D 564 -22.18 -0.64 -32.29
CA MET D 564 -22.52 -1.93 -31.72
C MET D 564 -22.70 -2.99 -32.79
N VAL D 565 -21.89 -4.03 -32.74
CA VAL D 565 -21.98 -5.12 -33.71
C VAL D 565 -20.92 -6.18 -33.40
N SER D 575 -7.37 8.05 -52.19
CA SER D 575 -6.20 7.80 -53.03
C SER D 575 -6.57 7.75 -54.50
N ALA D 576 -7.86 7.53 -54.78
CA ALA D 576 -8.31 7.46 -56.16
C ALA D 576 -8.16 8.79 -56.88
N PHE D 577 -8.64 9.87 -56.28
CA PHE D 577 -8.58 11.18 -56.92
C PHE D 577 -7.19 11.78 -56.87
N LEU D 578 -6.39 11.45 -55.86
CA LEU D 578 -5.08 12.06 -55.66
C LEU D 578 -3.95 11.26 -56.29
N GLU D 579 -4.23 10.52 -57.35
CA GLU D 579 -3.20 9.67 -57.95
C GLU D 579 -2.12 10.50 -58.63
N PRO D 580 -2.42 11.18 -59.75
CA PRO D 580 -1.33 11.81 -60.53
C PRO D 580 -0.55 12.88 -59.79
N TYR D 581 -1.22 13.96 -59.38
CA TYR D 581 -0.58 15.09 -58.73
C TYR D 581 -1.63 16.16 -58.48
N SER D 582 -1.21 17.23 -57.79
CA SER D 582 -2.05 18.41 -57.69
C SER D 582 -1.99 19.19 -59.00
N PRO D 583 -3.07 19.91 -59.35
CA PRO D 583 -3.11 20.56 -60.67
C PRO D 583 -2.07 21.65 -60.85
N ALA D 584 -2.04 22.64 -59.95
CA ALA D 584 -1.17 23.78 -60.11
C ALA D 584 0.23 23.50 -59.55
N VAL D 585 0.84 22.41 -59.99
CA VAL D 585 2.21 22.07 -59.63
C VAL D 585 3.10 21.94 -60.86
N TRP D 586 2.56 21.39 -61.95
CA TRP D 586 3.31 21.17 -63.18
C TRP D 586 3.07 22.27 -64.21
N VAL D 587 2.57 23.43 -63.78
CA VAL D 587 2.51 24.58 -64.69
C VAL D 587 3.89 24.85 -65.27
N MET D 588 4.93 24.51 -64.52
CA MET D 588 6.28 24.55 -65.05
C MET D 588 6.38 23.77 -66.35
N MET D 589 5.63 22.67 -66.48
CA MET D 589 5.73 21.85 -67.67
C MET D 589 5.11 22.56 -68.88
N PHE D 590 3.97 23.22 -68.70
CA PHE D 590 3.40 24.02 -69.79
C PHE D 590 4.36 25.11 -70.22
N VAL D 591 4.87 25.89 -69.26
CA VAL D 591 5.75 26.99 -69.63
C VAL D 591 7.02 26.44 -70.30
N MET D 592 7.52 25.30 -69.82
CA MET D 592 8.69 24.69 -70.43
C MET D 592 8.40 24.21 -71.84
N CYS D 593 7.18 23.73 -72.09
CA CYS D 593 6.79 23.38 -73.44
C CYS D 593 6.87 24.60 -74.35
N LEU D 594 6.36 25.73 -73.87
CA LEU D 594 6.41 26.95 -74.66
C LEU D 594 7.85 27.37 -74.93
N THR D 595 8.70 27.32 -73.91
CA THR D 595 10.11 27.68 -74.11
C THR D 595 10.80 26.71 -75.07
N VAL D 596 10.47 25.43 -75.00
CA VAL D 596 11.06 24.46 -75.92
C VAL D 596 10.63 24.76 -77.34
N VAL D 597 9.36 25.11 -77.54
CA VAL D 597 8.90 25.51 -78.87
C VAL D 597 9.68 26.72 -79.35
N ALA D 598 9.86 27.70 -78.47
CA ALA D 598 10.61 28.90 -78.85
C ALA D 598 12.05 28.55 -79.23
N VAL D 599 12.70 27.69 -78.44
CA VAL D 599 14.06 27.27 -78.76
C VAL D 599 14.10 26.59 -80.11
N THR D 600 13.09 25.77 -80.41
CA THR D 600 12.96 25.23 -81.76
C THR D 600 12.90 26.34 -82.79
N VAL D 601 12.15 27.41 -82.49
CA VAL D 601 12.15 28.59 -83.34
C VAL D 601 13.50 29.26 -83.36
N PHE D 602 14.34 29.03 -82.35
CA PHE D 602 15.67 29.60 -82.29
C PHE D 602 16.72 28.69 -82.91
N ILE D 603 16.33 27.56 -83.50
CA ILE D 603 17.27 26.62 -84.11
C ILE D 603 16.99 26.40 -85.58
N PHE D 604 15.84 26.82 -86.11
CA PHE D 604 15.51 26.58 -87.51
C PHE D 604 16.05 27.65 -88.45
N GLU D 605 17.02 28.44 -87.98
CA GLU D 605 17.84 29.27 -88.87
C GLU D 605 19.29 29.29 -88.40
N TYR D 606 19.76 28.19 -87.80
CA TYR D 606 21.13 28.09 -87.31
C TYR D 606 21.84 26.81 -87.70
N LEU D 607 21.12 25.82 -88.23
CA LEU D 607 21.73 24.54 -88.61
C LEU D 607 22.50 23.94 -87.43
N PHE D 627 14.05 23.78 -92.01
CA PHE D 627 13.64 22.71 -92.91
C PHE D 627 12.99 21.56 -92.14
N THR D 628 12.74 21.77 -90.85
CA THR D 628 12.13 20.74 -90.01
C THR D 628 11.34 21.44 -88.92
N ILE D 629 10.02 21.53 -89.12
CA ILE D 629 9.12 22.12 -88.13
C ILE D 629 8.13 21.04 -87.70
N GLY D 630 7.42 20.45 -88.67
CA GLY D 630 6.56 19.32 -88.35
C GLY D 630 7.32 18.16 -87.76
N LYS D 631 8.53 17.90 -88.28
CA LYS D 631 9.40 16.88 -87.68
C LYS D 631 9.83 17.30 -86.29
N SER D 632 10.29 18.55 -86.14
CA SER D 632 10.62 19.07 -84.82
C SER D 632 9.39 19.10 -83.93
N ILE D 633 8.23 19.41 -84.50
CA ILE D 633 7.00 19.46 -83.72
C ILE D 633 6.68 18.08 -83.16
N TRP D 634 6.77 17.05 -84.00
CA TRP D 634 6.55 15.68 -83.52
C TRP D 634 7.59 15.29 -82.48
N LEU D 635 8.86 15.61 -82.73
CA LEU D 635 9.90 15.28 -81.76
C LEU D 635 9.58 15.88 -80.40
N LEU D 636 9.19 17.16 -80.38
CA LEU D 636 8.84 17.82 -79.13
C LEU D 636 7.62 17.17 -78.49
N TRP D 637 6.53 17.02 -79.26
CA TRP D 637 5.28 16.55 -78.68
C TRP D 637 5.41 15.15 -78.13
N ALA D 638 5.85 14.19 -78.96
CA ALA D 638 6.10 12.85 -78.47
C ALA D 638 7.15 12.85 -77.37
N LEU D 639 8.07 13.82 -77.39
CA LEU D 639 9.12 13.92 -76.39
C LEU D 639 8.65 14.53 -75.08
N VAL D 640 7.50 15.20 -75.06
CA VAL D 640 7.04 15.88 -73.85
C VAL D 640 6.97 14.94 -72.66
N PHE D 641 6.93 13.64 -72.90
CA PHE D 641 6.78 12.64 -71.84
C PHE D 641 8.11 11.92 -71.63
N ASN D 642 8.10 10.91 -70.76
CA ASN D 642 9.33 10.22 -70.38
C ASN D 642 9.95 9.50 -71.57
N ASN D 643 11.18 9.02 -71.36
CA ASN D 643 11.99 8.50 -72.46
C ASN D 643 11.31 7.44 -73.33
N SER D 644 10.29 6.77 -72.81
CA SER D 644 9.62 5.70 -73.57
C SER D 644 8.86 6.33 -74.73
N VAL D 645 9.46 6.31 -75.92
CA VAL D 645 8.91 7.02 -77.07
C VAL D 645 9.29 6.28 -78.36
N PRO D 646 8.35 6.06 -79.28
CA PRO D 646 8.73 5.54 -80.60
C PRO D 646 9.02 6.66 -81.57
N VAL D 647 10.18 6.62 -82.22
CA VAL D 647 10.55 7.64 -83.19
C VAL D 647 11.84 7.23 -83.88
N THR D 653 27.20 23.26 -79.18
CA THR D 653 26.30 22.21 -79.64
C THR D 653 24.96 22.30 -78.91
N THR D 654 24.27 23.42 -79.09
CA THR D 654 22.97 23.60 -78.43
C THR D 654 21.97 22.55 -78.87
N SER D 655 22.10 22.03 -80.09
CA SER D 655 21.14 21.07 -80.61
C SER D 655 20.97 19.90 -79.65
N LYS D 656 22.09 19.33 -79.19
CA LYS D 656 22.03 18.23 -78.23
C LYS D 656 22.01 18.71 -76.79
N ILE D 657 22.55 19.91 -76.51
CA ILE D 657 22.58 20.39 -75.14
C ILE D 657 21.17 20.67 -74.64
N MET D 658 20.33 21.30 -75.46
CA MET D 658 18.96 21.54 -75.07
C MET D 658 18.23 20.22 -74.80
N VAL D 659 18.43 19.24 -75.67
CA VAL D 659 17.82 17.93 -75.47
C VAL D 659 18.28 17.32 -74.16
N LEU D 660 19.59 17.43 -73.87
CA LEU D 660 20.12 16.82 -72.65
C LEU D 660 19.54 17.47 -71.40
N VAL D 661 19.50 18.80 -71.37
CA VAL D 661 18.95 19.48 -70.19
C VAL D 661 17.47 19.16 -70.04
N TRP D 662 16.73 19.15 -71.16
CA TRP D 662 15.31 18.84 -71.08
C TRP D 662 15.09 17.41 -70.58
N ALA D 663 15.94 16.48 -71.02
CA ALA D 663 15.85 15.10 -70.56
C ALA D 663 16.16 14.99 -69.07
N PHE D 664 17.13 15.76 -68.59
CA PHE D 664 17.36 15.82 -67.15
C PHE D 664 16.11 16.30 -66.42
N PHE D 665 15.47 17.35 -66.93
CA PHE D 665 14.22 17.81 -66.34
C PHE D 665 13.19 16.69 -66.31
N ALA D 666 13.05 15.97 -67.41
CA ALA D 666 12.05 14.92 -67.50
C ALA D 666 12.35 13.78 -66.52
N VAL D 667 13.60 13.35 -66.44
CA VAL D 667 13.95 12.22 -65.58
C VAL D 667 13.80 12.59 -64.11
N ILE D 668 14.20 13.82 -63.74
CA ILE D 668 14.00 14.24 -62.35
C ILE D 668 12.52 14.36 -62.04
N PHE D 669 11.71 14.83 -63.00
CA PHE D 669 10.27 14.87 -62.77
C PHE D 669 9.71 13.46 -62.57
N LEU D 670 10.19 12.51 -63.36
CA LEU D 670 9.72 11.13 -63.21
C LEU D 670 10.12 10.56 -61.86
N ALA D 671 11.35 10.84 -61.42
CA ALA D 671 11.78 10.36 -60.10
C ALA D 671 10.96 10.99 -58.99
N SER D 672 10.66 12.29 -59.11
CA SER D 672 9.80 12.94 -58.14
C SER D 672 8.42 12.30 -58.12
N TYR D 673 7.90 11.95 -59.31
CA TYR D 673 6.61 11.27 -59.38
C TYR D 673 6.68 9.91 -58.69
N THR D 674 7.79 9.20 -58.87
CA THR D 674 7.97 7.92 -58.21
C THR D 674 7.95 8.08 -56.69
N ALA D 675 8.65 9.09 -56.18
CA ALA D 675 8.65 9.34 -54.75
C ALA D 675 7.26 9.71 -54.25
N ASN D 676 6.56 10.56 -55.01
CA ASN D 676 5.22 10.99 -54.60
C ASN D 676 4.26 9.81 -54.55
N LEU D 677 4.30 8.94 -55.58
CA LEU D 677 3.43 7.78 -55.57
C LEU D 677 3.84 6.79 -54.49
N ALA D 678 5.13 6.69 -54.16
CA ALA D 678 5.54 5.86 -53.04
C ALA D 678 4.92 6.37 -51.74
N ALA D 679 4.91 7.68 -51.56
CA ALA D 679 4.23 8.25 -50.40
C ALA D 679 2.73 7.96 -50.44
N PHE D 680 2.12 8.12 -51.62
CA PHE D 680 0.68 7.90 -51.75
C PHE D 680 0.30 6.48 -51.35
N MET D 681 0.98 5.49 -51.93
CA MET D 681 0.60 4.10 -51.71
C MET D 681 0.75 3.70 -50.25
N ILE D 682 1.70 4.30 -49.53
CA ILE D 682 1.87 4.00 -48.12
C ILE D 682 0.74 4.67 -47.36
N GLN D 683 -0.31 3.92 -47.06
CA GLN D 683 -1.50 4.47 -46.42
C GLN D 683 -2.18 3.38 -45.60
N GLU D 684 -2.82 3.79 -44.52
CA GLU D 684 -3.57 2.90 -43.66
C GLU D 684 -5.07 3.03 -43.96
N GLU D 685 -5.88 2.34 -43.18
CA GLU D 685 -7.34 2.38 -43.33
C GLU D 685 -7.93 1.74 -42.07
N TYR D 686 -9.25 1.58 -42.06
CA TYR D 686 -9.93 0.96 -40.94
C TYR D 686 -9.77 -0.56 -41.01
N SER D 691 -20.53 6.95 -37.56
CA SER D 691 -21.79 6.43 -38.07
C SER D 691 -22.86 6.43 -36.98
N GLY D 692 -22.83 7.46 -36.13
CA GLY D 692 -23.77 7.55 -35.04
C GLY D 692 -24.82 8.62 -35.24
N LEU D 693 -26.09 8.21 -35.30
CA LEU D 693 -27.20 9.15 -35.43
C LEU D 693 -28.26 8.88 -34.37
N SER D 694 -28.41 7.63 -33.95
CA SER D 694 -29.41 7.25 -32.97
C SER D 694 -29.15 5.81 -32.56
N ASP D 695 -30.05 5.27 -31.73
CA ASP D 695 -29.92 3.90 -31.28
C ASP D 695 -30.05 2.91 -32.43
N ARG D 696 -30.76 3.29 -33.49
CA ARG D 696 -30.94 2.42 -34.64
C ARG D 696 -29.68 2.47 -35.52
N LYS D 697 -29.76 1.89 -36.71
CA LYS D 697 -28.61 1.81 -37.62
C LYS D 697 -28.62 3.03 -38.54
N PHE D 698 -28.17 4.17 -37.99
CA PHE D 698 -27.97 5.40 -38.75
C PHE D 698 -29.29 5.87 -39.36
N GLN D 699 -30.26 6.17 -38.50
CA GLN D 699 -31.55 6.73 -38.86
C GLN D 699 -32.41 5.79 -39.70
N ARG D 700 -32.01 4.54 -39.83
CA ARG D 700 -32.78 3.58 -40.61
C ARG D 700 -34.04 3.19 -39.83
N PRO D 701 -35.01 2.55 -40.50
CA PRO D 701 -36.29 2.28 -39.84
C PRO D 701 -36.17 1.70 -38.43
N GLN D 702 -37.26 1.82 -37.66
CA GLN D 702 -37.21 1.46 -36.25
C GLN D 702 -36.69 0.04 -36.03
N GLU D 703 -37.23 -0.92 -36.77
CA GLU D 703 -36.83 -2.32 -36.62
C GLU D 703 -35.83 -2.74 -37.71
N GLN D 704 -36.24 -2.69 -38.96
CA GLN D 704 -35.37 -3.06 -40.07
C GLN D 704 -35.50 -2.05 -41.21
N PRO D 706 -38.60 -2.73 -45.17
CA PRO D 706 -37.20 -3.09 -45.40
C PRO D 706 -36.69 -4.12 -44.39
N PRO D 707 -37.21 -5.35 -44.47
CA PRO D 707 -36.81 -6.41 -43.51
C PRO D 707 -35.50 -7.11 -43.88
N LEU D 708 -34.39 -6.43 -43.62
CA LEU D 708 -33.06 -6.95 -43.87
C LEU D 708 -32.18 -6.73 -42.64
N LYS D 709 -31.19 -7.60 -42.48
CA LYS D 709 -30.25 -7.52 -41.37
C LYS D 709 -30.98 -7.49 -40.03
N PHE D 710 -31.71 -8.57 -39.77
CA PHE D 710 -32.45 -8.69 -38.51
C PHE D 710 -31.53 -9.10 -37.38
N GLY D 711 -31.72 -8.48 -36.22
CA GLY D 711 -30.90 -8.78 -35.07
C GLY D 711 -31.17 -7.81 -33.94
N THR D 712 -30.30 -7.87 -32.93
CA THR D 712 -30.38 -7.00 -31.77
C THR D 712 -31.63 -7.29 -30.93
N VAL D 713 -31.88 -8.57 -30.68
CA VAL D 713 -33.01 -9.01 -29.85
C VAL D 713 -32.49 -9.99 -28.81
N PRO D 714 -31.89 -9.52 -27.71
CA PRO D 714 -31.35 -10.44 -26.70
C PRO D 714 -32.29 -10.79 -25.56
N ASN D 715 -33.45 -10.14 -25.47
CA ASN D 715 -34.40 -10.39 -24.38
C ASN D 715 -33.81 -10.02 -23.02
N THR D 718 -31.72 -4.27 -18.72
CA THR D 718 -30.82 -4.17 -19.86
C THR D 718 -31.61 -4.21 -21.16
N GLU D 719 -31.87 -5.42 -21.66
CA GLU D 719 -32.69 -5.57 -22.85
C GLU D 719 -34.09 -5.03 -22.60
N LYS D 720 -34.64 -5.28 -21.41
CA LYS D 720 -35.92 -4.69 -21.06
C LYS D 720 -35.86 -3.17 -21.04
N ASN D 721 -34.68 -2.61 -20.75
CA ASN D 721 -34.55 -1.16 -20.72
C ASN D 721 -34.89 -0.56 -22.08
N ILE D 722 -34.36 -1.15 -23.15
CA ILE D 722 -34.72 -0.70 -24.50
C ILE D 722 -36.06 -1.27 -24.93
N ARG D 723 -36.54 -2.32 -24.26
CA ARG D 723 -37.85 -2.86 -24.59
C ARG D 723 -38.94 -1.82 -24.37
N SER D 724 -38.84 -1.07 -23.27
CA SER D 724 -39.80 -0.01 -22.97
C SER D 724 -39.49 1.28 -23.73
N ASN D 725 -38.52 1.26 -24.64
CA ASN D 725 -38.12 2.46 -25.35
C ASN D 725 -39.21 2.85 -26.36
N TYR D 726 -38.93 3.92 -27.10
CA TYR D 726 -39.83 4.39 -28.15
C TYR D 726 -39.95 3.33 -29.25
N HIS D 730 -41.57 0.60 -30.40
CA HIS D 730 -41.94 -0.64 -29.74
C HIS D 730 -40.75 -1.59 -29.66
N SER D 731 -39.55 -1.01 -29.55
CA SER D 731 -38.31 -1.80 -29.49
C SER D 731 -38.20 -2.72 -30.70
N TYR D 732 -38.11 -2.11 -31.87
CA TYR D 732 -38.06 -2.84 -33.13
C TYR D 732 -39.37 -3.61 -33.36
N MET D 733 -40.49 -2.96 -33.06
CA MET D 733 -41.82 -3.54 -33.17
C MET D 733 -42.07 -4.63 -32.15
N VAL D 734 -41.31 -4.63 -31.04
CA VAL D 734 -41.43 -5.66 -30.02
C VAL D 734 -41.29 -7.02 -30.67
N ARG D 735 -40.39 -7.12 -31.66
CA ARG D 735 -40.16 -8.34 -32.41
C ARG D 735 -39.00 -9.15 -31.85
N TYR D 736 -38.76 -9.06 -30.55
CA TYR D 736 -37.65 -9.76 -29.90
C TYR D 736 -38.22 -11.01 -29.23
N ASN D 737 -38.01 -12.16 -29.89
CA ASN D 737 -38.36 -13.47 -29.34
C ASN D 737 -37.16 -14.13 -28.68
N GLN D 738 -36.24 -13.34 -28.14
CA GLN D 738 -34.98 -13.82 -27.58
C GLN D 738 -34.20 -14.64 -28.61
N PRO D 739 -34.07 -14.16 -29.85
CA PRO D 739 -33.25 -14.89 -30.82
C PRO D 739 -31.80 -15.02 -30.41
N ARG D 740 -31.26 -14.01 -29.72
CA ARG D 740 -29.84 -14.02 -29.38
C ARG D 740 -29.50 -15.18 -28.44
N VAL D 741 -30.35 -15.42 -27.44
CA VAL D 741 -30.04 -16.41 -26.41
C VAL D 741 -28.72 -15.98 -25.77
N GLU D 742 -27.81 -16.92 -25.56
CA GLU D 742 -26.51 -16.57 -25.01
C GLU D 742 -25.75 -15.61 -25.93
N GLU D 743 -24.97 -14.73 -25.32
CA GLU D 743 -24.22 -13.75 -26.10
C GLU D 743 -23.22 -14.43 -27.03
N ALA D 744 -22.53 -15.47 -26.54
CA ALA D 744 -21.55 -16.16 -27.37
C ALA D 744 -22.18 -16.78 -28.61
N LEU D 745 -23.49 -17.00 -28.59
CA LEU D 745 -24.15 -17.51 -29.79
C LEU D 745 -23.94 -16.58 -30.99
N THR D 746 -23.71 -15.30 -30.72
CA THR D 746 -23.44 -14.33 -31.78
C THR D 746 -22.14 -14.60 -32.51
N GLN D 747 -21.26 -15.45 -31.97
CA GLN D 747 -19.97 -15.69 -32.60
C GLN D 747 -20.13 -16.05 -34.06
N LEU D 748 -21.10 -16.92 -34.37
CA LEU D 748 -21.38 -17.23 -35.77
C LEU D 748 -21.87 -16.00 -36.51
N LYS D 749 -22.69 -15.19 -35.84
CA LYS D 749 -23.26 -13.98 -36.45
C LYS D 749 -22.18 -12.90 -36.48
N ALA D 750 -21.40 -12.90 -37.57
CA ALA D 750 -20.42 -11.85 -37.83
C ALA D 750 -20.76 -11.02 -39.05
N GLY D 751 -20.95 -11.66 -40.20
CA GLY D 751 -21.36 -10.98 -41.41
C GLY D 751 -22.37 -11.79 -42.20
N LYS D 752 -23.09 -12.67 -41.51
CA LYS D 752 -24.06 -13.55 -42.16
C LYS D 752 -25.06 -12.76 -42.98
N PHE D 756 -25.53 -5.99 -34.64
CA PHE D 756 -26.16 -6.39 -33.38
C PHE D 756 -25.75 -5.44 -32.27
N ILE D 757 -26.67 -5.20 -31.32
CA ILE D 757 -26.42 -4.29 -30.21
C ILE D 757 -26.76 -5.00 -28.90
N TYR D 758 -26.11 -4.55 -27.83
CA TYR D 758 -26.31 -5.09 -26.49
C TYR D 758 -25.59 -4.16 -25.53
N ASP D 759 -25.60 -4.53 -24.25
CA ASP D 759 -24.84 -3.80 -23.24
C ASP D 759 -23.43 -3.54 -23.75
N ALA D 760 -23.09 -2.26 -23.88
CA ALA D 760 -21.85 -1.90 -24.57
C ALA D 760 -20.62 -2.39 -23.82
N ALA D 761 -20.65 -2.39 -22.49
CA ALA D 761 -19.48 -2.83 -21.73
C ALA D 761 -19.15 -4.29 -22.02
N VAL D 762 -20.16 -5.16 -21.92
CA VAL D 762 -19.91 -6.57 -22.19
C VAL D 762 -19.59 -6.80 -23.66
N LEU D 763 -20.17 -5.98 -24.55
CA LEU D 763 -19.81 -6.08 -25.95
C LEU D 763 -18.33 -5.79 -26.16
N ASN D 764 -17.82 -4.74 -25.50
CA ASN D 764 -16.40 -4.44 -25.58
C ASN D 764 -15.57 -5.57 -24.98
N TYR D 765 -16.04 -6.14 -23.85
CA TYR D 765 -15.31 -7.23 -23.24
C TYR D 765 -15.19 -8.41 -24.19
N MET D 766 -16.28 -8.76 -24.86
CA MET D 766 -16.24 -9.83 -25.85
C MET D 766 -15.32 -9.45 -27.02
N ALA D 767 -15.36 -8.18 -27.42
CA ALA D 767 -14.52 -7.74 -28.53
C ALA D 767 -13.04 -7.92 -28.19
N ARG D 768 -12.65 -7.59 -26.96
CA ARG D 768 -11.25 -7.74 -26.57
C ARG D 768 -10.77 -9.17 -26.77
N LYS D 769 -11.59 -10.15 -26.39
CA LYS D 769 -11.28 -11.56 -26.54
C LYS D 769 -9.81 -11.86 -26.26
N CYS D 773 -9.65 -9.71 -35.41
CA CYS D 773 -10.35 -10.91 -35.84
C CYS D 773 -11.82 -10.60 -36.13
N LYS D 774 -12.67 -10.75 -35.11
CA LYS D 774 -14.10 -10.45 -35.22
C LYS D 774 -14.29 -8.96 -35.00
N LEU D 775 -14.03 -8.18 -36.04
CA LEU D 775 -14.24 -6.74 -35.96
C LEU D 775 -15.72 -6.44 -35.75
N VAL D 776 -16.01 -5.65 -34.71
CA VAL D 776 -17.38 -5.36 -34.31
C VAL D 776 -17.54 -3.86 -34.13
N THR D 777 -18.73 -3.36 -34.47
CA THR D 777 -19.01 -1.94 -34.31
C THR D 777 -18.76 -1.52 -32.87
N ILE D 778 -17.78 -0.65 -32.69
CA ILE D 778 -17.35 -0.19 -31.37
C ILE D 778 -17.28 1.32 -31.42
N GLY D 779 -18.32 1.99 -30.91
CA GLY D 779 -18.33 3.44 -30.83
C GLY D 779 -18.61 3.92 -29.42
N SER D 780 -17.61 4.56 -28.80
CA SER D 780 -17.79 5.06 -27.44
C SER D 780 -18.66 6.31 -27.42
N GLY D 781 -18.48 7.20 -28.40
CA GLY D 781 -19.25 8.43 -28.42
C GLY D 781 -20.74 8.19 -28.56
N LYS D 782 -21.13 7.06 -29.14
CA LYS D 782 -22.55 6.75 -29.31
C LYS D 782 -23.23 6.65 -27.95
N VAL D 783 -22.84 5.66 -27.15
CA VAL D 783 -23.35 5.49 -25.78
C VAL D 783 -24.84 5.77 -25.75
N PHE D 784 -25.60 5.11 -26.63
CA PHE D 784 -27.00 5.45 -26.79
C PHE D 784 -27.77 5.29 -25.48
N ALA D 785 -27.54 4.20 -24.75
CA ALA D 785 -28.34 3.86 -23.57
C ALA D 785 -27.61 4.34 -22.32
N THR D 786 -27.62 5.65 -22.12
CA THR D 786 -27.08 6.24 -20.90
C THR D 786 -27.42 7.71 -20.82
N ALA D 792 -23.86 1.11 -6.39
CA ALA D 792 -24.20 -0.31 -6.40
C ALA D 792 -24.38 -0.83 -4.98
N LEU D 793 -25.56 -0.60 -4.41
CA LEU D 793 -25.85 -1.03 -3.06
C LEU D 793 -27.36 -1.02 -2.85
N HIS D 794 -27.79 -1.52 -1.70
CA HIS D 794 -29.20 -1.60 -1.37
C HIS D 794 -29.71 -0.22 -0.95
N LYS D 795 -30.99 -0.17 -0.57
CA LYS D 795 -31.59 1.08 -0.10
C LYS D 795 -31.13 1.45 1.31
N GLY D 796 -30.48 0.54 2.03
CA GLY D 796 -30.05 0.82 3.39
C GLY D 796 -29.35 2.15 3.39
N SER D 797 -29.81 3.06 4.25
CA SER D 797 -29.21 4.38 4.33
C SER D 797 -27.95 4.23 5.18
N ARG D 798 -27.18 5.31 5.25
CA ARG D 798 -25.91 5.36 5.97
C ARG D 798 -24.83 4.54 5.29
N TRP D 799 -25.04 4.12 4.04
CA TRP D 799 -24.06 3.36 3.30
C TRP D 799 -23.70 3.98 1.96
N LYS D 800 -24.57 4.79 1.38
CA LYS D 800 -24.25 5.43 0.10
C LYS D 800 -23.06 6.36 0.24
N ARG D 801 -23.18 7.38 1.09
CA ARG D 801 -22.11 8.37 1.20
C ARG D 801 -20.76 7.77 1.60
N PRO D 802 -20.68 6.84 2.56
CA PRO D 802 -19.38 6.27 2.90
C PRO D 802 -18.63 5.66 1.72
N ILE D 803 -19.26 4.69 1.05
CA ILE D 803 -18.58 4.03 -0.06
C ILE D 803 -18.38 4.99 -1.22
N ASP D 804 -19.32 5.92 -1.43
CA ASP D 804 -19.14 6.91 -2.49
C ASP D 804 -17.89 7.74 -2.23
N LEU D 805 -17.71 8.21 -1.00
CA LEU D 805 -16.52 8.97 -0.67
C LEU D 805 -15.28 8.10 -0.82
N ALA D 806 -15.35 6.84 -0.37
CA ALA D 806 -14.19 5.96 -0.46
C ALA D 806 -13.74 5.80 -1.90
N LEU D 807 -14.68 5.53 -2.80
CA LEU D 807 -14.31 5.36 -4.20
C LEU D 807 -13.83 6.68 -4.79
N LEU D 808 -14.59 7.76 -4.61
CA LEU D 808 -14.17 9.03 -5.17
C LEU D 808 -12.80 9.47 -4.66
N GLN D 809 -12.37 8.95 -3.51
CA GLN D 809 -11.07 9.32 -2.96
C GLN D 809 -9.93 8.42 -3.42
N PHE D 810 -10.15 7.11 -3.46
CA PHE D 810 -9.08 6.15 -3.75
C PHE D 810 -9.15 5.58 -5.16
N LEU D 811 -10.35 5.32 -5.66
CA LEU D 811 -10.54 4.67 -6.95
C LEU D 811 -9.74 5.37 -8.05
N GLY D 812 -9.87 6.69 -8.14
CA GLY D 812 -9.36 7.45 -9.26
C GLY D 812 -7.96 7.09 -9.70
N ASP D 813 -7.14 6.58 -8.78
CA ASP D 813 -5.76 6.24 -9.10
C ASP D 813 -5.62 4.77 -9.51
N ASP D 814 -6.02 3.85 -8.63
CA ASP D 814 -5.73 2.44 -8.84
C ASP D 814 -6.68 1.78 -9.84
N GLU D 815 -7.93 2.23 -9.90
CA GLU D 815 -9.01 1.39 -10.42
C GLU D 815 -8.80 1.04 -11.89
N ILE D 816 -8.32 1.99 -12.70
CA ILE D 816 -8.20 1.72 -14.13
C ILE D 816 -7.14 0.66 -14.40
N GLU D 817 -5.95 0.81 -13.82
CA GLU D 817 -4.94 -0.22 -13.99
C GLU D 817 -5.41 -1.54 -13.40
N MET D 818 -6.09 -1.47 -12.25
CA MET D 818 -6.62 -2.68 -11.63
C MET D 818 -7.50 -3.44 -12.62
N LEU D 819 -8.48 -2.76 -13.21
CA LEU D 819 -9.40 -3.47 -14.10
C LEU D 819 -8.66 -3.98 -15.32
N GLU D 820 -7.86 -3.12 -15.97
CA GLU D 820 -7.29 -3.50 -17.25
C GLU D 820 -6.32 -4.66 -17.09
N ARG D 821 -5.47 -4.63 -16.07
CA ARG D 821 -4.55 -5.72 -15.85
C ARG D 821 -5.28 -6.98 -15.40
N LEU D 822 -6.16 -6.84 -14.40
CA LEU D 822 -6.84 -8.00 -13.86
C LEU D 822 -7.73 -8.67 -14.91
N TRP D 823 -8.53 -7.87 -15.62
CA TRP D 823 -9.51 -8.40 -16.56
C TRP D 823 -9.81 -7.30 -17.59
N LEU D 824 -10.90 -7.49 -18.34
CA LEU D 824 -11.35 -6.51 -19.31
C LEU D 824 -10.20 -6.07 -20.22
N SER D 825 -9.57 -7.06 -20.85
CA SER D 825 -8.43 -6.80 -21.71
C SER D 825 -8.34 -7.84 -22.83
N ASP D 831 -5.08 -1.38 -37.51
CA ASP D 831 -4.01 -2.09 -38.19
C ASP D 831 -3.81 -1.55 -39.60
N LYS D 832 -2.55 -1.24 -39.93
CA LYS D 832 -2.20 -0.66 -41.22
C LYS D 832 -1.81 -1.71 -42.26
N ILE D 833 -1.92 -2.99 -41.93
CA ILE D 833 -1.41 -4.05 -42.79
C ILE D 833 -2.38 -4.28 -43.95
N GLU D 834 -1.85 -4.28 -45.17
CA GLU D 834 -2.61 -4.63 -46.36
C GLU D 834 -1.64 -5.17 -47.40
N VAL D 835 -2.05 -6.23 -48.09
CA VAL D 835 -1.20 -6.92 -49.06
C VAL D 835 -1.57 -6.55 -50.48
N MET D 836 -2.73 -6.99 -50.96
CA MET D 836 -3.18 -6.70 -52.31
C MET D 836 -4.58 -7.27 -52.47
N SER D 837 -5.24 -6.87 -53.55
CA SER D 837 -6.58 -7.33 -53.88
C SER D 837 -6.91 -6.80 -55.28
N SER D 838 -8.15 -7.04 -55.71
CA SER D 838 -8.66 -6.39 -56.91
C SER D 838 -8.82 -4.88 -56.73
N LYS D 839 -8.46 -4.34 -55.57
CA LYS D 839 -8.49 -2.90 -55.38
C LYS D 839 -7.62 -2.20 -56.41
N LEU D 840 -6.60 -2.89 -56.93
CA LEU D 840 -5.74 -2.29 -57.95
C LEU D 840 -6.52 -1.96 -59.21
N ASP D 841 -7.48 -2.80 -59.57
CA ASP D 841 -8.28 -2.55 -60.76
C ASP D 841 -9.15 -1.30 -60.60
N ILE D 842 -9.89 -1.22 -59.50
CA ILE D 842 -10.68 -0.02 -59.25
C ILE D 842 -9.76 1.20 -59.11
N ASP D 843 -8.53 0.99 -58.64
CA ASP D 843 -7.60 2.10 -58.46
C ASP D 843 -7.13 2.64 -59.80
N ASN D 844 -6.68 1.77 -60.71
CA ASN D 844 -6.20 2.24 -62.00
C ASN D 844 -7.35 2.70 -62.88
N MET D 845 -8.58 2.24 -62.60
CA MET D 845 -9.74 2.80 -63.28
C MET D 845 -9.91 4.28 -62.90
N ALA D 846 -9.34 4.70 -61.78
CA ALA D 846 -9.41 6.10 -61.39
C ALA D 846 -8.74 7.01 -62.41
N GLY D 847 -7.66 6.55 -63.04
CA GLY D 847 -6.92 7.36 -63.98
C GLY D 847 -6.87 6.78 -65.37
N VAL D 848 -7.82 5.91 -65.70
CA VAL D 848 -7.89 5.25 -67.01
C VAL D 848 -9.02 5.84 -67.85
N PHE D 849 -10.26 5.79 -67.33
CA PHE D 849 -11.39 6.28 -68.11
C PHE D 849 -11.27 7.77 -68.40
N TYR D 850 -10.85 8.55 -67.41
CA TYR D 850 -10.76 10.00 -67.59
C TYR D 850 -9.95 10.35 -68.82
N MET D 851 -8.86 9.63 -69.06
CA MET D 851 -8.04 9.88 -70.25
C MET D 851 -8.65 9.22 -71.49
N LEU D 852 -9.02 7.95 -71.38
CA LEU D 852 -9.45 7.20 -72.56
C LEU D 852 -10.67 7.84 -73.21
N LEU D 853 -11.72 8.08 -72.42
CA LEU D 853 -12.97 8.55 -73.01
C LEU D 853 -12.85 10.00 -73.50
N VAL D 854 -12.15 10.85 -72.74
CA VAL D 854 -11.97 12.23 -73.18
C VAL D 854 -11.16 12.26 -74.46
N ALA D 855 -10.14 11.40 -74.57
CA ALA D 855 -9.37 11.33 -75.81
C ALA D 855 -10.24 10.84 -76.97
N MET D 856 -11.08 9.84 -76.72
CA MET D 856 -12.00 9.38 -77.77
C MET D 856 -12.84 10.53 -78.28
N GLY D 857 -13.45 11.29 -77.36
CA GLY D 857 -14.29 12.40 -77.78
C GLY D 857 -13.51 13.48 -78.51
N LEU D 858 -12.33 13.81 -77.99
CA LEU D 858 -11.51 14.86 -78.60
C LEU D 858 -11.08 14.47 -80.01
N SER D 859 -10.77 13.20 -80.23
CA SER D 859 -10.42 12.74 -81.56
C SER D 859 -11.64 12.72 -82.48
N LEU D 860 -12.77 12.21 -81.98
CA LEU D 860 -13.94 12.06 -82.82
C LEU D 860 -14.51 13.40 -83.28
N LEU D 861 -14.46 14.43 -82.42
CA LEU D 861 -15.02 15.72 -82.83
C LEU D 861 -14.30 16.25 -84.05
N VAL D 862 -12.97 16.17 -84.06
CA VAL D 862 -12.22 16.62 -85.24
C VAL D 862 -12.34 15.62 -86.37
N PHE D 863 -12.63 14.35 -86.05
CA PHE D 863 -12.77 13.34 -87.09
C PHE D 863 -13.94 13.65 -88.02
N ALA D 864 -14.98 14.29 -87.50
CA ALA D 864 -16.17 14.62 -88.27
C ALA D 864 -16.34 16.12 -88.48
N TRP D 865 -15.32 16.92 -88.13
CA TRP D 865 -15.40 18.37 -88.22
C TRP D 865 -14.43 18.95 -89.25
N GLU D 866 -13.14 18.62 -89.16
CA GLU D 866 -12.18 19.11 -90.14
C GLU D 866 -12.43 18.56 -91.52
N HIS D 867 -13.12 17.42 -91.64
CA HIS D 867 -13.32 16.76 -92.92
C HIS D 867 -14.36 17.45 -93.79
N LEU D 868 -14.85 18.63 -93.40
CA LEU D 868 -15.77 19.39 -94.22
C LEU D 868 -15.48 20.88 -94.10
C1 NAG E . -46.23 23.21 -10.15
C2 NAG E . -47.03 22.17 -9.36
C3 NAG E . -47.94 22.87 -8.34
C4 NAG E . -47.14 23.83 -7.48
C5 NAG E . -46.30 24.77 -8.34
C6 NAG E . -45.38 25.66 -7.53
C7 NAG E . -47.54 20.04 -10.48
C8 NAG E . -48.46 19.31 -11.41
N2 NAG E . -47.82 21.32 -10.25
O3 NAG E . -48.59 21.89 -7.54
O4 NAG E . -48.02 24.61 -6.67
O5 NAG E . -45.47 24.01 -9.24
O6 NAG E . -45.92 26.96 -7.38
O7 NAG E . -46.57 19.48 -9.96
H1 NAG E . -46.85 23.79 -10.65
H2 NAG E . -46.40 21.61 -8.87
H3 NAG E . -48.61 23.37 -8.83
H4 NAG E . -46.55 23.32 -6.89
H5 NAG E . -46.89 25.34 -8.87
H61 NAG E . -44.52 25.72 -7.98
H62 NAG E . -45.24 25.26 -6.66
H81 NAG E . -49.35 19.26 -11.00
H82 NAG E . -48.13 18.42 -11.58
H83 NAG E . -48.53 19.82 -12.25
HN2 NAG E . -48.55 21.69 -10.65
HO3 NAG E . -49.44 22.12 -7.46
HO4 NAG E . -48.81 24.64 -7.06
HO6 NAG E . -46.77 26.89 -7.10
C1 NAG F . -27.69 26.43 68.20
C2 NAG F . -29.07 26.09 68.77
C3 NAG F . -29.61 27.28 69.56
C4 NAG F . -28.61 27.74 70.60
C5 NAG F . -27.26 28.00 69.96
C6 NAG F . -26.18 28.35 70.96
C7 NAG F . -31.04 24.89 67.95
C8 NAG F . -31.90 24.60 66.74
N2 NAG F . -29.99 25.70 67.72
O3 NAG F . -30.84 26.91 70.19
O4 NAG F . -29.08 28.92 71.23
O5 NAG F . -26.81 26.84 69.26
O6 NAG F . -25.03 27.54 70.78
O7 NAG F . -31.28 24.42 69.05
H1 NAG F . -27.78 27.16 67.56
H2 NAG F . -28.96 25.34 69.40
H3 NAG F . -29.79 28.01 68.95
H4 NAG F . -28.52 27.04 71.29
H5 NAG F . -27.35 28.75 69.32
H61 NAG F . -26.53 28.21 71.87
H62 NAG F . -25.94 29.29 70.87
H81 NAG F . -31.45 24.94 65.95
H82 NAG F . -32.76 25.04 66.85
H83 NAG F . -32.02 23.63 66.67
HN2 NAG F . -29.86 26.02 66.89
HO3 NAG F . -30.82 26.04 70.39
HO4 NAG F . -29.14 28.79 72.11
HO6 NAG F . -25.14 26.77 71.18
C10 A1LW8 G . 29.65 -10.92 -61.61
C13 A1LW8 G . 29.48 -10.38 -58.02
C15 A1LW8 G . 30.45 -12.40 -59.21
C17 A1LW8 G . 30.58 -13.11 -60.57
C19 A1LW8 G . 30.68 -12.11 -61.76
C24 A1LW8 G . 30.33 -12.28 -70.00
C25 A1LW8 G . 31.06 -11.49 -71.13
C27 A1LW8 G . 33.31 -12.07 -72.21
C28 A1LW8 G . 32.81 -13.46 -72.61
C12 A1LW8 G . 29.46 -11.21 -59.32
C30 A1LW8 G . 33.65 -14.02 -73.77
C1 A1LW8 G . 25.80 -11.34 -68.55
C2 A1LW8 G . 27.15 -11.39 -68.00
C22 A1LW8 G . 29.52 -11.27 -67.88
C23 A1LW8 G . 30.74 -11.90 -68.54
C26 A1LW8 G . 32.58 -11.55 -70.98
C29 A1LW8 G . 33.04 -14.38 -71.40
C3 A1LW8 G . 27.62 -11.37 -66.73
C31 A1LW8 G . 33.63 -13.12 -75.01
C33 A1LW8 G . 32.23 -12.63 -75.36
C34 A1LW8 G . 31.19 -13.40 -74.60
C35 A1LW8 G . 31.31 -13.36 -73.07
C36 A1LW8 G . 30.55 -14.63 -72.60
C37 A1LW8 G . 30.64 -11.99 -72.56
C38 A1LW8 G . 29.09 -12.03 -72.68
C39 A1LW8 G . 28.33 -11.58 -71.45
C4 A1LW8 G . 26.96 -10.87 -65.48
C40 A1LW8 G . 28.78 -12.19 -70.13
C41 A1LW8 G . 28.19 -13.60 -69.99
C42 A1LW8 G . 28.35 -11.30 -68.94
C5 A1LW8 G . 27.76 -10.61 -64.18
C6 A1LW8 G . 27.93 -9.08 -63.78
C7 A1LW8 G . 28.37 -8.30 -65.02
C8 A1LW8 G . 28.96 -8.84 -62.61
O11 A1LW8 G . 29.85 -10.32 -60.35
O14 A1LW8 G . 30.83 -10.08 -57.83
O16 A1LW8 G . 29.91 -13.32 -58.31
O18 A1LW8 G . 31.77 -13.84 -60.58
O20 A1LW8 G . 30.28 -12.70 -62.96
O21 A1LW8 G . 28.92 -11.81 -66.67
O32 A1LW8 G . 34.09 -13.88 -76.08
O9 A1LW8 G . 29.95 -9.87 -62.53
H10 A1LW8 G . 28.60 -11.31 -61.69
H13B A1LW8 G . 29.02 -10.94 -57.18
H13A A1LW8 G . 28.88 -9.45 -58.11
H15 A1LW8 G . 31.47 -12.06 -58.89
H17 A1LW8 G . 29.67 -13.77 -60.72
H19 A1LW8 G . 31.72 -11.73 -61.81
H24 A1LW8 G . 30.60 -13.34 -70.12
H25 A1LW8 G . 30.76 -10.41 -71.05
H27A A1LW8 G . 33.26 -11.35 -73.05
H27B A1LW8 G . 34.40 -12.11 -72.02
H12 A1LW8 G . 28.41 -11.60 -59.50
H30B A1LW8 G . 34.70 -14.17 -73.42
H30A A1LW8 G . 33.32 -15.03 -74.05
H1B A1LW8 G . 25.86 -11.19 -69.65
H1C A1LW8 G . 25.18 -10.54 -68.17
H1A A1LW8 G . 25.27 -12.28 -68.40
H22 A1LW8 G . 29.80 -10.23 -67.61
H23A A1LW8 G . 31.62 -11.25 -68.51
H23B A1LW8 G . 31.06 -12.81 -67.98
H26B A1LW8 G . 32.97 -10.53 -70.74
H26A A1LW8 G . 32.89 -12.16 -70.10
H29B A1LW8 G . 33.06 -15.46 -71.67
H29A A1LW8 G . 32.28 -14.31 -70.62
H29C A1LW8 G . 33.99 -14.19 -70.90
H31 A1LW8 G . 34.29 -12.21 -74.84
H33B A1LW8 G . 32.05 -12.68 -76.46
H33A A1LW8 G . 32.14 -11.55 -75.16
H34B A1LW8 G . 31.19 -14.46 -74.96
H34A A1LW8 G . 30.19 -13.03 -74.92
H36A A1LW8 G . 31.13 -15.57 -72.72
H36B A1LW8 G . 29.66 -14.83 -73.22
H36C A1LW8 G . 30.22 -14.60 -71.56
H37 A1LW8 G . 30.99 -11.19 -73.26
H38B A1LW8 G . 28.70 -13.01 -72.97
H38A A1LW8 G . 28.82 -11.40 -73.55
H39A A1LW8 G . 27.25 -11.78 -71.60
H39B A1LW8 G . 28.39 -10.47 -71.41
H4B A1LW8 G . 26.17 -11.63 -65.24
H4A A1LW8 G . 26.37 -9.96 -65.75
H41B A1LW8 G . 28.14 -14.15 -70.94
H41C A1LW8 G . 27.15 -13.60 -69.62
H41A A1LW8 G . 28.74 -14.26 -69.30
H42 A1LW8 G . 28.22 -10.28 -69.38
H5B A1LW8 G . 28.75 -11.09 -64.28
H5A A1LW8 G . 27.28 -11.16 -63.36
H6 A1LW8 G . 26.94 -8.69 -63.43
H7C A1LW8 G . 29.06 -8.85 -65.65
H7A A1LW8 G . 28.87 -7.35 -64.76
H7B A1LW8 G . 27.51 -8.03 -65.66
H8A A1LW8 G . 28.39 -8.75 -61.65
H8B A1LW8 G . 29.47 -7.87 -62.74
H14 A1LW8 G . 31.17 -9.73 -58.64
H16 A1LW8 G . 29.02 -13.49 -58.59
H18 A1LW8 G . 32.04 -13.93 -61.50
H20 A1LW8 G . 29.42 -13.11 -62.83
H32 A1LW8 G . 33.44 -14.55 -76.25
C1 NAG H . 47.26 -22.91 4.59
C2 NAG H . 47.68 -21.96 5.71
C3 NAG H . 48.19 -22.77 6.91
C4 NAG H . 47.16 -23.81 7.32
C5 NAG H . 46.70 -24.65 6.11
C6 NAG H . 45.58 -25.61 6.45
C7 NAG H . 48.49 -19.73 5.07
C8 NAG H . 49.67 -18.93 4.61
N2 NAG H . 48.71 -21.04 5.26
O3 NAG H . 48.48 -21.91 7.99
O4 NAG H . 47.73 -24.69 8.29
O5 NAG H . 46.23 -23.79 5.07
O6 NAG H . 46.08 -26.92 6.69
O7 NAG H . 47.39 -19.23 5.25
H1 NAG H . 48.02 -23.43 4.28
H2 NAG H . 46.90 -21.45 6.01
H3 NAG H . 49.00 -23.23 6.63
H4 NAG H . 46.38 -23.37 7.71
H5 NAG H . 47.46 -25.16 5.78
H61 NAG H . 44.95 -25.64 5.71
H62 NAG H . 45.12 -25.29 7.24
H81 NAG H . 50.35 -18.92 5.31
H82 NAG H . 49.39 -18.02 4.41
H83 NAG H . 50.05 -19.34 3.80
HN2 NAG H . 49.55 -21.37 5.11
HO3 NAG H . 49.26 -22.14 8.35
HO4 NAG H . 48.56 -24.88 8.06
HO6 NAG H . 46.78 -26.88 7.23
C1 NAG I . 2.15 -33.92 70.43
C2 NAG I . 3.23 -33.67 71.49
C3 NAG I . 3.48 -34.95 72.29
C4 NAG I . 2.18 -35.49 72.86
C5 NAG I . 1.15 -35.66 71.75
C6 NAG I . -0.21 -36.08 72.27
C7 NAG I . 5.34 -32.44 71.53
C8 NAG I . 6.56 -32.04 70.75
N2 NAG I . 4.46 -33.21 70.87
O3 NAG I . 4.40 -34.67 73.34
O4 NAG I . 2.41 -36.75 73.48
O5 NAG I . 0.96 -34.42 71.06
O6 NAG I . -1.24 -35.24 71.76
O7 NAG I . 5.16 -32.07 72.68
H1 NAG I . 2.48 -34.59 69.79
H2 NAG I . 2.91 -33.00 72.11
H3 NAG I . 3.87 -35.62 71.69
H4 NAG I . 1.83 -34.86 73.53
H5 NAG I . 1.47 -36.33 71.12
H61 NAG I . -0.21 -36.03 73.24
H62 NAG I . -0.38 -37.01 71.99
H81 NAG I . 6.45 -32.29 69.81
H82 NAG I . 7.34 -32.52 71.11
H83 NAG I . 6.70 -31.08 70.82
HN2 NAG I . 4.65 -33.44 70.02
HO3 NAG I . 4.27 -33.84 73.64
HO4 NAG I . 2.17 -36.70 74.33
HO6 NAG I . -1.28 -34.50 72.25
C10 A1LW8 J . -6.01 17.85 -66.64
C13 A1LW8 J . -7.13 16.94 -63.30
C15 A1LW8 J . -7.64 19.10 -64.54
C17 A1LW8 J . -7.28 19.94 -65.79
C19 A1LW8 J . -6.93 19.06 -67.02
C24 A1LW8 J . -3.70 20.10 -74.54
C25 A1LW8 J . -3.96 19.43 -75.92
C27 A1LW8 J . -5.69 20.17 -77.67
C28 A1LW8 J . -5.11 21.59 -77.71
C12 A1LW8 J . -6.66 17.89 -64.42
C30 A1LW8 J . -5.49 22.27 -79.04
C1 A1LW8 J . 0.03 18.90 -71.69
C2 A1LW8 J . -1.42 18.93 -71.65
C22 A1LW8 J . -3.68 18.86 -72.38
C23 A1LW8 J . -4.60 19.58 -73.37
C26 A1LW8 J . -5.44 19.51 -76.33
C29 A1LW8 J . -5.78 22.39 -76.58
C3 A1LW8 J . -2.31 18.79 -70.63
C31 A1LW8 J . -5.02 21.51 -80.27
C33 A1LW8 J . -3.58 21.04 -80.16
C34 A1LW8 J . -2.89 21.71 -79.00
C35 A1LW8 J . -3.54 21.51 -77.61
C36 A1LW8 J . -3.03 22.72 -76.79
C37 A1LW8 J . -3.07 20.08 -77.05
C38 A1LW8 J . -1.59 20.10 -76.60
C39 A1LW8 J . -1.30 19.50 -75.25
C4 A1LW8 J . -2.12 18.16 -69.28
C40 A1LW8 J . -2.20 19.98 -74.10
C41 A1LW8 J . -1.73 21.36 -73.62
C42 A1LW8 J . -2.22 18.97 -72.95
C5 A1LW8 J . -3.32 17.77 -68.39
C6 A1LW8 J . -3.60 16.23 -68.23
C7 A1LW8 J . -3.55 15.58 -69.62
C8 A1LW8 J . -4.96 15.87 -67.53
O11 A1LW8 J . -6.64 17.13 -65.61
O14 A1LW8 J . -8.46 16.67 -63.62
O16 A1LW8 J . -7.49 19.90 -63.42
O18 A1LW8 J . -8.40 20.68 -66.15
O20 A1LW8 J . -6.14 19.76 -67.93
O21 A1LW8 J . -3.55 19.27 -71.00
O32 A1LW8 J . -5.09 22.40 -81.35
O9 A1LW8 J . -5.94 16.91 -67.70
H10 A1LW8 J . -5.01 18.21 -66.30
H13B A1LW8 J . -7.01 17.39 -62.30
H13A A1LW8 J . -6.53 16.00 -63.27
H15 A1LW8 J . -8.71 18.76 -64.65
H17 A1LW8 J . -6.40 20.58 -65.53
H19 A1LW8 J . -7.88 18.72 -67.49
H24 A1LW8 J . -3.93 21.17 -74.63
H25 A1LW8 J . -3.69 18.36 -75.86
H27A A1LW8 J . -5.33 19.54 -78.50
H27B A1LW8 J . -6.78 20.21 -77.87
H12 A1LW8 J . -5.63 18.27 -64.17
H30B A1LW8 J . -6.60 22.41 -79.07
H30A A1LW8 J . -5.12 23.32 -79.06
H1B A1LW8 J . 0.37 18.84 -72.75
H1C A1LW8 J . 0.50 18.05 -71.18
H1A A1LW8 J . 0.46 19.83 -71.29
H22 A1LW8 J . -4.03 17.80 -72.33
H23A A1LW8 J . -5.41 18.93 -73.71
H23B A1LW8 J . -5.11 20.43 -72.86
H26B A1LW8 J . -5.87 18.49 -76.35
H26A A1LW8 J . -6.05 20.03 -75.55
H29B A1LW8 J . -5.72 23.48 -76.72
H29A A1LW8 J . -5.34 22.21 -75.59
H29C A1LW8 J . -6.84 22.16 -76.46
H31 A1LW8 J . -5.68 20.61 -80.44
H33B A1LW8 J . -3.02 21.20 -81.10
H33A A1LW8 J . -3.54 19.93 -80.04
H34B A1LW8 J . -2.78 22.79 -79.22
H34A A1LW8 J . -1.84 21.36 -78.98
H36A A1LW8 J . -3.54 23.66 -77.00
H36B A1LW8 J . -1.98 22.95 -77.01
H36C A1LW8 J . -3.08 22.56 -75.71
H37 A1LW8 J . -3.12 19.37 -77.91
H38B A1LW8 J . -1.14 21.10 -76.64
H38A A1LW8 J . -1.00 19.57 -77.39
H39A A1LW8 J . -0.25 19.71 -74.98
H39B A1LW8 J . -1.35 18.41 -75.34
H4B A1LW8 J . -1.49 18.87 -68.70
H4A A1LW8 J . -1.46 17.28 -69.42
H41B A1LW8 J . -1.36 22.01 -74.43
H41C A1LW8 J . -0.90 21.30 -72.91
H41A A1LW8 J . -2.50 21.94 -73.11
H42 A1LW8 J . -1.93 17.99 -73.42
H5B A1LW8 J . -4.23 18.28 -68.79
H5A A1LW8 J . -3.19 18.23 -67.39
H6 A1LW8 J . -2.79 15.78 -67.60
H7C A1LW8 J . -3.99 16.20 -70.40
H7A A1LW8 J . -4.07 14.62 -69.66
H7B A1LW8 J . -2.52 15.37 -69.94
H8A A1LW8 J . -4.78 15.68 -66.45
H8B A1LW8 J . -5.37 14.92 -67.95
H14 A1LW8 J . -8.49 16.35 -64.52
H16 A1LW8 J . -6.55 20.09 -63.34
H18 A1LW8 J . -8.34 20.86 -67.08
H20 A1LW8 J . -5.38 20.13 -67.46
H32 A1LW8 J . -4.41 23.06 -81.21
#